data_4XA9
#
_entry.id   4XA9
#
_cell.length_a   219.608
_cell.length_b   120.885
_cell.length_c   149.288
_cell.angle_alpha   90.00
_cell.angle_beta   92.05
_cell.angle_gamma   90.00
#
_symmetry.space_group_name_H-M   'C 1 2 1'
#
loop_
_entity.id
_entity.type
_entity.pdbx_description
1 polymer 'Gala protein type 1, 3 or 4'
2 polymer 'Uncharacterized protein'
3 water water
#
loop_
_entity_poly.entity_id
_entity_poly.type
_entity_poly.pdbx_seq_one_letter_code
_entity_poly.pdbx_strand_id
1 'polypeptide(L)'
;GMVLTLSDLEKGYDKNLNQLSLSFLNLRDNDIPLLCEFLQNHPAITSLDLSHNDITANGVKLFVNKTSVSSLNISHNNIG
PEGAQWLSEDNHITTLDVSFNEIGDEGVKALAANAKLITLYALYNKITKVGAGYLAQSNLKKIDLCFNSLEDEGVIALAS
NINIKELIASACDVSDIGAIELAKNNQLTLLILGKNAITDKSTLHFANNTSLSTLHLGSNQITAAGKKILETNTRITDLD
LIGNPIEVHETDELNYSKKSPDSHSVFKFLQKFTFLSCMSPCQETAESDKGLNKKPN
;
A,B,C,D,E,F,G,H
2 'polypeptide(L)'
;G(MSE)AIAPQQIQERLKQEQYQKFVVADIGNFPHCLAQTPEGIASGQRYQKYSTNSLSRTPPFSQWGAPQLLTPKSAQE
YIKFAQQRNKKSSFKIDGEAVRVSECSNFAYHSAGVLLDDPQIRTQYDVAVIGS(MSE)HSNGRYLHNITLLVPKGSRLP
QPPQQLTAEVFPIGTLIVDPWAVG(MSE)GHPPEQALAIPKEQFAYNRSLFPATVNYQSALDESLTSTRTGQLTPYTGTP
SRT
;
a,b,c,d,e,f,g,h
#
# COMPACT_ATOMS: atom_id res chain seq x y z
N GLY A 1 10.29 -22.10 -0.76
CA GLY A 1 9.95 -20.71 -1.05
C GLY A 1 8.47 -20.50 -1.26
N MET A 2 8.11 -19.73 -2.28
CA MET A 2 6.71 -19.44 -2.56
C MET A 2 6.14 -20.37 -3.62
N VAL A 3 7.00 -21.13 -4.28
CA VAL A 3 6.53 -22.07 -5.30
C VAL A 3 6.74 -23.53 -4.89
N LEU A 4 7.98 -23.88 -4.54
CA LEU A 4 8.31 -25.25 -4.19
C LEU A 4 7.54 -25.71 -2.95
N THR A 5 6.92 -26.88 -3.03
CA THR A 5 6.17 -27.43 -1.90
C THR A 5 6.74 -28.77 -1.47
N LEU A 6 6.39 -29.20 -0.25
CA LEU A 6 6.76 -30.52 0.24
C LEU A 6 6.24 -31.64 -0.67
N SER A 7 5.05 -31.41 -1.24
N SER A 7 5.05 -31.43 -1.23
CA SER A 7 4.45 -32.36 -2.17
CA SER A 7 4.45 -32.39 -2.16
C SER A 7 5.30 -32.54 -3.41
C SER A 7 5.30 -32.54 -3.42
N ASP A 8 5.78 -31.42 -3.96
CA ASP A 8 6.70 -31.44 -5.11
C ASP A 8 7.93 -32.28 -4.80
N LEU A 9 8.53 -32.02 -3.63
CA LEU A 9 9.75 -32.70 -3.24
C LEU A 9 9.58 -34.21 -3.11
N GLU A 10 8.49 -34.67 -2.50
CA GLU A 10 8.33 -36.11 -2.31
C GLU A 10 7.91 -36.82 -3.59
N LYS A 11 7.15 -36.14 -4.45
CA LYS A 11 6.82 -36.72 -5.74
C LYS A 11 8.05 -36.77 -6.66
N GLY A 12 8.94 -35.80 -6.50
CA GLY A 12 10.15 -35.76 -7.30
C GLY A 12 11.25 -36.66 -6.77
N TYR A 13 11.08 -37.14 -5.54
CA TYR A 13 12.08 -37.97 -4.89
C TYR A 13 11.96 -39.44 -5.34
N ASP A 14 12.85 -39.85 -6.24
CA ASP A 14 12.97 -41.25 -6.65
C ASP A 14 13.88 -41.99 -5.67
N LYS A 15 13.27 -42.76 -4.76
CA LYS A 15 14.02 -43.42 -3.69
C LYS A 15 14.79 -44.64 -4.17
N ASN A 16 14.45 -45.15 -5.35
CA ASN A 16 15.18 -46.28 -5.90
C ASN A 16 16.49 -45.81 -6.52
N LEU A 17 16.48 -44.59 -7.06
CA LEU A 17 17.64 -44.05 -7.74
C LEU A 17 18.33 -42.95 -6.93
N ASN A 18 17.75 -42.59 -5.79
CA ASN A 18 18.27 -41.49 -4.96
C ASN A 18 18.48 -40.25 -5.80
N GLN A 19 17.41 -39.89 -6.49
CA GLN A 19 17.42 -38.83 -7.48
C GLN A 19 16.22 -37.94 -7.19
N LEU A 20 16.44 -36.62 -7.22
CA LEU A 20 15.35 -35.67 -7.04
C LEU A 20 15.12 -34.91 -8.33
N SER A 21 13.91 -35.01 -8.89
CA SER A 21 13.60 -34.33 -10.15
C SER A 21 12.49 -33.30 -9.96
N LEU A 22 12.80 -32.06 -10.31
CA LEU A 22 11.91 -30.92 -10.08
C LEU A 22 11.84 -30.03 -11.32
N SER A 23 11.80 -30.65 -12.49
CA SER A 23 11.75 -29.89 -13.73
CA SER A 23 11.74 -29.93 -13.75
C SER A 23 10.36 -29.33 -14.00
N PHE A 24 10.31 -28.21 -14.71
CA PHE A 24 9.06 -27.56 -15.13
C PHE A 24 8.13 -27.19 -13.97
N LEU A 25 8.68 -26.61 -12.91
CA LEU A 25 7.87 -26.21 -11.76
C LEU A 25 7.92 -24.71 -11.54
N ASN A 26 8.52 -23.99 -12.48
CA ASN A 26 8.71 -22.54 -12.37
C ASN A 26 9.37 -22.13 -11.04
N LEU A 27 10.33 -22.93 -10.58
CA LEU A 27 11.04 -22.61 -9.35
C LEU A 27 11.86 -21.34 -9.49
N ARG A 28 11.98 -20.59 -8.40
CA ARG A 28 12.77 -19.38 -8.41
C ARG A 28 13.87 -19.45 -7.37
N ASP A 29 14.66 -18.40 -7.30
CA ASP A 29 15.79 -18.36 -6.38
C ASP A 29 15.37 -18.60 -4.94
N ASN A 30 14.24 -18.05 -4.55
CA ASN A 30 13.73 -18.15 -3.21
C ASN A 30 13.31 -19.53 -2.80
N ASP A 31 13.21 -20.44 -3.76
CA ASP A 31 12.80 -21.82 -3.48
C ASP A 31 14.02 -22.67 -3.16
N ILE A 32 15.20 -22.13 -3.38
CA ILE A 32 16.43 -22.91 -3.23
C ILE A 32 16.72 -23.29 -1.77
N PRO A 33 16.53 -22.36 -0.80
CA PRO A 33 16.74 -22.78 0.60
C PRO A 33 15.93 -23.99 1.04
N LEU A 34 14.64 -24.05 0.70
CA LEU A 34 13.83 -25.21 1.05
C LEU A 34 14.37 -26.47 0.38
N LEU A 35 14.69 -26.36 -0.90
CA LEU A 35 15.32 -27.45 -1.63
C LEU A 35 16.55 -28.01 -0.91
N CYS A 36 17.47 -27.13 -0.53
CA CYS A 36 18.71 -27.57 0.12
C CYS A 36 18.44 -28.20 1.48
N GLU A 37 17.43 -27.69 2.18
CA GLU A 37 17.04 -28.26 3.45
C GLU A 37 16.60 -29.71 3.28
N PHE A 38 15.77 -29.94 2.26
CA PHE A 38 15.30 -31.28 1.97
C PHE A 38 16.46 -32.20 1.58
N LEU A 39 17.40 -31.69 0.79
CA LEU A 39 18.55 -32.49 0.37
C LEU A 39 19.47 -32.81 1.55
N GLN A 40 19.61 -31.86 2.47
CA GLN A 40 20.42 -32.09 3.67
C GLN A 40 19.80 -33.13 4.58
N ASN A 41 18.46 -33.21 4.57
CA ASN A 41 17.71 -34.23 5.28
C ASN A 41 17.78 -35.60 4.61
N HIS A 42 18.17 -35.62 3.34
CA HIS A 42 18.28 -36.87 2.60
C HIS A 42 19.61 -36.94 1.87
N PRO A 43 20.71 -37.11 2.62
CA PRO A 43 22.06 -37.01 2.05
C PRO A 43 22.36 -38.04 0.97
N ALA A 44 21.55 -39.10 0.86
CA ALA A 44 21.76 -40.09 -0.18
C ALA A 44 21.41 -39.55 -1.58
N ILE A 45 20.61 -38.49 -1.64
CA ILE A 45 20.31 -37.88 -2.93
C ILE A 45 21.55 -37.14 -3.44
N THR A 46 22.21 -37.69 -4.45
CA THR A 46 23.44 -37.08 -4.95
C THR A 46 23.27 -36.67 -6.41
N SER A 47 22.07 -36.89 -6.93
CA SER A 47 21.73 -36.50 -8.29
CA SER A 47 21.74 -36.49 -8.28
C SER A 47 20.47 -35.65 -8.29
N LEU A 48 20.54 -34.50 -8.93
CA LEU A 48 19.47 -33.53 -8.89
C LEU A 48 19.13 -32.94 -10.25
N ASP A 49 17.85 -32.91 -10.60
CA ASP A 49 17.39 -32.28 -11.84
C ASP A 49 16.52 -31.05 -11.56
N LEU A 50 17.09 -29.88 -11.82
CA LEU A 50 16.39 -28.61 -11.65
C LEU A 50 16.09 -27.94 -13.00
N SER A 51 16.10 -28.74 -14.06
CA SER A 51 16.00 -28.18 -15.41
C SER A 51 14.64 -27.55 -15.69
N HIS A 52 14.61 -26.59 -16.61
CA HIS A 52 13.36 -25.96 -17.04
C HIS A 52 12.65 -25.26 -15.87
N ASN A 53 13.36 -24.34 -15.23
CA ASN A 53 12.77 -23.53 -14.18
C ASN A 53 13.21 -22.08 -14.39
N ASP A 54 13.11 -21.25 -13.35
CA ASP A 54 13.40 -19.82 -13.50
C ASP A 54 14.52 -19.38 -12.57
N ILE A 55 15.47 -20.27 -12.34
CA ILE A 55 16.55 -19.99 -11.40
C ILE A 55 17.57 -19.04 -12.02
N THR A 56 18.07 -18.09 -11.22
CA THR A 56 19.09 -17.16 -11.67
C THR A 56 20.39 -17.42 -10.92
N ALA A 57 21.38 -16.55 -11.11
CA ALA A 57 22.66 -16.67 -10.43
C ALA A 57 22.51 -16.60 -8.91
N ASN A 58 21.52 -15.84 -8.44
CA ASN A 58 21.28 -15.74 -7.01
C ASN A 58 20.84 -17.07 -6.41
N GLY A 59 20.10 -17.85 -7.20
CA GLY A 59 19.66 -19.16 -6.75
C GLY A 59 20.83 -20.11 -6.66
N VAL A 60 21.76 -19.99 -7.59
CA VAL A 60 22.98 -20.79 -7.57
C VAL A 60 23.80 -20.48 -6.31
N LYS A 61 23.93 -19.20 -5.97
CA LYS A 61 24.63 -18.79 -4.75
C LYS A 61 24.04 -19.44 -3.50
N LEU A 62 22.74 -19.70 -3.54
CA LEU A 62 22.04 -20.30 -2.42
C LEU A 62 22.17 -21.80 -2.43
N PHE A 63 22.64 -22.36 -3.55
CA PHE A 63 22.72 -23.80 -3.69
C PHE A 63 24.13 -24.34 -3.45
N VAL A 64 25.13 -23.60 -3.94
CA VAL A 64 26.49 -24.13 -4.02
C VAL A 64 27.09 -24.45 -2.65
N ASN A 65 27.69 -25.63 -2.56
CA ASN A 65 28.32 -26.12 -1.33
C ASN A 65 27.37 -26.26 -0.14
N LYS A 66 26.09 -26.47 -0.44
CA LYS A 66 25.09 -26.72 0.59
C LYS A 66 24.85 -28.21 0.78
N THR A 67 25.07 -28.97 -0.29
CA THR A 67 24.68 -30.37 -0.34
C THR A 67 25.82 -31.24 -0.90
N SER A 68 25.60 -32.55 -0.93
CA SER A 68 26.58 -33.48 -1.50
CA SER A 68 26.58 -33.46 -1.49
C SER A 68 26.19 -33.92 -2.91
N VAL A 69 25.28 -33.16 -3.53
CA VAL A 69 24.89 -33.42 -4.91
C VAL A 69 26.12 -33.34 -5.82
N SER A 70 26.36 -34.41 -6.58
CA SER A 70 27.54 -34.48 -7.45
C SER A 70 27.16 -34.45 -8.91
N SER A 71 25.89 -34.70 -9.18
CA SER A 71 25.36 -34.66 -10.53
C SER A 71 24.21 -33.68 -10.56
N LEU A 72 24.38 -32.59 -11.29
CA LEU A 72 23.41 -31.51 -11.31
C LEU A 72 22.98 -31.17 -12.72
N ASN A 73 21.68 -31.27 -12.97
CA ASN A 73 21.07 -30.76 -14.20
C ASN A 73 20.33 -29.47 -13.89
N ILE A 74 20.90 -28.34 -14.32
CA ILE A 74 20.21 -27.07 -14.14
C ILE A 74 20.05 -26.39 -15.50
N SER A 75 19.90 -27.20 -16.54
CA SER A 75 19.68 -26.67 -17.89
C SER A 75 18.35 -25.94 -17.97
N HIS A 76 18.22 -25.07 -18.98
CA HIS A 76 16.99 -24.32 -19.23
C HIS A 76 16.53 -23.52 -18.02
N ASN A 77 17.47 -22.78 -17.43
CA ASN A 77 17.17 -21.76 -16.45
C ASN A 77 17.72 -20.42 -16.94
N ASN A 78 18.08 -19.53 -16.01
CA ASN A 78 18.62 -18.24 -16.40
C ASN A 78 19.81 -17.85 -15.53
N ILE A 79 20.76 -18.76 -15.34
CA ILE A 79 21.79 -18.51 -14.33
C ILE A 79 22.90 -17.61 -14.87
N GLY A 80 23.06 -17.58 -16.19
CA GLY A 80 23.98 -16.65 -16.82
C GLY A 80 25.44 -16.90 -16.50
N PRO A 81 26.31 -15.96 -16.90
CA PRO A 81 27.75 -16.07 -16.68
C PRO A 81 28.10 -16.18 -15.20
N GLU A 82 27.46 -15.38 -14.36
CA GLU A 82 27.75 -15.40 -12.93
C GLU A 82 27.28 -16.69 -12.27
N GLY A 83 26.18 -17.25 -12.75
CA GLY A 83 25.69 -18.52 -12.24
C GLY A 83 26.72 -19.61 -12.49
N ALA A 84 27.23 -19.62 -13.71
CA ALA A 84 28.28 -20.57 -14.07
C ALA A 84 29.55 -20.32 -13.25
N GLN A 85 29.88 -19.06 -13.01
CA GLN A 85 31.06 -18.74 -12.22
C GLN A 85 30.96 -19.35 -10.83
N TRP A 86 29.78 -19.25 -10.25
CA TRP A 86 29.52 -19.75 -8.93
C TRP A 86 29.53 -21.26 -8.82
N LEU A 87 28.89 -21.90 -9.78
CA LEU A 87 28.90 -23.36 -9.85
C LEU A 87 30.34 -23.87 -9.90
N SER A 88 31.25 -23.09 -10.47
CA SER A 88 32.63 -23.54 -10.61
C SER A 88 33.30 -23.64 -9.25
N GLU A 89 32.66 -23.05 -8.24
CA GLU A 89 33.18 -23.08 -6.87
C GLU A 89 32.65 -24.27 -6.08
N ASP A 90 31.73 -25.03 -6.66
CA ASP A 90 31.14 -26.12 -5.91
C ASP A 90 32.11 -27.27 -5.75
N ASN A 91 32.16 -27.84 -4.56
CA ASN A 91 33.18 -28.82 -4.24
C ASN A 91 32.72 -30.28 -4.35
N HIS A 92 31.49 -30.50 -4.83
CA HIS A 92 30.99 -31.88 -5.02
C HIS A 92 30.62 -32.21 -6.46
N ILE A 93 30.23 -31.20 -7.23
CA ILE A 93 29.72 -31.44 -8.58
C ILE A 93 30.84 -31.90 -9.52
N THR A 94 30.61 -33.06 -10.15
CA THR A 94 31.57 -33.62 -11.10
C THR A 94 30.92 -33.78 -12.47
N THR A 95 29.60 -33.92 -12.46
CA THR A 95 28.80 -34.01 -13.70
C THR A 95 27.80 -32.88 -13.71
N LEU A 96 27.90 -32.00 -14.70
CA LEU A 96 27.11 -30.77 -14.71
C LEU A 96 26.46 -30.51 -16.06
N ASP A 97 25.17 -30.19 -16.02
CA ASP A 97 24.45 -29.73 -17.20
C ASP A 97 23.99 -28.28 -16.99
N VAL A 98 24.59 -27.35 -17.73
CA VAL A 98 24.19 -25.95 -17.68
C VAL A 98 23.70 -25.48 -19.04
N SER A 99 23.23 -26.41 -19.87
CA SER A 99 22.75 -26.08 -21.21
C SER A 99 21.64 -25.03 -21.14
N PHE A 100 21.55 -24.19 -22.17
CA PHE A 100 20.48 -23.20 -22.29
C PHE A 100 20.39 -22.29 -21.08
N ASN A 101 21.48 -21.61 -20.75
CA ASN A 101 21.50 -20.70 -19.61
C ASN A 101 22.20 -19.38 -19.92
N GLU A 102 22.55 -19.18 -21.18
CA GLU A 102 23.30 -18.00 -21.61
C GLU A 102 24.56 -17.76 -20.78
N ILE A 103 25.30 -18.82 -20.44
CA ILE A 103 26.47 -18.63 -19.57
C ILE A 103 27.63 -17.98 -20.32
N GLY A 104 27.66 -18.12 -21.64
CA GLY A 104 28.65 -17.41 -22.46
C GLY A 104 30.09 -17.85 -22.29
N ASP A 105 31.00 -17.11 -22.93
CA ASP A 105 32.43 -17.40 -22.81
C ASP A 105 32.94 -17.17 -21.39
N GLU A 106 32.39 -16.17 -20.72
CA GLU A 106 32.82 -15.84 -19.36
C GLU A 106 32.36 -16.92 -18.38
N GLY A 107 31.17 -17.48 -18.62
CA GLY A 107 30.66 -18.52 -17.76
C GLY A 107 31.50 -19.76 -17.89
N VAL A 108 31.82 -20.11 -19.12
CA VAL A 108 32.57 -21.33 -19.38
CA VAL A 108 32.58 -21.32 -19.40
C VAL A 108 34.04 -21.17 -18.97
N LYS A 109 34.51 -19.93 -18.92
CA LYS A 109 35.86 -19.65 -18.46
C LYS A 109 36.07 -20.18 -17.05
N ALA A 110 35.10 -19.89 -16.19
CA ALA A 110 35.15 -20.36 -14.81
C ALA A 110 35.04 -21.89 -14.72
N LEU A 111 34.08 -22.46 -15.44
CA LEU A 111 33.86 -23.89 -15.40
C LEU A 111 35.08 -24.67 -15.89
N ALA A 112 35.77 -24.13 -16.89
CA ALA A 112 36.91 -24.83 -17.45
C ALA A 112 38.07 -24.84 -16.48
N ALA A 113 38.05 -23.91 -15.53
CA ALA A 113 39.10 -23.82 -14.51
C ALA A 113 38.80 -24.70 -13.30
N ASN A 114 37.58 -25.24 -13.24
CA ASN A 114 37.22 -26.17 -12.18
C ASN A 114 37.68 -27.61 -12.49
N ALA A 115 38.75 -28.03 -11.81
CA ALA A 115 39.33 -29.35 -12.06
C ALA A 115 38.46 -30.48 -11.50
N LYS A 116 37.47 -30.14 -10.70
CA LYS A 116 36.55 -31.14 -10.15
C LYS A 116 35.68 -31.74 -11.24
N LEU A 117 35.32 -30.92 -12.22
CA LEU A 117 34.42 -31.33 -13.30
C LEU A 117 34.98 -32.44 -14.20
N ILE A 118 34.19 -33.49 -14.37
CA ILE A 118 34.52 -34.58 -15.26
C ILE A 118 33.69 -34.51 -16.55
N THR A 119 32.40 -34.18 -16.40
CA THR A 119 31.49 -34.11 -17.54
C THR A 119 30.72 -32.80 -17.56
N LEU A 120 30.71 -32.13 -18.72
CA LEU A 120 29.99 -30.88 -18.86
C LEU A 120 29.07 -30.87 -20.07
N TYR A 121 27.79 -30.67 -19.82
CA TYR A 121 26.82 -30.41 -20.88
C TYR A 121 26.54 -28.92 -20.90
N ALA A 122 26.77 -28.27 -22.03
CA ALA A 122 26.62 -26.82 -22.10
C ALA A 122 26.07 -26.42 -23.45
N LEU A 123 25.10 -27.16 -23.93
CA LEU A 123 24.47 -26.89 -25.23
C LEU A 123 23.86 -25.50 -25.22
N TYR A 124 23.91 -24.84 -26.38
CA TYR A 124 23.29 -23.53 -26.60
C TYR A 124 23.53 -22.53 -25.46
N ASN A 125 24.74 -21.97 -25.39
CA ASN A 125 25.08 -21.06 -24.32
C ASN A 125 25.84 -19.83 -24.81
N LYS A 126 25.72 -19.56 -26.10
CA LYS A 126 26.48 -18.48 -26.75
C LYS A 126 27.98 -18.65 -26.53
N ILE A 127 28.44 -19.89 -26.46
CA ILE A 127 29.87 -20.15 -26.34
C ILE A 127 30.52 -20.00 -27.72
N THR A 128 31.62 -19.27 -27.78
CA THR A 128 32.29 -19.03 -29.04
C THR A 128 33.64 -19.73 -29.07
N LYS A 129 34.44 -19.46 -30.09
CA LYS A 129 35.80 -19.98 -30.17
C LYS A 129 36.64 -19.57 -28.95
N VAL A 130 36.28 -18.44 -28.34
CA VAL A 130 37.00 -17.96 -27.16
C VAL A 130 36.75 -18.90 -25.98
N GLY A 131 35.50 -19.28 -25.77
CA GLY A 131 35.15 -20.24 -24.73
C GLY A 131 35.77 -21.60 -24.97
N ALA A 132 35.79 -22.04 -26.23
CA ALA A 132 36.41 -23.31 -26.58
C ALA A 132 37.89 -23.28 -26.18
N GLY A 133 38.51 -22.12 -26.34
CA GLY A 133 39.89 -21.94 -25.94
C GLY A 133 40.09 -22.20 -24.45
N TYR A 134 39.14 -21.74 -23.66
CA TYR A 134 39.18 -21.97 -22.22
C TYR A 134 39.06 -23.45 -21.90
N LEU A 135 38.12 -24.12 -22.60
CA LEU A 135 37.82 -25.51 -22.34
C LEU A 135 38.95 -26.41 -22.81
N ALA A 136 39.75 -25.91 -23.74
CA ALA A 136 40.90 -26.65 -24.24
C ALA A 136 41.96 -26.85 -23.16
N GLN A 137 41.87 -26.06 -22.10
CA GLN A 137 42.82 -26.16 -20.98
C GLN A 137 42.21 -26.86 -19.77
N SER A 138 40.98 -27.33 -19.90
CA SER A 138 40.28 -27.97 -18.78
C SER A 138 40.72 -29.40 -18.59
N ASN A 139 40.23 -30.03 -17.51
CA ASN A 139 40.49 -31.44 -17.26
C ASN A 139 39.26 -32.30 -17.57
N LEU A 140 38.32 -31.74 -18.33
CA LEU A 140 37.08 -32.44 -18.66
C LEU A 140 37.33 -33.70 -19.49
N LYS A 141 36.62 -34.77 -19.16
CA LYS A 141 36.69 -35.99 -19.94
C LYS A 141 35.61 -36.02 -21.01
N LYS A 142 34.49 -35.36 -20.74
CA LYS A 142 33.39 -35.29 -21.70
C LYS A 142 32.79 -33.90 -21.76
N ILE A 143 32.62 -33.38 -22.97
CA ILE A 143 31.95 -32.08 -23.18
C ILE A 143 30.93 -32.18 -24.31
N ASP A 144 29.74 -31.65 -24.05
CA ASP A 144 28.71 -31.53 -25.08
C ASP A 144 28.47 -30.06 -25.33
N LEU A 145 28.76 -29.62 -26.56
CA LEU A 145 28.70 -28.20 -26.89
C LEU A 145 27.77 -27.89 -28.06
N CYS A 146 26.79 -28.74 -28.31
CA CYS A 146 25.87 -28.56 -29.44
C CYS A 146 25.24 -27.17 -29.42
N PHE A 147 25.01 -26.61 -30.61
CA PHE A 147 24.34 -25.31 -30.77
C PHE A 147 25.15 -24.15 -30.23
N ASN A 148 26.47 -24.31 -30.21
CA ASN A 148 27.39 -23.20 -29.90
C ASN A 148 28.30 -22.95 -31.11
N SER A 149 28.37 -21.71 -31.56
CA SER A 149 29.22 -21.39 -32.72
C SER A 149 30.69 -21.44 -32.34
N LEU A 150 31.23 -22.65 -32.24
CA LEU A 150 32.62 -22.84 -31.84
C LEU A 150 33.57 -22.49 -32.98
N GLU A 151 33.09 -22.71 -34.20
CA GLU A 151 33.92 -22.54 -35.40
C GLU A 151 35.14 -23.46 -35.41
N ASP A 152 35.90 -23.43 -36.49
CA ASP A 152 37.08 -24.27 -36.63
C ASP A 152 38.13 -23.98 -35.57
N GLU A 153 38.40 -22.69 -35.35
CA GLU A 153 39.36 -22.26 -34.34
C GLU A 153 39.02 -22.86 -32.98
N GLY A 154 37.74 -22.86 -32.64
CA GLY A 154 37.26 -23.47 -31.42
C GLY A 154 37.58 -24.94 -31.24
N VAL A 155 37.20 -25.77 -32.22
CA VAL A 155 37.38 -27.21 -32.08
C VAL A 155 38.83 -27.61 -32.32
N ILE A 156 39.59 -26.76 -33.01
CA ILE A 156 41.02 -26.99 -33.15
C ILE A 156 41.67 -26.88 -31.78
N ALA A 157 41.26 -25.88 -30.99
CA ALA A 157 41.76 -25.75 -29.63
C ALA A 157 41.36 -26.96 -28.80
N LEU A 158 40.08 -27.35 -28.88
CA LEU A 158 39.59 -28.51 -28.16
C LEU A 158 40.33 -29.79 -28.53
N ALA A 159 40.72 -29.91 -29.80
CA ALA A 159 41.41 -31.10 -30.28
C ALA A 159 42.74 -31.30 -29.56
N SER A 160 43.32 -30.21 -29.06
CA SER A 160 44.61 -30.26 -28.39
C SER A 160 44.48 -30.70 -26.93
N ASN A 161 43.25 -30.67 -26.40
CA ASN A 161 43.02 -31.08 -25.02
C ASN A 161 43.11 -32.59 -24.87
N ILE A 162 44.19 -33.04 -24.26
CA ILE A 162 44.52 -34.46 -24.16
C ILE A 162 43.56 -35.22 -23.22
N ASN A 163 42.85 -34.49 -22.39
CA ASN A 163 41.97 -35.07 -21.40
C ASN A 163 40.61 -35.52 -21.95
N ILE A 164 40.13 -34.85 -22.99
CA ILE A 164 38.78 -35.12 -23.48
C ILE A 164 38.68 -36.48 -24.18
N LYS A 165 37.77 -37.32 -23.68
CA LYS A 165 37.53 -38.64 -24.28
C LYS A 165 36.27 -38.62 -25.14
N GLU A 166 35.32 -37.76 -24.78
CA GLU A 166 34.08 -37.68 -25.52
C GLU A 166 33.72 -36.23 -25.82
N LEU A 167 33.53 -35.92 -27.10
CA LEU A 167 33.20 -34.58 -27.51
C LEU A 167 31.96 -34.58 -28.42
N ILE A 168 30.94 -33.84 -28.00
CA ILE A 168 29.71 -33.66 -28.77
C ILE A 168 29.67 -32.21 -29.19
N ALA A 169 29.68 -31.96 -30.50
CA ALA A 169 29.72 -30.59 -31.00
C ALA A 169 28.96 -30.47 -32.32
N SER A 170 27.68 -30.80 -32.29
CA SER A 170 26.83 -30.71 -33.48
C SER A 170 26.24 -29.31 -33.61
N ALA A 171 26.08 -28.86 -34.85
CA ALA A 171 25.60 -27.49 -35.14
C ALA A 171 26.52 -26.47 -34.48
N CYS A 172 27.81 -26.57 -34.75
CA CYS A 172 28.79 -25.69 -34.12
C CYS A 172 29.64 -24.92 -35.13
N ASP A 173 29.15 -24.83 -36.37
CA ASP A 173 29.85 -24.14 -37.45
C ASP A 173 31.25 -24.69 -37.70
N VAL A 174 31.37 -26.02 -37.66
CA VAL A 174 32.64 -26.68 -37.92
C VAL A 174 32.77 -27.07 -39.40
N SER A 175 33.88 -26.71 -40.03
CA SER A 175 34.14 -27.16 -41.40
C SER A 175 35.21 -28.25 -41.40
N ASP A 176 35.70 -28.59 -42.59
CA ASP A 176 36.72 -29.63 -42.74
C ASP A 176 37.98 -29.31 -41.98
N ILE A 177 38.32 -28.02 -41.91
CA ILE A 177 39.50 -27.56 -41.18
C ILE A 177 39.49 -28.02 -39.72
N GLY A 178 38.37 -27.81 -39.06
CA GLY A 178 38.24 -28.21 -37.67
C GLY A 178 38.12 -29.71 -37.53
N ALA A 179 37.34 -30.33 -38.41
CA ALA A 179 37.09 -31.76 -38.33
C ALA A 179 38.38 -32.56 -38.53
N ILE A 180 39.22 -32.11 -39.45
CA ILE A 180 40.48 -32.79 -39.71
C ILE A 180 41.37 -32.77 -38.47
N GLU A 181 41.41 -31.65 -37.75
CA GLU A 181 42.24 -31.59 -36.55
C GLU A 181 41.67 -32.49 -35.45
N LEU A 182 40.35 -32.55 -35.35
CA LEU A 182 39.72 -33.49 -34.42
C LEU A 182 40.03 -34.93 -34.81
N ALA A 183 40.06 -35.20 -36.10
CA ALA A 183 40.37 -36.54 -36.59
C ALA A 183 41.78 -36.96 -36.20
N LYS A 184 42.71 -36.00 -36.23
CA LYS A 184 44.11 -36.27 -35.89
CA LYS A 184 44.10 -36.27 -35.90
C LYS A 184 44.30 -36.57 -34.41
N ASN A 185 43.35 -36.11 -33.58
CA ASN A 185 43.37 -36.38 -32.14
C ASN A 185 43.42 -37.87 -31.86
N ASN A 186 44.25 -38.27 -30.89
CA ASN A 186 44.43 -39.68 -30.57
C ASN A 186 43.85 -40.10 -29.23
N GLN A 187 43.02 -39.27 -28.62
CA GLN A 187 42.43 -39.61 -27.32
C GLN A 187 40.92 -39.83 -27.39
N LEU A 188 40.25 -39.05 -28.24
CA LEU A 188 38.79 -39.15 -28.38
C LEU A 188 38.35 -40.56 -28.77
N THR A 189 37.38 -41.08 -28.03
CA THR A 189 36.79 -42.39 -28.33
CA THR A 189 36.79 -42.39 -28.34
C THR A 189 35.38 -42.23 -28.90
N LEU A 190 34.79 -41.06 -28.65
CA LEU A 190 33.47 -40.74 -29.15
C LEU A 190 33.48 -39.30 -29.65
N LEU A 191 33.08 -39.10 -30.89
CA LEU A 191 33.03 -37.77 -31.47
C LEU A 191 31.76 -37.59 -32.28
N ILE A 192 31.01 -36.54 -31.97
CA ILE A 192 29.78 -36.27 -32.68
C ILE A 192 29.85 -34.88 -33.27
N LEU A 193 29.74 -34.80 -34.60
CA LEU A 193 29.86 -33.55 -35.34
C LEU A 193 28.77 -33.41 -36.39
N GLY A 194 27.54 -33.61 -35.99
CA GLY A 194 26.42 -33.49 -36.85
C GLY A 194 26.05 -32.06 -37.19
N LYS A 195 25.39 -31.95 -38.32
CA LYS A 195 24.80 -30.58 -38.66
CA LYS A 195 24.77 -30.62 -38.67
C LYS A 195 25.87 -29.47 -38.81
N ASN A 196 27.02 -29.76 -39.36
CA ASN A 196 28.09 -28.81 -39.54
C ASN A 196 28.33 -28.65 -41.06
N ALA A 197 29.53 -28.28 -41.49
CA ALA A 197 29.83 -28.14 -42.91
C ALA A 197 30.96 -29.07 -43.32
N ILE A 198 30.92 -30.30 -42.83
CA ILE A 198 31.99 -31.25 -43.08
C ILE A 198 31.80 -32.00 -44.39
N THR A 199 32.85 -32.16 -45.17
CA THR A 199 32.73 -32.81 -46.47
C THR A 199 33.56 -34.08 -46.55
N ASP A 200 33.65 -34.65 -47.76
CA ASP A 200 34.48 -35.82 -48.01
C ASP A 200 35.95 -35.58 -47.70
N LYS A 201 36.37 -34.32 -47.72
CA LYS A 201 37.76 -33.96 -47.43
C LYS A 201 38.23 -34.43 -46.05
N SER A 202 37.31 -34.51 -45.08
CA SER A 202 37.71 -34.91 -43.73
C SER A 202 37.83 -36.43 -43.57
N THR A 203 37.22 -37.17 -44.48
CA THR A 203 36.95 -38.57 -44.18
C THR A 203 38.19 -39.46 -44.17
N LEU A 204 39.18 -39.12 -45.00
CA LEU A 204 40.43 -39.88 -44.99
C LEU A 204 41.06 -39.80 -43.60
N HIS A 205 41.06 -38.62 -43.02
CA HIS A 205 41.64 -38.43 -41.69
C HIS A 205 40.89 -39.20 -40.61
N PHE A 206 39.57 -39.36 -40.77
CA PHE A 206 38.81 -40.18 -39.84
C PHE A 206 39.03 -41.67 -40.13
N ALA A 207 39.24 -42.02 -41.38
CA ALA A 207 39.55 -43.42 -41.71
C ALA A 207 40.89 -43.81 -41.08
N ASN A 208 41.82 -42.86 -40.99
CA ASN A 208 43.13 -43.18 -40.45
C ASN A 208 43.26 -42.89 -38.94
N ASN A 209 42.18 -42.37 -38.35
CA ASN A 209 42.09 -42.23 -36.90
C ASN A 209 42.15 -43.61 -36.23
N THR A 210 42.83 -43.71 -35.09
CA THR A 210 42.97 -44.99 -34.42
C THR A 210 42.32 -45.03 -33.03
N SER A 211 41.72 -43.94 -32.61
CA SER A 211 41.18 -43.84 -31.25
CA SER A 211 41.17 -43.85 -31.26
C SER A 211 39.65 -43.98 -31.21
N LEU A 212 38.97 -43.37 -32.18
CA LEU A 212 37.51 -43.36 -32.21
C LEU A 212 36.87 -44.75 -32.33
N SER A 213 35.84 -45.01 -31.54
CA SER A 213 34.97 -46.17 -31.75
C SER A 213 33.54 -45.72 -32.05
N THR A 214 33.25 -44.46 -31.75
CA THR A 214 31.99 -43.85 -32.15
C THR A 214 32.25 -42.56 -32.93
N LEU A 215 31.62 -42.43 -34.09
CA LEU A 215 31.74 -41.22 -34.90
C LEU A 215 30.41 -40.88 -35.57
N HIS A 216 29.82 -39.76 -35.18
CA HIS A 216 28.56 -39.30 -35.78
C HIS A 216 28.81 -38.07 -36.64
N LEU A 217 28.52 -38.19 -37.93
CA LEU A 217 28.73 -37.10 -38.88
C LEU A 217 27.47 -36.83 -39.68
N GLY A 218 26.31 -37.03 -39.06
CA GLY A 218 25.04 -36.83 -39.73
C GLY A 218 24.82 -35.41 -40.24
N SER A 219 24.00 -35.28 -41.29
CA SER A 219 23.59 -33.99 -41.81
C SER A 219 24.76 -33.04 -42.08
N ASN A 220 25.78 -33.56 -42.74
CA ASN A 220 26.86 -32.73 -43.24
C ASN A 220 26.80 -32.75 -44.77
N GLN A 221 27.95 -32.68 -45.42
CA GLN A 221 27.99 -32.64 -46.89
C GLN A 221 28.70 -33.88 -47.45
N ILE A 222 28.80 -34.93 -46.64
CA ILE A 222 29.55 -36.11 -47.02
C ILE A 222 28.81 -36.88 -48.12
N THR A 223 29.54 -37.37 -49.12
CA THR A 223 28.92 -38.12 -50.20
C THR A 223 29.16 -39.61 -50.03
N ALA A 224 28.77 -40.41 -51.03
CA ALA A 224 28.99 -41.85 -50.97
C ALA A 224 30.47 -42.20 -50.99
N ALA A 225 31.28 -41.31 -51.57
CA ALA A 225 32.72 -41.51 -51.62
C ALA A 225 33.30 -41.42 -50.22
N GLY A 226 32.88 -40.40 -49.47
CA GLY A 226 33.28 -40.23 -48.09
C GLY A 226 32.82 -41.37 -47.23
N LYS A 227 31.58 -41.82 -47.45
CA LYS A 227 31.05 -42.97 -46.73
CA LYS A 227 31.05 -42.96 -46.73
C LYS A 227 31.93 -44.19 -46.95
N LYS A 228 32.33 -44.41 -48.20
CA LYS A 228 33.17 -45.56 -48.51
C LYS A 228 34.49 -45.49 -47.74
N ILE A 229 35.09 -44.31 -47.70
CA ILE A 229 36.32 -44.09 -46.94
C ILE A 229 36.15 -44.33 -45.43
N LEU A 230 35.09 -43.74 -44.87
CA LEU A 230 34.80 -43.89 -43.44
C LEU A 230 34.61 -45.34 -43.05
N GLU A 231 33.97 -46.12 -43.93
CA GLU A 231 33.70 -47.52 -43.63
C GLU A 231 34.93 -48.43 -43.68
N THR A 232 36.07 -47.92 -44.13
CA THR A 232 37.31 -48.70 -44.06
C THR A 232 37.84 -48.77 -42.62
N ASN A 233 37.42 -47.83 -41.78
CA ASN A 233 37.80 -47.84 -40.37
C ASN A 233 36.88 -48.76 -39.57
N THR A 234 37.37 -49.97 -39.29
CA THR A 234 36.56 -50.98 -38.62
C THR A 234 36.57 -50.82 -37.09
N ARG A 235 37.41 -49.91 -36.60
CA ARG A 235 37.43 -49.60 -35.18
C ARG A 235 36.14 -48.87 -34.77
N ILE A 236 35.56 -48.15 -35.72
CA ILE A 236 34.33 -47.42 -35.47
C ILE A 236 33.13 -48.35 -35.55
N THR A 237 32.58 -48.70 -34.39
CA THR A 237 31.44 -49.61 -34.31
C THR A 237 30.10 -48.87 -34.36
N ASP A 238 30.14 -47.57 -34.13
CA ASP A 238 28.95 -46.73 -34.26
C ASP A 238 29.25 -45.56 -35.16
N LEU A 239 28.93 -45.72 -36.44
CA LEU A 239 29.11 -44.69 -37.45
C LEU A 239 27.75 -44.17 -37.90
N ASP A 240 27.51 -42.87 -37.74
CA ASP A 240 26.25 -42.28 -38.16
C ASP A 240 26.43 -41.25 -39.27
N LEU A 241 25.76 -41.50 -40.40
CA LEU A 241 25.85 -40.61 -41.54
C LEU A 241 24.49 -40.17 -42.05
N ILE A 242 23.43 -40.48 -41.30
CA ILE A 242 22.07 -40.09 -41.66
C ILE A 242 21.99 -38.63 -42.07
N GLY A 243 21.34 -38.35 -43.19
CA GLY A 243 21.08 -36.96 -43.56
C GLY A 243 22.13 -36.32 -44.46
N ASN A 244 23.20 -37.05 -44.73
CA ASN A 244 24.18 -36.63 -45.73
C ASN A 244 23.70 -36.94 -47.15
N PRO A 245 24.15 -36.13 -48.14
CA PRO A 245 23.77 -36.39 -49.54
C PRO A 245 24.51 -37.60 -50.12
N ILE A 246 24.15 -38.78 -49.65
CA ILE A 246 24.80 -40.01 -50.07
C ILE A 246 24.02 -40.68 -51.22
N GLU A 247 24.75 -41.09 -52.26
CA GLU A 247 24.16 -41.70 -53.47
C GLU A 247 23.24 -40.73 -54.20
N MSE B 2 -17.66 -22.09 -35.55
CA MSE B 2 -17.43 -22.99 -34.46
C MSE B 2 -16.03 -22.80 -34.14
O MSE B 2 -15.13 -23.29 -34.84
CB MSE B 2 -17.65 -24.46 -34.79
CG MSE B 2 -17.04 -25.42 -33.72
SE MSE B 2 -18.23 -25.68 -32.20
CE MSE B 2 -17.14 -25.96 -30.58
N ALA B 3 -15.81 -22.08 -33.08
CA ALA B 3 -14.48 -21.80 -32.56
C ALA B 3 -13.82 -23.07 -32.04
N ILE B 4 -12.55 -23.27 -32.40
CA ILE B 4 -11.81 -24.43 -31.91
C ILE B 4 -10.93 -24.00 -30.73
N ALA B 5 -10.98 -24.76 -29.65
CA ALA B 5 -10.21 -24.47 -28.45
C ALA B 5 -8.77 -24.92 -28.61
N PRO B 6 -7.83 -24.27 -27.90
CA PRO B 6 -6.43 -24.68 -27.95
C PRO B 6 -6.23 -26.14 -27.55
N GLN B 7 -7.07 -26.64 -26.65
CA GLN B 7 -6.99 -28.03 -26.26
C GLN B 7 -7.42 -28.94 -27.40
N GLN B 8 -8.44 -28.51 -28.14
CA GLN B 8 -8.90 -29.26 -29.31
C GLN B 8 -7.84 -29.25 -30.42
N ILE B 9 -7.08 -28.16 -30.49
CA ILE B 9 -5.96 -28.09 -31.42
C ILE B 9 -4.85 -29.04 -30.97
N GLN B 10 -4.59 -29.05 -29.68
CA GLN B 10 -3.58 -29.94 -29.12
C GLN B 10 -3.96 -31.41 -29.32
N GLU B 11 -5.22 -31.74 -29.05
CA GLU B 11 -5.68 -33.12 -29.21
C GLU B 11 -5.58 -33.55 -30.66
N ARG B 12 -5.82 -32.61 -31.58
CA ARG B 12 -5.63 -32.90 -32.99
C ARG B 12 -4.17 -33.24 -33.30
N LEU B 13 -3.25 -32.50 -32.72
CA LEU B 13 -1.83 -32.76 -32.94
C LEU B 13 -1.38 -34.03 -32.22
N LYS B 14 -2.03 -34.34 -31.10
CA LYS B 14 -1.70 -35.55 -30.36
C LYS B 14 -2.02 -36.78 -31.20
N GLN B 15 -3.02 -36.64 -32.06
CA GLN B 15 -3.47 -37.74 -32.91
C GLN B 15 -2.42 -38.13 -33.93
N GLU B 16 -1.51 -37.19 -34.22
CA GLU B 16 -0.45 -37.45 -35.19
C GLU B 16 0.64 -38.35 -34.63
N GLN B 17 0.62 -38.56 -33.32
CA GLN B 17 1.58 -39.41 -32.60
C GLN B 17 3.04 -39.07 -32.94
N TYR B 18 3.40 -37.80 -32.78
CA TYR B 18 4.74 -37.34 -33.12
C TYR B 18 5.82 -38.05 -32.31
N GLN B 19 5.46 -38.53 -31.12
CA GLN B 19 6.42 -39.23 -30.27
C GLN B 19 6.77 -40.60 -30.83
N LYS B 20 6.04 -41.03 -31.86
CA LYS B 20 6.28 -42.32 -32.49
C LYS B 20 7.21 -42.21 -33.70
N PHE B 21 7.48 -40.98 -34.12
CA PHE B 21 8.42 -40.73 -35.21
C PHE B 21 9.81 -41.27 -34.91
N VAL B 22 10.52 -41.69 -35.97
CA VAL B 22 11.96 -41.79 -35.91
C VAL B 22 12.52 -40.37 -35.98
N VAL B 23 13.14 -39.89 -34.91
CA VAL B 23 13.80 -38.58 -34.93
C VAL B 23 15.22 -38.76 -35.42
N ALA B 24 15.46 -38.45 -36.69
CA ALA B 24 16.73 -38.82 -37.32
C ALA B 24 17.95 -38.12 -36.72
N ASP B 25 17.78 -36.92 -36.16
CA ASP B 25 18.96 -36.22 -35.63
C ASP B 25 19.18 -36.47 -34.14
N ILE B 26 18.63 -37.57 -33.62
CA ILE B 26 19.01 -38.05 -32.30
C ILE B 26 20.49 -38.39 -32.32
N GLY B 27 20.97 -38.86 -33.47
CA GLY B 27 22.38 -39.10 -33.67
C GLY B 27 23.23 -37.84 -33.58
N ASN B 28 22.65 -36.70 -33.93
CA ASN B 28 23.35 -35.41 -33.85
C ASN B 28 23.26 -34.81 -32.45
N PHE B 29 22.06 -34.87 -31.88
CA PHE B 29 21.78 -34.20 -30.61
C PHE B 29 21.26 -35.17 -29.54
N PRO B 30 22.11 -36.11 -29.11
CA PRO B 30 21.65 -37.13 -28.16
C PRO B 30 21.15 -36.53 -26.85
N HIS B 31 21.74 -35.39 -26.44
CA HIS B 31 21.37 -34.80 -25.17
C HIS B 31 20.03 -34.04 -25.23
N CYS B 32 19.41 -34.00 -26.40
CA CYS B 32 18.08 -33.37 -26.50
C CYS B 32 16.94 -34.36 -26.26
N LEU B 33 17.26 -35.62 -26.03
CA LEU B 33 16.24 -36.60 -25.66
C LEU B 33 15.69 -36.25 -24.29
N ALA B 34 14.37 -36.19 -24.18
CA ALA B 34 13.76 -35.77 -22.92
C ALA B 34 13.89 -36.87 -21.87
N GLN B 35 13.91 -36.47 -20.61
CA GLN B 35 13.95 -37.44 -19.51
CA GLN B 35 13.94 -37.41 -19.50
C GLN B 35 12.54 -37.95 -19.22
N THR B 36 11.98 -38.68 -20.18
CA THR B 36 10.62 -39.19 -20.10
C THR B 36 10.58 -40.60 -20.67
N PRO B 37 9.52 -41.36 -20.35
CA PRO B 37 9.30 -42.64 -21.03
C PRO B 37 9.29 -42.52 -22.55
N GLU B 38 8.74 -41.41 -23.05
CA GLU B 38 8.62 -41.21 -24.49
C GLU B 38 9.99 -40.92 -25.09
N GLY B 39 10.84 -40.23 -24.35
CA GLY B 39 12.21 -39.98 -24.77
C GLY B 39 13.03 -41.25 -24.82
N ILE B 40 12.85 -42.10 -23.82
CA ILE B 40 13.56 -43.39 -23.76
C ILE B 40 13.17 -44.25 -24.95
N ALA B 41 11.87 -44.27 -25.26
CA ALA B 41 11.37 -45.05 -26.38
C ALA B 41 11.90 -44.50 -27.72
N SER B 42 11.95 -43.18 -27.85
CA SER B 42 12.42 -42.56 -29.09
C SER B 42 13.90 -42.84 -29.35
N GLY B 43 14.69 -42.90 -28.28
CA GLY B 43 16.10 -43.24 -28.40
C GLY B 43 16.27 -44.68 -28.89
N GLN B 44 15.47 -45.58 -28.34
CA GLN B 44 15.49 -46.98 -28.76
C GLN B 44 15.02 -47.13 -30.21
N ARG B 45 14.00 -46.36 -30.60
CA ARG B 45 13.46 -46.45 -31.95
C ARG B 45 14.49 -45.99 -32.98
N TYR B 46 15.28 -44.98 -32.60
CA TYR B 46 16.35 -44.48 -33.45
C TYR B 46 17.46 -45.52 -33.65
N GLN B 47 17.89 -46.14 -32.55
CA GLN B 47 18.92 -47.19 -32.59
C GLN B 47 18.54 -48.30 -33.55
N LYS B 48 17.32 -48.80 -33.45
CA LYS B 48 16.81 -49.83 -34.37
C LYS B 48 16.74 -49.32 -35.80
N TYR B 49 16.24 -48.11 -35.98
CA TYR B 49 16.20 -47.50 -37.31
C TYR B 49 17.60 -47.39 -37.89
N SER B 50 18.53 -46.90 -37.08
CA SER B 50 19.89 -46.63 -37.50
C SER B 50 20.58 -47.91 -37.98
N THR B 51 20.27 -49.03 -37.35
CA THR B 51 20.91 -50.31 -37.66
C THR B 51 20.09 -51.12 -38.66
N ASN B 52 19.01 -50.54 -39.17
CA ASN B 52 18.16 -51.21 -40.16
C ASN B 52 18.48 -50.73 -41.58
N SER B 53 18.78 -51.67 -42.48
CA SER B 53 19.22 -51.33 -43.82
C SER B 53 18.16 -50.56 -44.60
N LEU B 54 16.89 -50.74 -44.25
CA LEU B 54 15.81 -50.04 -44.95
C LEU B 54 15.87 -48.53 -44.73
N SER B 55 16.59 -48.10 -43.70
CA SER B 55 16.70 -46.67 -43.43
C SER B 55 17.53 -45.97 -44.50
N ARG B 56 18.34 -46.74 -45.22
CA ARG B 56 19.19 -46.18 -46.24
C ARG B 56 18.56 -46.31 -47.63
N THR B 57 17.25 -46.55 -47.64
CA THR B 57 16.46 -46.60 -48.88
C THR B 57 15.44 -45.47 -48.89
N PRO B 58 15.08 -44.97 -50.08
CA PRO B 58 14.08 -43.90 -50.22
C PRO B 58 12.68 -44.39 -49.85
N PRO B 59 11.82 -43.47 -49.36
CA PRO B 59 12.13 -42.06 -49.13
C PRO B 59 12.70 -41.80 -47.74
N PHE B 60 13.03 -42.87 -47.02
CA PHE B 60 13.46 -42.73 -45.63
C PHE B 60 14.81 -42.02 -45.53
N SER B 61 15.74 -42.39 -46.40
CA SER B 61 17.06 -41.77 -46.42
C SER B 61 17.00 -40.26 -46.59
N GLN B 62 16.12 -39.79 -47.48
CA GLN B 62 16.02 -38.35 -47.73
C GLN B 62 15.18 -37.67 -46.66
N TRP B 63 14.24 -38.40 -46.06
CA TRP B 63 13.45 -37.88 -44.95
C TRP B 63 14.34 -37.46 -43.78
N GLY B 64 15.48 -38.13 -43.62
CA GLY B 64 16.41 -37.80 -42.56
C GLY B 64 17.29 -36.61 -42.91
N ALA B 65 17.23 -36.18 -44.17
CA ALA B 65 18.10 -35.10 -44.61
C ALA B 65 17.43 -33.74 -44.43
N PRO B 66 18.19 -32.75 -43.94
CA PRO B 66 17.67 -31.40 -43.71
C PRO B 66 17.12 -30.78 -44.98
N GLN B 67 15.95 -30.17 -44.89
CA GLN B 67 15.39 -29.41 -45.99
C GLN B 67 15.55 -27.93 -45.66
N LEU B 68 16.65 -27.33 -46.12
CA LEU B 68 17.02 -25.98 -45.74
C LEU B 68 16.06 -24.92 -46.30
N LEU B 69 15.59 -25.13 -47.53
CA LEU B 69 14.66 -24.20 -48.15
C LEU B 69 13.25 -24.33 -47.58
N THR B 70 12.82 -23.30 -46.86
CA THR B 70 11.49 -23.28 -46.26
C THR B 70 10.42 -23.14 -47.35
N PRO B 71 9.45 -24.07 -47.36
CA PRO B 71 8.37 -24.03 -48.36
C PRO B 71 7.58 -22.73 -48.26
N LYS B 72 7.19 -22.17 -49.40
CA LYS B 72 6.50 -20.89 -49.43
C LYS B 72 5.03 -21.00 -49.84
N SER B 73 4.53 -22.22 -50.01
CA SER B 73 3.12 -22.45 -50.33
C SER B 73 2.44 -23.33 -49.30
N ALA B 74 1.21 -22.97 -48.94
CA ALA B 74 0.43 -23.76 -47.98
C ALA B 74 0.34 -25.23 -48.40
N GLN B 75 0.10 -25.47 -49.68
CA GLN B 75 -0.11 -26.82 -50.19
C GLN B 75 1.09 -27.73 -49.95
N GLU B 76 2.29 -27.16 -50.04
CA GLU B 76 3.53 -27.93 -49.81
C GLU B 76 3.58 -28.49 -48.39
N TYR B 77 3.11 -27.70 -47.44
CA TYR B 77 3.08 -28.14 -46.07
C TYR B 77 2.09 -29.28 -45.89
N ILE B 78 0.91 -29.13 -46.48
CA ILE B 78 -0.13 -30.13 -46.37
C ILE B 78 0.33 -31.40 -47.05
N LYS B 79 1.04 -31.24 -48.17
CA LYS B 79 1.61 -32.37 -48.90
C LYS B 79 2.71 -33.04 -48.07
N PHE B 80 3.46 -32.22 -47.34
CA PHE B 80 4.51 -32.72 -46.46
C PHE B 80 3.90 -33.69 -45.45
N ALA B 81 2.84 -33.26 -44.79
CA ALA B 81 2.18 -34.10 -43.79
C ALA B 81 1.56 -35.34 -44.43
N GLN B 82 0.99 -35.17 -45.63
CA GLN B 82 0.33 -36.26 -46.32
C GLN B 82 1.32 -37.36 -46.65
N GLN B 83 2.46 -36.99 -47.22
CA GLN B 83 3.47 -37.97 -47.62
C GLN B 83 4.16 -38.65 -46.44
N ARG B 84 4.33 -37.92 -45.33
CA ARG B 84 4.97 -38.49 -44.15
C ARG B 84 4.11 -39.58 -43.52
N ASN B 85 2.80 -39.45 -43.65
CA ASN B 85 1.86 -40.34 -42.97
C ASN B 85 1.46 -41.58 -43.78
N LYS B 86 1.72 -41.57 -45.08
CA LYS B 86 1.30 -42.67 -45.94
C LYS B 86 1.97 -43.99 -45.54
N LYS B 87 1.23 -45.08 -45.67
CA LYS B 87 1.73 -46.40 -45.29
C LYS B 87 2.95 -46.79 -46.12
N SER B 88 3.84 -47.57 -45.51
CA SER B 88 5.03 -48.07 -46.20
C SER B 88 5.31 -49.50 -45.78
N SER B 89 6.33 -50.11 -46.40
CA SER B 89 6.68 -51.50 -46.10
C SER B 89 7.68 -51.57 -44.94
N PHE B 90 8.40 -50.48 -44.72
CA PHE B 90 9.38 -50.43 -43.64
C PHE B 90 8.67 -50.41 -42.29
N LYS B 91 8.89 -51.44 -41.50
CA LYS B 91 8.38 -51.49 -40.15
C LYS B 91 9.47 -51.83 -39.13
N ILE B 92 9.41 -51.16 -37.98
CA ILE B 92 10.30 -51.46 -36.87
C ILE B 92 9.51 -52.16 -35.78
N ASP B 93 9.79 -53.45 -35.58
CA ASP B 93 9.01 -54.28 -34.66
C ASP B 93 7.53 -54.18 -35.00
N GLY B 94 7.23 -54.25 -36.30
CA GLY B 94 5.85 -54.20 -36.78
C GLY B 94 5.23 -52.82 -36.75
N GLU B 95 6.08 -51.80 -36.70
CA GLU B 95 5.59 -50.43 -36.57
C GLU B 95 5.97 -49.53 -37.74
N ALA B 96 4.97 -48.87 -38.31
CA ALA B 96 5.18 -47.98 -39.44
C ALA B 96 6.27 -46.96 -39.08
N VAL B 97 7.09 -46.64 -40.07
CA VAL B 97 8.23 -45.78 -39.86
C VAL B 97 7.99 -44.42 -40.48
N ARG B 98 7.96 -43.39 -39.63
CA ARG B 98 7.89 -42.03 -40.12
C ARG B 98 9.12 -41.29 -39.59
N VAL B 99 9.79 -40.55 -40.48
CA VAL B 99 11.09 -39.97 -40.15
C VAL B 99 11.08 -38.46 -40.31
N SER B 100 11.65 -37.75 -39.34
CA SER B 100 11.86 -36.31 -39.51
C SER B 100 13.02 -35.82 -38.64
N GLU B 101 13.27 -34.54 -38.70
CA GLU B 101 14.35 -33.88 -37.99
C GLU B 101 14.09 -32.44 -37.55
N CYS B 102 15.05 -31.80 -36.93
CA CYS B 102 14.73 -30.53 -36.28
C CYS B 102 14.43 -29.40 -37.25
N SER B 103 14.77 -29.56 -38.53
CA SER B 103 14.50 -28.50 -39.49
C SER B 103 13.18 -28.70 -40.24
N ASN B 104 12.79 -29.95 -40.49
CA ASN B 104 11.59 -30.19 -41.29
C ASN B 104 10.37 -30.62 -40.47
N PHE B 105 10.55 -30.97 -39.21
CA PHE B 105 9.48 -31.48 -38.41
C PHE B 105 8.30 -30.53 -38.25
N ALA B 106 8.64 -29.26 -38.10
CA ALA B 106 7.61 -28.23 -37.98
C ALA B 106 6.74 -28.11 -39.23
N TYR B 107 7.25 -28.55 -40.38
CA TYR B 107 6.47 -28.46 -41.62
C TYR B 107 5.26 -29.37 -41.57
N HIS B 108 5.41 -30.52 -40.92
CA HIS B 108 4.34 -31.49 -40.79
C HIS B 108 3.16 -30.87 -40.05
N SER B 109 3.44 -30.32 -38.88
CA SER B 109 2.41 -29.68 -38.06
CA SER B 109 2.41 -29.68 -38.06
C SER B 109 1.78 -28.50 -38.79
N ALA B 110 2.60 -27.75 -39.52
CA ALA B 110 2.09 -26.62 -40.29
C ALA B 110 1.04 -27.13 -41.26
N GLY B 111 1.33 -28.28 -41.89
CA GLY B 111 0.42 -28.89 -42.83
C GLY B 111 -0.89 -29.30 -42.19
N VAL B 112 -0.80 -30.03 -41.07
CA VAL B 112 -1.96 -30.42 -40.29
C VAL B 112 -2.82 -29.21 -39.90
N LEU B 113 -2.16 -28.15 -39.42
CA LEU B 113 -2.87 -26.97 -38.95
C LEU B 113 -3.51 -26.20 -40.09
N LEU B 114 -2.76 -26.04 -41.19
CA LEU B 114 -3.26 -25.35 -42.37
C LEU B 114 -4.40 -26.11 -43.05
N ASP B 115 -4.56 -27.40 -42.73
CA ASP B 115 -5.57 -28.22 -43.37
C ASP B 115 -6.92 -28.17 -42.67
N ASP B 116 -6.97 -27.47 -41.54
CA ASP B 116 -8.21 -27.35 -40.81
C ASP B 116 -8.88 -26.01 -41.14
N PRO B 117 -10.15 -26.06 -41.56
CA PRO B 117 -10.88 -24.87 -41.99
C PRO B 117 -11.13 -23.88 -40.85
N GLN B 118 -11.31 -24.40 -39.64
CA GLN B 118 -11.55 -23.56 -38.47
C GLN B 118 -10.27 -22.87 -37.99
N ILE B 119 -9.14 -23.54 -38.17
CA ILE B 119 -7.85 -22.95 -37.81
C ILE B 119 -7.58 -21.75 -38.69
N ARG B 120 -7.87 -21.88 -39.98
CA ARG B 120 -7.50 -20.85 -40.94
C ARG B 120 -8.32 -19.57 -40.76
N THR B 121 -9.48 -19.67 -40.11
CA THR B 121 -10.31 -18.49 -39.87
C THR B 121 -9.93 -17.82 -38.55
N GLN B 122 -9.46 -18.62 -37.59
CA GLN B 122 -9.04 -18.09 -36.30
C GLN B 122 -7.58 -17.69 -36.26
N TYR B 123 -6.75 -18.41 -37.00
CA TYR B 123 -5.30 -18.23 -36.90
C TYR B 123 -4.59 -18.08 -38.25
N ASP B 124 -3.55 -17.27 -38.26
CA ASP B 124 -2.56 -17.30 -39.32
C ASP B 124 -1.50 -18.31 -38.92
N VAL B 125 -0.97 -19.05 -39.90
CA VAL B 125 0.08 -20.02 -39.61
C VAL B 125 1.44 -19.46 -40.03
N ALA B 126 2.44 -19.65 -39.17
CA ALA B 126 3.79 -19.21 -39.48
C ALA B 126 4.81 -20.30 -39.20
N VAL B 127 5.89 -20.31 -39.97
CA VAL B 127 7.01 -21.18 -39.70
C VAL B 127 8.25 -20.33 -39.48
N ILE B 128 8.89 -20.50 -38.33
CA ILE B 128 10.01 -19.66 -37.97
C ILE B 128 11.26 -20.48 -37.73
N GLY B 129 12.42 -19.85 -37.93
CA GLY B 129 13.67 -20.43 -37.52
C GLY B 129 14.00 -19.87 -36.15
N SER B 130 14.20 -20.76 -35.18
CA SER B 130 14.45 -20.38 -33.81
C SER B 130 15.81 -20.94 -33.37
N MSE B 131 16.13 -20.84 -32.09
CA MSE B 131 17.43 -21.24 -31.57
C MSE B 131 18.55 -20.58 -32.36
O MSE B 131 19.32 -21.22 -33.08
CB MSE B 131 17.57 -22.78 -31.60
CG MSE B 131 18.60 -23.33 -30.63
SE MSE B 131 18.62 -25.28 -30.56
CE MSE B 131 16.80 -25.66 -29.98
N HIS B 132 18.62 -19.25 -32.25
CA HIS B 132 19.59 -18.46 -33.00
C HIS B 132 21.01 -18.66 -32.48
N SER B 133 21.94 -18.91 -33.40
CA SER B 133 23.35 -19.02 -33.04
C SER B 133 24.23 -18.42 -34.14
N ASN B 134 24.77 -17.23 -33.86
CA ASN B 134 25.71 -16.56 -34.76
C ASN B 134 25.21 -16.47 -36.19
N GLY B 135 24.02 -15.90 -36.38
CA GLY B 135 23.48 -15.70 -37.70
C GLY B 135 22.72 -16.89 -38.27
N ARG B 136 22.77 -18.03 -37.60
CA ARG B 136 22.01 -19.19 -38.04
C ARG B 136 20.90 -19.52 -37.07
N TYR B 137 19.79 -20.04 -37.60
CA TYR B 137 18.67 -20.46 -36.79
C TYR B 137 18.53 -21.96 -36.91
N LEU B 138 18.83 -22.67 -35.82
CA LEU B 138 19.08 -24.09 -35.84
C LEU B 138 17.83 -24.96 -35.69
N HIS B 139 16.70 -24.33 -35.36
CA HIS B 139 15.51 -25.08 -34.96
C HIS B 139 14.25 -24.44 -35.52
N ASN B 140 13.52 -25.18 -36.35
CA ASN B 140 12.32 -24.61 -36.97
C ASN B 140 11.10 -24.90 -36.12
N ILE B 141 10.22 -23.90 -36.02
CA ILE B 141 9.04 -23.98 -35.19
C ILE B 141 7.83 -23.47 -35.96
N THR B 142 6.66 -24.03 -35.68
CA THR B 142 5.42 -23.55 -36.27
C THR B 142 4.65 -22.72 -35.26
N LEU B 143 4.14 -21.58 -35.73
CA LEU B 143 3.36 -20.66 -34.89
C LEU B 143 1.90 -20.61 -35.33
N LEU B 144 1.01 -20.48 -34.36
CA LEU B 144 -0.38 -20.14 -34.62
C LEU B 144 -0.60 -18.73 -34.10
N VAL B 145 -0.71 -17.77 -35.02
CA VAL B 145 -0.91 -16.37 -34.65
C VAL B 145 -2.37 -15.99 -34.85
N PRO B 146 -3.01 -15.45 -33.81
CA PRO B 146 -4.40 -14.99 -34.00
C PRO B 146 -4.51 -13.94 -35.10
N LYS B 147 -5.60 -14.01 -35.81
CA LYS B 147 -5.76 -13.24 -37.00
C LYS B 147 -5.66 -11.79 -36.74
N GLY B 148 -5.01 -11.17 -37.69
CA GLY B 148 -4.82 -9.78 -37.75
C GLY B 148 -3.59 -9.29 -37.05
N SER B 149 -2.70 -10.18 -36.61
CA SER B 149 -1.45 -9.70 -36.10
C SER B 149 -0.34 -10.07 -37.04
N ARG B 150 0.40 -9.10 -37.50
CA ARG B 150 1.47 -9.42 -38.44
C ARG B 150 2.78 -9.71 -37.73
N LEU B 151 3.71 -10.32 -38.47
CA LEU B 151 5.02 -10.68 -37.96
C LEU B 151 6.11 -10.04 -38.81
N PRO B 152 7.24 -9.70 -38.19
CA PRO B 152 8.39 -9.10 -38.90
C PRO B 152 8.92 -9.99 -40.00
N GLN B 153 9.27 -9.37 -41.14
CA GLN B 153 9.85 -10.10 -42.26
C GLN B 153 11.37 -9.94 -42.22
N PRO B 154 12.09 -11.03 -42.56
CA PRO B 154 13.55 -10.99 -42.65
C PRO B 154 14.03 -9.82 -43.51
N PRO B 155 15.15 -9.18 -43.14
CA PRO B 155 16.05 -9.57 -42.07
C PRO B 155 15.64 -9.11 -40.67
N GLN B 156 14.46 -8.52 -40.51
CA GLN B 156 14.00 -8.16 -39.17
C GLN B 156 13.74 -9.42 -38.36
N GLN B 157 14.03 -9.38 -37.06
CA GLN B 157 13.85 -10.56 -36.22
C GLN B 157 12.55 -10.51 -35.43
N LEU B 158 12.03 -11.70 -35.14
CA LEU B 158 10.90 -11.84 -34.24
C LEU B 158 11.45 -11.92 -32.82
N THR B 159 10.96 -11.04 -31.94
CA THR B 159 11.40 -10.99 -30.56
C THR B 159 10.20 -11.06 -29.63
N ALA B 160 10.46 -11.24 -28.34
CA ALA B 160 9.39 -11.29 -27.34
C ALA B 160 8.52 -10.03 -27.39
N GLU B 161 9.15 -8.89 -27.64
CA GLU B 161 8.47 -7.60 -27.66
C GLU B 161 7.41 -7.46 -28.76
N VAL B 162 7.60 -8.17 -29.88
CA VAL B 162 6.64 -8.10 -30.98
C VAL B 162 5.93 -9.44 -31.20
N PHE B 163 6.06 -10.35 -30.24
CA PHE B 163 5.36 -11.63 -30.26
C PHE B 163 3.88 -11.39 -29.92
N PRO B 164 2.99 -11.64 -30.89
CA PRO B 164 1.56 -11.36 -30.70
C PRO B 164 0.96 -12.15 -29.54
N ILE B 165 0.14 -11.47 -28.76
CA ILE B 165 -0.60 -12.09 -27.67
C ILE B 165 -1.49 -13.19 -28.24
N GLY B 166 -1.57 -14.32 -27.54
CA GLY B 166 -2.41 -15.41 -27.98
C GLY B 166 -1.74 -16.35 -28.98
N THR B 167 -0.48 -16.09 -29.29
CA THR B 167 0.26 -16.97 -30.18
C THR B 167 0.48 -18.31 -29.51
N LEU B 168 0.27 -19.37 -30.29
CA LEU B 168 0.49 -20.72 -29.82
C LEU B 168 1.68 -21.35 -30.52
N ILE B 169 2.49 -22.08 -29.77
CA ILE B 169 3.68 -22.68 -30.31
C ILE B 169 3.44 -24.16 -30.59
N VAL B 170 3.89 -24.61 -31.77
CA VAL B 170 3.80 -26.02 -32.12
C VAL B 170 5.17 -26.55 -32.54
N ASP B 171 5.74 -27.43 -31.71
CA ASP B 171 7.08 -27.96 -31.89
C ASP B 171 7.06 -29.49 -31.81
N PRO B 172 6.66 -30.15 -32.89
CA PRO B 172 6.57 -31.62 -32.85
C PRO B 172 7.91 -32.33 -32.69
N TRP B 173 9.00 -31.65 -33.06
CA TRP B 173 10.34 -32.21 -32.85
C TRP B 173 10.56 -32.45 -31.36
N ALA B 174 10.13 -31.50 -30.55
CA ALA B 174 10.20 -31.62 -29.10
C ALA B 174 9.41 -32.83 -28.61
N VAL B 175 8.28 -33.09 -29.27
CA VAL B 175 7.45 -34.25 -28.95
C VAL B 175 8.14 -35.53 -29.39
N GLY B 176 8.75 -35.50 -30.57
CA GLY B 176 9.54 -36.61 -31.04
C GLY B 176 10.66 -36.93 -30.07
N MSE B 177 11.22 -35.89 -29.46
CA MSE B 177 12.31 -36.06 -28.49
C MSE B 177 11.82 -36.51 -27.11
O MSE B 177 12.61 -36.87 -26.25
CB MSE B 177 13.10 -34.76 -28.37
CG MSE B 177 14.05 -34.49 -29.51
SE MSE B 177 15.40 -35.90 -29.72
CE MSE B 177 16.61 -35.00 -30.97
N GLY B 178 10.50 -36.48 -26.90
CA GLY B 178 9.93 -37.04 -25.69
C GLY B 178 9.22 -36.08 -24.75
N HIS B 179 9.11 -34.83 -25.16
CA HIS B 179 8.37 -33.85 -24.36
C HIS B 179 6.87 -34.07 -24.51
N PRO B 180 6.11 -33.92 -23.41
CA PRO B 180 4.66 -34.08 -23.46
C PRO B 180 4.00 -32.97 -24.26
N PRO B 181 2.80 -33.23 -24.81
CA PRO B 181 2.05 -32.24 -25.58
C PRO B 181 1.91 -30.89 -24.88
N GLU B 182 1.73 -30.91 -23.56
CA GLU B 182 1.55 -29.68 -22.80
C GLU B 182 2.80 -28.77 -22.84
N GLN B 183 3.91 -29.30 -23.34
CA GLN B 183 5.14 -28.51 -23.43
C GLN B 183 5.57 -28.20 -24.87
N ALA B 184 4.73 -28.54 -25.85
CA ALA B 184 5.17 -28.48 -27.25
C ALA B 184 4.08 -28.36 -28.32
N LEU B 185 2.84 -28.76 -28.01
CA LEU B 185 1.79 -28.78 -29.03
C LEU B 185 0.65 -27.79 -28.74
N ALA B 186 0.70 -26.65 -29.42
CA ALA B 186 -0.35 -25.62 -29.34
C ALA B 186 -0.45 -24.99 -27.96
N ILE B 187 0.67 -24.46 -27.49
CA ILE B 187 0.74 -23.89 -26.15
C ILE B 187 1.43 -22.53 -26.15
N PRO B 188 1.09 -21.69 -25.15
CA PRO B 188 1.77 -20.39 -24.97
C PRO B 188 3.24 -20.58 -24.68
N LYS B 189 4.05 -19.57 -25.02
CA LYS B 189 5.49 -19.69 -24.90
C LYS B 189 5.95 -20.01 -23.48
N GLU B 190 5.17 -19.61 -22.49
CA GLU B 190 5.56 -19.80 -21.10
C GLU B 190 5.62 -21.28 -20.72
N GLN B 191 4.87 -22.09 -21.46
CA GLN B 191 4.82 -23.52 -21.18
C GLN B 191 5.73 -24.31 -22.13
N PHE B 192 6.34 -23.61 -23.09
CA PHE B 192 7.12 -24.25 -24.16
C PHE B 192 8.47 -24.79 -23.68
N ALA B 193 8.72 -26.06 -23.98
CA ALA B 193 9.95 -26.74 -23.60
C ALA B 193 11.21 -25.98 -24.04
N TYR B 194 11.17 -25.33 -25.19
CA TYR B 194 12.36 -24.62 -25.67
C TYR B 194 12.19 -23.12 -25.65
N ASN B 195 11.43 -22.65 -24.66
CA ASN B 195 11.23 -21.22 -24.46
C ASN B 195 12.54 -20.45 -24.29
N ARG B 196 13.57 -21.11 -23.76
CA ARG B 196 14.84 -20.45 -23.48
C ARG B 196 15.68 -20.23 -24.72
N SER B 197 15.23 -20.74 -25.86
CA SER B 197 15.96 -20.51 -27.11
C SER B 197 15.02 -19.97 -28.19
N LEU B 198 13.81 -19.60 -27.80
CA LEU B 198 12.80 -19.15 -28.75
C LEU B 198 13.22 -17.90 -29.53
N PHE B 199 13.61 -16.85 -28.81
CA PHE B 199 13.99 -15.58 -29.43
C PHE B 199 15.49 -15.35 -29.36
N PRO B 200 16.07 -14.66 -30.35
CA PRO B 200 15.40 -14.10 -31.54
C PRO B 200 15.09 -15.17 -32.57
N ALA B 201 14.14 -14.90 -33.44
CA ALA B 201 13.76 -15.84 -34.48
C ALA B 201 13.60 -15.13 -35.81
N THR B 202 13.64 -15.89 -36.89
CA THR B 202 13.39 -15.33 -38.20
C THR B 202 12.13 -15.99 -38.76
N VAL B 203 11.26 -15.19 -39.36
CA VAL B 203 10.00 -15.73 -39.88
C VAL B 203 10.09 -16.06 -41.36
N ASN B 204 10.21 -17.34 -41.67
CA ASN B 204 10.44 -17.80 -43.05
C ASN B 204 9.19 -18.05 -43.88
N TYR B 205 8.05 -18.26 -43.22
CA TYR B 205 6.79 -18.44 -43.92
C TYR B 205 5.65 -17.86 -43.10
N GLN B 206 4.78 -17.11 -43.76
CA GLN B 206 3.58 -16.58 -43.14
C GLN B 206 2.38 -16.86 -44.02
N SER B 207 1.39 -17.57 -43.49
CA SER B 207 0.19 -17.89 -44.24
CA SER B 207 0.22 -17.88 -44.29
C SER B 207 -0.51 -16.60 -44.67
N ALA B 208 -0.39 -15.57 -43.84
CA ALA B 208 -1.01 -14.27 -44.11
C ALA B 208 -0.35 -13.54 -45.27
N LEU B 209 0.86 -13.94 -45.64
CA LEU B 209 1.54 -13.32 -46.77
C LEU B 209 1.55 -14.27 -47.98
N ASP B 210 0.90 -15.43 -47.82
CA ASP B 210 0.87 -16.45 -48.86
C ASP B 210 -0.39 -16.29 -49.73
N GLU B 211 -0.20 -15.83 -50.96
CA GLU B 211 -1.32 -15.50 -51.83
C GLU B 211 -2.00 -16.75 -52.39
N SER B 212 -1.34 -17.90 -52.26
CA SER B 212 -1.92 -19.15 -52.73
C SER B 212 -2.83 -19.78 -51.68
N LEU B 213 -2.89 -19.16 -50.51
CA LEU B 213 -3.61 -19.74 -49.37
C LEU B 213 -5.10 -19.87 -49.63
N THR B 214 -5.69 -18.83 -50.20
CA THR B 214 -7.13 -18.78 -50.40
C THR B 214 -7.59 -19.84 -51.39
N SER B 215 -6.72 -20.19 -52.33
CA SER B 215 -7.03 -21.24 -53.30
C SER B 215 -6.66 -22.62 -52.76
N THR B 216 -5.86 -22.65 -51.69
CA THR B 216 -5.48 -23.90 -51.05
C THR B 216 -6.64 -24.46 -50.25
N ARG B 217 -7.01 -25.71 -50.51
CA ARG B 217 -8.11 -26.40 -49.87
C ARG B 217 -7.87 -26.96 -48.50
N THR B 218 -8.94 -27.23 -47.77
CA THR B 218 -8.80 -27.84 -46.45
C THR B 218 -9.40 -29.24 -46.38
N GLY B 219 -9.15 -29.94 -45.28
CA GLY B 219 -9.73 -31.25 -45.05
C GLY B 219 -9.17 -32.34 -45.94
N GLN B 220 -7.93 -32.20 -46.33
CA GLN B 220 -7.25 -33.16 -47.15
C GLN B 220 -6.68 -34.32 -46.34
N LEU B 221 -6.41 -34.07 -45.09
CA LEU B 221 -5.70 -35.01 -44.27
C LEU B 221 -6.65 -35.75 -43.34
N THR B 222 -6.25 -36.96 -42.98
CA THR B 222 -6.95 -37.73 -41.96
C THR B 222 -6.04 -37.85 -40.75
N PRO B 223 -6.57 -37.62 -39.54
CA PRO B 223 -5.77 -37.80 -38.32
C PRO B 223 -5.11 -39.17 -38.30
N TYR B 224 -3.81 -39.21 -38.05
CA TYR B 224 -3.03 -40.44 -38.14
C TYR B 224 -3.60 -41.55 -37.26
N THR B 225 -4.22 -41.17 -36.14
CA THR B 225 -4.85 -42.14 -35.25
C THR B 225 -6.19 -41.59 -34.75
N GLY B 226 -6.95 -42.45 -34.07
CA GLY B 226 -8.21 -42.04 -33.47
C GLY B 226 -8.07 -41.76 -31.99
N THR B 227 -8.92 -40.89 -31.46
CA THR B 227 -8.86 -40.52 -30.05
C THR B 227 -9.41 -41.63 -29.15
N PRO B 228 -8.68 -41.94 -28.06
CA PRO B 228 -9.10 -42.96 -27.10
C PRO B 228 -10.21 -42.48 -26.17
N SER B 229 -10.97 -43.40 -25.60
CA SER B 229 -12.06 -43.02 -24.69
C SER B 229 -11.84 -43.58 -23.29
N GLY C 1 -29.38 14.05 -23.38
CA GLY C 1 -28.47 13.00 -22.97
C GLY C 1 -28.06 12.11 -24.14
N MET C 2 -28.82 11.03 -24.34
CA MET C 2 -28.57 10.12 -25.45
C MET C 2 -29.50 10.38 -26.64
N VAL C 3 -30.58 11.10 -26.41
CA VAL C 3 -31.57 11.33 -27.45
C VAL C 3 -31.67 12.80 -27.81
N LEU C 4 -31.92 13.65 -26.80
CA LEU C 4 -32.08 15.09 -27.02
C LEU C 4 -30.81 15.72 -27.59
N THR C 5 -30.96 16.59 -28.59
CA THR C 5 -29.83 17.27 -29.21
C THR C 5 -30.00 18.78 -29.14
N LEU C 6 -28.92 19.52 -29.39
CA LEU C 6 -29.00 20.98 -29.44
C LEU C 6 -29.92 21.42 -30.57
N SER C 7 -29.96 20.63 -31.62
CA SER C 7 -30.78 20.91 -32.78
C SER C 7 -32.25 20.86 -32.41
N ASP C 8 -32.64 19.84 -31.66
CA ASP C 8 -34.01 19.74 -31.13
C ASP C 8 -34.38 20.98 -30.35
N LEU C 9 -33.49 21.36 -29.44
CA LEU C 9 -33.72 22.50 -28.55
C LEU C 9 -33.94 23.78 -29.34
N GLU C 10 -33.08 24.05 -30.32
CA GLU C 10 -33.21 25.26 -31.14
CA GLU C 10 -33.21 25.26 -31.14
C GLU C 10 -34.46 25.22 -32.00
N LYS C 11 -34.80 24.03 -32.49
CA LYS C 11 -36.02 23.83 -33.26
C LYS C 11 -37.24 24.12 -32.41
N GLY C 12 -37.23 23.60 -31.19
CA GLY C 12 -38.38 23.68 -30.31
C GLY C 12 -38.54 25.03 -29.64
N TYR C 13 -37.50 25.86 -29.75
CA TYR C 13 -37.43 27.16 -29.09
C TYR C 13 -38.16 28.26 -29.87
N ASP C 14 -39.34 28.66 -29.39
CA ASP C 14 -40.07 29.80 -29.95
C ASP C 14 -39.70 31.07 -29.17
N LYS C 15 -38.91 31.93 -29.81
CA LYS C 15 -38.38 33.11 -29.13
C LYS C 15 -39.44 34.19 -28.94
N ASN C 16 -40.44 34.22 -29.80
CA ASN C 16 -41.49 35.21 -29.67
CA ASN C 16 -41.49 35.21 -29.67
C ASN C 16 -42.39 34.90 -28.48
N LEU C 17 -42.63 33.60 -28.24
CA LEU C 17 -43.49 33.16 -27.16
C LEU C 17 -42.75 32.72 -25.91
N ASN C 18 -41.42 32.72 -25.96
CA ASN C 18 -40.60 32.21 -24.86
C ASN C 18 -41.09 30.83 -24.42
N GLN C 19 -41.20 29.96 -25.42
CA GLN C 19 -41.79 28.65 -25.27
C GLN C 19 -40.83 27.59 -25.82
N LEU C 20 -40.78 26.45 -25.15
CA LEU C 20 -39.94 25.35 -25.62
C LEU C 20 -40.82 24.11 -25.81
N SER C 21 -40.89 23.63 -27.04
CA SER C 21 -41.74 22.49 -27.37
C SER C 21 -40.89 21.32 -27.86
N LEU C 22 -41.05 20.18 -27.19
CA LEU C 22 -40.22 19.01 -27.46
C LEU C 22 -41.04 17.72 -27.47
N SER C 23 -42.24 17.78 -28.03
CA SER C 23 -43.11 16.62 -28.00
C SER C 23 -42.69 15.61 -29.06
N PHE C 24 -43.00 14.34 -28.81
CA PHE C 24 -42.76 13.25 -29.77
C PHE C 24 -41.30 13.09 -30.17
N LEU C 25 -40.41 13.09 -29.19
CA LEU C 25 -38.98 12.93 -29.45
C LEU C 25 -38.39 11.71 -28.76
N ASN C 26 -39.24 10.89 -28.16
CA ASN C 26 -38.80 9.74 -27.37
C ASN C 26 -37.78 10.14 -26.29
N LEU C 27 -37.97 11.30 -25.68
CA LEU C 27 -37.06 11.76 -24.65
C LEU C 27 -37.11 10.83 -23.44
N ARG C 28 -35.96 10.65 -22.80
CA ARG C 28 -35.87 9.80 -21.61
C ARG C 28 -35.39 10.61 -20.43
N ASP C 29 -35.38 10.00 -19.25
CA ASP C 29 -34.94 10.67 -18.03
C ASP C 29 -33.55 11.30 -18.18
N ASN C 30 -32.64 10.56 -18.81
CA ASN C 30 -31.26 11.02 -18.96
C ASN C 30 -31.11 12.25 -19.85
N ASP C 31 -32.17 12.60 -20.57
CA ASP C 31 -32.15 13.79 -21.40
C ASP C 31 -32.53 15.05 -20.63
N ILE C 32 -33.14 14.85 -19.46
CA ILE C 32 -33.62 16.01 -18.69
C ILE C 32 -32.48 16.96 -18.27
N PRO C 33 -31.29 16.44 -17.86
CA PRO C 33 -30.26 17.41 -17.47
C PRO C 33 -29.84 18.39 -18.57
N LEU C 34 -29.71 17.93 -19.81
CA LEU C 34 -29.37 18.84 -20.92
C LEU C 34 -30.50 19.84 -21.13
N LEU C 35 -31.72 19.36 -21.05
CA LEU C 35 -32.90 20.22 -21.13
C LEU C 35 -32.84 21.36 -20.12
N CYS C 36 -32.51 21.03 -18.87
CA CYS C 36 -32.50 22.02 -17.82
C CYS C 36 -31.39 23.06 -17.97
N GLU C 37 -30.21 22.68 -18.44
CA GLU C 37 -29.17 23.70 -18.54
C GLU C 37 -29.44 24.61 -19.74
N PHE C 38 -30.09 24.08 -20.77
CA PHE C 38 -30.58 24.94 -21.85
C PHE C 38 -31.59 25.95 -21.30
N LEU C 39 -32.56 25.46 -20.54
CA LEU C 39 -33.55 26.32 -19.91
C LEU C 39 -32.90 27.35 -18.99
N GLN C 40 -31.86 26.94 -18.26
CA GLN C 40 -31.17 27.85 -17.36
C GLN C 40 -30.42 28.91 -18.15
N ASN C 41 -30.02 28.58 -19.37
CA ASN C 41 -29.36 29.56 -20.25
C ASN C 41 -30.34 30.50 -20.93
N HIS C 42 -31.63 30.17 -20.83
CA HIS C 42 -32.69 31.01 -21.39
C HIS C 42 -33.79 31.23 -20.38
N PRO C 43 -33.47 31.96 -19.30
CA PRO C 43 -34.37 32.10 -18.14
C PRO C 43 -35.77 32.63 -18.49
N ALA C 44 -35.92 33.29 -19.64
CA ALA C 44 -37.22 33.84 -20.03
C ALA C 44 -38.20 32.76 -20.51
N ILE C 45 -37.68 31.57 -20.81
CA ILE C 45 -38.56 30.46 -21.15
C ILE C 45 -39.26 29.93 -19.90
N THR C 46 -40.56 30.21 -19.78
CA THR C 46 -41.28 29.82 -18.58
C THR C 46 -42.40 28.82 -18.89
N SER C 47 -42.51 28.43 -20.15
CA SER C 47 -43.52 27.47 -20.60
C SER C 47 -42.87 26.37 -21.42
N LEU C 48 -43.19 25.12 -21.08
CA LEU C 48 -42.48 23.97 -21.64
C LEU C 48 -43.42 22.82 -22.01
N ASP C 49 -43.22 22.25 -23.20
CA ASP C 49 -44.02 21.12 -23.68
C ASP C 49 -43.14 19.87 -23.81
N LEU C 50 -43.29 18.94 -22.88
CA LEU C 50 -42.57 17.67 -22.94
C LEU C 50 -43.53 16.51 -23.22
N SER C 51 -44.69 16.81 -23.77
CA SER C 51 -45.70 15.77 -23.96
C SER C 51 -45.27 14.70 -24.96
N HIS C 52 -45.81 13.50 -24.80
CA HIS C 52 -45.57 12.39 -25.72
C HIS C 52 -44.10 12.00 -25.79
N ASN C 53 -43.56 11.67 -24.63
CA ASN C 53 -42.20 11.17 -24.53
C ASN C 53 -42.19 9.98 -23.57
N ASP C 54 -41.00 9.59 -23.10
CA ASP C 54 -40.92 8.41 -22.24
C ASP C 54 -40.34 8.78 -20.88
N ILE C 55 -40.73 9.93 -20.34
CA ILE C 55 -40.19 10.39 -19.07
C ILE C 55 -40.87 9.67 -17.90
N THR C 56 -40.07 9.23 -16.92
CA THR C 56 -40.62 8.58 -15.73
C THR C 56 -40.55 9.54 -14.55
N ALA C 57 -40.91 9.03 -13.36
CA ALA C 57 -40.81 9.82 -12.14
C ALA C 57 -39.38 10.30 -11.90
N ASN C 58 -38.40 9.49 -12.26
CA ASN C 58 -37.00 9.89 -12.06
C ASN C 58 -36.62 11.10 -12.90
N GLY C 59 -37.13 11.16 -14.12
CA GLY C 59 -36.89 12.32 -14.96
C GLY C 59 -37.51 13.57 -14.37
N VAL C 60 -38.66 13.39 -13.71
CA VAL C 60 -39.31 14.49 -13.02
C VAL C 60 -38.43 15.00 -11.87
N LYS C 61 -37.76 14.09 -11.18
CA LYS C 61 -36.87 14.49 -10.07
C LYS C 61 -35.66 15.27 -10.56
N LEU C 62 -35.29 15.07 -11.83
CA LEU C 62 -34.17 15.78 -12.43
C LEU C 62 -34.57 17.16 -12.92
N PHE C 63 -35.88 17.39 -13.02
CA PHE C 63 -36.39 18.64 -13.59
C PHE C 63 -36.89 19.62 -12.54
N VAL C 64 -37.55 19.09 -11.51
CA VAL C 64 -38.20 19.92 -10.50
C VAL C 64 -37.23 20.89 -9.82
N ASN C 65 -37.66 22.15 -9.74
CA ASN C 65 -36.90 23.21 -9.09
C ASN C 65 -35.52 23.43 -9.68
N LYS C 66 -35.39 23.16 -10.98
CA LYS C 66 -34.16 23.47 -11.71
C LYS C 66 -34.34 24.76 -12.48
N THR C 67 -35.59 25.08 -12.84
CA THR C 67 -35.87 26.17 -13.77
C THR C 67 -37.02 27.06 -13.32
N SER C 68 -37.27 28.12 -14.09
CA SER C 68 -38.36 29.05 -13.79
CA SER C 68 -38.36 29.04 -13.79
C SER C 68 -39.62 28.69 -14.56
N VAL C 69 -39.66 27.49 -15.14
CA VAL C 69 -40.86 27.04 -15.85
C VAL C 69 -42.07 26.99 -14.90
N SER C 70 -43.11 27.72 -15.25
CA SER C 70 -44.31 27.76 -14.42
C SER C 70 -45.47 27.11 -15.14
N SER C 71 -45.30 26.87 -16.44
CA SER C 71 -46.33 26.20 -17.22
C SER C 71 -45.76 24.95 -17.90
N LEU C 72 -46.12 23.78 -17.40
CA LEU C 72 -45.54 22.53 -17.89
C LEU C 72 -46.58 21.60 -18.49
N ASN C 73 -46.35 21.19 -19.74
CA ASN C 73 -47.11 20.07 -20.29
C ASN C 73 -46.24 18.83 -20.37
N ILE C 74 -46.56 17.84 -19.54
CA ILE C 74 -45.80 16.59 -19.54
C ILE C 74 -46.77 15.42 -19.72
N SER C 75 -47.89 15.69 -20.40
CA SER C 75 -48.86 14.65 -20.69
C SER C 75 -48.25 13.54 -21.57
N HIS C 76 -48.90 12.37 -21.54
CA HIS C 76 -48.49 11.22 -22.35
C HIS C 76 -47.03 10.88 -22.11
N ASN C 77 -46.70 10.75 -20.84
CA ASN C 77 -45.41 10.20 -20.43
C ASN C 77 -45.68 9.03 -19.48
N ASN C 78 -44.73 8.74 -18.60
CA ASN C 78 -44.85 7.58 -17.72
C ASN C 78 -44.52 7.94 -16.26
N ILE C 79 -44.91 9.14 -15.83
CA ILE C 79 -44.41 9.64 -14.55
C ILE C 79 -45.09 9.02 -13.33
N GLY C 80 -46.28 8.47 -13.52
CA GLY C 80 -46.98 7.77 -12.45
C GLY C 80 -47.29 8.61 -11.22
N PRO C 81 -47.78 7.97 -10.15
CA PRO C 81 -48.12 8.66 -8.91
C PRO C 81 -46.91 9.37 -8.31
N GLU C 82 -45.74 8.73 -8.38
CA GLU C 82 -44.51 9.28 -7.81
CA GLU C 82 -44.54 9.29 -7.78
C GLU C 82 -44.09 10.54 -8.54
N GLY C 83 -44.31 10.57 -9.85
CA GLY C 83 -43.99 11.73 -10.66
C GLY C 83 -44.87 12.91 -10.30
N ALA C 84 -46.15 12.65 -10.12
CA ALA C 84 -47.10 13.67 -9.67
C ALA C 84 -46.71 14.18 -8.28
N GLN C 85 -46.30 13.26 -7.41
CA GLN C 85 -45.92 13.64 -6.07
C GLN C 85 -44.75 14.62 -6.08
N TRP C 86 -43.72 14.34 -6.89
CA TRP C 86 -42.56 15.23 -6.88
C TRP C 86 -42.86 16.55 -7.59
N LEU C 87 -43.73 16.52 -8.60
CA LEU C 87 -44.14 17.74 -9.28
C LEU C 87 -44.81 18.73 -8.30
N SER C 88 -45.40 18.20 -7.23
CA SER C 88 -46.09 19.06 -6.28
C SER C 88 -45.08 19.81 -5.40
N GLU C 89 -43.80 19.42 -5.48
CA GLU C 89 -42.74 20.09 -4.74
C GLU C 89 -42.18 21.29 -5.48
N ASP C 90 -42.58 21.45 -6.75
CA ASP C 90 -42.01 22.50 -7.58
C ASP C 90 -42.51 23.88 -7.16
N ASN C 91 -41.57 24.80 -7.01
CA ASN C 91 -41.87 26.12 -6.48
C ASN C 91 -42.20 27.15 -7.56
N HIS C 92 -42.28 26.71 -8.81
CA HIS C 92 -42.68 27.64 -9.87
C HIS C 92 -43.96 27.27 -10.62
N ILE C 93 -44.23 25.97 -10.76
CA ILE C 93 -45.36 25.53 -11.59
C ILE C 93 -46.72 26.00 -11.07
N THR C 94 -47.48 26.68 -11.93
CA THR C 94 -48.84 27.12 -11.61
C THR C 94 -49.87 26.54 -12.57
N THR C 95 -49.40 26.13 -13.75
CA THR C 95 -50.22 25.50 -14.77
C THR C 95 -49.56 24.19 -15.18
N LEU C 96 -50.31 23.09 -15.09
CA LEU C 96 -49.75 21.77 -15.22
C LEU C 96 -50.66 20.83 -15.99
N ASP C 97 -50.08 20.12 -16.96
CA ASP C 97 -50.79 19.08 -17.69
C ASP C 97 -50.07 17.76 -17.43
N VAL C 98 -50.74 16.85 -16.74
CA VAL C 98 -50.19 15.53 -16.47
C VAL C 98 -51.11 14.44 -17.00
N SER C 99 -51.88 14.80 -18.02
CA SER C 99 -52.81 13.86 -18.64
C SER C 99 -52.08 12.61 -19.13
N PHE C 100 -52.73 11.46 -19.07
CA PHE C 100 -52.17 10.22 -19.60
C PHE C 100 -50.80 9.89 -19.00
N ASN C 101 -50.76 9.76 -17.67
CA ASN C 101 -49.53 9.43 -16.95
C ASN C 101 -49.78 8.42 -15.83
N GLU C 102 -51.00 7.92 -15.74
CA GLU C 102 -51.41 6.98 -14.69
C GLU C 102 -51.10 7.49 -13.28
N ILE C 103 -51.36 8.77 -13.02
CA ILE C 103 -50.96 9.31 -11.72
C ILE C 103 -51.88 8.85 -10.59
N GLY C 104 -53.09 8.40 -10.93
CA GLY C 104 -53.99 7.84 -9.93
C GLY C 104 -54.48 8.83 -8.88
N ASP C 105 -55.24 8.33 -7.91
CA ASP C 105 -55.74 9.18 -6.82
C ASP C 105 -54.59 9.69 -5.97
N GLU C 106 -53.60 8.82 -5.73
CA GLU C 106 -52.46 9.17 -4.89
C GLU C 106 -51.64 10.28 -5.52
N GLY C 107 -51.44 10.22 -6.83
CA GLY C 107 -50.74 11.27 -7.54
C GLY C 107 -51.48 12.58 -7.44
N VAL C 108 -52.79 12.55 -7.71
CA VAL C 108 -53.56 13.80 -7.72
C VAL C 108 -53.75 14.33 -6.31
N LYS C 109 -53.67 13.45 -5.32
CA LYS C 109 -53.73 13.88 -3.92
C LYS C 109 -52.66 14.94 -3.65
N ALA C 110 -51.43 14.67 -4.09
CA ALA C 110 -50.30 15.58 -3.89
C ALA C 110 -50.52 16.90 -4.63
N LEU C 111 -50.97 16.81 -5.88
CA LEU C 111 -51.18 18.01 -6.71
C LEU C 111 -52.27 18.90 -6.13
N ALA C 112 -53.34 18.28 -5.62
CA ALA C 112 -54.47 19.00 -5.05
C ALA C 112 -54.05 19.81 -3.83
N ALA C 113 -53.05 19.31 -3.10
CA ALA C 113 -52.55 19.95 -1.89
C ALA C 113 -51.55 21.06 -2.18
N ASN C 114 -51.17 21.21 -3.45
CA ASN C 114 -50.27 22.27 -3.87
C ASN C 114 -51.04 23.57 -4.12
N ALA C 115 -50.91 24.51 -3.19
CA ALA C 115 -51.68 25.75 -3.24
C ALA C 115 -51.23 26.66 -4.39
N LYS C 116 -50.03 26.45 -4.88
CA LYS C 116 -49.50 27.26 -5.97
C LYS C 116 -50.14 26.90 -7.32
N LEU C 117 -50.70 25.69 -7.41
CA LEU C 117 -51.27 25.16 -8.64
C LEU C 117 -52.64 25.77 -8.94
N ILE C 118 -52.79 26.42 -10.10
CA ILE C 118 -54.01 27.15 -10.44
C ILE C 118 -54.81 26.46 -11.54
N THR C 119 -54.11 25.89 -12.51
CA THR C 119 -54.74 25.18 -13.60
C THR C 119 -54.17 23.78 -13.70
N LEU C 120 -55.04 22.78 -13.81
CA LEU C 120 -54.59 21.40 -13.91
C LEU C 120 -55.33 20.64 -14.99
N TYR C 121 -54.58 20.14 -15.96
CA TYR C 121 -55.12 19.19 -16.91
C TYR C 121 -54.67 17.81 -16.50
N ALA C 122 -55.63 16.91 -16.25
CA ALA C 122 -55.27 15.57 -15.79
C ALA C 122 -56.18 14.52 -16.43
N LEU C 123 -56.37 14.61 -17.74
CA LEU C 123 -57.20 13.67 -18.47
C LEU C 123 -56.65 12.25 -18.40
N TYR C 124 -57.55 11.26 -18.37
CA TYR C 124 -57.20 9.84 -18.36
C TYR C 124 -56.04 9.49 -17.44
N ASN C 125 -56.31 9.42 -16.15
CA ASN C 125 -55.27 9.19 -15.16
C ASN C 125 -55.72 8.25 -14.05
N LYS C 126 -56.83 7.57 -14.29
CA LYS C 126 -57.41 6.64 -13.30
C LYS C 126 -57.77 7.37 -12.02
N ILE C 127 -58.16 8.62 -12.15
CA ILE C 127 -58.63 9.38 -11.01
C ILE C 127 -60.07 8.95 -10.73
N THR C 128 -60.35 8.61 -9.47
CA THR C 128 -61.69 8.18 -9.11
C THR C 128 -62.38 9.24 -8.27
N LYS C 129 -63.54 8.88 -7.72
CA LYS C 129 -64.28 9.74 -6.81
C LYS C 129 -63.39 10.19 -5.65
N VAL C 130 -62.44 9.34 -5.25
CA VAL C 130 -61.54 9.67 -4.16
C VAL C 130 -60.64 10.83 -4.54
N GLY C 131 -60.07 10.78 -5.74
CA GLY C 131 -59.20 11.84 -6.19
C GLY C 131 -59.95 13.15 -6.37
N ALA C 132 -61.19 13.06 -6.85
CA ALA C 132 -62.05 14.22 -6.96
C ALA C 132 -62.27 14.87 -5.60
N GLY C 133 -62.41 14.05 -4.56
CA GLY C 133 -62.52 14.55 -3.20
C GLY C 133 -61.32 15.37 -2.78
N TYR C 134 -60.13 14.92 -3.14
CA TYR C 134 -58.91 15.68 -2.90
C TYR C 134 -58.98 17.01 -3.67
N LEU C 135 -59.30 16.93 -4.96
CA LEU C 135 -59.33 18.12 -5.80
C LEU C 135 -60.37 19.13 -5.30
N ALA C 136 -61.40 18.64 -4.64
CA ALA C 136 -62.45 19.50 -4.09
C ALA C 136 -61.92 20.44 -3.01
N GLN C 137 -60.79 20.08 -2.39
CA GLN C 137 -60.21 20.91 -1.34
C GLN C 137 -59.07 21.78 -1.84
N SER C 138 -58.80 21.70 -3.14
CA SER C 138 -57.73 22.49 -3.74
C SER C 138 -58.17 23.92 -3.98
N ASN C 139 -57.23 24.76 -4.41
CA ASN C 139 -57.57 26.13 -4.81
CA ASN C 139 -57.59 26.12 -4.80
C ASN C 139 -57.52 26.30 -6.33
N LEU C 140 -57.69 25.20 -7.05
CA LEU C 140 -57.68 25.21 -8.51
C LEU C 140 -58.77 26.09 -9.08
N LYS C 141 -58.43 26.90 -10.08
CA LYS C 141 -59.44 27.70 -10.80
C LYS C 141 -59.99 26.94 -12.01
N LYS C 142 -59.18 26.06 -12.58
CA LYS C 142 -59.61 25.26 -13.74
C LYS C 142 -59.08 23.85 -13.65
N ILE C 143 -59.96 22.88 -13.90
CA ILE C 143 -59.55 21.48 -13.95
C ILE C 143 -60.16 20.80 -15.18
N ASP C 144 -59.35 20.02 -15.88
CA ASP C 144 -59.85 19.16 -16.95
C ASP C 144 -59.60 17.71 -16.55
N LEU C 145 -60.68 16.95 -16.35
CA LEU C 145 -60.58 15.58 -15.87
C LEU C 145 -61.21 14.54 -16.81
N CYS C 146 -61.31 14.87 -18.09
CA CYS C 146 -61.95 13.96 -19.04
C CYS C 146 -61.35 12.57 -18.99
N PHE C 147 -62.19 11.56 -19.22
CA PHE C 147 -61.79 10.15 -19.28
C PHE C 147 -61.34 9.59 -17.92
N ASN C 148 -61.80 10.20 -16.83
CA ASN C 148 -61.60 9.65 -15.48
C ASN C 148 -62.96 9.30 -14.87
N SER C 149 -63.06 8.16 -14.21
CA SER C 149 -64.35 7.78 -13.65
C SER C 149 -64.57 8.48 -12.31
N LEU C 150 -64.98 9.74 -12.38
CA LEU C 150 -65.22 10.54 -11.18
C LEU C 150 -66.52 10.15 -10.50
N GLU C 151 -67.50 9.75 -11.31
CA GLU C 151 -68.84 9.42 -10.88
C GLU C 151 -69.53 10.61 -10.22
N ASP C 152 -70.77 10.39 -9.77
CA ASP C 152 -71.57 11.47 -9.22
C ASP C 152 -70.96 11.97 -7.93
N GLU C 153 -70.47 11.07 -7.10
CA GLU C 153 -69.87 11.46 -5.83
C GLU C 153 -68.68 12.38 -6.04
N GLY C 154 -67.88 12.08 -7.06
CA GLY C 154 -66.70 12.87 -7.34
C GLY C 154 -67.03 14.29 -7.78
N VAL C 155 -67.97 14.40 -8.72
CA VAL C 155 -68.38 15.66 -9.28
CA VAL C 155 -68.33 15.70 -9.26
C VAL C 155 -69.21 16.47 -8.27
N ILE C 156 -69.91 15.78 -7.39
CA ILE C 156 -70.65 16.45 -6.34
C ILE C 156 -69.65 17.12 -5.38
N ALA C 157 -68.57 16.41 -5.06
CA ALA C 157 -67.50 16.98 -4.26
C ALA C 157 -66.88 18.22 -4.93
N LEU C 158 -66.58 18.10 -6.22
CA LEU C 158 -65.96 19.18 -6.96
C LEU C 158 -66.85 20.41 -7.01
N ALA C 159 -68.16 20.18 -7.05
CA ALA C 159 -69.13 21.26 -7.12
C ALA C 159 -69.06 22.16 -5.88
N SER C 160 -68.50 21.64 -4.79
CA SER C 160 -68.42 22.39 -3.54
CA SER C 160 -68.41 22.38 -3.53
C SER C 160 -67.14 23.23 -3.45
N ASN C 161 -66.26 23.09 -4.44
CA ASN C 161 -65.03 23.87 -4.48
C ASN C 161 -65.28 25.25 -5.08
N ILE C 162 -65.46 26.26 -4.23
CA ILE C 162 -65.81 27.60 -4.70
C ILE C 162 -64.73 28.25 -5.56
N ASN C 163 -63.53 27.69 -5.58
CA ASN C 163 -62.44 28.26 -6.37
C ASN C 163 -62.58 27.98 -7.86
N ILE C 164 -63.21 26.87 -8.21
CA ILE C 164 -63.25 26.43 -9.60
C ILE C 164 -64.14 27.31 -10.47
N LYS C 165 -63.58 27.83 -11.55
CA LYS C 165 -64.32 28.65 -12.50
C LYS C 165 -64.61 27.86 -13.77
N GLU C 166 -63.71 26.93 -14.11
CA GLU C 166 -63.84 26.16 -15.33
C GLU C 166 -63.63 24.69 -15.03
N LEU C 167 -64.62 23.87 -15.37
CA LEU C 167 -64.54 22.44 -15.13
C LEU C 167 -64.86 21.67 -16.40
N ILE C 168 -63.95 20.79 -16.79
CA ILE C 168 -64.17 19.96 -17.98
C ILE C 168 -64.10 18.52 -17.52
N ALA C 169 -65.23 17.83 -17.63
CA ALA C 169 -65.36 16.47 -17.14
C ALA C 169 -66.21 15.62 -18.07
N SER C 170 -65.78 15.49 -19.32
CA SER C 170 -66.48 14.65 -20.28
C SER C 170 -66.04 13.20 -20.13
N ALA C 171 -66.98 12.28 -20.32
CA ALA C 171 -66.71 10.85 -20.16
C ALA C 171 -66.19 10.54 -18.77
N CYS C 172 -66.94 10.97 -17.75
CA CYS C 172 -66.52 10.80 -16.37
C CYS C 172 -67.54 10.04 -15.53
N ASP C 173 -68.44 9.31 -16.20
CA ASP C 173 -69.49 8.55 -15.53
C ASP C 173 -70.37 9.42 -14.64
N VAL C 174 -70.73 10.60 -15.14
CA VAL C 174 -71.63 11.50 -14.44
C VAL C 174 -73.08 11.22 -14.87
N SER C 175 -74.01 11.17 -13.91
CA SER C 175 -75.43 11.09 -14.28
C SER C 175 -76.11 12.37 -13.83
N ASP C 176 -77.44 12.37 -13.81
CA ASP C 176 -78.19 13.57 -13.41
C ASP C 176 -77.85 14.00 -11.98
N ILE C 177 -77.59 13.02 -11.12
CA ILE C 177 -77.28 13.30 -9.71
C ILE C 177 -76.14 14.31 -9.58
N GLY C 178 -75.01 14.01 -10.22
CA GLY C 178 -73.87 14.90 -10.16
C GLY C 178 -74.07 16.17 -10.97
N ALA C 179 -74.70 16.04 -12.12
CA ALA C 179 -74.86 17.18 -13.02
C ALA C 179 -75.76 18.24 -12.39
N ILE C 180 -76.77 17.81 -11.64
CA ILE C 180 -77.66 18.77 -10.99
C ILE C 180 -76.92 19.58 -9.92
N GLU C 181 -76.05 18.91 -9.14
CA GLU C 181 -75.28 19.63 -8.12
C GLU C 181 -74.28 20.61 -8.74
N LEU C 182 -73.78 20.28 -9.93
CA LEU C 182 -72.92 21.22 -10.65
C LEU C 182 -73.73 22.41 -11.10
N ALA C 183 -74.96 22.15 -11.50
CA ALA C 183 -75.85 23.20 -11.98
C ALA C 183 -76.12 24.23 -10.88
N LYS C 184 -76.24 23.74 -9.64
CA LYS C 184 -76.51 24.61 -8.49
C LYS C 184 -75.29 25.43 -8.06
N ASN C 185 -74.12 25.05 -8.58
CA ASN C 185 -72.89 25.80 -8.33
C ASN C 185 -73.04 27.23 -8.83
N ASN C 186 -72.56 28.19 -8.05
CA ASN C 186 -72.71 29.60 -8.41
C ASN C 186 -71.41 30.28 -8.88
N GLN C 187 -70.35 29.50 -9.05
CA GLN C 187 -69.07 30.07 -9.45
C GLN C 187 -68.65 29.71 -10.88
N LEU C 188 -69.02 28.52 -11.34
CA LEU C 188 -68.59 28.04 -12.66
C LEU C 188 -69.08 28.94 -13.81
N THR C 189 -68.17 29.36 -14.68
CA THR C 189 -68.54 30.12 -15.86
C THR C 189 -68.48 29.23 -17.09
N LEU C 190 -67.68 28.18 -17.00
CA LEU C 190 -67.57 27.19 -18.07
C LEU C 190 -67.69 25.79 -17.50
N LEU C 191 -68.56 24.99 -18.10
CA LEU C 191 -68.77 23.62 -17.66
C LEU C 191 -68.94 22.72 -18.87
N ILE C 192 -68.11 21.68 -18.94
CA ILE C 192 -68.16 20.72 -20.03
C ILE C 192 -68.38 19.33 -19.46
N LEU C 193 -69.49 18.71 -19.87
CA LEU C 193 -69.92 17.41 -19.33
C LEU C 193 -70.40 16.47 -20.44
N GLY C 194 -69.66 16.43 -21.54
CA GLY C 194 -70.03 15.60 -22.66
C GLY C 194 -69.82 14.12 -22.41
N LYS C 195 -70.46 13.29 -23.21
CA LYS C 195 -70.28 11.88 -23.15
C LYS C 195 -70.47 11.30 -21.76
N ASN C 196 -71.53 11.70 -21.11
CA ASN C 196 -71.89 11.15 -19.80
C ASN C 196 -73.28 10.50 -19.88
N ALA C 197 -74.01 10.48 -18.77
CA ALA C 197 -75.36 9.89 -18.77
C ALA C 197 -76.41 10.90 -18.28
N ILE C 198 -76.28 12.14 -18.74
CA ILE C 198 -77.15 13.22 -18.31
C ILE C 198 -78.42 13.27 -19.16
N THR C 199 -79.58 13.46 -18.50
CA THR C 199 -80.86 13.47 -19.20
C THR C 199 -81.57 14.81 -19.08
N ASP C 200 -82.81 14.88 -19.56
CA ASP C 200 -83.63 16.10 -19.47
C ASP C 200 -83.84 16.53 -18.02
N LYS C 201 -83.73 15.58 -17.11
CA LYS C 201 -83.95 15.81 -15.69
C LYS C 201 -83.01 16.89 -15.13
N SER C 202 -81.85 17.09 -15.75
CA SER C 202 -80.86 18.06 -15.28
CA SER C 202 -80.90 18.07 -15.24
C SER C 202 -81.06 19.45 -15.88
N THR C 203 -81.78 19.51 -16.98
CA THR C 203 -81.82 20.74 -17.77
C THR C 203 -82.46 21.94 -17.07
N LEU C 204 -83.48 21.70 -16.25
CA LEU C 204 -84.12 22.81 -15.53
C LEU C 204 -83.14 23.49 -14.57
N HIS C 205 -82.27 22.70 -13.96
CA HIS C 205 -81.31 23.25 -13.03
C HIS C 205 -80.26 24.09 -13.74
N PHE C 206 -79.85 23.63 -14.92
CA PHE C 206 -78.97 24.44 -15.76
C PHE C 206 -79.71 25.66 -16.32
N ALA C 207 -80.99 25.55 -16.60
CA ALA C 207 -81.76 26.69 -17.09
C ALA C 207 -81.82 27.78 -16.03
N ASN C 208 -81.91 27.38 -14.77
CA ASN C 208 -81.98 28.33 -13.65
C ASN C 208 -80.60 28.71 -13.11
N ASN C 209 -79.55 28.10 -13.66
CA ASN C 209 -78.19 28.48 -13.28
C ASN C 209 -77.91 29.94 -13.64
N THR C 210 -77.18 30.65 -12.77
CA THR C 210 -76.93 32.07 -12.98
C THR C 210 -75.47 32.43 -13.28
N SER C 211 -74.56 31.46 -13.19
CA SER C 211 -73.14 31.75 -13.36
C SER C 211 -72.55 31.33 -14.72
N LEU C 212 -73.09 30.27 -15.31
CA LEU C 212 -72.53 29.73 -16.54
C LEU C 212 -72.74 30.62 -17.76
N SER C 213 -71.72 30.71 -18.60
CA SER C 213 -71.86 31.30 -19.94
C SER C 213 -71.51 30.28 -21.03
N THR C 214 -70.76 29.25 -20.65
CA THR C 214 -70.46 28.12 -21.54
C THR C 214 -70.91 26.82 -20.88
N LEU C 215 -71.69 26.02 -21.61
CA LEU C 215 -72.17 24.74 -21.11
C LEU C 215 -72.19 23.73 -22.24
N HIS C 216 -71.32 22.73 -22.16
CA HIS C 216 -71.27 21.69 -23.18
C HIS C 216 -71.86 20.39 -22.65
N LEU C 217 -72.93 19.91 -23.29
CA LEU C 217 -73.62 18.70 -22.82
C LEU C 217 -73.79 17.72 -23.97
N GLY C 218 -72.85 17.75 -24.90
CA GLY C 218 -72.90 16.88 -26.07
C GLY C 218 -72.86 15.39 -25.72
N SER C 219 -73.46 14.58 -26.59
CA SER C 219 -73.43 13.13 -26.44
C SER C 219 -73.93 12.62 -25.09
N ASN C 220 -75.03 13.19 -24.61
CA ASN C 220 -75.71 12.65 -23.44
C ASN C 220 -77.06 12.08 -23.85
N GLN C 221 -78.04 12.10 -22.95
CA GLN C 221 -79.36 11.55 -23.28
C GLN C 221 -80.44 12.63 -23.37
N ILE C 222 -80.01 13.87 -23.58
CA ILE C 222 -80.92 15.01 -23.65
C ILE C 222 -81.81 14.94 -24.90
N THR C 223 -83.09 15.24 -24.74
CA THR C 223 -84.04 15.24 -25.84
C THR C 223 -84.39 16.66 -26.25
N ALA C 224 -85.27 16.79 -27.23
CA ALA C 224 -85.75 18.11 -27.67
C ALA C 224 -86.44 18.88 -26.54
N ALA C 225 -87.02 18.16 -25.58
CA ALA C 225 -87.63 18.81 -24.42
C ALA C 225 -86.56 19.46 -23.55
N GLY C 226 -85.48 18.73 -23.30
CA GLY C 226 -84.38 19.27 -22.50
C GLY C 226 -83.70 20.41 -23.21
N LYS C 227 -83.67 20.34 -24.52
CA LYS C 227 -83.08 21.39 -25.30
C LYS C 227 -83.87 22.68 -25.18
N LYS C 228 -85.19 22.56 -25.24
CA LYS C 228 -86.04 23.74 -25.13
C LYS C 228 -85.86 24.42 -23.75
N ILE C 229 -85.76 23.61 -22.70
CA ILE C 229 -85.50 24.12 -21.35
C ILE C 229 -84.15 24.84 -21.26
N LEU C 230 -83.10 24.21 -21.78
CA LEU C 230 -81.77 24.81 -21.77
C LEU C 230 -81.73 26.15 -22.47
N GLU C 231 -82.46 26.25 -23.58
CA GLU C 231 -82.41 27.46 -24.40
C GLU C 231 -83.16 28.64 -23.78
N THR C 232 -83.86 28.41 -22.68
CA THR C 232 -84.48 29.51 -21.94
C THR C 232 -83.43 30.34 -21.19
N ASN C 233 -82.27 29.73 -20.96
CA ASN C 233 -81.16 30.43 -20.30
C ASN C 233 -80.37 31.24 -21.32
N THR C 234 -80.61 32.55 -21.36
CA THR C 234 -79.94 33.40 -22.34
C THR C 234 -78.54 33.83 -21.89
N ARG C 235 -78.15 33.49 -20.67
CA ARG C 235 -76.81 33.80 -20.18
C ARG C 235 -75.77 32.90 -20.84
N ILE C 236 -76.18 31.69 -21.17
CA ILE C 236 -75.27 30.73 -21.80
C ILE C 236 -75.10 31.09 -23.27
N THR C 237 -73.91 31.58 -23.62
CA THR C 237 -73.67 32.03 -24.99
C THR C 237 -73.04 30.93 -25.83
N ASP C 238 -72.52 29.91 -25.16
CA ASP C 238 -71.99 28.74 -25.84
C ASP C 238 -72.63 27.48 -25.28
N LEU C 239 -73.71 27.06 -25.92
CA LEU C 239 -74.40 25.82 -25.56
C LEU C 239 -74.17 24.76 -26.63
N ASP C 240 -73.61 23.62 -26.23
CA ASP C 240 -73.34 22.53 -27.17
C ASP C 240 -74.14 21.27 -26.82
N LEU C 241 -74.95 20.82 -27.78
CA LEU C 241 -75.81 19.65 -27.58
C LEU C 241 -75.60 18.58 -28.64
N ILE C 242 -74.56 18.75 -29.45
CA ILE C 242 -74.26 17.81 -30.52
C ILE C 242 -74.19 16.37 -29.98
N GLY C 243 -74.85 15.45 -30.67
CA GLY C 243 -74.73 14.04 -30.35
C GLY C 243 -75.82 13.54 -29.42
N ASN C 244 -76.68 14.45 -28.99
CA ASN C 244 -77.84 14.09 -28.18
C ASN C 244 -78.99 13.63 -29.06
N PRO C 245 -79.83 12.70 -28.53
CA PRO C 245 -80.99 12.24 -29.28
C PRO C 245 -82.06 13.32 -29.35
N ILE C 246 -81.76 14.41 -30.04
CA ILE C 246 -82.70 15.51 -30.19
C ILE C 246 -83.53 15.33 -31.46
N GLU C 247 -84.85 15.27 -31.32
CA GLU C 247 -85.73 15.08 -32.47
C GLU C 247 -85.83 16.34 -33.31
N ALA D 3 -45.95 -6.80 -52.69
CA ALA D 3 -45.88 -6.11 -51.41
C ALA D 3 -46.48 -4.70 -51.43
N ILE D 4 -47.51 -4.47 -50.62
CA ILE D 4 -47.92 -3.09 -50.33
C ILE D 4 -47.39 -2.73 -48.95
N ALA D 5 -46.47 -1.77 -48.93
CA ALA D 5 -45.81 -1.37 -47.70
C ALA D 5 -46.76 -0.61 -46.79
N PRO D 6 -46.49 -0.63 -45.47
CA PRO D 6 -47.28 0.18 -44.54
C PRO D 6 -47.29 1.67 -44.92
N GLN D 7 -46.27 2.11 -45.66
CA GLN D 7 -46.23 3.49 -46.11
C GLN D 7 -47.29 3.75 -47.17
N GLN D 8 -47.50 2.76 -48.04
CA GLN D 8 -48.52 2.86 -49.08
C GLN D 8 -49.92 2.83 -48.46
N ILE D 9 -50.08 2.01 -47.42
CA ILE D 9 -51.34 1.94 -46.68
C ILE D 9 -51.65 3.28 -46.04
N GLN D 10 -50.60 3.90 -45.50
CA GLN D 10 -50.70 5.22 -44.89
C GLN D 10 -51.09 6.27 -45.94
N GLU D 11 -50.52 6.16 -47.13
CA GLU D 11 -50.81 7.11 -48.22
C GLU D 11 -52.25 6.98 -48.69
N ARG D 12 -52.75 5.75 -48.71
CA ARG D 12 -54.15 5.50 -49.04
C ARG D 12 -55.05 6.21 -48.02
N LEU D 13 -54.64 6.16 -46.76
CA LEU D 13 -55.40 6.77 -45.67
C LEU D 13 -55.27 8.30 -45.65
N LYS D 14 -54.13 8.81 -46.11
CA LYS D 14 -53.95 10.25 -46.22
C LYS D 14 -54.93 10.84 -47.23
N GLN D 15 -55.25 10.06 -48.26
CA GLN D 15 -56.15 10.49 -49.33
C GLN D 15 -57.56 10.81 -48.82
N GLU D 16 -57.88 10.35 -47.62
CA GLU D 16 -59.19 10.55 -47.07
C GLU D 16 -59.32 11.92 -46.41
N GLN D 17 -58.16 12.56 -46.21
CA GLN D 17 -58.08 13.90 -45.58
C GLN D 17 -58.86 13.94 -44.27
N TYR D 18 -58.50 13.05 -43.36
CA TYR D 18 -59.17 12.95 -42.08
C TYR D 18 -59.06 14.23 -41.27
N GLN D 19 -57.98 14.97 -41.47
CA GLN D 19 -57.79 16.23 -40.74
C GLN D 19 -58.78 17.33 -41.19
N LYS D 20 -59.51 17.10 -42.26
CA LYS D 20 -60.50 18.07 -42.75
C LYS D 20 -61.90 17.79 -42.22
N PHE D 21 -62.06 16.68 -41.51
CA PHE D 21 -63.34 16.33 -40.90
C PHE D 21 -63.76 17.38 -39.88
N VAL D 22 -65.06 17.54 -39.70
CA VAL D 22 -65.56 18.16 -38.49
C VAL D 22 -65.50 17.07 -37.42
N VAL D 23 -64.67 17.29 -36.41
CA VAL D 23 -64.61 16.37 -35.28
C VAL D 23 -65.65 16.83 -34.26
N ALA D 24 -66.81 16.17 -34.24
CA ALA D 24 -67.94 16.66 -33.49
C ALA D 24 -67.71 16.71 -31.98
N ASP D 25 -66.85 15.84 -31.46
CA ASP D 25 -66.65 15.83 -30.01
C ASP D 25 -65.46 16.70 -29.57
N ILE D 26 -65.11 17.68 -30.40
CA ILE D 26 -64.20 18.73 -29.95
C ILE D 26 -64.89 19.52 -28.83
N GLY D 27 -66.21 19.62 -28.90
CA GLY D 27 -66.99 20.23 -27.83
C GLY D 27 -66.91 19.47 -26.51
N ASN D 28 -66.73 18.15 -26.60
CA ASN D 28 -66.57 17.34 -25.39
C ASN D 28 -65.13 17.32 -24.87
N PHE D 29 -64.19 17.22 -25.79
CA PHE D 29 -62.79 17.02 -25.42
C PHE D 29 -61.86 18.04 -26.03
N PRO D 30 -62.04 19.33 -25.67
CA PRO D 30 -61.25 20.39 -26.32
C PRO D 30 -59.74 20.20 -26.12
N HIS D 31 -59.33 19.61 -25.01
CA HIS D 31 -57.90 19.49 -24.73
C HIS D 31 -57.23 18.38 -25.53
N CYS D 32 -58.02 17.63 -26.29
CA CYS D 32 -57.48 16.59 -27.15
C CYS D 32 -57.01 17.13 -28.50
N LEU D 33 -57.26 18.42 -28.76
CA LEU D 33 -56.74 19.06 -29.97
C LEU D 33 -55.22 19.07 -29.93
N ALA D 34 -54.59 18.69 -31.04
CA ALA D 34 -53.12 18.66 -31.11
C ALA D 34 -52.55 20.06 -31.26
N GLN D 35 -51.33 20.25 -30.76
CA GLN D 35 -50.64 21.53 -30.86
C GLN D 35 -49.99 21.66 -32.23
N THR D 36 -50.81 21.55 -33.26
CA THR D 36 -50.37 21.60 -34.65
C THR D 36 -51.22 22.61 -35.41
N PRO D 37 -50.77 23.01 -36.61
CA PRO D 37 -51.65 23.81 -37.46
C PRO D 37 -52.94 23.07 -37.81
N GLU D 38 -52.89 21.75 -37.93
CA GLU D 38 -54.08 20.99 -38.28
C GLU D 38 -55.09 21.00 -37.12
N GLY D 39 -54.58 20.87 -35.90
CA GLY D 39 -55.41 20.94 -34.71
C GLY D 39 -56.09 22.30 -34.56
N ILE D 40 -55.34 23.36 -34.81
CA ILE D 40 -55.89 24.71 -34.75
C ILE D 40 -56.99 24.88 -35.79
N ALA D 41 -56.74 24.33 -36.98
CA ALA D 41 -57.71 24.35 -38.07
C ALA D 41 -58.97 23.57 -37.71
N SER D 42 -58.80 22.41 -37.08
CA SER D 42 -59.92 21.56 -36.68
C SER D 42 -60.74 22.22 -35.59
N GLY D 43 -60.07 22.98 -34.71
CA GLY D 43 -60.77 23.78 -33.72
C GLY D 43 -61.66 24.81 -34.35
N GLN D 44 -61.11 25.55 -35.32
CA GLN D 44 -61.86 26.59 -36.02
C GLN D 44 -63.02 26.00 -36.79
N ARG D 45 -62.77 24.88 -37.45
CA ARG D 45 -63.80 24.21 -38.25
C ARG D 45 -64.94 23.74 -37.37
N TYR D 46 -64.62 23.22 -36.19
CA TYR D 46 -65.65 22.81 -35.25
C TYR D 46 -66.51 24.01 -34.85
N GLN D 47 -65.86 25.14 -34.58
CA GLN D 47 -66.57 26.33 -34.13
C GLN D 47 -67.58 26.78 -35.17
N LYS D 48 -67.17 26.78 -36.44
CA LYS D 48 -68.06 27.22 -37.50
C LYS D 48 -69.23 26.24 -37.69
N TYR D 49 -68.93 24.95 -37.57
CA TYR D 49 -69.92 23.89 -37.71
C TYR D 49 -70.99 24.00 -36.63
N SER D 50 -70.54 24.15 -35.38
CA SER D 50 -71.44 24.13 -34.24
C SER D 50 -72.32 25.38 -34.20
N THR D 51 -71.95 26.42 -34.94
CA THR D 51 -72.76 27.63 -35.01
C THR D 51 -73.45 27.75 -36.36
N ASN D 52 -73.45 26.66 -37.12
CA ASN D 52 -74.13 26.62 -38.42
C ASN D 52 -75.41 25.80 -38.30
N SER D 53 -76.51 26.32 -38.83
CA SER D 53 -77.80 25.67 -38.69
C SER D 53 -77.85 24.30 -39.39
N LEU D 54 -77.05 24.13 -40.43
CA LEU D 54 -77.10 22.88 -41.19
C LEU D 54 -76.56 21.70 -40.37
N SER D 55 -75.88 21.99 -39.28
CA SER D 55 -75.35 20.94 -38.41
C SER D 55 -76.45 20.25 -37.61
N ARG D 56 -77.64 20.83 -37.63
CA ARG D 56 -78.77 20.23 -36.91
C ARG D 56 -79.73 19.59 -37.89
N THR D 57 -79.20 19.29 -39.08
CA THR D 57 -79.97 18.63 -40.13
C THR D 57 -79.33 17.29 -40.46
N PRO D 58 -80.17 16.30 -40.84
CA PRO D 58 -79.65 15.00 -41.27
C PRO D 58 -78.89 15.12 -42.58
N PRO D 59 -77.86 14.28 -42.78
CA PRO D 59 -77.42 13.25 -41.83
C PRO D 59 -76.36 13.76 -40.85
N PHE D 60 -76.09 15.06 -40.88
CA PHE D 60 -75.03 15.62 -40.05
C PHE D 60 -75.36 15.50 -38.56
N SER D 61 -76.62 15.72 -38.21
CA SER D 61 -77.05 15.64 -36.82
C SER D 61 -76.75 14.27 -36.22
N GLN D 62 -76.99 13.20 -36.97
CA GLN D 62 -76.76 11.86 -36.45
C GLN D 62 -75.32 11.41 -36.66
N TRP D 63 -74.60 12.07 -37.58
CA TRP D 63 -73.18 11.79 -37.77
C TRP D 63 -72.34 12.22 -36.57
N GLY D 64 -72.85 13.20 -35.83
CA GLY D 64 -72.16 13.69 -34.64
C GLY D 64 -72.48 12.87 -33.41
N ALA D 65 -73.38 11.89 -33.57
CA ALA D 65 -73.86 11.09 -32.45
C ALA D 65 -73.08 9.78 -32.32
N PRO D 66 -72.78 9.37 -31.08
CA PRO D 66 -72.05 8.13 -30.79
C PRO D 66 -72.77 6.91 -31.33
N GLN D 67 -72.06 6.06 -32.05
CA GLN D 67 -72.64 4.82 -32.55
C GLN D 67 -72.28 3.70 -31.58
N LEU D 68 -73.26 3.32 -30.77
CA LEU D 68 -73.06 2.30 -29.72
C LEU D 68 -72.67 0.94 -30.28
N LEU D 69 -73.48 0.44 -31.21
CA LEU D 69 -73.24 -0.87 -31.80
C LEU D 69 -72.10 -0.82 -32.81
N THR D 70 -71.10 -1.67 -32.61
CA THR D 70 -70.01 -1.83 -33.56
C THR D 70 -70.45 -2.77 -34.69
N PRO D 71 -70.32 -2.34 -35.95
CA PRO D 71 -70.76 -3.16 -37.08
C PRO D 71 -70.09 -4.53 -37.12
N LYS D 72 -70.83 -5.57 -37.47
CA LYS D 72 -70.33 -6.93 -37.39
C LYS D 72 -70.02 -7.55 -38.76
N SER D 73 -70.23 -6.80 -39.84
CA SER D 73 -69.94 -7.30 -41.17
C SER D 73 -69.11 -6.29 -41.96
N ALA D 74 -68.22 -6.79 -42.81
CA ALA D 74 -67.31 -5.91 -43.55
C ALA D 74 -68.04 -4.89 -44.42
N GLN D 75 -69.14 -5.31 -45.05
CA GLN D 75 -69.87 -4.42 -45.96
C GLN D 75 -70.34 -3.15 -45.24
N GLU D 76 -70.84 -3.33 -44.02
CA GLU D 76 -71.29 -2.21 -43.18
C GLU D 76 -70.19 -1.16 -42.98
N TYR D 77 -68.95 -1.61 -42.89
CA TYR D 77 -67.85 -0.66 -42.73
C TYR D 77 -67.61 0.07 -44.04
N ILE D 78 -67.70 -0.67 -45.15
CA ILE D 78 -67.48 -0.09 -46.46
C ILE D 78 -68.59 0.93 -46.73
N LYS D 79 -69.81 0.57 -46.39
CA LYS D 79 -70.96 1.47 -46.52
C LYS D 79 -70.80 2.72 -45.66
N PHE D 80 -70.23 2.54 -44.48
CA PHE D 80 -69.97 3.67 -43.58
C PHE D 80 -69.08 4.71 -44.26
N ALA D 81 -67.96 4.26 -44.82
CA ALA D 81 -67.03 5.18 -45.49
C ALA D 81 -67.66 5.78 -46.76
N GLN D 82 -68.48 4.99 -47.43
CA GLN D 82 -69.17 5.43 -48.64
C GLN D 82 -70.13 6.58 -48.32
N GLN D 83 -70.91 6.42 -47.26
CA GLN D 83 -71.89 7.44 -46.90
C GLN D 83 -71.24 8.73 -46.41
N ARG D 84 -70.20 8.60 -45.58
CA ARG D 84 -69.51 9.77 -45.03
C ARG D 84 -68.86 10.60 -46.12
N ASN D 85 -68.39 9.93 -47.17
CA ASN D 85 -67.71 10.62 -48.26
C ASN D 85 -68.66 11.16 -49.33
N LYS D 86 -69.92 10.75 -49.27
CA LYS D 86 -70.90 11.09 -50.32
C LYS D 86 -71.14 12.60 -50.40
N LYS D 87 -71.33 13.09 -51.62
CA LYS D 87 -71.43 14.53 -51.86
C LYS D 87 -72.69 15.12 -51.23
N SER D 88 -72.59 16.35 -50.74
CA SER D 88 -73.73 17.07 -50.17
C SER D 88 -73.60 18.56 -50.44
N SER D 89 -74.61 19.32 -50.04
CA SER D 89 -74.65 20.76 -50.29
C SER D 89 -74.09 21.57 -49.11
N PHE D 90 -74.17 21.00 -47.91
CA PHE D 90 -73.63 21.67 -46.73
C PHE D 90 -72.12 21.90 -46.89
N LYS D 91 -71.74 23.17 -46.97
CA LYS D 91 -70.33 23.52 -47.07
C LYS D 91 -69.95 24.58 -46.04
N ILE D 92 -68.79 24.39 -45.42
CA ILE D 92 -68.22 25.40 -44.52
C ILE D 92 -67.16 26.20 -45.26
N ASP D 93 -67.48 27.46 -45.57
CA ASP D 93 -66.60 28.32 -46.36
C ASP D 93 -66.25 27.67 -47.69
N GLY D 94 -67.26 27.10 -48.35
CA GLY D 94 -67.07 26.49 -49.65
C GLY D 94 -66.45 25.10 -49.62
N GLU D 95 -66.26 24.56 -48.42
CA GLU D 95 -65.67 23.23 -48.32
C GLU D 95 -66.66 22.22 -47.74
N ALA D 96 -66.68 21.04 -48.34
CA ALA D 96 -67.60 19.97 -47.97
C ALA D 96 -67.50 19.63 -46.49
N VAL D 97 -68.63 19.17 -45.94
CA VAL D 97 -68.68 18.83 -44.53
C VAL D 97 -68.77 17.32 -44.32
N ARG D 98 -67.78 16.77 -43.66
CA ARG D 98 -67.81 15.39 -43.22
C ARG D 98 -67.61 15.40 -41.72
N VAL D 99 -68.44 14.64 -41.01
CA VAL D 99 -68.45 14.66 -39.55
C VAL D 99 -68.27 13.27 -38.96
N SER D 100 -67.44 13.16 -37.94
CA SER D 100 -67.43 11.96 -37.13
C SER D 100 -66.92 12.30 -35.74
N GLU D 101 -66.89 11.29 -34.88
CA GLU D 101 -66.43 11.37 -33.50
C GLU D 101 -65.60 10.16 -33.02
N CYS D 102 -65.14 10.19 -31.78
CA CYS D 102 -64.17 9.19 -31.33
C CYS D 102 -64.74 7.78 -31.27
N SER D 103 -66.06 7.66 -31.37
CA SER D 103 -66.66 6.33 -31.36
C SER D 103 -66.69 5.73 -32.76
N ASN D 104 -66.98 6.54 -33.77
CA ASN D 104 -67.28 5.97 -35.07
C ASN D 104 -66.27 6.28 -36.16
N PHE D 105 -65.34 7.18 -35.91
CA PHE D 105 -64.36 7.56 -36.90
C PHE D 105 -63.57 6.37 -37.39
N ALA D 106 -63.27 5.48 -36.47
CA ALA D 106 -62.51 4.28 -36.77
C ALA D 106 -63.22 3.37 -37.79
N TYR D 107 -64.55 3.46 -37.84
CA TYR D 107 -65.34 2.64 -38.78
C TYR D 107 -65.03 3.04 -40.20
N HIS D 108 -64.83 4.34 -40.41
CA HIS D 108 -64.49 4.86 -41.74
C HIS D 108 -63.22 4.19 -42.28
N SER D 109 -62.14 4.23 -41.48
CA SER D 109 -60.87 3.65 -41.92
CA SER D 109 -60.88 3.65 -41.92
C SER D 109 -60.97 2.14 -42.13
N ALA D 110 -61.76 1.47 -41.29
CA ALA D 110 -61.94 0.03 -41.43
C ALA D 110 -62.55 -0.29 -42.80
N GLY D 111 -63.52 0.51 -43.21
CA GLY D 111 -64.14 0.34 -44.52
C GLY D 111 -63.15 0.55 -45.64
N VAL D 112 -62.37 1.63 -45.55
CA VAL D 112 -61.36 1.93 -46.55
C VAL D 112 -60.38 0.78 -46.74
N LEU D 113 -59.89 0.25 -45.62
CA LEU D 113 -58.92 -0.85 -45.65
C LEU D 113 -59.54 -2.17 -46.13
N LEU D 114 -60.74 -2.48 -45.64
CA LEU D 114 -61.46 -3.68 -46.04
C LEU D 114 -61.84 -3.65 -47.52
N ASP D 115 -61.95 -2.45 -48.06
CA ASP D 115 -62.29 -2.28 -49.47
C ASP D 115 -61.13 -2.63 -50.39
N ASP D 116 -59.91 -2.63 -49.86
CA ASP D 116 -58.70 -2.83 -50.66
C ASP D 116 -58.31 -4.31 -50.76
N PRO D 117 -58.12 -4.79 -52.00
CA PRO D 117 -57.77 -6.18 -52.32
C PRO D 117 -56.42 -6.62 -51.78
N GLN D 118 -55.37 -5.84 -52.03
CA GLN D 118 -54.04 -6.15 -51.53
C GLN D 118 -54.01 -6.19 -49.99
N ILE D 119 -54.81 -5.34 -49.37
CA ILE D 119 -54.77 -5.25 -47.92
C ILE D 119 -55.42 -6.48 -47.29
N ARG D 120 -56.48 -6.97 -47.90
CA ARG D 120 -57.14 -8.19 -47.44
C ARG D 120 -56.22 -9.42 -47.50
N THR D 121 -55.34 -9.46 -48.51
CA THR D 121 -54.40 -10.55 -48.64
C THR D 121 -53.33 -10.49 -47.56
N GLN D 122 -52.90 -9.28 -47.21
CA GLN D 122 -51.79 -9.12 -46.28
C GLN D 122 -52.23 -8.96 -44.84
N TYR D 123 -53.41 -8.39 -44.63
CA TYR D 123 -53.85 -8.10 -43.26
C TYR D 123 -55.27 -8.54 -42.96
N ASP D 124 -55.50 -8.92 -41.70
CA ASP D 124 -56.84 -9.01 -41.15
C ASP D 124 -57.17 -7.64 -40.56
N VAL D 125 -58.43 -7.25 -40.58
CA VAL D 125 -58.80 -5.96 -40.03
C VAL D 125 -59.56 -6.16 -38.72
N ALA D 126 -59.22 -5.36 -37.72
CA ALA D 126 -59.95 -5.39 -36.45
C ALA D 126 -60.36 -3.99 -36.04
N VAL D 127 -61.45 -3.90 -35.30
CA VAL D 127 -61.89 -2.66 -34.70
C VAL D 127 -62.00 -2.92 -33.21
N ILE D 128 -61.30 -2.12 -32.41
CA ILE D 128 -61.25 -2.33 -30.98
C ILE D 128 -61.72 -1.11 -30.19
N GLY D 129 -62.21 -1.34 -28.99
CA GLY D 129 -62.47 -0.27 -28.04
C GLY D 129 -61.24 -0.09 -27.16
N SER D 130 -60.72 1.13 -27.14
CA SER D 130 -59.51 1.43 -26.39
C SER D 130 -59.81 2.52 -25.37
N MSE D 131 -58.76 3.03 -24.72
CA MSE D 131 -58.90 4.04 -23.68
C MSE D 131 -59.88 3.58 -22.60
O MSE D 131 -60.94 4.17 -22.39
CB MSE D 131 -59.34 5.39 -24.27
CG MSE D 131 -59.05 6.57 -23.37
SE MSE D 131 -59.45 8.26 -24.22
CE MSE D 131 -58.31 8.11 -25.80
N HIS D 132 -59.52 2.49 -21.96
CA HIS D 132 -60.35 1.85 -20.95
C HIS D 132 -60.47 2.68 -19.67
N SER D 133 -61.70 2.85 -19.21
CA SER D 133 -61.96 3.57 -17.97
C SER D 133 -63.15 2.94 -17.24
N ASN D 134 -62.86 2.24 -16.15
CA ASN D 134 -63.89 1.66 -15.29
C ASN D 134 -64.95 0.88 -16.07
N GLY D 135 -64.51 -0.05 -16.92
CA GLY D 135 -65.44 -0.90 -17.64
C GLY D 135 -65.90 -0.40 -18.99
N ARG D 136 -65.67 0.89 -19.26
CA ARG D 136 -66.00 1.49 -20.56
C ARG D 136 -64.76 1.66 -21.43
N TYR D 137 -64.94 1.53 -22.75
CA TYR D 137 -63.85 1.76 -23.71
C TYR D 137 -64.17 2.98 -24.57
N LEU D 138 -63.55 4.10 -24.22
CA LEU D 138 -64.00 5.41 -24.68
C LEU D 138 -63.44 5.83 -26.04
N HIS D 139 -62.66 4.97 -26.68
CA HIS D 139 -62.00 5.32 -27.93
C HIS D 139 -61.91 4.12 -28.87
N ASN D 140 -62.55 4.21 -30.03
CA ASN D 140 -62.48 3.11 -30.97
C ASN D 140 -61.32 3.33 -31.95
N ILE D 141 -60.64 2.24 -32.28
CA ILE D 141 -59.44 2.25 -33.10
C ILE D 141 -59.46 1.08 -34.05
N THR D 142 -58.94 1.25 -35.26
CA THR D 142 -58.85 0.16 -36.22
C THR D 142 -57.43 -0.41 -36.26
N LEU D 143 -57.32 -1.72 -36.36
CA LEU D 143 -56.02 -2.38 -36.42
C LEU D 143 -55.83 -3.12 -37.73
N LEU D 144 -54.60 -3.12 -38.22
CA LEU D 144 -54.20 -4.01 -39.30
C LEU D 144 -53.37 -5.14 -38.69
N VAL D 145 -53.96 -6.32 -38.59
CA VAL D 145 -53.30 -7.47 -37.98
C VAL D 145 -52.83 -8.45 -39.06
N PRO D 146 -51.52 -8.75 -39.07
CA PRO D 146 -50.98 -9.70 -40.07
C PRO D 146 -51.63 -11.07 -40.00
N LYS D 147 -51.70 -11.75 -41.11
CA LYS D 147 -52.52 -12.91 -41.21
C LYS D 147 -52.11 -14.00 -40.31
N GLY D 148 -53.14 -14.75 -39.97
CA GLY D 148 -53.05 -15.91 -39.13
C GLY D 148 -53.08 -15.68 -37.63
N SER D 149 -53.24 -14.42 -37.20
CA SER D 149 -53.38 -14.10 -35.79
C SER D 149 -54.82 -14.18 -35.44
N ARG D 150 -55.10 -14.45 -34.20
CA ARG D 150 -56.47 -14.38 -33.73
C ARG D 150 -56.52 -13.67 -32.38
N LEU D 151 -57.36 -12.63 -32.29
CA LEU D 151 -57.41 -11.80 -31.10
C LEU D 151 -58.39 -12.35 -30.08
N PRO D 152 -58.15 -12.11 -28.79
CA PRO D 152 -59.07 -12.54 -27.74
C PRO D 152 -60.44 -11.90 -27.95
N GLN D 153 -61.51 -12.64 -27.69
CA GLN D 153 -62.86 -12.12 -27.85
C GLN D 153 -63.44 -11.77 -26.48
N PRO D 154 -64.37 -10.80 -26.44
CA PRO D 154 -65.01 -10.43 -25.17
C PRO D 154 -65.63 -11.64 -24.46
N PRO D 155 -65.61 -11.65 -23.11
CA PRO D 155 -65.15 -10.56 -22.25
C PRO D 155 -63.64 -10.49 -22.06
N GLN D 156 -62.88 -11.30 -22.78
CA GLN D 156 -61.43 -11.22 -22.69
C GLN D 156 -60.92 -9.91 -23.27
N GLN D 157 -59.87 -9.36 -22.66
CA GLN D 157 -59.30 -8.11 -23.11
C GLN D 157 -58.10 -8.32 -24.01
N LEU D 158 -57.86 -7.36 -24.90
CA LEU D 158 -56.64 -7.30 -25.69
C LEU D 158 -55.56 -6.54 -24.92
N THR D 159 -54.43 -7.19 -24.66
CA THR D 159 -53.32 -6.57 -23.95
C THR D 159 -52.03 -6.73 -24.75
N ALA D 160 -50.92 -6.23 -24.21
CA ALA D 160 -49.64 -6.27 -24.92
C ALA D 160 -49.22 -7.68 -25.28
N GLU D 161 -49.50 -8.64 -24.41
CA GLU D 161 -49.04 -10.01 -24.60
C GLU D 161 -49.74 -10.71 -25.77
N VAL D 162 -51.01 -10.42 -25.96
CA VAL D 162 -51.77 -11.05 -27.04
C VAL D 162 -51.89 -10.15 -28.26
N PHE D 163 -51.02 -9.14 -28.32
CA PHE D 163 -51.02 -8.15 -29.40
C PHE D 163 -49.98 -8.54 -30.43
N PRO D 164 -50.43 -8.99 -31.60
CA PRO D 164 -49.51 -9.57 -32.59
C PRO D 164 -48.46 -8.57 -33.08
N ILE D 165 -47.21 -9.03 -33.13
CA ILE D 165 -46.11 -8.26 -33.70
C ILE D 165 -46.42 -7.90 -35.14
N GLY D 166 -46.14 -6.66 -35.53
CA GLY D 166 -46.42 -6.22 -36.89
C GLY D 166 -47.79 -5.58 -37.05
N THR D 167 -48.59 -5.59 -36.00
CA THR D 167 -49.90 -4.93 -36.04
C THR D 167 -49.74 -3.42 -36.23
N LEU D 168 -50.54 -2.85 -37.11
CA LEU D 168 -50.53 -1.41 -37.38
C LEU D 168 -51.78 -0.74 -36.83
N ILE D 169 -51.59 0.43 -36.22
CA ILE D 169 -52.68 1.20 -35.64
C ILE D 169 -53.26 2.16 -36.66
N VAL D 170 -54.58 2.17 -36.82
CA VAL D 170 -55.25 3.20 -37.62
C VAL D 170 -56.28 3.97 -36.78
N ASP D 171 -56.02 5.25 -36.57
CA ASP D 171 -56.83 6.09 -35.70
C ASP D 171 -57.08 7.45 -36.37
N PRO D 172 -58.07 7.51 -37.27
CA PRO D 172 -58.37 8.76 -37.97
C PRO D 172 -58.87 9.87 -37.04
N TRP D 173 -59.36 9.52 -35.86
CA TRP D 173 -59.81 10.53 -34.91
C TRP D 173 -58.64 11.39 -34.47
N ALA D 174 -57.52 10.74 -34.16
CA ALA D 174 -56.29 11.45 -33.81
C ALA D 174 -55.89 12.39 -34.94
N VAL D 175 -56.16 11.99 -36.18
CA VAL D 175 -55.84 12.82 -37.35
C VAL D 175 -56.79 14.00 -37.43
N GLY D 176 -58.07 13.75 -37.17
CA GLY D 176 -59.05 14.82 -37.12
C GLY D 176 -58.67 15.83 -36.06
N MSE D 177 -58.16 15.33 -34.93
CA MSE D 177 -57.73 16.17 -33.82
C MSE D 177 -56.43 16.92 -34.12
O MSE D 177 -56.04 17.82 -33.38
CB MSE D 177 -57.58 15.34 -32.55
CG MSE D 177 -58.89 14.96 -31.89
SE MSE D 177 -59.92 16.55 -31.40
CE MSE D 177 -61.32 15.70 -30.33
N GLY D 178 -55.74 16.53 -35.19
CA GLY D 178 -54.61 17.31 -35.65
C GLY D 178 -53.26 16.65 -35.62
N HIS D 179 -53.20 15.40 -35.19
CA HIS D 179 -51.95 14.64 -35.19
C HIS D 179 -51.58 14.23 -36.62
N PRO D 180 -50.29 14.32 -36.98
CA PRO D 180 -49.85 13.95 -38.33
C PRO D 180 -50.01 12.45 -38.57
N PRO D 181 -50.01 12.02 -39.84
CA PRO D 181 -50.14 10.60 -40.19
C PRO D 181 -49.12 9.69 -39.50
N GLU D 182 -47.92 10.22 -39.24
CA GLU D 182 -46.86 9.43 -38.64
C GLU D 182 -47.19 9.01 -37.21
N GLN D 183 -48.19 9.66 -36.62
CA GLN D 183 -48.58 9.32 -35.24
C GLN D 183 -49.95 8.65 -35.16
N ALA D 184 -50.54 8.30 -36.30
CA ALA D 184 -51.91 7.79 -36.26
C ALA D 184 -52.35 6.89 -37.42
N LEU D 185 -51.71 6.99 -38.59
CA LEU D 185 -52.21 6.28 -39.76
C LEU D 185 -51.29 5.14 -40.20
N ALA D 186 -51.72 3.91 -39.93
CA ALA D 186 -50.99 2.68 -40.29
C ALA D 186 -49.58 2.67 -39.73
N ILE D 187 -49.47 2.73 -38.40
CA ILE D 187 -48.18 2.81 -37.72
C ILE D 187 -48.07 1.83 -36.54
N PRO D 188 -46.83 1.50 -36.15
CA PRO D 188 -46.64 0.66 -34.96
C PRO D 188 -47.08 1.38 -33.68
N LYS D 189 -47.46 0.63 -32.65
CA LYS D 189 -47.96 1.24 -31.43
C LYS D 189 -46.95 2.18 -30.78
N GLU D 190 -45.66 1.94 -31.00
CA GLU D 190 -44.60 2.78 -30.43
C GLU D 190 -44.66 4.23 -30.90
N GLN D 191 -45.28 4.46 -32.05
CA GLN D 191 -45.35 5.81 -32.61
C GLN D 191 -46.76 6.39 -32.52
N PHE D 192 -47.67 5.59 -31.97
CA PHE D 192 -49.09 5.96 -31.84
C PHE D 192 -49.31 7.09 -30.82
N ALA D 193 -50.01 8.14 -31.24
CA ALA D 193 -50.29 9.29 -30.38
C ALA D 193 -51.00 8.91 -29.08
N TYR D 194 -51.81 7.86 -29.12
CA TYR D 194 -52.50 7.45 -27.90
C TYR D 194 -52.02 6.10 -27.38
N ASN D 195 -50.73 5.83 -27.58
CA ASN D 195 -50.12 4.60 -27.08
C ASN D 195 -50.30 4.44 -25.57
N ARG D 196 -50.31 5.54 -24.84
CA ARG D 196 -50.44 5.50 -23.38
C ARG D 196 -51.82 5.05 -22.90
N SER D 197 -52.79 4.95 -23.80
CA SER D 197 -54.14 4.52 -23.41
C SER D 197 -54.59 3.32 -24.22
N LEU D 198 -53.68 2.71 -24.96
CA LEU D 198 -54.03 1.66 -25.90
C LEU D 198 -54.59 0.41 -25.22
N PHE D 199 -53.86 -0.11 -24.24
CA PHE D 199 -54.29 -1.30 -23.49
C PHE D 199 -54.77 -0.93 -22.09
N PRO D 200 -55.77 -1.66 -21.55
CA PRO D 200 -56.43 -2.80 -22.18
C PRO D 200 -57.48 -2.37 -23.20
N ALA D 201 -57.79 -3.27 -24.13
CA ALA D 201 -58.78 -2.99 -25.16
C ALA D 201 -59.73 -4.16 -25.29
N THR D 202 -60.87 -3.92 -25.93
CA THR D 202 -61.79 -4.99 -26.24
C THR D 202 -61.99 -5.06 -27.75
N VAL D 203 -61.96 -6.27 -28.30
CA VAL D 203 -62.03 -6.44 -29.75
C VAL D 203 -63.48 -6.69 -30.21
N ASN D 204 -64.10 -5.67 -30.78
CA ASN D 204 -65.52 -5.75 -31.12
C ASN D 204 -65.78 -6.28 -32.53
N TYR D 205 -64.79 -6.19 -33.40
CA TYR D 205 -64.90 -6.75 -34.74
C TYR D 205 -63.58 -7.32 -35.20
N GLN D 206 -63.62 -8.54 -35.74
CA GLN D 206 -62.48 -9.14 -36.43
C GLN D 206 -62.92 -9.68 -37.79
N SER D 207 -62.28 -9.22 -38.86
CA SER D 207 -62.62 -9.69 -40.19
C SER D 207 -62.31 -11.18 -40.33
N ALA D 208 -61.36 -11.66 -39.54
CA ALA D 208 -60.99 -13.07 -39.54
C ALA D 208 -62.14 -13.96 -39.07
N LEU D 209 -63.04 -13.38 -38.29
CA LEU D 209 -64.19 -14.12 -37.78
C LEU D 209 -65.47 -13.75 -38.52
N ASP D 210 -65.34 -12.93 -39.56
CA ASP D 210 -66.49 -12.46 -40.31
C ASP D 210 -66.72 -13.34 -41.54
N GLU D 211 -67.80 -14.13 -41.50
CA GLU D 211 -68.12 -15.07 -42.56
C GLU D 211 -68.43 -14.37 -43.89
N SER D 212 -68.89 -13.13 -43.79
CA SER D 212 -69.34 -12.38 -44.96
C SER D 212 -68.19 -11.76 -45.74
N LEU D 213 -66.98 -11.89 -45.21
CA LEU D 213 -65.82 -11.19 -45.74
C LEU D 213 -65.50 -11.60 -47.18
N THR D 214 -65.33 -12.91 -47.39
CA THR D 214 -64.97 -13.43 -48.69
C THR D 214 -65.99 -13.06 -49.79
N SER D 215 -67.24 -12.90 -49.41
CA SER D 215 -68.28 -12.51 -50.37
C SER D 215 -68.40 -11.00 -50.47
N THR D 216 -67.77 -10.27 -49.55
CA THR D 216 -67.81 -8.82 -49.58
C THR D 216 -66.94 -8.29 -50.71
N ARG D 217 -67.54 -7.51 -51.59
CA ARG D 217 -66.87 -6.98 -52.77
C ARG D 217 -65.79 -5.97 -52.41
N THR D 218 -64.79 -5.84 -53.27
CA THR D 218 -63.74 -4.85 -53.09
C THR D 218 -63.80 -3.79 -54.20
N GLY D 219 -63.03 -2.72 -54.04
CA GLY D 219 -63.02 -1.65 -55.03
C GLY D 219 -64.28 -0.81 -55.04
N GLN D 220 -65.04 -0.87 -53.95
CA GLN D 220 -66.29 -0.11 -53.88
C GLN D 220 -66.02 1.38 -53.67
N LEU D 221 -64.89 1.68 -53.06
CA LEU D 221 -64.60 3.04 -52.63
C LEU D 221 -63.58 3.74 -53.53
N THR D 222 -63.86 4.99 -53.83
CA THR D 222 -62.92 5.87 -54.51
C THR D 222 -62.24 6.73 -53.45
N PRO D 223 -60.91 6.92 -53.55
CA PRO D 223 -60.21 7.81 -52.62
C PRO D 223 -60.79 9.23 -52.66
N TYR D 224 -60.91 9.87 -51.49
CA TYR D 224 -61.53 11.19 -51.39
C TYR D 224 -60.77 12.27 -52.17
N THR D 225 -59.45 12.16 -52.18
CA THR D 225 -58.59 13.06 -52.97
C THR D 225 -57.46 12.27 -53.63
N GLY D 226 -56.70 12.94 -54.49
CA GLY D 226 -55.48 12.36 -55.05
C GLY D 226 -55.67 11.37 -56.18
N THR D 227 -56.88 11.26 -56.69
CA THR D 227 -57.17 10.37 -57.80
C THR D 227 -57.86 11.14 -58.93
N PRO D 228 -57.70 10.65 -60.19
CA PRO D 228 -58.47 11.19 -61.31
C PRO D 228 -59.95 11.28 -60.96
N SER D 229 -60.54 10.16 -60.60
CA SER D 229 -61.83 10.08 -59.91
C SER D 229 -62.19 8.62 -59.65
N GLY E 1 13.31 28.21 20.70
CA GLY E 1 12.84 26.86 21.05
C GLY E 1 12.40 26.74 22.50
N MET E 2 12.94 25.76 23.21
CA MET E 2 12.59 25.50 24.59
CA MET E 2 12.58 25.52 24.59
C MET E 2 13.50 26.24 25.57
N VAL E 3 14.64 26.72 25.09
CA VAL E 3 15.57 27.39 25.98
C VAL E 3 15.79 28.86 25.59
N LEU E 4 16.07 29.10 24.32
CA LEU E 4 16.35 30.45 23.84
C LEU E 4 15.14 31.36 24.04
N THR E 5 15.37 32.54 24.62
CA THR E 5 14.29 33.50 24.85
C THR E 5 14.54 34.79 24.08
N LEU E 6 13.48 35.57 23.87
CA LEU E 6 13.61 36.89 23.27
C LEU E 6 14.56 37.79 24.06
N SER E 7 14.54 37.64 25.38
CA SER E 7 15.44 38.38 26.25
C SER E 7 16.90 38.07 25.94
N ASP E 8 17.22 36.80 25.74
CA ASP E 8 18.56 36.39 25.36
C ASP E 8 18.99 37.06 24.06
N LEU E 9 18.08 37.04 23.08
CA LEU E 9 18.36 37.60 21.77
C LEU E 9 18.60 39.10 21.86
N GLU E 10 17.74 39.81 22.58
CA GLU E 10 17.83 41.25 22.66
C GLU E 10 19.06 41.64 23.46
N LYS E 11 19.37 40.87 24.51
CA LYS E 11 20.53 41.19 25.34
C LYS E 11 21.85 40.90 24.62
N GLY E 12 21.87 39.87 23.77
CA GLY E 12 23.09 39.51 23.06
C GLY E 12 23.28 40.28 21.77
N TYR E 13 22.30 41.11 21.43
CA TYR E 13 22.32 41.87 20.19
C TYR E 13 23.03 43.20 20.35
N ASP E 14 24.15 43.34 19.64
CA ASP E 14 24.87 44.61 19.56
C ASP E 14 24.62 45.23 18.18
N LYS E 15 23.67 46.16 18.13
CA LYS E 15 23.22 46.77 16.89
C LYS E 15 24.34 47.43 16.08
N ASN E 16 25.12 48.28 16.74
CA ASN E 16 26.17 49.03 16.05
C ASN E 16 27.42 48.19 15.73
N LEU E 17 27.46 46.96 16.20
CA LEU E 17 28.56 46.06 15.86
C LEU E 17 28.11 44.94 14.92
N ASN E 18 26.80 44.89 14.64
CA ASN E 18 26.21 43.86 13.81
C ASN E 18 26.55 42.45 14.30
N GLN E 19 26.51 42.28 15.63
CA GLN E 19 26.95 41.06 16.30
C GLN E 19 25.86 40.48 17.21
N LEU E 20 25.66 39.17 17.17
CA LEU E 20 24.74 38.52 18.12
C LEU E 20 25.50 37.49 18.97
N SER E 21 25.44 37.67 20.29
CA SER E 21 26.16 36.78 21.21
C SER E 21 25.21 35.97 22.07
N LEU E 22 25.31 34.65 21.98
CA LEU E 22 24.44 33.73 22.70
C LEU E 22 25.22 32.58 23.31
N SER E 23 26.37 32.88 23.90
CA SER E 23 27.22 31.83 24.46
C SER E 23 26.79 31.45 25.87
N PHE E 24 27.05 30.19 26.24
CA PHE E 24 26.78 29.69 27.59
C PHE E 24 25.30 29.75 27.98
N LEU E 25 24.43 29.34 27.05
CA LEU E 25 23.00 29.36 27.32
C LEU E 25 22.37 27.97 27.25
N ASN E 26 23.21 26.94 27.15
CA ASN E 26 22.73 25.57 26.97
C ASN E 26 21.70 25.47 25.84
N LEU E 27 22.00 26.11 24.71
CA LEU E 27 21.09 26.06 23.58
C LEU E 27 21.11 24.68 22.95
N ARG E 28 19.97 24.26 22.43
CA ARG E 28 19.84 22.96 21.79
C ARG E 28 19.47 23.16 20.34
N ASP E 29 19.43 22.06 19.59
CA ASP E 29 19.08 22.10 18.17
C ASP E 29 17.73 22.77 17.90
N ASN E 30 16.74 22.53 18.76
CA ASN E 30 15.42 23.09 18.46
C ASN E 30 15.31 24.59 18.80
N ASP E 31 16.39 25.18 19.28
CA ASP E 31 16.43 26.63 19.49
C ASP E 31 16.88 27.38 18.23
N ILE E 32 17.38 26.64 17.25
CA ILE E 32 17.94 27.24 16.04
C ILE E 32 16.91 27.95 15.16
N PRO E 33 15.70 27.37 15.00
CA PRO E 33 14.73 28.10 14.15
C PRO E 33 14.38 29.50 14.68
N LEU E 34 14.19 29.66 15.98
CA LEU E 34 13.96 31.00 16.53
C LEU E 34 15.16 31.92 16.30
N LEU E 35 16.34 31.36 16.47
CA LEU E 35 17.57 32.10 16.20
C LEU E 35 17.59 32.63 14.78
N CYS E 36 17.26 31.76 13.82
CA CYS E 36 17.29 32.13 12.42
C CYS E 36 16.26 33.19 12.08
N GLU E 37 15.06 33.07 12.63
CA GLU E 37 14.03 34.07 12.40
C GLU E 37 14.47 35.45 12.88
N PHE E 38 15.05 35.51 14.08
CA PHE E 38 15.57 36.77 14.62
C PHE E 38 16.64 37.38 13.72
N LEU E 39 17.55 36.56 13.23
CA LEU E 39 18.62 37.01 12.36
C LEU E 39 18.07 37.52 11.03
N GLN E 40 17.06 36.82 10.51
CA GLN E 40 16.37 37.23 9.29
C GLN E 40 15.66 38.57 9.50
N ASN E 41 15.18 38.79 10.72
CA ASN E 41 14.57 40.08 11.06
C ASN E 41 15.58 41.20 11.20
N HIS E 42 16.84 40.84 11.43
CA HIS E 42 17.90 41.82 11.55
C HIS E 42 19.03 41.45 10.59
N PRO E 43 18.81 41.66 9.28
CA PRO E 43 19.74 41.21 8.25
C PRO E 43 21.11 41.87 8.33
N ALA E 44 21.23 42.94 9.10
CA ALA E 44 22.51 43.62 9.29
C ALA E 44 23.47 42.79 10.12
N ILE E 45 22.95 41.91 10.98
CA ILE E 45 23.83 41.07 11.81
C ILE E 45 24.63 40.12 10.94
N THR E 46 25.95 40.21 11.02
CA THR E 46 26.82 39.38 10.19
C THR E 46 27.73 38.49 11.02
N SER E 47 27.75 38.73 12.33
CA SER E 47 28.61 37.95 13.21
C SER E 47 27.79 37.31 14.32
N LEU E 48 27.95 36.00 14.47
CA LEU E 48 27.15 35.23 15.43
C LEU E 48 28.04 34.37 16.32
N ASP E 49 27.81 34.45 17.64
CA ASP E 49 28.53 33.65 18.62
C ASP E 49 27.59 32.68 19.34
N LEU E 50 27.62 31.42 18.91
CA LEU E 50 26.86 30.36 19.56
C LEU E 50 27.76 29.44 20.38
N SER E 51 28.93 29.92 20.80
CA SER E 51 29.89 29.04 21.45
C SER E 51 29.39 28.57 22.82
N HIS E 52 29.92 27.43 23.27
CA HIS E 52 29.60 26.88 24.60
C HIS E 52 28.11 26.62 24.78
N ASN E 53 27.54 25.80 23.91
CA ASN E 53 26.15 25.37 24.01
C ASN E 53 26.05 23.87 23.73
N ASP E 54 24.85 23.38 23.44
CA ASP E 54 24.64 21.94 23.26
C ASP E 54 24.11 21.58 21.89
N ILE E 55 24.60 22.28 20.88
CA ILE E 55 24.13 22.13 19.51
C ILE E 55 24.82 20.94 18.82
N THR E 56 24.04 20.14 18.09
CA THR E 56 24.59 19.02 17.34
C THR E 56 24.55 19.28 15.85
N ALA E 57 24.94 18.28 15.07
CA ALA E 57 24.84 18.32 13.62
C ALA E 57 23.44 18.69 13.15
N ASN E 58 22.43 18.17 13.84
CA ASN E 58 21.04 18.43 13.49
C ASN E 58 20.67 19.90 13.58
N GLY E 59 21.25 20.59 14.56
CA GLY E 59 21.04 22.03 14.70
C GLY E 59 21.77 22.84 13.65
N VAL E 60 23.00 22.43 13.33
CA VAL E 60 23.77 23.10 12.30
C VAL E 60 23.03 23.05 10.96
N LYS E 61 22.45 21.88 10.68
CA LYS E 61 21.67 21.67 9.47
C LYS E 61 20.53 22.68 9.37
N LEU E 62 19.91 22.99 10.51
CA LEU E 62 18.80 23.93 10.55
C LEU E 62 19.25 25.38 10.40
N PHE E 63 20.54 25.63 10.63
CA PHE E 63 21.06 26.99 10.59
C PHE E 63 21.66 27.35 9.24
N VAL E 64 22.31 26.37 8.60
CA VAL E 64 23.05 26.63 7.38
C VAL E 64 22.15 27.16 6.25
N ASN E 65 22.61 28.25 5.65
CA ASN E 65 21.94 28.87 4.52
C ASN E 65 20.54 29.37 4.87
N LYS E 66 20.34 29.75 6.13
CA LYS E 66 19.09 30.41 6.52
C LYS E 66 19.29 31.91 6.69
N THR E 67 20.55 32.31 6.92
CA THR E 67 20.87 33.70 7.25
C THR E 67 22.03 34.21 6.38
N SER E 68 22.39 35.48 6.57
CA SER E 68 23.52 36.06 5.86
C SER E 68 24.75 36.23 6.77
N VAL E 69 24.75 35.53 7.90
CA VAL E 69 25.89 35.53 8.81
C VAL E 69 27.16 35.06 8.07
N SER E 70 28.21 35.85 8.17
CA SER E 70 29.47 35.54 7.48
C SER E 70 30.56 35.14 8.47
N SER E 71 30.35 35.45 9.75
CA SER E 71 31.29 35.03 10.79
C SER E 71 30.55 34.23 11.86
N LEU E 72 30.96 32.99 12.06
CA LEU E 72 30.28 32.12 13.01
C LEU E 72 31.26 31.50 13.98
N ASN E 73 31.01 31.74 15.26
CA ASN E 73 31.71 31.03 16.32
C ASN E 73 30.77 30.00 16.92
N ILE E 74 31.01 28.73 16.62
CA ILE E 74 30.18 27.66 17.15
C ILE E 74 31.07 26.67 17.92
N SER E 75 32.19 27.19 18.43
CA SER E 75 33.11 26.39 19.24
C SER E 75 32.45 25.86 20.50
N HIS E 76 33.00 24.78 21.05
CA HIS E 76 32.53 24.19 22.29
C HIS E 76 31.05 23.82 22.21
N ASN E 77 30.70 23.10 21.14
CA ASN E 77 29.39 22.49 21.05
C ASN E 77 29.60 20.99 20.83
N ASN E 78 28.68 20.35 20.13
CA ASN E 78 28.77 18.92 19.89
C ASN E 78 28.43 18.60 18.43
N ILE E 79 28.94 19.40 17.49
CA ILE E 79 28.45 19.31 16.13
C ILE E 79 29.08 18.14 15.33
N GLY E 80 30.25 17.69 15.76
CA GLY E 80 30.89 16.54 15.13
C GLY E 80 31.26 16.71 13.67
N PRO E 81 31.72 15.62 13.03
CA PRO E 81 32.09 15.67 11.61
C PRO E 81 30.90 15.99 10.72
N GLU E 82 29.71 15.58 11.13
CA GLU E 82 28.50 15.84 10.36
CA GLU E 82 28.53 15.84 10.32
C GLU E 82 28.19 17.33 10.34
N GLY E 83 28.39 17.97 11.48
CA GLY E 83 28.16 19.41 11.60
C GLY E 83 29.10 20.20 10.72
N ALA E 84 30.37 19.78 10.69
CA ALA E 84 31.35 20.43 9.83
C ALA E 84 31.01 20.24 8.35
N GLN E 85 30.44 19.09 8.04
CA GLN E 85 30.00 18.80 6.68
C GLN E 85 28.88 19.75 6.26
N TRP E 86 27.90 19.97 7.14
CA TRP E 86 26.84 20.96 6.89
C TRP E 86 27.39 22.36 6.67
N LEU E 87 28.25 22.80 7.58
CA LEU E 87 28.84 24.13 7.51
C LEU E 87 29.64 24.31 6.23
N SER E 88 30.22 23.23 5.72
CA SER E 88 31.05 23.33 4.51
C SER E 88 30.21 23.72 3.29
N GLU E 89 28.90 23.64 3.44
CA GLU E 89 27.95 23.98 2.38
C GLU E 89 27.29 25.35 2.55
N ASP E 90 27.64 26.08 3.61
CA ASP E 90 27.05 27.40 3.80
C ASP E 90 27.59 28.40 2.78
N ASN E 91 26.70 29.21 2.22
CA ASN E 91 27.06 30.15 1.15
C ASN E 91 27.61 31.49 1.64
N HIS E 92 27.55 31.77 2.94
CA HIS E 92 27.97 33.09 3.42
C HIS E 92 29.12 33.09 4.42
N ILE E 93 29.32 32.00 5.14
CA ILE E 93 30.35 31.98 6.17
C ILE E 93 31.75 32.03 5.55
N THR E 94 32.53 33.03 5.93
CA THR E 94 33.92 33.15 5.49
C THR E 94 34.89 33.08 6.66
N THR E 95 34.39 33.34 7.87
CA THR E 95 35.16 33.16 9.10
C THR E 95 34.45 32.17 10.01
N LEU E 96 35.17 31.13 10.42
CA LEU E 96 34.51 30.04 11.14
C LEU E 96 35.34 29.51 12.30
N ASP E 97 34.68 29.37 13.45
CA ASP E 97 35.29 28.76 14.64
C ASP E 97 34.50 27.52 15.01
N VAL E 98 35.08 26.35 14.79
CA VAL E 98 34.45 25.08 15.14
C VAL E 98 35.30 24.32 16.15
N SER E 99 36.10 25.06 16.91
CA SER E 99 36.98 24.47 17.92
C SER E 99 36.18 23.66 18.94
N PHE E 100 36.77 22.60 19.47
CA PHE E 100 36.17 21.82 20.54
C PHE E 100 34.79 21.28 20.13
N ASN E 101 34.75 20.55 19.02
CA ASN E 101 33.51 19.96 18.53
C ASN E 101 33.67 18.53 18.06
N GLU E 102 34.86 17.97 18.27
CA GLU E 102 35.19 16.62 17.80
C GLU E 102 34.90 16.43 16.33
N ILE E 103 35.24 17.41 15.49
CA ILE E 103 34.89 17.28 14.08
C ILE E 103 35.79 16.26 13.37
N GLY E 104 37.00 16.05 13.88
CA GLY E 104 37.88 15.03 13.34
C GLY E 104 38.38 15.32 11.93
N ASP E 105 39.10 14.36 11.38
CA ASP E 105 39.65 14.49 10.03
C ASP E 105 38.57 14.54 8.96
N GLU E 106 37.49 13.80 9.16
CA GLU E 106 36.40 13.82 8.19
C GLU E 106 35.72 15.18 8.19
N GLY E 107 35.64 15.80 9.37
CA GLY E 107 35.09 17.14 9.47
C GLY E 107 35.89 18.14 8.67
N VAL E 108 37.20 18.19 8.89
CA VAL E 108 38.02 19.16 8.17
C VAL E 108 38.16 18.81 6.70
N LYS E 109 37.95 17.55 6.35
CA LYS E 109 37.95 17.16 4.94
C LYS E 109 36.93 17.98 4.17
N ALA E 110 35.75 18.16 4.75
CA ALA E 110 34.67 18.90 4.11
C ALA E 110 34.93 20.41 4.14
N LEU E 111 35.36 20.91 5.31
CA LEU E 111 35.67 22.33 5.46
C LEU E 111 36.83 22.77 4.58
N ALA E 112 37.81 21.89 4.38
CA ALA E 112 38.96 22.21 3.54
C ALA E 112 38.57 22.37 2.07
N ALA E 113 37.46 21.76 1.68
CA ALA E 113 36.99 21.85 0.30
C ALA E 113 36.06 23.05 0.09
N ASN E 114 35.75 23.75 1.17
CA ASN E 114 34.94 24.97 1.10
C ASN E 114 35.79 26.17 0.70
N ALA E 115 35.74 26.53 -0.58
CA ALA E 115 36.60 27.58 -1.14
C ALA E 115 36.31 28.96 -0.55
N LYS E 116 35.11 29.13 -0.01
CA LYS E 116 34.66 30.41 0.54
C LYS E 116 35.37 30.77 1.84
N LEU E 117 35.73 29.76 2.63
CA LEU E 117 36.37 30.00 3.93
C LEU E 117 37.71 30.71 3.82
N ILE E 118 37.84 31.80 4.55
CA ILE E 118 39.08 32.55 4.61
C ILE E 118 39.86 32.25 5.88
N THR E 119 39.14 32.16 7.00
CA THR E 119 39.75 31.96 8.30
C THR E 119 39.06 30.82 9.04
N LEU E 120 39.85 29.89 9.58
CA LEU E 120 39.31 28.73 10.27
C LEU E 120 40.00 28.54 11.61
N TYR E 121 39.20 28.58 12.67
CA TYR E 121 39.66 28.18 14.00
C TYR E 121 39.11 26.79 14.25
N ALA E 122 39.98 25.83 14.49
CA ALA E 122 39.53 24.46 14.74
C ALA E 122 40.39 23.81 15.82
N LEU E 123 40.57 24.51 16.93
CA LEU E 123 41.36 24.00 18.04
C LEU E 123 40.71 22.76 18.62
N TYR E 124 41.54 21.85 19.12
CA TYR E 124 41.12 20.62 19.81
C TYR E 124 39.93 19.93 19.14
N ASN E 125 40.19 19.21 18.06
CA ASN E 125 39.14 18.59 17.27
C ASN E 125 39.48 17.18 16.76
N LYS E 126 40.48 16.57 17.38
CA LYS E 126 40.99 15.26 16.94
C LYS E 126 41.49 15.28 15.50
N ILE E 127 41.99 16.43 15.05
CA ILE E 127 42.58 16.53 13.72
C ILE E 127 44.02 16.00 13.71
N THR E 128 44.33 15.17 12.71
CA THR E 128 45.66 14.57 12.63
C THR E 128 46.36 15.03 11.35
N LYS E 129 47.51 14.42 11.06
CA LYS E 129 48.25 14.72 9.84
C LYS E 129 47.38 14.52 8.61
N VAL E 130 46.40 13.63 8.70
CA VAL E 130 45.50 13.39 7.58
C VAL E 130 44.61 14.61 7.33
N GLY E 131 44.01 15.13 8.39
CA GLY E 131 43.21 16.34 8.28
C GLY E 131 44.05 17.52 7.82
N ALA E 132 45.26 17.63 8.35
CA ALA E 132 46.19 18.68 7.94
C ALA E 132 46.50 18.55 6.47
N GLY E 133 46.63 17.31 6.00
CA GLY E 133 46.81 17.04 4.58
C GLY E 133 45.67 17.61 3.75
N TYR E 134 44.43 17.49 4.24
CA TYR E 134 43.29 18.06 3.53
C TYR E 134 43.36 19.60 3.51
N LEU E 135 43.71 20.18 4.65
CA LEU E 135 43.77 21.63 4.79
C LEU E 135 44.89 22.20 3.92
N ALA E 136 45.88 21.37 3.64
CA ALA E 136 46.98 21.78 2.77
C ALA E 136 46.50 22.08 1.34
N GLN E 137 45.30 21.65 0.99
CA GLN E 137 44.75 21.89 -0.34
C GLN E 137 43.69 23.00 -0.36
N SER E 138 43.40 23.58 0.81
CA SER E 138 42.36 24.60 0.92
C SER E 138 42.84 25.98 0.48
N ASN E 139 41.91 26.92 0.41
CA ASN E 139 42.20 28.31 0.10
C ASN E 139 42.31 29.21 1.33
N LEU E 140 42.39 28.61 2.50
CA LEU E 140 42.43 29.36 3.75
C LEU E 140 43.63 30.28 3.86
N LYS E 141 43.41 31.49 4.37
CA LYS E 141 44.49 32.45 4.63
C LYS E 141 44.97 32.40 6.08
N LYS E 142 44.09 31.95 6.97
CA LYS E 142 44.46 31.79 8.38
C LYS E 142 43.86 30.51 8.94
N ILE E 143 44.69 29.72 9.62
CA ILE E 143 44.22 28.53 10.31
C ILE E 143 44.80 28.43 11.72
N ASP E 144 43.94 28.17 12.69
CA ASP E 144 44.39 27.87 14.05
C ASP E 144 44.00 26.43 14.39
N LEU E 145 45.00 25.61 14.69
CA LEU E 145 44.80 24.18 14.93
C LEU E 145 45.41 23.71 16.24
N CYS E 146 45.53 24.61 17.22
CA CYS E 146 46.13 24.24 18.50
C CYS E 146 45.43 23.04 19.12
N PHE E 147 46.19 22.25 19.88
CA PHE E 147 45.69 21.07 20.61
C PHE E 147 45.22 19.94 19.68
N ASN E 148 45.76 19.88 18.46
CA ASN E 148 45.51 18.77 17.55
C ASN E 148 46.84 18.11 17.23
N SER E 149 46.88 16.79 17.28
CA SER E 149 48.13 16.09 16.98
C SER E 149 48.39 16.07 15.48
N LEU E 150 48.89 17.19 14.95
CA LEU E 150 49.17 17.29 13.51
C LEU E 150 50.44 16.55 13.14
N GLU E 151 51.39 16.54 14.07
CA GLU E 151 52.71 15.93 13.88
C GLU E 151 53.48 16.60 12.74
N ASP E 152 54.71 16.15 12.52
CA ASP E 152 55.55 16.77 11.49
C ASP E 152 54.95 16.62 10.11
N GLU E 153 54.40 15.44 9.82
CA GLU E 153 53.80 15.20 8.52
C GLU E 153 52.66 16.17 8.24
N GLY E 154 51.92 16.52 9.29
CA GLY E 154 50.82 17.47 9.15
C GLY E 154 51.24 18.88 8.78
N VAL E 155 52.20 19.45 9.51
CA VAL E 155 52.60 20.84 9.25
C VAL E 155 53.50 20.92 8.01
N ILE E 156 54.13 19.82 7.66
CA ILE E 156 54.91 19.78 6.41
C ILE E 156 53.95 19.97 5.22
N ALA E 157 52.79 19.30 5.27
CA ALA E 157 51.77 19.51 4.24
C ALA E 157 51.24 20.94 4.27
N LEU E 158 50.93 21.45 5.45
CA LEU E 158 50.43 22.82 5.58
C LEU E 158 51.44 23.82 5.03
N ALA E 159 52.73 23.54 5.24
CA ALA E 159 53.80 24.39 4.74
C ALA E 159 53.74 24.58 3.22
N SER E 160 53.18 23.61 2.51
CA SER E 160 53.12 23.66 1.06
C SER E 160 51.90 24.41 0.53
N ASN E 161 51.03 24.85 1.44
CA ASN E 161 49.85 25.63 1.06
C ASN E 161 50.17 27.11 0.95
N ILE E 162 50.26 27.60 -0.28
CA ILE E 162 50.72 28.95 -0.58
C ILE E 162 49.75 30.02 -0.12
N ASN E 163 48.49 29.63 0.08
CA ASN E 163 47.45 30.56 0.50
C ASN E 163 47.57 31.00 1.97
N ILE E 164 48.10 30.14 2.82
CA ILE E 164 48.12 30.42 4.25
C ILE E 164 49.08 31.56 4.59
N LYS E 165 48.57 32.59 5.25
CA LYS E 165 49.39 33.72 5.68
C LYS E 165 49.65 33.67 7.19
N GLU E 166 48.71 33.07 7.91
CA GLU E 166 48.82 33.00 9.37
C GLU E 166 48.48 31.61 9.85
N LEU E 167 49.44 30.97 10.53
CA LEU E 167 49.27 29.60 11.01
C LEU E 167 49.57 29.51 12.50
N ILE E 168 48.60 29.02 13.27
CA ILE E 168 48.77 28.85 14.71
C ILE E 168 48.61 27.36 15.01
N ALA E 169 49.68 26.75 15.51
CA ALA E 169 49.72 25.31 15.69
C ALA E 169 50.52 24.94 16.94
N SER E 170 50.05 25.41 18.08
CA SER E 170 50.68 25.11 19.36
C SER E 170 50.14 23.82 19.96
N ALA E 171 51.01 23.05 20.62
CA ALA E 171 50.64 21.76 21.20
C ALA E 171 50.09 20.84 20.13
N CYS E 172 50.88 20.67 19.07
CA CYS E 172 50.47 19.89 17.91
C CYS E 172 51.43 18.76 17.59
N ASP E 173 52.27 18.41 18.56
CA ASP E 173 53.29 17.36 18.39
C ASP E 173 54.21 17.63 17.20
N VAL E 174 54.67 18.87 17.06
CA VAL E 174 55.61 19.23 16.00
C VAL E 174 57.05 19.12 16.54
N SER E 175 57.96 18.60 15.73
CA SER E 175 59.38 18.62 16.08
C SER E 175 60.15 19.49 15.09
N ASP E 176 61.47 19.40 15.12
CA ASP E 176 62.34 20.15 14.22
C ASP E 176 62.04 19.87 12.76
N ILE E 177 61.76 18.60 12.44
CA ILE E 177 61.46 18.20 11.08
C ILE E 177 60.37 19.05 10.46
N GLY E 178 59.26 19.17 11.17
CA GLY E 178 58.12 19.92 10.68
C GLY E 178 58.36 21.42 10.72
N ALA E 179 59.00 21.87 11.79
CA ALA E 179 59.22 23.31 11.98
C ALA E 179 60.14 23.89 10.91
N ILE E 180 61.14 23.11 10.51
CA ILE E 180 62.10 23.56 9.52
C ILE E 180 61.42 23.77 8.16
N GLU E 181 60.46 22.90 7.82
CA GLU E 181 59.73 23.06 6.57
C GLU E 181 58.85 24.30 6.59
N LEU E 182 58.27 24.60 7.74
CA LEU E 182 57.50 25.83 7.90
C LEU E 182 58.43 27.06 7.80
N ALA E 183 59.63 26.94 8.37
CA ALA E 183 60.60 28.02 8.29
C ALA E 183 60.96 28.36 6.84
N LYS E 184 60.95 27.35 5.98
CA LYS E 184 61.35 27.51 4.58
C LYS E 184 60.25 28.15 3.75
N ASN E 185 59.02 28.07 4.25
CA ASN E 185 57.85 28.70 3.64
C ASN E 185 58.08 30.18 3.41
N ASN E 186 57.66 30.70 2.26
CA ASN E 186 57.85 32.11 1.95
C ASN E 186 56.58 32.96 1.92
N GLN E 187 55.49 32.43 2.47
CA GLN E 187 54.23 33.17 2.47
C GLN E 187 53.76 33.57 3.87
N LEU E 188 54.00 32.71 4.85
CA LEU E 188 53.58 32.97 6.22
C LEU E 188 54.17 34.27 6.74
N THR E 189 53.31 35.11 7.32
CA THR E 189 53.76 36.33 7.97
C THR E 189 53.64 36.19 9.48
N LEU E 190 52.78 35.27 9.91
CA LEU E 190 52.66 34.95 11.33
C LEU E 190 52.67 33.43 11.50
N LEU E 191 53.51 32.96 12.41
CA LEU E 191 53.61 31.54 12.73
C LEU E 191 53.73 31.37 14.24
N ILE E 192 52.82 30.58 14.80
CA ILE E 192 52.84 30.27 16.22
C ILE E 192 52.95 28.75 16.41
N LEU E 193 54.03 28.34 17.06
CA LEU E 193 54.34 26.94 17.26
C LEU E 193 54.77 26.63 18.68
N GLY E 194 54.04 27.17 19.65
CA GLY E 194 54.41 26.97 21.05
C GLY E 194 54.11 25.57 21.54
N LYS E 195 54.70 25.17 22.65
CA LYS E 195 54.36 23.92 23.32
C LYS E 195 54.47 22.70 22.41
N ASN E 196 55.54 22.66 21.63
CA ASN E 196 55.85 21.52 20.79
C ASN E 196 57.18 20.93 21.23
N ALA E 197 57.92 20.31 20.31
CA ALA E 197 59.21 19.74 20.63
C ALA E 197 60.33 20.32 19.77
N ILE E 198 60.29 21.62 19.53
CA ILE E 198 61.24 22.28 18.64
C ILE E 198 62.53 22.63 19.38
N THR E 199 63.68 22.45 18.73
CA THR E 199 64.97 22.72 19.36
C THR E 199 65.77 23.76 18.60
N ASP E 200 67.03 23.94 19.01
CA ASP E 200 67.94 24.89 18.35
C ASP E 200 68.14 24.57 16.88
N LYS E 201 67.87 23.32 16.50
CA LYS E 201 68.09 22.85 15.14
C LYS E 201 67.24 23.59 14.11
N SER E 202 66.04 24.01 14.51
CA SER E 202 65.17 24.76 13.60
C SER E 202 65.56 26.23 13.44
N THR E 203 66.35 26.75 14.38
CA THR E 203 66.42 28.20 14.49
C THR E 203 67.17 28.85 13.34
N LEU E 204 68.16 28.17 12.77
CA LEU E 204 68.85 28.71 11.60
C LEU E 204 67.88 28.98 10.44
N HIS E 205 66.96 28.06 10.24
CA HIS E 205 66.03 28.17 9.13
C HIS E 205 65.05 29.31 9.35
N PHE E 206 64.66 29.55 10.61
CA PHE E 206 63.86 30.71 10.92
C PHE E 206 64.68 32.02 10.83
N ALA E 207 65.96 31.96 11.18
CA ALA E 207 66.80 33.14 11.07
C ALA E 207 66.92 33.58 9.60
N ASN E 208 66.84 32.61 8.69
CA ASN E 208 66.97 32.89 7.26
C ASN E 208 65.62 33.07 6.55
N ASN E 209 64.54 32.82 7.29
CA ASN E 209 63.19 33.07 6.77
C ASN E 209 63.02 34.53 6.35
N THR E 210 62.30 34.76 5.27
CA THR E 210 62.21 36.08 4.69
C THR E 210 60.82 36.70 4.69
N SER E 211 59.84 36.03 5.29
CA SER E 211 58.48 36.55 5.22
C SER E 211 57.84 36.77 6.58
N LEU E 212 58.29 36.05 7.60
CA LEU E 212 57.70 36.16 8.94
C LEU E 212 57.95 37.52 9.59
N SER E 213 56.90 38.13 10.13
CA SER E 213 57.06 39.26 11.03
C SER E 213 56.69 38.86 12.46
N THR E 214 55.92 37.78 12.59
CA THR E 214 55.60 37.24 13.92
C THR E 214 55.99 35.76 14.02
N LEU E 215 56.75 35.45 15.06
CA LEU E 215 57.17 34.07 15.30
C LEU E 215 57.09 33.78 16.79
N HIS E 216 56.20 32.86 17.17
CA HIS E 216 56.06 32.45 18.56
C HIS E 216 56.52 31.01 18.72
N LEU E 217 57.56 30.80 19.52
CA LEU E 217 58.11 29.47 19.75
C LEU E 217 58.20 29.14 21.24
N GLY E 218 57.28 29.70 22.02
CA GLY E 218 57.30 29.49 23.46
C GLY E 218 57.18 28.04 23.91
N SER E 219 57.78 27.71 25.05
CA SER E 219 57.64 26.38 25.65
C SER E 219 58.05 25.27 24.72
N ASN E 220 59.19 25.43 24.04
CA ASN E 220 59.80 24.35 23.31
C ASN E 220 61.11 23.95 24.00
N GLN E 221 62.12 23.51 23.23
CA GLN E 221 63.38 23.10 23.81
C GLN E 221 64.55 23.97 23.34
N ILE E 222 64.23 25.17 22.88
CA ILE E 222 65.23 26.13 22.41
C ILE E 222 66.09 26.70 23.55
N THR E 223 67.40 26.79 23.31
CA THR E 223 68.36 27.31 24.29
C THR E 223 68.83 28.72 23.94
N ALA E 224 69.76 29.24 24.74
CA ALA E 224 70.34 30.55 24.48
C ALA E 224 71.00 30.62 23.11
N ALA E 225 71.55 29.50 22.65
CA ALA E 225 72.19 29.47 21.32
C ALA E 225 71.15 29.67 20.22
N GLY E 226 70.01 29.01 20.36
CA GLY E 226 68.91 29.17 19.43
C GLY E 226 68.30 30.55 19.47
N LYS E 227 68.18 31.12 20.66
CA LYS E 227 67.69 32.50 20.78
C LYS E 227 68.63 33.48 20.08
N LYS E 228 69.93 33.28 20.21
CA LYS E 228 70.91 34.14 19.56
CA LYS E 228 70.90 34.15 19.56
C LYS E 228 70.75 34.08 18.05
N ILE E 229 70.53 32.88 17.53
CA ILE E 229 70.32 32.69 16.10
C ILE E 229 69.04 33.39 15.63
N LEU E 230 67.93 33.15 16.32
CA LEU E 230 66.64 33.76 15.99
C LEU E 230 66.68 35.28 15.98
N GLU E 231 67.47 35.86 16.88
CA GLU E 231 67.50 37.30 17.03
C GLU E 231 68.31 37.99 15.94
N THR E 232 69.04 37.21 15.13
CA THR E 232 69.72 37.79 13.97
C THR E 232 68.71 38.18 12.88
N ASN E 233 67.51 37.61 12.95
CA ASN E 233 66.46 37.94 11.99
C ASN E 233 65.87 39.31 12.28
N THR E 234 66.14 40.26 11.37
CA THR E 234 65.72 41.64 11.56
C THR E 234 64.28 41.91 11.07
N ARG E 235 63.68 40.90 10.46
CA ARG E 235 62.31 41.04 9.95
C ARG E 235 61.27 40.78 11.04
N ILE E 236 61.60 39.91 11.99
CA ILE E 236 60.64 39.54 13.03
C ILE E 236 60.51 40.63 14.08
N THR E 237 59.33 41.23 14.19
CA THR E 237 59.12 42.30 15.15
C THR E 237 58.38 41.83 16.41
N ASP E 238 57.92 40.58 16.37
CA ASP E 238 57.34 39.94 17.54
C ASP E 238 57.83 38.50 17.62
N LEU E 239 58.89 38.31 18.41
CA LEU E 239 59.49 37.01 18.68
C LEU E 239 59.17 36.62 20.12
N ASP E 240 58.49 35.50 20.31
CA ASP E 240 58.15 35.03 21.64
C ASP E 240 58.85 33.71 21.94
N LEU E 241 59.70 33.69 22.98
CA LEU E 241 60.42 32.48 23.36
C LEU E 241 60.18 32.09 24.82
N ILE E 242 59.14 32.64 25.42
CA ILE E 242 58.83 32.38 26.82
C ILE E 242 58.67 30.88 27.13
N GLY E 243 59.30 30.43 28.21
CA GLY E 243 59.12 29.07 28.65
C GLY E 243 60.15 28.10 28.10
N ASN E 244 61.04 28.60 27.25
CA ASN E 244 62.14 27.76 26.75
C ASN E 244 63.28 27.68 27.76
N PRO E 245 64.10 26.63 27.68
CA PRO E 245 65.26 26.48 28.59
C PRO E 245 66.42 27.37 28.19
N ILE E 246 66.24 28.68 28.28
CA ILE E 246 67.24 29.64 27.84
C ILE E 246 68.14 30.09 28.98
N GLU E 247 69.44 29.98 28.75
CA GLU E 247 70.49 30.39 29.69
C GLU E 247 70.34 29.67 31.04
N ILE F 4 32.62 23.90 54.29
CA ILE F 4 32.32 25.10 53.52
C ILE F 4 31.37 24.79 52.37
N ALA F 5 30.48 25.74 52.08
CA ALA F 5 29.64 25.64 50.90
C ALA F 5 30.45 26.06 49.67
N PRO F 6 30.07 25.55 48.49
CA PRO F 6 30.78 25.89 47.25
C PRO F 6 30.90 27.41 47.00
N GLN F 7 29.88 28.17 47.38
CA GLN F 7 29.88 29.61 47.16
C GLN F 7 31.08 30.31 47.81
N GLN F 8 31.43 29.91 49.03
CA GLN F 8 32.51 30.57 49.74
C GLN F 8 33.89 30.02 49.33
N ILE F 9 33.92 28.78 48.85
CA ILE F 9 35.15 28.25 48.27
C ILE F 9 35.52 29.10 47.07
N GLN F 10 34.51 29.42 46.27
CA GLN F 10 34.69 30.25 45.10
C GLN F 10 35.16 31.64 45.52
N GLU F 11 34.62 32.15 46.62
CA GLU F 11 34.99 33.48 47.07
C GLU F 11 36.43 33.49 47.57
N ARG F 12 36.87 32.39 48.17
CA ARG F 12 38.27 32.27 48.57
C ARG F 12 39.18 32.25 47.32
N LEU F 13 38.75 31.56 46.27
CA LEU F 13 39.53 31.50 45.04
C LEU F 13 39.52 32.84 44.29
N LYS F 14 38.38 33.53 44.32
CA LYS F 14 38.26 34.85 43.71
C LYS F 14 39.21 35.87 44.32
N GLN F 15 39.57 35.66 45.59
CA GLN F 15 40.49 36.54 46.32
C GLN F 15 41.90 36.48 45.75
N GLU F 16 42.18 35.45 44.96
CA GLU F 16 43.50 35.30 44.36
C GLU F 16 43.65 36.14 43.09
N GLN F 17 42.54 36.68 42.59
CA GLN F 17 42.53 37.55 41.43
C GLN F 17 43.28 36.94 40.24
N TYR F 18 42.91 35.71 39.90
CA TYR F 18 43.57 34.96 38.84
C TYR F 18 43.48 35.68 37.49
N GLN F 19 42.42 36.48 37.29
CA GLN F 19 42.26 37.19 36.02
C GLN F 19 43.30 38.30 35.86
N LYS F 20 44.08 38.56 36.91
CA LYS F 20 45.11 39.60 36.85
C LYS F 20 46.49 39.05 36.50
N PHE F 21 46.65 37.73 36.57
CA PHE F 21 47.89 37.08 36.18
C PHE F 21 48.29 37.45 34.75
N VAL F 22 49.59 37.51 34.51
CA VAL F 22 50.09 37.36 33.15
C VAL F 22 50.01 35.88 32.78
N VAL F 23 49.11 35.55 31.85
CA VAL F 23 49.04 34.18 31.37
C VAL F 23 50.07 33.98 30.27
N ALA F 24 51.17 33.33 30.64
CA ALA F 24 52.34 33.26 29.77
C ALA F 24 52.07 32.57 28.43
N ASP F 25 51.19 31.58 28.41
CA ASP F 25 50.97 30.89 27.13
C ASP F 25 49.86 31.52 26.28
N ILE F 26 49.50 32.77 26.55
CA ILE F 26 48.68 33.53 25.60
C ILE F 26 49.45 33.59 24.29
N GLY F 27 50.78 33.65 24.42
CA GLY F 27 51.65 33.60 23.25
C GLY F 27 51.52 32.33 22.42
N ASN F 28 51.22 31.21 23.07
CA ASN F 28 51.04 29.93 22.38
C ASN F 28 49.59 29.71 21.92
N PHE F 29 48.65 30.13 22.76
CA PHE F 29 47.24 29.87 22.50
C PHE F 29 46.40 31.14 22.48
N PRO F 30 46.66 32.06 21.54
CA PRO F 30 45.95 33.34 21.54
C PRO F 30 44.43 33.18 21.47
N HIS F 31 43.95 32.16 20.77
CA HIS F 31 42.51 32.04 20.56
C HIS F 31 41.77 31.49 21.79
N CYS F 32 42.51 31.23 22.86
CA CYS F 32 41.89 30.76 24.11
C CYS F 32 41.47 31.92 25.00
N LEU F 33 41.76 33.14 24.59
CA LEU F 33 41.26 34.30 25.31
C LEU F 33 39.74 34.28 25.26
N ALA F 34 39.10 34.53 26.41
CA ALA F 34 37.65 34.59 26.48
C ALA F 34 37.14 35.87 25.83
N GLN F 35 35.93 35.84 25.27
CA GLN F 35 35.35 37.07 24.72
C GLN F 35 34.66 37.86 25.82
N THR F 36 35.48 38.43 26.69
CA THR F 36 35.05 39.19 27.85
C THR F 36 35.99 40.38 27.99
N PRO F 37 35.60 41.38 28.80
CA PRO F 37 36.56 42.45 29.10
C PRO F 37 37.83 41.92 29.77
N GLU F 38 37.69 40.94 30.66
CA GLU F 38 38.85 40.34 31.30
C GLU F 38 39.73 39.63 30.28
N GLY F 39 39.08 38.98 29.32
CA GLY F 39 39.81 38.31 28.25
C GLY F 39 40.68 39.28 27.48
N ILE F 40 40.08 40.39 27.04
CA ILE F 40 40.81 41.40 26.30
C ILE F 40 41.93 41.99 27.14
N ALA F 41 41.64 42.25 28.40
CA ALA F 41 42.62 42.82 29.33
C ALA F 41 43.84 41.92 29.51
N SER F 42 43.60 40.62 29.64
CA SER F 42 44.70 39.66 29.82
C SER F 42 45.57 39.56 28.58
N GLY F 43 44.93 39.62 27.42
CA GLY F 43 45.64 39.63 26.15
C GLY F 43 46.58 40.81 26.05
N GLN F 44 46.09 41.99 26.42
CA GLN F 44 46.91 43.19 26.40
C GLN F 44 47.99 43.14 27.47
N ARG F 45 47.66 42.54 28.63
CA ARG F 45 48.64 42.43 29.70
C ARG F 45 49.80 41.52 29.28
N TYR F 46 49.50 40.47 28.53
CA TYR F 46 50.55 39.57 28.02
CA TYR F 46 50.55 39.58 28.04
C TYR F 46 51.47 40.31 27.06
N GLN F 47 50.90 41.18 26.23
CA GLN F 47 51.68 41.96 25.27
C GLN F 47 52.66 42.90 25.97
N LYS F 48 52.20 43.58 27.03
CA LYS F 48 53.07 44.42 27.83
C LYS F 48 54.20 43.60 28.45
N TYR F 49 53.84 42.44 29.00
CA TYR F 49 54.79 41.57 29.64
C TYR F 49 55.87 41.10 28.67
N SER F 50 55.42 40.64 27.49
CA SER F 50 56.31 40.08 26.47
C SER F 50 57.39 41.04 25.99
N THR F 51 57.07 42.33 26.01
CA THR F 51 57.97 43.36 25.48
C THR F 51 58.76 44.03 26.60
N ASN F 52 58.49 43.65 27.84
CA ASN F 52 59.24 44.21 28.96
C ASN F 52 60.43 43.31 29.29
N SER F 53 61.61 43.92 29.43
CA SER F 53 62.85 43.16 29.65
C SER F 53 62.85 42.41 30.99
N LEU F 54 62.06 42.92 31.94
CA LEU F 54 61.96 42.28 33.24
C LEU F 54 61.33 40.89 33.16
N SER F 55 60.64 40.61 32.07
CA SER F 55 60.01 39.30 31.89
C SER F 55 61.04 38.21 31.66
N ARG F 56 62.26 38.62 31.32
CA ARG F 56 63.33 37.68 31.03
C ARG F 56 64.31 37.55 32.19
N THR F 57 63.91 38.10 33.33
CA THR F 57 64.70 38.02 34.55
C THR F 57 64.04 37.05 35.53
N PRO F 58 64.83 36.41 36.40
CA PRO F 58 64.27 35.56 37.45
C PRO F 58 63.44 36.37 38.44
N PRO F 59 62.34 35.79 38.96
CA PRO F 59 61.91 34.42 38.67
C PRO F 59 60.92 34.34 37.51
N PHE F 60 60.65 35.49 36.87
CA PHE F 60 59.59 35.57 35.86
C PHE F 60 59.83 34.64 34.67
N SER F 61 61.09 34.57 34.23
CA SER F 61 61.46 33.72 33.10
C SER F 61 61.12 32.24 33.33
N GLN F 62 61.44 31.72 34.50
CA GLN F 62 61.17 30.32 34.79
C GLN F 62 59.69 30.09 35.14
N TRP F 63 59.03 31.13 35.63
CA TRP F 63 57.60 31.08 35.93
C TRP F 63 56.75 30.77 34.70
N GLY F 64 57.24 31.19 33.52
CA GLY F 64 56.51 30.99 32.29
C GLY F 64 56.84 29.65 31.67
N ALA F 65 57.74 28.91 32.32
CA ALA F 65 58.11 27.59 31.82
C ALA F 65 57.29 26.51 32.49
N PRO F 66 56.77 25.59 31.68
CA PRO F 66 55.99 24.43 32.13
C PRO F 66 56.80 23.46 32.99
N GLN F 67 56.26 23.08 34.14
CA GLN F 67 56.86 22.02 34.95
C GLN F 67 56.15 20.71 34.63
N LEU F 68 56.85 19.79 33.96
CA LEU F 68 56.21 18.58 33.45
C LEU F 68 55.84 17.59 34.57
N LEU F 69 56.63 17.56 35.64
CA LEU F 69 56.37 16.68 36.77
C LEU F 69 55.26 17.24 37.67
N THR F 70 54.37 16.36 38.12
CA THR F 70 53.31 16.75 39.05
C THR F 70 53.78 16.55 40.49
N PRO F 71 53.65 17.60 41.33
CA PRO F 71 54.05 17.50 42.74
C PRO F 71 53.34 16.35 43.45
N LYS F 72 54.04 15.65 44.32
CA LYS F 72 53.49 14.46 44.96
CA LYS F 72 53.47 14.47 44.96
C LYS F 72 53.14 14.69 46.44
N SER F 73 53.43 15.88 46.95
CA SER F 73 53.12 16.19 48.34
C SER F 73 52.37 17.51 48.46
N ALA F 74 51.48 17.60 49.44
CA ALA F 74 50.64 18.79 49.62
C ALA F 74 51.46 20.06 49.89
N GLN F 75 52.56 19.91 50.62
CA GLN F 75 53.40 21.04 50.95
C GLN F 75 53.94 21.73 49.69
N GLU F 76 54.28 20.95 48.68
CA GLU F 76 54.75 21.49 47.41
C GLU F 76 53.71 22.38 46.73
N TYR F 77 52.44 21.99 46.80
CA TYR F 77 51.36 22.79 46.24
C TYR F 77 51.17 24.09 47.02
N ILE F 78 51.24 23.99 48.34
CA ILE F 78 51.12 25.17 49.18
C ILE F 78 52.31 26.11 48.92
N LYS F 79 53.49 25.52 48.77
CA LYS F 79 54.71 26.27 48.45
C LYS F 79 54.62 26.97 47.10
N PHE F 80 54.03 26.29 46.12
CA PHE F 80 53.81 26.84 44.79
C PHE F 80 52.96 28.10 44.84
N ALA F 81 51.81 28.02 45.51
CA ALA F 81 50.89 29.15 45.63
C ALA F 81 51.53 30.32 46.37
N GLN F 82 52.42 30.02 47.30
CA GLN F 82 53.12 31.03 48.07
CA GLN F 82 53.10 31.05 48.07
C GLN F 82 54.12 31.78 47.20
N GLN F 83 54.97 31.02 46.51
CA GLN F 83 56.00 31.59 45.65
C GLN F 83 55.43 32.44 44.53
N ARG F 84 54.32 31.99 43.95
CA ARG F 84 53.72 32.68 42.79
C ARG F 84 53.03 33.98 43.21
N ASN F 85 52.82 34.15 44.52
CA ASN F 85 52.16 35.35 45.01
C ASN F 85 53.16 36.40 45.53
N LYS F 86 54.43 36.05 45.53
CA LYS F 86 55.48 37.01 45.90
C LYS F 86 55.46 38.25 45.02
N LYS F 87 55.55 39.42 45.63
CA LYS F 87 55.55 40.67 44.88
C LYS F 87 56.97 41.20 44.66
N SER F 88 57.14 41.98 43.61
CA SER F 88 58.44 42.53 43.27
C SER F 88 58.27 43.90 42.64
N SER F 89 59.37 44.48 42.18
CA SER F 89 59.33 45.81 41.58
C SER F 89 58.71 45.79 40.18
N PHE F 90 58.65 44.61 39.58
CA PHE F 90 58.03 44.46 38.26
C PHE F 90 56.52 44.67 38.36
N LYS F 91 56.02 45.70 37.69
CA LYS F 91 54.62 46.07 37.76
C LYS F 91 54.07 46.35 36.36
N ILE F 92 52.86 45.88 36.11
CA ILE F 92 52.17 46.24 34.89
C ILE F 92 50.91 47.00 35.24
N ASP F 93 50.87 48.26 34.83
CA ASP F 93 49.84 49.20 35.26
C ASP F 93 49.79 49.25 36.78
N GLY F 94 50.93 49.62 37.38
CA GLY F 94 51.06 49.78 38.82
C GLY F 94 50.58 48.60 39.63
N GLU F 95 50.79 47.41 39.09
CA GLU F 95 50.27 46.19 39.70
C GLU F 95 51.29 45.05 39.55
N ALA F 96 51.70 44.47 40.68
CA ALA F 96 52.76 43.47 40.70
C ALA F 96 52.46 42.30 39.76
N VAL F 97 53.48 41.83 39.08
CA VAL F 97 53.31 40.80 38.06
C VAL F 97 53.37 39.38 38.64
N ARG F 98 52.33 38.61 38.35
CA ARG F 98 52.30 37.20 38.67
C ARG F 98 52.16 36.41 37.35
N VAL F 99 52.80 35.25 37.26
CA VAL F 99 52.88 34.52 36.00
C VAL F 99 52.60 33.03 36.16
N SER F 100 51.81 32.46 35.26
CA SER F 100 51.65 31.03 35.16
C SER F 100 51.11 30.67 33.78
N GLU F 101 50.80 29.41 33.59
CA GLU F 101 50.37 28.81 32.34
C GLU F 101 49.50 27.57 32.46
N CYS F 102 49.01 27.05 31.34
CA CYS F 102 47.99 26.02 31.47
C CYS F 102 48.46 24.71 32.11
N SER F 103 49.77 24.52 32.27
CA SER F 103 50.25 23.27 32.86
C SER F 103 50.37 23.32 34.37
N ASN F 104 50.69 24.49 34.92
CA ASN F 104 50.96 24.56 36.35
C ASN F 104 50.01 25.48 37.11
N PHE F 105 49.18 26.24 36.42
CA PHE F 105 48.29 27.18 37.07
C PHE F 105 47.42 26.43 38.09
N ALA F 106 47.02 25.21 37.75
CA ALA F 106 46.19 24.42 38.65
C ALA F 106 46.87 24.11 39.98
N TYR F 107 48.20 24.10 40.01
CA TYR F 107 48.91 23.80 41.25
C TYR F 107 48.67 24.90 42.29
N HIS F 108 48.53 26.13 41.80
CA HIS F 108 48.30 27.28 42.67
C HIS F 108 47.00 27.11 43.45
N SER F 109 45.94 26.78 42.73
CA SER F 109 44.65 26.50 43.36
C SER F 109 44.73 25.31 44.30
N ALA F 110 45.45 24.28 43.91
CA ALA F 110 45.61 23.11 44.76
C ALA F 110 46.24 23.52 46.09
N GLY F 111 47.25 24.38 46.01
CA GLY F 111 47.91 24.91 47.20
C GLY F 111 47.00 25.71 48.11
N VAL F 112 46.26 26.66 47.52
CA VAL F 112 45.28 27.46 48.24
C VAL F 112 44.23 26.60 48.94
N LEU F 113 43.76 25.56 48.25
CA LEU F 113 42.73 24.69 48.78
C LEU F 113 43.29 23.75 49.86
N LEU F 114 44.46 23.21 49.62
CA LEU F 114 45.11 22.31 50.57
C LEU F 114 45.49 23.03 51.86
N ASP F 115 45.59 24.36 51.78
CA ASP F 115 45.97 25.16 52.93
C ASP F 115 44.77 25.53 53.81
N ASP F 116 43.58 25.47 53.25
CA ASP F 116 42.39 25.82 54.04
C ASP F 116 42.00 24.67 54.97
N PRO F 117 41.90 24.97 56.28
CA PRO F 117 41.60 23.95 57.29
C PRO F 117 40.22 23.33 57.13
N GLN F 118 39.25 24.12 56.68
CA GLN F 118 37.88 23.64 56.54
C GLN F 118 37.70 22.78 55.29
N ILE F 119 38.48 23.06 54.26
CA ILE F 119 38.43 22.27 53.03
C ILE F 119 38.93 20.86 53.30
N ARG F 120 39.94 20.75 54.16
CA ARG F 120 40.52 19.44 54.47
C ARG F 120 39.55 18.49 55.14
N THR F 121 38.57 19.04 55.86
CA THR F 121 37.61 18.20 56.57
C THR F 121 36.41 17.87 55.68
N GLN F 122 36.31 18.55 54.55
CA GLN F 122 35.18 18.33 53.65
C GLN F 122 35.64 17.71 52.33
N TYR F 123 36.66 18.27 51.68
CA TYR F 123 37.02 17.75 50.37
C TYR F 123 38.39 17.11 50.30
N ASP F 124 38.50 16.11 49.44
CA ASP F 124 39.80 15.65 49.01
C ASP F 124 40.23 16.56 47.85
N VAL F 125 41.53 16.77 47.68
CA VAL F 125 41.99 17.61 46.58
C VAL F 125 42.75 16.77 45.56
N ALA F 126 42.40 16.95 44.28
CA ALA F 126 43.09 16.22 43.22
C ALA F 126 43.56 17.14 42.10
N VAL F 127 44.67 16.77 41.48
CA VAL F 127 45.14 17.49 40.29
C VAL F 127 45.15 16.52 39.12
N ILE F 128 44.45 16.88 38.05
CA ILE F 128 44.33 15.98 36.91
C ILE F 128 44.89 16.57 35.62
N GLY F 129 45.30 15.69 34.73
CA GLY F 129 45.67 16.09 33.39
C GLY F 129 44.42 15.94 32.55
N SER F 130 44.09 16.96 31.77
CA SER F 130 42.89 16.95 30.98
C SER F 130 43.23 17.38 29.56
N MSE F 131 42.19 17.61 28.75
CA MSE F 131 42.37 17.95 27.34
C MSE F 131 43.29 16.93 26.65
O MSE F 131 44.36 17.26 26.14
CB MSE F 131 42.93 19.37 27.17
CG MSE F 131 42.70 19.96 25.79
SE MSE F 131 43.25 21.84 25.68
CE MSE F 131 41.90 22.65 26.83
N HIS F 132 42.86 15.68 26.68
CA HIS F 132 43.59 14.57 26.08
C HIS F 132 43.76 14.72 24.57
N SER F 133 44.99 14.59 24.09
CA SER F 133 45.28 14.58 22.65
C SER F 133 46.42 13.61 22.34
N ASN F 134 46.09 12.51 21.67
CA ASN F 134 47.09 11.53 21.23
C ASN F 134 48.06 11.14 22.35
N GLY F 135 47.52 10.70 23.48
CA GLY F 135 48.34 10.22 24.57
C GLY F 135 48.88 11.28 25.51
N ARG F 136 48.69 12.56 25.14
CA ARG F 136 49.09 13.67 26.01
C ARG F 136 47.90 14.35 26.66
N TYR F 137 48.06 14.78 27.89
CA TYR F 137 47.03 15.57 28.55
C TYR F 137 47.50 17.02 28.64
N LEU F 138 46.91 17.88 27.82
CA LEU F 138 47.48 19.19 27.55
C LEU F 138 47.09 20.28 28.55
N HIS F 139 46.19 19.95 29.48
CA HIS F 139 45.65 20.96 30.38
C HIS F 139 45.46 20.41 31.78
N ASN F 140 46.08 21.04 32.76
CA ASN F 140 45.98 20.55 34.13
C ASN F 140 44.90 21.32 34.89
N ILE F 141 44.16 20.60 35.73
CA ILE F 141 42.97 21.10 36.39
C ILE F 141 42.92 20.57 37.81
N THR F 142 42.46 21.39 38.75
CA THR F 142 42.29 20.95 40.14
C THR F 142 40.87 20.51 40.42
N LEU F 143 40.73 19.43 41.17
CA LEU F 143 39.42 18.93 41.57
C LEU F 143 39.22 18.98 43.09
N LEU F 144 38.01 19.33 43.49
CA LEU F 144 37.55 19.14 44.86
C LEU F 144 36.57 17.96 44.88
N VAL F 145 36.94 16.89 45.58
CA VAL F 145 36.14 15.67 45.61
C VAL F 145 35.62 15.42 47.03
N PRO F 146 34.31 15.14 47.17
CA PRO F 146 33.74 14.88 48.51
C PRO F 146 34.39 13.67 49.19
N LYS F 147 34.53 13.74 50.52
CA LYS F 147 35.02 12.60 51.29
C LYS F 147 34.31 11.30 50.93
N GLY F 148 35.06 10.20 50.93
CA GLY F 148 34.47 8.89 50.69
C GLY F 148 34.31 8.57 49.22
N SER F 149 34.72 9.52 48.37
CA SER F 149 34.67 9.32 46.93
C SER F 149 36.08 9.13 46.36
N ARG F 150 36.36 7.95 45.83
CA ARG F 150 37.68 7.66 45.30
C ARG F 150 37.82 8.09 43.84
N LEU F 151 39.07 8.16 43.37
CA LEU F 151 39.37 8.46 41.97
C LEU F 151 40.26 7.37 41.38
N PRO F 152 40.07 7.05 40.09
CA PRO F 152 40.93 6.05 39.45
C PRO F 152 42.39 6.50 39.34
N GLN F 153 43.32 5.59 39.54
CA GLN F 153 44.73 5.92 39.41
C GLN F 153 45.25 5.49 38.05
N PRO F 154 46.27 6.19 37.52
CA PRO F 154 46.87 5.80 36.24
C PRO F 154 47.32 4.34 36.28
N PRO F 155 47.23 3.63 35.14
CA PRO F 155 46.85 4.18 33.83
C PRO F 155 45.36 4.22 33.58
N GLN F 156 44.53 3.96 34.59
CA GLN F 156 43.08 4.09 34.44
C GLN F 156 42.71 5.56 34.26
N GLN F 157 41.72 5.82 33.42
CA GLN F 157 41.32 7.18 33.11
C GLN F 157 40.15 7.63 33.95
N LEU F 158 40.12 8.93 34.24
CA LEU F 158 38.93 9.55 34.81
C LEU F 158 37.97 9.88 33.67
N THR F 159 36.77 9.34 33.73
CA THR F 159 35.73 9.60 32.73
C THR F 159 34.44 10.00 33.44
N ALA F 160 33.44 10.41 32.66
CA ALA F 160 32.16 10.82 33.23
C ALA F 160 31.54 9.71 34.07
N GLU F 161 31.76 8.47 33.65
CA GLU F 161 31.19 7.30 34.30
C GLU F 161 31.68 7.13 35.73
N VAL F 162 32.88 7.60 36.02
CA VAL F 162 33.48 7.38 37.33
C VAL F 162 33.81 8.73 37.99
N PHE F 163 33.19 9.78 37.50
CA PHE F 163 33.33 11.13 38.05
C PHE F 163 32.37 11.31 39.21
N PRO F 164 32.89 11.47 40.44
CA PRO F 164 32.01 11.48 41.61
C PRO F 164 31.03 12.67 41.64
N ILE F 165 29.79 12.40 42.07
CA ILE F 165 28.80 13.45 42.29
C ILE F 165 29.31 14.42 43.35
N GLY F 166 29.08 15.72 43.14
CA GLY F 166 29.51 16.73 44.07
C GLY F 166 30.93 17.23 43.84
N THR F 167 31.62 16.65 42.87
CA THR F 167 32.96 17.11 42.54
C THR F 167 32.91 18.52 41.96
N LEU F 168 33.82 19.37 42.42
CA LEU F 168 33.93 20.74 41.91
C LEU F 168 35.18 20.92 41.06
N ILE F 169 35.06 21.67 39.97
CA ILE F 169 36.18 21.97 39.08
C ILE F 169 36.85 23.27 39.49
N VAL F 170 38.17 23.29 39.53
CA VAL F 170 38.91 24.54 39.75
C VAL F 170 39.98 24.77 38.69
N ASP F 171 39.73 25.72 37.80
CA ASP F 171 40.60 25.96 36.66
C ASP F 171 40.96 27.44 36.55
N PRO F 172 41.97 27.87 37.33
CA PRO F 172 42.40 29.27 37.34
C PRO F 172 42.97 29.73 36.00
N TRP F 173 43.51 28.82 35.20
CA TRP F 173 43.99 29.19 33.87
C TRP F 173 42.85 29.78 33.06
N ALA F 174 41.67 29.16 33.15
CA ALA F 174 40.48 29.66 32.47
C ALA F 174 40.11 31.08 32.92
N VAL F 175 40.28 31.35 34.21
CA VAL F 175 40.03 32.69 34.75
C VAL F 175 41.07 33.68 34.23
N GLY F 176 42.33 33.24 34.19
CA GLY F 176 43.40 34.06 33.64
C GLY F 176 43.09 34.45 32.22
N MSE F 177 42.55 33.50 31.47
CA MSE F 177 42.19 33.70 30.07
C MSE F 177 40.94 34.56 29.92
O MSE F 177 40.57 34.94 28.81
CB MSE F 177 41.98 32.34 29.40
CG MSE F 177 43.26 31.58 29.08
SE MSE F 177 44.40 32.68 27.93
CE MSE F 177 45.68 31.31 27.34
N GLY F 178 40.27 34.83 31.04
CA GLY F 178 39.15 35.75 31.05
C GLY F 178 37.77 35.19 31.32
N HIS F 179 37.67 33.90 31.61
CA HIS F 179 36.37 33.32 31.96
C HIS F 179 36.00 33.74 33.37
N PRO F 180 34.70 33.99 33.62
CA PRO F 180 34.21 34.36 34.95
C PRO F 180 34.29 33.19 35.93
N PRO F 181 34.33 33.48 37.24
CA PRO F 181 34.41 32.45 38.29
C PRO F 181 33.34 31.37 38.15
N GLU F 182 32.17 31.77 37.71
CA GLU F 182 31.03 30.86 37.56
C GLU F 182 31.32 29.77 36.53
N GLN F 183 32.36 29.97 35.74
CA GLN F 183 32.70 29.02 34.70
C GLN F 183 34.01 28.30 34.96
N ALA F 184 34.64 28.55 36.11
CA ALA F 184 35.96 27.98 36.33
C ALA F 184 36.36 27.73 37.78
N LEU F 185 35.71 28.38 38.74
CA LEU F 185 36.21 28.33 40.11
C LEU F 185 35.25 27.63 41.08
N ALA F 186 35.54 26.35 41.35
CA ALA F 186 34.77 25.52 42.29
C ALA F 186 33.32 25.35 41.86
N ILE F 187 33.12 24.85 40.65
CA ILE F 187 31.81 24.76 40.03
C ILE F 187 31.62 23.38 39.43
N PRO F 188 30.35 22.95 39.25
CA PRO F 188 30.09 21.64 38.64
C PRO F 188 30.51 21.62 37.18
N LYS F 189 30.80 20.43 36.64
CA LYS F 189 31.31 20.33 35.28
C LYS F 189 30.33 20.86 34.25
N GLU F 190 29.04 20.88 34.59
CA GLU F 190 28.02 21.41 33.70
C GLU F 190 28.21 22.90 33.42
N GLN F 191 28.78 23.62 34.38
CA GLN F 191 29.04 25.05 34.23
C GLN F 191 30.45 25.34 33.73
N PHE F 192 31.29 24.31 33.65
CA PHE F 192 32.73 24.50 33.39
C PHE F 192 33.03 24.90 31.95
N ALA F 193 33.81 25.98 31.78
CA ALA F 193 34.16 26.51 30.47
C ALA F 193 34.81 25.48 29.54
N TYR F 194 35.64 24.59 30.10
CA TYR F 194 36.30 23.58 29.27
C TYR F 194 35.73 22.19 29.49
N ASN F 195 34.42 22.14 29.74
CA ASN F 195 33.71 20.87 29.89
C ASN F 195 33.83 19.96 28.65
N ARG F 196 33.96 20.55 27.47
CA ARG F 196 34.04 19.75 26.24
C ARG F 196 35.38 19.02 26.09
N SER F 197 36.40 19.43 26.85
CA SER F 197 37.67 18.72 26.81
C SER F 197 38.03 18.07 28.14
N LEU F 198 37.07 18.05 29.06
CA LEU F 198 37.32 17.58 30.43
C LEU F 198 37.74 16.11 30.47
N PHE F 199 36.95 15.25 29.81
CA PHE F 199 37.20 13.81 29.78
C PHE F 199 37.69 13.39 28.41
N PRO F 200 38.57 12.37 28.34
CA PRO F 200 39.13 11.63 29.48
C PRO F 200 40.28 12.36 30.14
N ALA F 201 40.53 12.03 31.40
CA ALA F 201 41.57 12.69 32.18
C ALA F 201 42.38 11.67 32.95
N THR F 202 43.57 12.06 33.37
CA THR F 202 44.41 11.21 34.18
C THR F 202 44.63 11.89 35.53
N VAL F 203 44.50 11.14 36.61
CA VAL F 203 44.65 11.70 37.94
C VAL F 203 46.09 11.59 38.44
N ASN F 204 46.79 12.73 38.51
CA ASN F 204 48.22 12.70 38.83
C ASN F 204 48.57 12.99 40.29
N TYR F 205 47.61 13.52 41.04
CA TYR F 205 47.79 13.70 42.47
C TYR F 205 46.47 13.57 43.20
N GLN F 206 46.48 12.89 44.34
CA GLN F 206 45.33 12.81 45.23
C GLN F 206 45.78 13.04 46.66
N SER F 207 45.22 14.07 47.30
CA SER F 207 45.55 14.33 48.70
C SER F 207 45.13 13.13 49.55
N ALA F 208 44.08 12.44 49.10
CA ALA F 208 43.56 11.29 49.82
C ALA F 208 44.53 10.11 49.83
N LEU F 209 45.52 10.15 48.95
CA LEU F 209 46.52 9.09 48.91
C LEU F 209 47.88 9.62 49.34
N ASP F 210 47.91 10.87 49.76
CA ASP F 210 49.15 11.52 50.14
C ASP F 210 49.42 11.39 51.64
N GLU F 211 50.38 10.54 51.98
CA GLU F 211 50.68 10.23 53.37
C GLU F 211 51.23 11.43 54.13
N SER F 212 51.71 12.43 53.40
CA SER F 212 52.30 13.59 54.04
C SER F 212 51.24 14.61 54.44
N LEU F 213 49.99 14.36 54.06
CA LEU F 213 48.93 15.34 54.24
C LEU F 213 48.68 15.68 55.71
N THR F 214 48.64 14.64 56.53
CA THR F 214 48.44 14.80 57.97
C THR F 214 49.45 15.75 58.60
N SER F 215 50.72 15.61 58.23
CA SER F 215 51.77 16.45 58.81
C SER F 215 51.92 17.79 58.07
N THR F 216 50.99 18.10 57.18
CA THR F 216 51.04 19.37 56.45
C THR F 216 50.18 20.44 57.10
N ARG F 217 50.83 21.50 57.58
CA ARG F 217 50.14 22.57 58.26
C ARG F 217 49.13 23.28 57.38
N THR F 218 48.14 23.90 58.02
CA THR F 218 47.17 24.74 57.32
C THR F 218 47.37 26.20 57.72
N GLY F 219 46.71 27.10 56.99
CA GLY F 219 46.79 28.52 57.27
C GLY F 219 48.17 29.11 57.02
N GLN F 220 48.95 28.48 56.15
CA GLN F 220 50.25 29.02 55.77
C GLN F 220 50.11 30.14 54.75
N LEU F 221 48.97 30.21 54.08
CA LEU F 221 48.80 31.14 52.98
C LEU F 221 47.90 32.30 53.35
N THR F 222 48.33 33.50 52.97
CA THR F 222 47.51 34.70 53.10
C THR F 222 46.81 34.97 51.78
N PRO F 223 45.49 35.24 51.82
CA PRO F 223 44.76 35.58 50.60
C PRO F 223 45.43 36.75 49.88
N TYR F 224 45.48 36.68 48.56
CA TYR F 224 46.20 37.70 47.79
C TYR F 224 45.56 39.08 47.98
N THR F 225 44.24 39.13 47.95
CA THR F 225 43.51 40.35 48.27
C THR F 225 42.56 40.11 49.43
N GLY F 226 42.92 40.62 50.60
CA GLY F 226 42.14 40.42 51.81
C GLY F 226 40.72 40.93 51.69
N THR F 227 39.76 40.00 51.65
CA THR F 227 38.37 40.37 51.46
C THR F 227 37.48 39.63 52.46
N GLY G 1 7.79 28.62 21.44
CA GLY G 1 8.53 27.41 21.75
C GLY G 1 8.81 26.62 20.50
N MET G 2 8.00 25.60 20.23
CA MET G 2 8.21 24.76 19.06
C MET G 2 7.34 25.17 17.88
N VAL G 3 6.21 25.82 18.16
CA VAL G 3 5.26 26.18 17.10
C VAL G 3 5.19 27.69 16.85
N LEU G 4 4.99 28.45 17.92
CA LEU G 4 4.81 29.89 17.83
C LEU G 4 6.07 30.58 17.31
N THR G 5 5.92 31.40 16.28
CA THR G 5 7.05 32.13 15.70
C THR G 5 6.90 33.63 15.93
N LEU G 6 7.97 34.37 15.68
CA LEU G 6 7.92 35.83 15.77
C LEU G 6 6.99 36.41 14.71
N SER G 7 6.90 35.71 13.57
CA SER G 7 6.05 36.14 12.47
C SER G 7 4.57 35.97 12.81
N ASP G 8 4.23 34.87 13.48
CA ASP G 8 2.90 34.68 14.02
C ASP G 8 2.50 35.83 14.93
N LEU G 9 3.42 36.26 15.78
CA LEU G 9 3.12 37.30 16.76
C LEU G 9 2.92 38.65 16.09
N GLU G 10 3.74 38.97 15.09
CA GLU G 10 3.58 40.23 14.36
C GLU G 10 2.29 40.25 13.55
N LYS G 11 1.96 39.14 12.91
CA LYS G 11 0.74 39.04 12.12
C LYS G 11 -0.51 39.08 13.00
N GLY G 12 -0.39 38.56 14.22
CA GLY G 12 -1.52 38.48 15.12
C GLY G 12 -1.73 39.74 15.93
N TYR G 13 -0.73 40.63 15.90
CA TYR G 13 -0.76 41.88 16.65
C TYR G 13 -1.54 42.99 15.92
N ASP G 14 -2.79 43.20 16.31
CA ASP G 14 -3.58 44.31 15.79
C ASP G 14 -3.25 45.59 16.56
N LYS G 15 -2.50 46.48 15.91
CA LYS G 15 -2.01 47.69 16.57
C LYS G 15 -3.08 48.77 16.69
N ASN G 16 -4.15 48.65 15.92
CA ASN G 16 -5.27 49.57 16.06
C ASN G 16 -6.07 49.25 17.32
N LEU G 17 -6.19 47.98 17.65
CA LEU G 17 -7.00 47.56 18.78
C LEU G 17 -6.18 47.12 19.99
N ASN G 18 -4.87 47.07 19.84
CA ASN G 18 -3.99 46.55 20.89
C ASN G 18 -4.46 45.17 21.36
N GLN G 19 -4.72 44.31 20.38
CA GLN G 19 -5.18 42.95 20.63
C GLN G 19 -4.27 41.96 19.91
N LEU G 20 -3.99 40.85 20.58
CA LEU G 20 -3.17 39.79 19.99
C LEU G 20 -4.04 38.58 19.74
N SER G 21 -4.14 38.18 18.48
CA SER G 21 -4.96 37.04 18.09
CA SER G 21 -4.96 37.04 18.11
C SER G 21 -4.11 35.92 17.52
N LEU G 22 -4.18 34.76 18.15
CA LEU G 22 -3.33 33.63 17.78
C LEU G 22 -4.13 32.34 17.68
N SER G 23 -5.36 32.44 17.18
CA SER G 23 -6.23 31.27 17.14
C SER G 23 -5.87 30.33 15.99
N PHE G 24 -6.23 29.07 16.15
CA PHE G 24 -6.01 28.04 15.13
C PHE G 24 -4.54 27.91 14.69
N LEU G 25 -3.62 27.98 15.65
CA LEU G 25 -2.20 27.85 15.33
C LEU G 25 -1.58 26.56 15.88
N ASN G 26 -2.41 25.70 16.48
CA ASN G 26 -1.94 24.50 17.15
C ASN G 26 -0.90 24.79 18.24
N LEU G 27 -1.06 25.91 18.95
CA LEU G 27 -0.12 26.27 20.02
C LEU G 27 -0.18 25.26 21.17
N ARG G 28 0.99 24.98 21.74
CA ARG G 28 1.11 24.07 22.89
C ARG G 28 1.58 24.85 24.11
N ASP G 29 1.65 24.16 25.24
CA ASP G 29 2.09 24.76 26.50
C ASP G 29 3.48 25.40 26.36
N ASN G 30 4.37 24.77 25.62
CA ASN G 30 5.75 25.24 25.55
C ASN G 30 5.90 26.52 24.70
N ASP G 31 4.83 26.94 24.04
CA ASP G 31 4.84 28.19 23.28
C ASP G 31 4.51 29.39 24.15
N ILE G 32 3.98 29.13 25.34
CA ILE G 32 3.51 30.21 26.20
C ILE G 32 4.62 31.14 26.73
N PRO G 33 5.81 30.59 27.09
CA PRO G 33 6.85 31.52 27.54
C PRO G 33 7.22 32.61 26.52
N LEU G 34 7.38 32.24 25.26
CA LEU G 34 7.62 33.23 24.20
C LEU G 34 6.46 34.21 24.07
N LEU G 35 5.25 33.69 24.13
CA LEU G 35 4.04 34.51 24.11
C LEU G 35 4.11 35.59 25.19
N CYS G 36 4.40 35.19 26.43
CA CYS G 36 4.46 36.13 27.52
C CYS G 36 5.56 37.17 27.36
N GLU G 37 6.68 36.75 26.78
CA GLU G 37 7.80 37.68 26.53
C GLU G 37 7.39 38.78 25.58
N PHE G 38 6.71 38.39 24.50
CA PHE G 38 6.19 39.34 23.52
C PHE G 38 5.20 40.30 24.17
N LEU G 39 4.29 39.75 24.97
CA LEU G 39 3.31 40.58 25.66
C LEU G 39 3.99 41.57 26.61
N GLN G 40 5.03 41.10 27.30
CA GLN G 40 5.79 41.95 28.22
C GLN G 40 6.50 43.08 27.46
N ASN G 41 6.90 42.82 26.22
CA ASN G 41 7.51 43.83 25.38
C ASN G 41 6.49 44.83 24.83
N HIS G 42 5.22 44.44 24.87
CA HIS G 42 4.16 45.30 24.36
C HIS G 42 3.02 45.40 25.38
N PRO G 43 3.26 46.07 26.51
CA PRO G 43 2.33 46.10 27.64
C PRO G 43 0.97 46.71 27.30
N ALA G 44 0.87 47.41 26.17
CA ALA G 44 -0.41 47.95 25.73
C ALA G 44 -1.38 46.87 25.27
N ILE G 45 -0.85 45.70 24.92
CA ILE G 45 -1.73 44.59 24.54
C ILE G 45 -2.40 44.04 25.79
N THR G 46 -3.67 44.40 25.99
CA THR G 46 -4.40 43.97 27.17
C THR G 46 -5.53 43.01 26.81
N SER G 47 -5.60 42.67 25.53
CA SER G 47 -6.62 41.77 25.00
C SER G 47 -5.94 40.66 24.22
N LEU G 48 -6.28 39.42 24.56
CA LEU G 48 -5.59 38.26 23.99
C LEU G 48 -6.57 37.16 23.58
N ASP G 49 -6.44 36.70 22.33
CA ASP G 49 -7.21 35.58 21.81
C ASP G 49 -6.31 34.37 21.57
N LEU G 50 -6.43 33.34 22.42
CA LEU G 50 -5.66 32.11 22.27
C LEU G 50 -6.54 30.92 21.93
N SER G 51 -7.76 31.21 21.48
CA SER G 51 -8.76 30.17 21.27
C SER G 51 -8.37 29.19 20.16
N HIS G 52 -8.91 27.99 20.24
CA HIS G 52 -8.72 26.98 19.19
C HIS G 52 -7.25 26.62 19.07
N ASN G 53 -6.67 26.18 20.18
CA ASN G 53 -5.32 25.65 20.17
C ASN G 53 -5.29 24.39 21.05
N ASP G 54 -4.09 23.96 21.43
CA ASP G 54 -3.94 22.73 22.22
C ASP G 54 -3.29 23.03 23.57
N ILE G 55 -3.67 24.14 24.18
CA ILE G 55 -3.10 24.52 25.47
C ILE G 55 -3.76 23.73 26.60
N THR G 56 -2.94 23.24 27.53
CA THR G 56 -3.47 22.53 28.70
C THR G 56 -3.24 23.35 29.96
N ALA G 57 -3.58 22.80 31.12
CA ALA G 57 -3.34 23.45 32.41
C ALA G 57 -1.88 23.83 32.60
N ASN G 58 -0.97 23.00 32.08
CA ASN G 58 0.46 23.26 32.20
C ASN G 58 0.89 24.51 31.44
N GLY G 59 0.13 24.86 30.40
CA GLY G 59 0.37 26.08 29.65
C GLY G 59 -0.23 27.30 30.34
N VAL G 60 -1.43 27.13 30.88
CA VAL G 60 -2.10 28.22 31.59
C VAL G 60 -1.28 28.62 32.82
N LYS G 61 -0.61 27.65 33.41
CA LYS G 61 0.29 27.90 34.53
C LYS G 61 1.40 28.87 34.13
N LEU G 62 1.93 28.71 32.93
CA LEU G 62 3.02 29.55 32.44
C LEU G 62 2.55 30.96 32.03
N PHE G 63 1.25 31.14 31.88
CA PHE G 63 0.70 32.42 31.45
C PHE G 63 0.26 33.32 32.60
N VAL G 64 -0.42 32.74 33.57
CA VAL G 64 -1.08 33.51 34.63
C VAL G 64 -0.11 34.38 35.43
N ASN G 65 -0.51 35.64 35.64
CA ASN G 65 0.26 36.62 36.41
C ASN G 65 1.64 36.91 35.81
N LYS G 66 1.73 36.84 34.49
CA LYS G 66 2.97 37.19 33.80
C LYS G 66 2.78 38.43 32.93
N THR G 67 1.53 38.79 32.66
CA THR G 67 1.24 39.93 31.79
C THR G 67 0.12 40.78 32.36
N SER G 68 -0.18 41.89 31.69
CA SER G 68 -1.26 42.78 32.13
CA SER G 68 -1.25 42.79 32.12
C SER G 68 -2.54 42.56 31.33
N VAL G 69 -2.63 41.42 30.65
CA VAL G 69 -3.82 41.09 29.88
C VAL G 69 -5.03 41.00 30.81
N SER G 70 -6.09 41.72 30.47
CA SER G 70 -7.31 41.76 31.30
C SER G 70 -8.50 41.13 30.59
N SER G 71 -8.36 40.91 29.29
CA SER G 71 -9.38 40.25 28.50
C SER G 71 -8.78 39.07 27.78
N LEU G 72 -9.17 37.87 28.19
CA LEU G 72 -8.56 36.65 27.67
C LEU G 72 -9.60 35.68 27.12
N ASN G 73 -9.43 35.32 25.86
CA ASN G 73 -10.20 34.26 25.25
C ASN G 73 -9.30 33.05 25.05
N ILE G 74 -9.56 32.00 25.83
CA ILE G 74 -8.77 30.78 25.69
C ILE G 74 -9.73 29.61 25.46
N SER G 75 -10.88 29.93 24.87
CA SER G 75 -11.87 28.90 24.55
C SER G 75 -11.32 27.88 23.56
N HIS G 76 -11.93 26.70 23.53
CA HIS G 76 -11.56 25.65 22.57
C HIS G 76 -10.09 25.27 22.71
N ASN G 77 -9.67 25.03 23.94
CA ASN G 77 -8.39 24.41 24.21
C ASN G 77 -8.63 23.15 25.02
N ASN G 78 -7.67 22.77 25.85
CA ASN G 78 -7.76 21.55 26.65
C ASN G 78 -7.34 21.82 28.10
N ILE G 79 -7.72 22.99 28.63
CA ILE G 79 -7.13 23.43 29.90
C ILE G 79 -7.71 22.69 31.13
N GLY G 80 -8.95 22.22 31.02
CA GLY G 80 -9.56 21.45 32.10
C GLY G 80 -9.78 22.19 33.40
N PRO G 81 -10.13 21.45 34.47
CA PRO G 81 -10.40 22.00 35.80
C PRO G 81 -9.17 22.65 36.42
N GLU G 82 -7.98 22.12 36.15
CA GLU G 82 -6.79 22.69 36.74
C GLU G 82 -6.44 24.01 36.03
N GLY G 83 -6.70 24.06 34.73
CA GLY G 83 -6.51 25.27 33.97
C GLY G 83 -7.32 26.41 34.54
N ALA G 84 -8.57 26.11 34.90
CA ALA G 84 -9.47 27.10 35.48
C ALA G 84 -8.97 27.47 36.88
N GLN G 85 -8.37 26.50 37.56
CA GLN G 85 -7.77 26.74 38.87
C GLN G 85 -6.63 27.77 38.78
N TRP G 86 -5.77 27.62 37.77
CA TRP G 86 -4.66 28.57 37.60
C TRP G 86 -5.19 29.97 37.29
N LEU G 87 -6.15 30.03 36.37
CA LEU G 87 -6.73 31.30 35.96
C LEU G 87 -7.45 32.03 37.10
N SER G 88 -7.89 31.27 38.09
CA SER G 88 -8.66 31.84 39.19
C SER G 88 -7.87 32.82 40.06
N GLU G 89 -6.54 32.77 39.99
CA GLU G 89 -5.70 33.65 40.81
C GLU G 89 -5.00 34.74 40.02
N ASP G 90 -5.36 34.88 38.75
CA ASP G 90 -4.77 35.94 37.94
C ASP G 90 -5.25 37.29 38.41
N ASN G 91 -4.34 38.25 38.46
CA ASN G 91 -4.64 39.54 39.06
C ASN G 91 -5.16 40.60 38.09
N HIS G 92 -5.16 40.32 36.80
CA HIS G 92 -5.58 41.35 35.83
C HIS G 92 -6.87 41.00 35.07
N ILE G 93 -7.07 39.73 34.75
CA ILE G 93 -8.22 39.31 33.95
C ILE G 93 -9.57 39.65 34.60
N THR G 94 -10.38 40.42 33.87
CA THR G 94 -11.72 40.80 34.30
C THR G 94 -12.79 40.23 33.37
N THR G 95 -12.41 39.94 32.12
CA THR G 95 -13.28 39.26 31.16
C THR G 95 -12.59 37.99 30.68
N LEU G 96 -13.24 36.86 30.91
CA LEU G 96 -12.62 35.56 30.66
C LEU G 96 -13.53 34.65 29.86
N ASP G 97 -12.99 34.09 28.78
CA ASP G 97 -13.70 33.08 27.99
C ASP G 97 -12.95 31.76 28.13
N VAL G 98 -13.54 30.80 28.84
CA VAL G 98 -12.97 29.46 28.94
C VAL G 98 -13.89 28.41 28.35
N SER G 99 -14.74 28.82 27.41
CA SER G 99 -15.66 27.89 26.77
C SER G 99 -14.94 26.71 26.14
N PHE G 100 -15.60 25.55 26.12
CA PHE G 100 -15.08 24.36 25.44
C PHE G 100 -13.69 23.96 25.94
N ASN G 101 -13.59 23.78 27.25
CA ASN G 101 -12.32 23.38 27.86
C ASN G 101 -12.48 22.28 28.91
N GLU G 102 -13.68 21.72 29.02
CA GLU G 102 -13.97 20.67 30.00
C GLU G 102 -13.56 21.06 31.42
N ILE G 103 -13.75 22.32 31.79
CA ILE G 103 -13.27 22.77 33.09
C ILE G 103 -14.15 22.22 34.21
N GLY G 104 -15.37 21.81 33.88
CA GLY G 104 -16.26 21.14 34.81
C GLY G 104 -16.67 21.93 36.05
N ASP G 105 -17.34 21.26 36.98
CA ASP G 105 -17.77 21.88 38.23
C ASP G 105 -16.59 22.30 39.10
N GLU G 106 -15.52 21.51 39.09
CA GLU G 106 -14.34 21.83 39.89
C GLU G 106 -13.66 23.09 39.35
N GLY G 107 -13.65 23.23 38.04
CA GLY G 107 -13.08 24.42 37.41
C GLY G 107 -13.83 25.69 37.75
N VAL G 108 -15.16 25.66 37.67
CA VAL G 108 -15.94 26.86 37.94
C VAL G 108 -16.03 27.15 39.43
N LYS G 109 -15.75 26.15 40.26
CA LYS G 109 -15.68 26.39 41.69
C LYS G 109 -14.58 27.41 41.96
N ALA G 110 -13.42 27.20 41.34
CA ALA G 110 -12.31 28.14 41.49
C ALA G 110 -12.63 29.52 40.91
N LEU G 111 -13.14 29.55 39.68
CA LEU G 111 -13.39 30.82 39.00
C LEU G 111 -14.47 31.64 39.70
N ALA G 112 -15.46 30.97 40.28
CA ALA G 112 -16.54 31.68 40.98
C ALA G 112 -16.02 32.38 42.23
N ALA G 113 -14.85 31.96 42.70
CA ALA G 113 -14.27 32.55 43.90
C ALA G 113 -13.34 33.71 43.55
N ASN G 114 -13.09 33.89 42.26
CA ASN G 114 -12.23 34.97 41.78
C ASN G 114 -12.96 36.29 41.66
N ALA G 115 -12.76 37.17 42.65
CA ALA G 115 -13.51 38.42 42.73
C ALA G 115 -13.12 39.42 41.65
N LYS G 116 -12.03 39.14 40.94
CA LYS G 116 -11.58 40.04 39.90
C LYS G 116 -12.46 39.90 38.64
N LEU G 117 -13.07 38.73 38.45
CA LEU G 117 -13.88 38.46 37.26
C LEU G 117 -15.20 39.23 37.22
N ILE G 118 -15.40 39.96 36.14
CA ILE G 118 -16.66 40.68 35.89
C ILE G 118 -17.54 39.87 34.91
N THR G 119 -16.91 39.35 33.87
CA THR G 119 -17.61 38.63 32.82
C THR G 119 -16.99 37.26 32.58
N LEU G 120 -17.83 36.23 32.51
CA LEU G 120 -17.35 34.88 32.31
C LEU G 120 -18.12 34.18 31.20
N TYR G 121 -17.41 33.80 30.15
CA TYR G 121 -17.95 32.91 29.13
C TYR G 121 -17.44 31.51 29.40
N ALA G 122 -18.35 30.57 29.60
CA ALA G 122 -17.96 29.20 29.91
C ALA G 122 -18.92 28.21 29.25
N LEU G 123 -19.25 28.46 27.99
CA LEU G 123 -20.11 27.55 27.24
C LEU G 123 -19.49 26.15 27.19
N TYR G 124 -20.34 25.13 27.09
CA TYR G 124 -19.93 23.74 26.93
C TYR G 124 -18.70 23.35 27.76
N ASN G 125 -18.89 23.18 29.07
CA ASN G 125 -17.78 22.85 29.94
C ASN G 125 -18.12 21.76 30.94
N LYS G 126 -19.20 21.02 30.68
CA LYS G 126 -19.70 20.00 31.58
C LYS G 126 -20.02 20.59 32.97
N ILE G 127 -20.45 21.85 32.98
CA ILE G 127 -20.92 22.48 34.22
C ILE G 127 -22.34 22.03 34.55
N THR G 128 -22.54 21.53 35.76
CA THR G 128 -23.85 21.05 36.18
C THR G 128 -24.50 21.99 37.19
N LYS G 129 -25.59 21.52 37.79
CA LYS G 129 -26.29 22.31 38.82
C LYS G 129 -25.40 22.62 40.01
N VAL G 130 -24.42 21.77 40.33
CA VAL G 130 -23.58 22.09 41.46
CA VAL G 130 -23.51 22.03 41.43
C VAL G 130 -22.59 23.20 41.09
N GLY G 131 -22.14 23.20 39.83
CA GLY G 131 -21.29 24.27 39.34
C GLY G 131 -22.02 25.60 39.34
N ALA G 132 -23.29 25.57 38.94
CA ALA G 132 -24.12 26.77 38.97
C ALA G 132 -24.31 27.26 40.41
N GLY G 133 -24.31 26.32 41.34
CA GLY G 133 -24.37 26.65 42.75
C GLY G 133 -23.18 27.50 43.20
N TYR G 134 -21.99 27.12 42.75
CA TYR G 134 -20.79 27.90 43.04
C TYR G 134 -20.89 29.30 42.45
N LEU G 135 -21.31 29.37 41.18
CA LEU G 135 -21.45 30.64 40.48
C LEU G 135 -22.51 31.54 41.11
N ALA G 136 -23.47 30.93 41.81
CA ALA G 136 -24.50 31.69 42.51
C ALA G 136 -23.90 32.55 43.63
N GLN G 137 -22.69 32.21 44.05
CA GLN G 137 -22.03 32.94 45.14
C GLN G 137 -20.99 33.93 44.62
N SER G 138 -20.83 33.99 43.30
CA SER G 138 -19.79 34.81 42.70
C SER G 138 -20.21 36.26 42.58
N ASN G 139 -19.28 37.12 42.19
CA ASN G 139 -19.55 38.53 41.99
C ASN G 139 -19.68 38.89 40.51
N LEU G 140 -19.87 37.87 39.67
CA LEU G 140 -20.00 38.06 38.23
C LEU G 140 -21.19 38.92 37.84
N LYS G 141 -20.98 39.80 36.87
CA LYS G 141 -22.04 40.64 36.32
C LYS G 141 -22.64 40.00 35.06
N LYS G 142 -21.84 39.23 34.35
CA LYS G 142 -22.32 38.55 33.15
C LYS G 142 -21.76 37.15 33.07
N ILE G 143 -22.63 36.19 32.79
CA ILE G 143 -22.22 34.80 32.60
C ILE G 143 -22.93 34.20 31.41
N ASP G 144 -22.17 33.53 30.56
CA ASP G 144 -22.75 32.79 29.45
C ASP G 144 -22.42 31.32 29.67
N LEU G 145 -23.46 30.51 29.86
CA LEU G 145 -23.30 29.10 30.19
C LEU G 145 -24.00 28.18 29.21
N CYS G 146 -24.16 28.61 27.96
CA CYS G 146 -24.82 27.78 26.95
C CYS G 146 -24.21 26.39 26.87
N PHE G 147 -25.05 25.40 26.54
CA PHE G 147 -24.61 24.02 26.34
C PHE G 147 -24.05 23.36 27.61
N ASN G 148 -24.48 23.83 28.78
CA ASN G 148 -24.17 23.17 30.03
C ASN G 148 -25.46 22.66 30.65
N SER G 149 -25.46 21.46 31.19
CA SER G 149 -26.68 20.95 31.81
C SER G 149 -26.85 21.49 33.24
N LEU G 150 -27.25 22.75 33.33
CA LEU G 150 -27.47 23.42 34.63
C LEU G 150 -28.73 22.90 35.30
N GLU G 151 -29.72 22.59 34.47
CA GLU G 151 -31.06 22.18 34.92
C GLU G 151 -31.77 23.26 35.72
N ASP G 152 -32.96 22.94 36.22
CA ASP G 152 -33.76 23.89 36.97
C ASP G 152 -33.08 24.29 38.26
N GLU G 153 -32.54 23.29 38.96
CA GLU G 153 -31.84 23.51 40.22
CA GLU G 153 -31.86 23.54 40.22
C GLU G 153 -30.71 24.53 40.04
N GLY G 154 -30.00 24.42 38.93
CA GLY G 154 -28.89 25.31 38.64
C GLY G 154 -29.28 26.76 38.43
N VAL G 155 -30.28 27.01 37.60
CA VAL G 155 -30.62 28.40 37.29
C VAL G 155 -31.40 29.05 38.42
N ILE G 156 -32.05 28.23 39.25
CA ILE G 156 -32.70 28.74 40.45
C ILE G 156 -31.63 29.29 41.39
N ALA G 157 -30.53 28.54 41.53
CA ALA G 157 -29.39 29.04 42.30
C ALA G 157 -28.87 30.36 41.71
N LEU G 158 -28.71 30.38 40.38
CA LEU G 158 -28.18 31.57 39.71
C LEU G 158 -29.10 32.76 39.87
N ALA G 159 -30.41 32.49 39.90
CA ALA G 159 -31.40 33.55 40.06
C ALA G 159 -31.25 34.29 41.40
N SER G 160 -30.67 33.63 42.39
CA SER G 160 -30.51 34.24 43.71
C SER G 160 -29.27 35.16 43.78
N ASN G 161 -28.46 35.17 42.73
CA ASN G 161 -27.26 35.99 42.70
C ASN G 161 -27.55 37.42 42.24
N ILE G 162 -27.59 38.36 43.18
CA ILE G 162 -28.02 39.71 42.88
C ILE G 162 -26.99 40.50 42.08
N ASN G 163 -25.81 39.93 41.88
CA ASN G 163 -24.79 40.60 41.09
C ASN G 163 -25.00 40.41 39.59
N ILE G 164 -25.59 39.30 39.20
CA ILE G 164 -25.71 38.99 37.78
C ILE G 164 -26.68 39.92 37.05
N LYS G 165 -26.19 40.58 36.01
CA LYS G 165 -27.01 41.51 35.24
C LYS G 165 -27.39 40.89 33.90
N GLU G 166 -26.53 40.04 33.38
CA GLU G 166 -26.78 39.42 32.08
C GLU G 166 -26.51 37.93 32.18
N LEU G 167 -27.54 37.13 31.96
CA LEU G 167 -27.39 35.68 32.01
C LEU G 167 -27.74 35.06 30.65
N ILE G 168 -26.84 34.24 30.14
CA ILE G 168 -27.08 33.54 28.89
C ILE G 168 -26.97 32.07 29.17
N ALA G 169 -28.07 31.36 28.94
CA ALA G 169 -28.17 29.97 29.36
C ALA G 169 -29.05 29.19 28.38
N SER G 170 -28.64 29.17 27.11
CA SER G 170 -29.36 28.41 26.12
C SER G 170 -28.90 26.97 26.11
N ALA G 171 -29.85 26.05 25.88
CA ALA G 171 -29.62 24.60 25.88
C ALA G 171 -28.98 24.18 27.20
N CYS G 172 -29.69 24.47 28.29
CA CYS G 172 -29.18 24.19 29.62
C CYS G 172 -30.12 23.30 30.42
N ASP G 173 -31.00 22.61 29.71
CA ASP G 173 -31.98 21.70 30.33
C ASP G 173 -32.85 22.42 31.36
N VAL G 174 -33.26 23.64 31.02
CA VAL G 174 -34.13 24.45 31.85
C VAL G 174 -35.60 24.28 31.48
N SER G 175 -36.47 24.10 32.46
CA SER G 175 -37.90 24.05 32.23
C SER G 175 -38.58 25.28 32.80
N ASP G 176 -39.90 25.21 32.94
CA ASP G 176 -40.67 26.32 33.49
C ASP G 176 -40.29 26.62 34.92
N ILE G 177 -39.89 25.59 35.65
CA ILE G 177 -39.57 25.74 37.07
C ILE G 177 -38.38 26.69 37.27
N GLY G 178 -37.31 26.47 36.54
CA GLY G 178 -36.17 27.36 36.60
C GLY G 178 -36.46 28.73 35.99
N ALA G 179 -37.13 28.73 34.83
CA ALA G 179 -37.42 29.96 34.10
C ALA G 179 -38.28 30.94 34.90
N ILE G 180 -39.27 30.42 35.61
CA ILE G 180 -40.14 31.25 36.45
C ILE G 180 -39.37 31.92 37.57
N GLU G 181 -38.45 31.19 38.20
CA GLU G 181 -37.61 31.75 39.26
C GLU G 181 -36.70 32.85 38.70
N LEU G 182 -36.24 32.68 37.46
CA LEU G 182 -35.46 33.71 36.81
C LEU G 182 -36.33 34.93 36.47
N ALA G 183 -37.58 34.69 36.08
CA ALA G 183 -38.51 35.79 35.81
C ALA G 183 -38.78 36.64 37.06
N LYS G 184 -38.76 36.00 38.22
CA LYS G 184 -39.00 36.70 39.48
CA LYS G 184 -39.00 36.70 39.48
C LYS G 184 -37.81 37.55 39.89
N ASN G 185 -36.64 37.26 39.34
CA ASN G 185 -35.42 38.01 39.61
C ASN G 185 -35.61 39.49 39.26
N ASN G 186 -35.03 40.38 40.05
CA ASN G 186 -35.23 41.81 39.87
C ASN G 186 -33.98 42.57 39.45
N GLN G 187 -32.89 41.87 39.14
CA GLN G 187 -31.66 42.55 38.75
C GLN G 187 -31.31 42.33 37.28
N LEU G 188 -31.67 41.18 36.73
CA LEU G 188 -31.32 40.84 35.36
C LEU G 188 -31.87 41.85 34.36
N THR G 189 -31.01 42.35 33.48
CA THR G 189 -31.44 43.25 32.43
C THR G 189 -31.49 42.50 31.09
N LEU G 190 -30.69 41.45 30.99
CA LEU G 190 -30.65 40.62 29.79
C LEU G 190 -30.70 39.15 30.17
N LEU G 191 -31.64 38.42 29.58
CA LEU G 191 -31.78 37.00 29.83
C LEU G 191 -31.99 36.23 28.54
N ILE G 192 -31.12 35.24 28.31
CA ILE G 192 -31.25 34.39 27.13
C ILE G 192 -31.41 32.94 27.57
N LEU G 193 -32.54 32.34 27.20
CA LEU G 193 -32.88 30.98 27.59
C LEU G 193 -33.41 30.17 26.42
N GLY G 194 -32.71 30.23 25.28
CA GLY G 194 -33.15 29.50 24.10
C GLY G 194 -32.90 28.00 24.18
N LYS G 195 -33.60 27.24 23.36
CA LYS G 195 -33.31 25.81 23.19
C LYS G 195 -33.42 25.05 24.51
N ASN G 196 -34.46 25.38 25.28
CA ASN G 196 -34.73 24.72 26.56
C ASN G 196 -36.10 24.07 26.49
N ALA G 197 -36.79 23.96 27.62
CA ALA G 197 -38.11 23.33 27.65
C ALA G 197 -39.13 24.27 28.28
N ILE G 198 -39.05 25.54 27.93
CA ILE G 198 -39.89 26.55 28.52
C ILE G 198 -41.23 26.62 27.77
N THR G 199 -42.32 26.79 28.50
CA THR G 199 -43.65 26.77 27.92
C THR G 199 -44.37 28.08 28.24
N ASP G 200 -45.64 28.19 27.82
CA ASP G 200 -46.44 29.37 28.10
C ASP G 200 -46.59 29.64 29.60
N LYS G 201 -46.38 28.61 30.42
CA LYS G 201 -46.57 28.73 31.87
C LYS G 201 -45.62 29.77 32.49
N SER G 202 -44.46 29.97 31.88
CA SER G 202 -43.51 30.95 32.39
C SER G 202 -43.82 32.38 31.94
N THR G 203 -44.60 32.54 30.88
CA THR G 203 -44.67 33.84 30.22
C THR G 203 -45.33 34.94 31.05
N LEU G 204 -46.32 34.61 31.88
CA LEU G 204 -46.96 35.63 32.70
C LEU G 204 -45.95 36.22 33.69
N HIS G 205 -45.03 35.39 34.16
CA HIS G 205 -44.03 35.86 35.10
C HIS G 205 -43.03 36.79 34.42
N PHE G 206 -42.69 36.50 33.17
CA PHE G 206 -41.84 37.40 32.39
C PHE G 206 -42.61 38.66 32.02
N ALA G 207 -43.92 38.53 31.83
CA ALA G 207 -44.75 39.69 31.51
C ALA G 207 -44.78 40.67 32.67
N ASN G 208 -44.67 40.15 33.89
CA ASN G 208 -44.72 40.99 35.08
C ASN G 208 -43.33 41.31 35.64
N ASN G 209 -42.29 40.81 34.98
CA ASN G 209 -40.91 41.17 35.30
C ASN G 209 -40.69 42.67 35.04
N THR G 210 -39.95 43.32 35.93
CA THR G 210 -39.73 44.76 35.80
C THR G 210 -38.28 45.17 35.57
N SER G 211 -37.39 44.19 35.42
CA SER G 211 -35.98 44.52 35.25
C SER G 211 -35.47 44.26 33.82
N LEU G 212 -36.05 43.28 33.14
CA LEU G 212 -35.54 42.87 31.83
C LEU G 212 -35.82 43.87 30.71
N SER G 213 -34.82 44.12 29.88
CA SER G 213 -35.02 44.85 28.63
C SER G 213 -34.72 43.95 27.42
N THR G 214 -34.00 42.86 27.66
CA THR G 214 -33.73 41.84 26.63
C THR G 214 -34.15 40.45 27.11
N LEU G 215 -34.98 39.77 26.34
CA LEU G 215 -35.43 38.42 26.69
C LEU G 215 -35.45 37.52 25.46
N HIS G 216 -34.61 36.50 25.44
CA HIS G 216 -34.59 35.57 24.31
C HIS G 216 -35.09 34.19 24.74
N LEU G 217 -36.21 33.76 24.17
CA LEU G 217 -36.80 32.48 24.53
C LEU G 217 -37.03 31.63 23.28
N GLY G 218 -36.12 31.79 22.33
CA GLY G 218 -36.23 31.08 21.06
C GLY G 218 -36.17 29.57 21.21
N SER G 219 -36.81 28.90 20.26
CA SER G 219 -36.77 27.44 20.19
CA SER G 219 -36.79 27.45 20.18
C SER G 219 -37.11 26.78 21.51
N ASN G 220 -38.21 27.20 22.13
CA ASN G 220 -38.75 26.52 23.30
C ASN G 220 -40.10 25.93 22.93
N GLN G 221 -41.03 25.91 23.87
CA GLN G 221 -42.35 25.33 23.61
C GLN G 221 -43.44 26.38 23.73
N ILE G 222 -43.06 27.64 23.55
CA ILE G 222 -44.01 28.74 23.71
C ILE G 222 -44.93 28.85 22.50
N THR G 223 -46.22 29.12 22.74
CA THR G 223 -47.19 29.25 21.65
C THR G 223 -47.58 30.69 21.42
N ALA G 224 -48.52 30.91 20.51
CA ALA G 224 -49.01 32.26 20.23
C ALA G 224 -49.64 32.90 21.47
N ALA G 225 -50.15 32.09 22.40
CA ALA G 225 -50.73 32.64 23.63
C ALA G 225 -49.63 33.24 24.49
N GLY G 226 -48.55 32.48 24.65
CA GLY G 226 -47.41 32.92 25.44
C GLY G 226 -46.77 34.14 24.81
N LYS G 227 -46.72 34.16 23.47
CA LYS G 227 -46.22 35.31 22.74
C LYS G 227 -47.03 36.55 23.07
N LYS G 228 -48.36 36.43 23.06
CA LYS G 228 -49.24 37.54 23.40
C LYS G 228 -48.95 38.09 24.79
N ILE G 229 -48.79 37.18 25.75
CA ILE G 229 -48.51 37.59 27.12
C ILE G 229 -47.17 38.33 27.21
N LEU G 230 -46.14 37.77 26.58
CA LEU G 230 -44.81 38.39 26.60
C LEU G 230 -44.80 39.78 25.98
N GLU G 231 -45.61 39.98 24.95
CA GLU G 231 -45.60 41.26 24.25
C GLU G 231 -46.32 42.35 25.03
N THR G 232 -46.97 42.00 26.12
CA THR G 232 -47.57 43.01 26.98
C THR G 232 -46.50 43.76 27.79
N ASN G 233 -45.30 43.19 27.88
CA ASN G 233 -44.20 43.84 28.59
C ASN G 233 -43.42 44.78 27.67
N THR G 234 -43.69 46.07 27.75
CA THR G 234 -43.07 47.01 26.83
C THR G 234 -41.67 47.44 27.25
N ARG G 235 -41.25 46.99 28.43
CA ARG G 235 -39.88 47.24 28.88
C ARG G 235 -38.88 46.42 28.08
N ILE G 236 -39.35 45.27 27.59
CA ILE G 236 -38.53 44.38 26.77
C ILE G 236 -38.46 44.87 25.33
N THR G 237 -37.37 45.53 24.99
CA THR G 237 -37.20 46.08 23.66
C THR G 237 -36.55 45.07 22.72
N ASP G 238 -35.99 44.01 23.29
CA ASP G 238 -35.46 42.91 22.47
C ASP G 238 -36.06 41.59 22.92
N LEU G 239 -37.15 41.20 22.29
CA LEU G 239 -37.79 39.92 22.54
C LEU G 239 -37.55 38.97 21.37
N ASP G 240 -36.96 37.81 21.64
CA ASP G 240 -36.73 36.81 20.61
C ASP G 240 -37.47 35.51 20.90
N LEU G 241 -38.38 35.14 20.00
CA LEU G 241 -39.18 33.93 20.15
C LEU G 241 -39.04 33.00 18.96
N ILE G 242 -38.08 33.28 18.08
CA ILE G 242 -37.85 32.47 16.90
C ILE G 242 -37.72 30.98 17.19
N GLY G 243 -38.46 30.16 16.46
CA GLY G 243 -38.31 28.72 16.53
C GLY G 243 -39.33 28.03 17.44
N ASN G 244 -40.12 28.83 18.14
CA ASN G 244 -41.21 28.31 18.94
C ASN G 244 -42.39 27.86 18.08
N PRO G 245 -43.23 26.95 18.61
CA PRO G 245 -44.46 26.54 17.94
C PRO G 245 -45.55 27.62 18.01
N ILE G 246 -45.27 28.76 17.41
CA ILE G 246 -46.20 29.88 17.43
C ILE G 246 -47.09 29.87 16.18
N GLU G 247 -48.40 29.95 16.41
CA GLU G 247 -49.43 29.85 15.36
C GLU G 247 -49.46 28.46 14.75
N MSE H 2 -13.06 8.54 -12.60
CA MSE H 2 -12.17 9.40 -11.83
C MSE H 2 -12.80 9.81 -10.50
O MSE H 2 -13.98 10.12 -10.42
CB MSE H 2 -11.79 10.65 -12.63
CG MSE H 2 -10.63 11.43 -12.04
SE MSE H 2 -10.10 12.97 -13.11
CE MSE H 2 -10.09 12.15 -14.88
N ALA H 3 -11.97 9.81 -9.45
CA ALA H 3 -12.45 10.10 -8.10
C ALA H 3 -12.44 11.60 -7.80
N ILE H 4 -13.35 12.04 -6.92
CA ILE H 4 -13.42 13.44 -6.51
C ILE H 4 -12.60 13.66 -5.23
N ALA H 5 -11.89 14.80 -5.19
CA ALA H 5 -10.99 15.09 -4.09
C ALA H 5 -11.68 15.94 -3.02
N PRO H 6 -11.21 15.86 -1.76
CA PRO H 6 -11.80 16.64 -0.66
C PRO H 6 -11.93 18.13 -0.95
N GLN H 7 -10.91 18.70 -1.60
CA GLN H 7 -10.95 20.11 -1.94
CA GLN H 7 -10.92 20.11 -1.98
C GLN H 7 -12.06 20.42 -2.95
N GLN H 8 -12.31 19.48 -3.86
CA GLN H 8 -13.40 19.63 -4.82
C GLN H 8 -14.75 19.52 -4.12
N ILE H 9 -14.82 18.67 -3.11
CA ILE H 9 -16.00 18.57 -2.26
C ILE H 9 -16.24 19.88 -1.52
N GLN H 10 -15.15 20.47 -1.02
CA GLN H 10 -15.25 21.73 -0.30
C GLN H 10 -15.74 22.84 -1.22
N GLU H 11 -15.28 22.83 -2.47
CA GLU H 11 -15.70 23.83 -3.45
C GLU H 11 -17.19 23.73 -3.77
N ARG H 12 -17.71 22.51 -3.88
CA ARG H 12 -19.15 22.29 -4.09
C ARG H 12 -19.98 22.87 -2.92
N LEU H 13 -19.45 22.75 -1.71
CA LEU H 13 -20.16 23.21 -0.53
C LEU H 13 -20.10 24.73 -0.38
N LYS H 14 -18.98 25.32 -0.78
CA LYS H 14 -18.85 26.77 -0.74
C LYS H 14 -19.84 27.41 -1.73
N GLN H 15 -20.22 26.67 -2.78
CA GLN H 15 -21.22 27.16 -3.73
C GLN H 15 -22.58 27.41 -3.11
N GLU H 16 -22.85 26.77 -1.97
CA GLU H 16 -24.13 26.96 -1.28
C GLU H 16 -24.16 28.27 -0.52
N GLN H 17 -22.99 28.88 -0.33
CA GLN H 17 -22.85 30.16 0.36
C GLN H 17 -23.49 30.13 1.75
N TYR H 18 -23.14 29.11 2.53
CA TYR H 18 -23.72 28.96 3.87
C TYR H 18 -23.47 30.16 4.76
N GLN H 19 -22.40 30.91 4.50
CA GLN H 19 -22.13 32.09 5.31
C GLN H 19 -23.17 33.19 5.08
N LYS H 20 -23.98 33.06 4.02
CA LYS H 20 -24.99 34.08 3.72
C LYS H 20 -26.35 33.74 4.32
N PHE H 21 -26.49 32.56 4.92
CA PHE H 21 -27.72 32.17 5.60
C PHE H 21 -28.02 33.11 6.76
N VAL H 22 -29.30 33.31 7.01
CA VAL H 22 -29.74 33.78 8.31
C VAL H 22 -29.63 32.62 9.26
N VAL H 23 -28.80 32.75 10.29
CA VAL H 23 -28.66 31.72 11.29
C VAL H 23 -29.62 32.05 12.44
N ALA H 24 -30.77 31.38 12.44
CA ALA H 24 -31.89 31.76 13.30
C ALA H 24 -31.57 31.69 14.79
N ASP H 25 -30.64 30.82 15.18
CA ASP H 25 -30.39 30.64 16.60
C ASP H 25 -29.19 31.45 17.12
N ILE H 26 -28.79 32.47 16.35
CA ILE H 26 -27.89 33.50 16.85
C ILE H 26 -28.50 34.18 18.09
N GLY H 27 -29.83 34.23 18.12
CA GLY H 27 -30.55 34.70 19.28
C GLY H 27 -30.35 33.81 20.51
N ASN H 28 -30.23 32.51 20.28
CA ASN H 28 -29.97 31.56 21.37
C ASN H 28 -28.50 31.52 21.77
N PHE H 29 -27.61 31.58 20.78
CA PHE H 29 -26.17 31.39 21.02
C PHE H 29 -25.32 32.53 20.46
N PRO H 30 -25.49 33.75 21.00
CA PRO H 30 -24.77 34.91 20.45
C PRO H 30 -23.25 34.75 20.52
N HIS H 31 -22.75 34.01 21.49
CA HIS H 31 -21.30 33.87 21.63
C HIS H 31 -20.69 32.87 20.65
N CYS H 32 -21.53 32.23 19.83
CA CYS H 32 -21.01 31.28 18.84
C CYS H 32 -20.69 31.98 17.51
N LEU H 33 -21.03 33.26 17.39
CA LEU H 33 -20.60 34.04 16.23
C LEU H 33 -19.07 34.12 16.20
N ALA H 34 -18.48 33.76 15.07
CA ALA H 34 -17.01 33.73 14.97
C ALA H 34 -16.42 35.14 14.86
N GLN H 35 -15.19 35.28 15.32
CA GLN H 35 -14.49 36.57 15.27
C GLN H 35 -13.90 36.79 13.88
N THR H 36 -14.77 36.90 12.89
CA THR H 36 -14.35 37.07 11.49
C THR H 36 -15.25 38.10 10.81
N PRO H 37 -14.83 38.61 9.64
CA PRO H 37 -15.74 39.45 8.87
C PRO H 37 -17.06 38.75 8.55
N GLU H 38 -17.02 37.43 8.34
CA GLU H 38 -18.23 36.68 8.03
C GLU H 38 -19.16 36.57 9.24
N GLY H 39 -18.58 36.45 10.42
CA GLY H 39 -19.36 36.40 11.65
C GLY H 39 -20.04 37.72 11.90
N ILE H 40 -19.32 38.81 11.66
CA ILE H 40 -19.88 40.14 11.79
C ILE H 40 -21.05 40.34 10.82
N ALA H 41 -20.86 39.91 9.57
CA ALA H 41 -21.93 40.00 8.58
C ALA H 41 -23.15 39.18 9.00
N SER H 42 -22.90 37.98 9.51
CA SER H 42 -23.98 37.09 9.93
C SER H 42 -24.73 37.61 11.16
N GLY H 43 -24.01 38.30 12.04
CA GLY H 43 -24.65 38.95 13.18
C GLY H 43 -25.60 40.05 12.74
N GLN H 44 -25.13 40.88 11.81
CA GLN H 44 -25.93 41.98 11.27
C GLN H 44 -27.15 41.48 10.51
N ARG H 45 -26.96 40.44 9.70
CA ARG H 45 -28.03 39.85 8.90
C ARG H 45 -29.14 39.31 9.79
N TYR H 46 -28.76 38.67 10.90
CA TYR H 46 -29.74 38.18 11.86
C TYR H 46 -30.51 39.34 12.51
N GLN H 47 -29.83 40.45 12.78
CA GLN H 47 -30.47 41.59 13.41
C GLN H 47 -31.54 42.19 12.51
N LYS H 48 -31.20 42.34 11.23
CA LYS H 48 -32.16 42.83 10.25
C LYS H 48 -33.31 41.85 10.07
N TYR H 49 -32.99 40.56 9.99
CA TYR H 49 -34.00 39.52 9.83
C TYR H 49 -35.03 39.56 10.95
N SER H 50 -34.56 39.56 12.19
CA SER H 50 -35.47 39.50 13.33
C SER H 50 -36.27 40.80 13.51
N THR H 51 -35.79 41.88 12.90
CA THR H 51 -36.49 43.17 12.91
C THR H 51 -37.57 43.24 11.82
N ASN H 52 -37.32 42.56 10.71
CA ASN H 52 -38.24 42.54 9.58
C ASN H 52 -39.43 41.61 9.82
N SER H 53 -40.64 42.15 9.68
CA SER H 53 -41.86 41.40 10.00
C SER H 53 -42.07 40.20 9.09
N LEU H 54 -41.41 40.22 7.92
CA LEU H 54 -41.52 39.10 6.99
C LEU H 54 -40.91 37.81 7.56
N SER H 55 -40.04 37.95 8.55
CA SER H 55 -39.39 36.78 9.15
C SER H 55 -40.38 35.95 9.98
N ARG H 56 -41.53 36.54 10.31
CA ARG H 56 -42.55 35.84 11.09
C ARG H 56 -43.67 35.33 10.20
N THR H 57 -43.43 35.33 8.88
CA THR H 57 -44.37 34.76 7.93
C THR H 57 -43.78 33.48 7.34
N PRO H 58 -44.65 32.60 6.84
CA PRO H 58 -44.17 31.39 6.15
C PRO H 58 -43.36 31.72 4.89
N PRO H 59 -42.36 30.88 4.57
CA PRO H 59 -41.99 29.71 5.36
C PRO H 59 -40.89 30.00 6.37
N PHE H 60 -40.50 31.27 6.48
CA PHE H 60 -39.34 31.66 7.28
C PHE H 60 -39.51 31.31 8.74
N SER H 61 -40.71 31.49 9.27
CA SER H 61 -40.96 31.22 10.68
C SER H 61 -40.73 29.75 11.02
N GLN H 62 -41.17 28.85 10.14
CA GLN H 62 -40.96 27.42 10.36
C GLN H 62 -39.52 27.00 10.06
N TRP H 63 -38.86 27.75 9.19
CA TRP H 63 -37.45 27.46 8.89
C TRP H 63 -36.57 27.69 10.12
N GLY H 64 -37.02 28.57 11.00
CA GLY H 64 -36.26 28.89 12.20
C GLY H 64 -36.46 27.86 13.29
N ALA H 65 -37.38 26.92 13.08
CA ALA H 65 -37.73 25.94 14.10
C ALA H 65 -37.00 24.62 13.90
N PRO H 66 -36.42 24.08 14.98
CA PRO H 66 -35.68 22.81 14.94
C PRO H 66 -36.58 21.62 14.64
N GLN H 67 -36.15 20.76 13.71
CA GLN H 67 -36.77 19.45 13.51
C GLN H 67 -36.00 18.45 14.37
N LEU H 68 -36.66 17.87 15.36
CA LEU H 68 -35.97 16.97 16.29
C LEU H 68 -35.87 15.56 15.73
N LEU H 69 -36.73 15.24 14.77
CA LEU H 69 -36.62 13.97 14.05
C LEU H 69 -35.56 14.03 12.96
N THR H 70 -34.58 13.12 13.03
CA THR H 70 -33.57 13.01 11.98
C THR H 70 -34.11 12.17 10.83
N PRO H 71 -34.09 12.72 9.61
CA PRO H 71 -34.61 12.04 8.41
C PRO H 71 -33.91 10.72 8.14
N LYS H 72 -34.68 9.72 7.70
CA LYS H 72 -34.17 8.36 7.56
C LYS H 72 -34.00 7.94 6.10
N SER H 73 -34.33 8.82 5.16
CA SER H 73 -34.12 8.50 3.74
C SER H 73 -33.38 9.62 3.03
N ALA H 74 -32.57 9.24 2.05
CA ALA H 74 -31.76 10.20 1.31
C ALA H 74 -32.60 11.26 0.61
N GLN H 75 -33.79 10.88 0.13
CA GLN H 75 -34.63 11.83 -0.59
C GLN H 75 -35.11 12.97 0.31
N GLU H 76 -35.26 12.70 1.60
CA GLU H 76 -35.67 13.73 2.54
C GLU H 76 -34.58 14.80 2.67
N TYR H 77 -33.33 14.38 2.57
CA TYR H 77 -32.22 15.33 2.66
C TYR H 77 -32.11 16.17 1.40
N ILE H 78 -32.34 15.53 0.25
CA ILE H 78 -32.35 16.24 -1.02
C ILE H 78 -33.48 17.27 -1.03
N LYS H 79 -34.64 16.87 -0.54
CA LYS H 79 -35.79 17.76 -0.45
C LYS H 79 -35.50 18.95 0.49
N PHE H 80 -34.84 18.68 1.60
CA PHE H 80 -34.44 19.73 2.54
C PHE H 80 -33.59 20.80 1.85
N ALA H 81 -32.53 20.37 1.16
CA ALA H 81 -31.60 21.29 0.53
C ALA H 81 -32.26 22.06 -0.60
N GLN H 82 -33.12 21.37 -1.33
CA GLN H 82 -33.83 21.97 -2.44
C GLN H 82 -34.79 23.07 -1.95
N GLN H 83 -35.55 22.78 -0.90
CA GLN H 83 -36.55 23.74 -0.44
C GLN H 83 -35.95 24.89 0.37
N ARG H 84 -34.83 24.65 1.03
CA ARG H 84 -34.17 25.71 1.79
C ARG H 84 -33.54 26.73 0.85
N ASN H 85 -33.36 26.34 -0.41
CA ASN H 85 -32.74 27.22 -1.40
C ASN H 85 -33.75 27.97 -2.29
N LYS H 86 -35.03 27.77 -2.04
CA LYS H 86 -36.07 28.35 -2.87
C LYS H 86 -36.06 29.88 -2.82
N LYS H 87 -36.40 30.52 -3.94
CA LYS H 87 -36.47 31.97 -3.97
C LYS H 87 -37.70 32.46 -3.23
N SER H 88 -37.63 33.67 -2.69
CA SER H 88 -38.77 34.26 -2.01
C SER H 88 -38.75 35.77 -2.21
N SER H 89 -39.83 36.44 -1.81
CA SER H 89 -39.95 37.87 -1.99
C SER H 89 -39.18 38.63 -0.92
N PHE H 90 -39.02 37.98 0.24
CA PHE H 90 -38.28 38.55 1.35
C PHE H 90 -36.80 38.72 0.99
N LYS H 91 -36.37 39.98 0.94
CA LYS H 91 -34.98 40.32 0.69
C LYS H 91 -34.41 41.15 1.84
N ILE H 92 -33.15 40.94 2.17
CA ILE H 92 -32.45 41.82 3.10
C ILE H 92 -31.40 42.64 2.35
N ASP H 93 -31.65 43.94 2.21
CA ASP H 93 -30.82 44.84 1.40
C ASP H 93 -30.63 44.32 -0.03
N GLY H 94 -31.69 43.70 -0.57
CA GLY H 94 -31.67 43.20 -1.93
C GLY H 94 -31.17 41.78 -2.09
N GLU H 95 -30.82 41.13 -0.98
CA GLU H 95 -30.31 39.76 -1.05
C GLU H 95 -31.28 38.73 -0.49
N ALA H 96 -31.26 37.55 -1.11
CA ALA H 96 -32.21 36.49 -0.80
C ALA H 96 -32.05 36.00 0.64
N VAL H 97 -33.14 35.46 1.18
CA VAL H 97 -33.15 35.01 2.55
C VAL H 97 -33.34 33.50 2.62
N ARG H 98 -32.33 32.83 3.15
CA ARG H 98 -32.42 31.41 3.48
C ARG H 98 -32.14 31.27 4.97
N VAL H 99 -32.79 30.30 5.62
CA VAL H 99 -32.77 30.22 7.08
C VAL H 99 -32.53 28.80 7.60
N SER H 100 -31.65 28.67 8.60
CA SER H 100 -31.49 27.40 9.31
C SER H 100 -30.87 27.62 10.70
N GLU H 101 -30.62 26.55 11.42
CA GLU H 101 -30.06 26.56 12.76
C GLU H 101 -29.24 25.32 13.07
N CYS H 102 -28.71 25.24 14.27
CA CYS H 102 -27.71 24.20 14.56
C CYS H 102 -28.27 22.79 14.54
N SER H 103 -29.58 22.66 14.67
CA SER H 103 -30.20 21.33 14.68
C SER H 103 -30.42 20.75 13.29
N ASN H 104 -30.75 21.58 12.31
CA ASN H 104 -31.06 21.03 11.00
C ASN H 104 -30.13 21.47 9.87
N PHE H 105 -29.22 22.38 10.12
CA PHE H 105 -28.36 22.91 9.08
C PHE H 105 -27.57 21.83 8.36
N ALA H 106 -27.13 20.88 9.14
CA ALA H 106 -26.39 19.74 8.61
C ALA H 106 -27.18 18.94 7.58
N TYR H 107 -28.51 19.01 7.63
CA TYR H 107 -29.34 18.23 6.70
C TYR H 107 -29.18 18.73 5.27
N HIS H 108 -29.00 20.04 5.14
CA HIS H 108 -28.80 20.69 3.85
C HIS H 108 -27.58 20.14 3.13
N SER H 109 -26.47 20.06 3.86
CA SER H 109 -25.22 19.59 3.29
CA SER H 109 -25.22 19.59 3.30
C SER H 109 -25.29 18.10 2.99
N ALA H 110 -26.01 17.37 3.84
CA ALA H 110 -26.22 15.94 3.64
C ALA H 110 -26.90 15.72 2.29
N GLY H 111 -27.91 16.53 2.00
CA GLY H 111 -28.62 16.44 0.73
C GLY H 111 -27.74 16.80 -0.45
N VAL H 112 -26.94 17.84 -0.29
CA VAL H 112 -26.00 18.26 -1.34
C VAL H 112 -25.01 17.14 -1.66
N LEU H 113 -24.52 16.46 -0.62
CA LEU H 113 -23.53 15.39 -0.77
C LEU H 113 -24.15 14.11 -1.33
N LEU H 114 -25.34 13.77 -0.82
CA LEU H 114 -26.07 12.60 -1.29
C LEU H 114 -26.52 12.75 -2.74
N ASP H 115 -26.59 13.98 -3.22
CA ASP H 115 -27.00 14.22 -4.60
C ASP H 115 -25.87 14.07 -5.62
N ASP H 116 -24.65 13.95 -5.13
CA ASP H 116 -23.48 13.84 -6.01
C ASP H 116 -23.12 12.38 -6.28
N PRO H 117 -23.08 11.98 -7.57
CA PRO H 117 -22.80 10.59 -7.94
C PRO H 117 -21.37 10.14 -7.60
N GLN H 118 -20.39 11.04 -7.70
CA GLN H 118 -19.01 10.70 -7.35
C GLN H 118 -18.83 10.57 -5.84
N ILE H 119 -19.55 11.39 -5.10
CA ILE H 119 -19.55 11.27 -3.65
C ILE H 119 -20.04 9.90 -3.21
N ARG H 120 -21.10 9.42 -3.84
CA ARG H 120 -21.69 8.15 -3.45
C ARG H 120 -20.76 6.96 -3.65
N THR H 121 -19.84 7.08 -4.60
CA THR H 121 -18.92 5.99 -4.89
C THR H 121 -17.70 6.03 -3.97
N GLN H 122 -17.39 7.23 -3.46
CA GLN H 122 -16.22 7.44 -2.62
CA GLN H 122 -16.22 7.39 -2.62
C GLN H 122 -16.55 7.38 -1.13
N TYR H 123 -17.72 7.91 -0.77
CA TYR H 123 -18.06 8.04 0.64
C TYR H 123 -19.46 7.54 0.98
N ASP H 124 -19.61 7.06 2.21
CA ASP H 124 -20.92 6.94 2.80
C ASP H 124 -21.21 8.26 3.51
N VAL H 125 -22.47 8.68 3.49
CA VAL H 125 -22.86 9.92 4.16
C VAL H 125 -23.54 9.62 5.50
N ALA H 126 -23.15 10.34 6.54
CA ALA H 126 -23.81 10.17 7.82
C ALA H 126 -24.20 11.52 8.43
N VAL H 127 -25.22 11.50 9.28
CA VAL H 127 -25.60 12.67 10.05
C VAL H 127 -25.54 12.26 11.51
N ILE H 128 -24.78 13.01 12.30
CA ILE H 128 -24.56 12.62 13.69
C ILE H 128 -25.02 13.70 14.64
N GLY H 129 -25.38 13.29 15.85
CA GLY H 129 -25.63 14.24 16.92
C GLY H 129 -24.31 14.41 17.67
N SER H 130 -23.86 15.64 17.80
CA SER H 130 -22.59 15.93 18.46
C SER H 130 -22.83 16.87 19.62
N MSE H 131 -21.75 17.43 20.17
CA MSE H 131 -21.83 18.34 21.33
C MSE H 131 -22.71 17.74 22.42
O MSE H 131 -23.81 18.23 22.70
CB MSE H 131 -22.33 19.72 20.90
CG MSE H 131 -21.99 20.84 21.88
SE MSE H 131 -22.53 22.60 21.24
CE MSE H 131 -21.50 22.70 19.59
N HIS H 132 -22.22 16.66 23.02
CA HIS H 132 -22.96 15.89 24.01
C HIS H 132 -22.98 16.60 25.35
N SER H 133 -24.15 16.62 25.97
CA SER H 133 -24.34 17.26 27.27
C SER H 133 -25.45 16.56 28.03
N ASN H 134 -25.06 15.75 29.01
CA ASN H 134 -25.99 15.03 29.87
C ASN H 134 -27.07 14.27 29.11
N GLY H 135 -26.66 13.47 28.13
CA GLY H 135 -27.58 12.59 27.43
C GLY H 135 -28.20 13.18 26.18
N ARG H 136 -28.00 14.48 25.96
CA ARG H 136 -28.52 15.13 24.75
C ARG H 136 -27.38 15.53 23.82
N TYR H 137 -27.65 15.50 22.52
CA TYR H 137 -26.67 15.91 21.53
C TYR H 137 -27.15 17.19 20.85
N LEU H 138 -26.55 18.31 21.24
CA LEU H 138 -27.07 19.64 20.94
C LEU H 138 -26.71 20.18 19.55
N HIS H 139 -25.85 19.49 18.83
CA HIS H 139 -25.41 19.99 17.54
C HIS H 139 -25.27 18.90 16.49
N ASN H 140 -26.00 19.02 15.40
CA ASN H 140 -25.95 18.01 14.34
C ASN H 140 -24.92 18.34 13.27
N ILE H 141 -24.22 17.31 12.82
CA ILE H 141 -23.09 17.42 11.91
C ILE H 141 -23.21 16.35 10.83
N THR H 142 -22.76 16.66 9.60
CA THR H 142 -22.73 15.65 8.53
C THR H 142 -21.31 15.11 8.38
N LEU H 143 -21.21 13.81 8.11
CA LEU H 143 -19.92 13.15 7.89
C LEU H 143 -19.82 12.56 6.49
N LEU H 144 -18.62 12.62 5.93
CA LEU H 144 -18.28 11.90 4.72
C LEU H 144 -17.26 10.84 5.11
N VAL H 145 -17.71 9.58 5.12
CA VAL H 145 -16.90 8.46 5.55
C VAL H 145 -16.54 7.56 4.37
N PRO H 146 -15.23 7.34 4.15
CA PRO H 146 -14.75 6.56 3.01
C PRO H 146 -15.45 5.21 2.90
N LYS H 147 -15.73 4.77 1.69
CA LYS H 147 -16.60 3.63 1.52
C LYS H 147 -16.10 2.39 2.23
N GLY H 148 -17.02 1.80 2.94
CA GLY H 148 -16.88 0.55 3.63
C GLY H 148 -16.69 0.70 5.11
N SER H 149 -16.20 1.84 5.56
CA SER H 149 -15.94 2.02 6.96
C SER H 149 -17.23 1.88 7.73
N ARG H 150 -17.17 1.23 8.88
CA ARG H 150 -18.36 1.05 9.71
C ARG H 150 -18.48 2.16 10.76
N LEU H 151 -19.70 2.60 11.00
CA LEU H 151 -20.00 3.53 12.08
C LEU H 151 -20.92 2.85 13.09
N PRO H 152 -20.67 3.08 14.38
CA PRO H 152 -21.51 2.50 15.43
C PRO H 152 -22.94 3.02 15.38
N GLN H 153 -23.90 2.12 15.59
CA GLN H 153 -25.31 2.51 15.66
C GLN H 153 -25.72 2.69 17.11
N PRO H 154 -26.65 3.63 17.38
CA PRO H 154 -27.19 3.83 18.73
C PRO H 154 -27.66 2.52 19.36
N PRO H 155 -27.50 2.37 20.69
CA PRO H 155 -27.02 3.42 21.58
C PRO H 155 -25.50 3.50 21.70
N GLN H 156 -24.77 2.74 20.88
CA GLN H 156 -23.32 2.84 20.89
C GLN H 156 -22.91 4.22 20.38
N GLN H 157 -21.84 4.76 20.96
CA GLN H 157 -21.41 6.12 20.65
C GLN H 157 -20.24 6.16 19.68
N LEU H 158 -20.22 7.19 18.85
CA LEU H 158 -19.09 7.44 17.95
C LEU H 158 -17.99 8.19 18.71
N THR H 159 -16.81 7.58 18.79
CA THR H 159 -15.68 8.17 19.50
C THR H 159 -14.46 8.32 18.58
N ALA H 160 -13.40 8.94 19.12
CA ALA H 160 -12.20 9.17 18.34
C ALA H 160 -11.54 7.86 17.93
N GLU H 161 -11.77 6.82 18.73
CA GLU H 161 -11.17 5.51 18.50
C GLU H 161 -11.78 4.83 17.26
N VAL H 162 -13.10 4.87 17.14
CA VAL H 162 -13.77 4.22 16.02
C VAL H 162 -14.08 5.20 14.91
N PHE H 163 -13.36 6.31 14.88
CA PHE H 163 -13.55 7.34 13.87
C PHE H 163 -12.68 7.03 12.65
N PRO H 164 -13.32 6.65 11.54
CA PRO H 164 -12.60 6.15 10.37
C PRO H 164 -11.60 7.16 9.81
N ILE H 165 -10.42 6.68 9.42
CA ILE H 165 -9.42 7.55 8.82
CA ILE H 165 -9.41 7.53 8.82
C ILE H 165 -9.95 8.11 7.51
N GLY H 166 -9.66 9.38 7.25
CA GLY H 166 -10.10 10.02 6.03
C GLY H 166 -11.54 10.49 6.06
N THR H 167 -12.18 10.43 7.23
CA THR H 167 -13.52 10.97 7.39
C THR H 167 -13.46 12.49 7.25
N LEU H 168 -14.44 13.07 6.56
CA LEU H 168 -14.52 14.52 6.42
C LEU H 168 -15.70 15.08 7.19
N ILE H 169 -15.46 16.17 7.92
CA ILE H 169 -16.50 16.87 8.67
C ILE H 169 -17.16 17.93 7.79
N VAL H 170 -18.48 18.00 7.83
CA VAL H 170 -19.21 19.05 7.15
C VAL H 170 -20.21 19.72 8.11
N ASP H 171 -19.90 20.94 8.51
CA ASP H 171 -20.70 21.67 9.49
C ASP H 171 -21.04 23.05 8.95
N PRO H 172 -22.10 23.13 8.13
CA PRO H 172 -22.48 24.40 7.52
C PRO H 172 -22.95 25.42 8.55
N TRP H 173 -23.43 24.98 9.69
CA TRP H 173 -23.80 25.90 10.77
C TRP H 173 -22.57 26.73 11.20
N ALA H 174 -21.43 26.07 11.34
CA ALA H 174 -20.20 26.77 11.72
C ALA H 174 -19.84 27.84 10.69
N VAL H 175 -20.11 27.54 9.41
CA VAL H 175 -19.88 28.51 8.35
C VAL H 175 -20.87 29.67 8.44
N GLY H 176 -22.13 29.32 8.73
CA GLY H 176 -23.15 30.33 8.94
C GLY H 176 -22.79 31.29 10.06
N MSE H 177 -22.17 30.75 11.10
CA MSE H 177 -21.70 31.53 12.25
C MSE H 177 -20.41 32.33 11.94
O MSE H 177 -19.98 33.17 12.73
CB MSE H 177 -21.44 30.61 13.44
CG MSE H 177 -22.70 30.13 14.14
SE MSE H 177 -23.72 31.68 14.78
CE MSE H 177 -25.00 30.76 15.93
N GLY H 178 -19.78 32.07 10.80
CA GLY H 178 -18.66 32.89 10.38
C GLY H 178 -17.31 32.22 10.24
N HIS H 179 -17.24 30.92 10.56
CA HIS H 179 -15.99 30.17 10.38
C HIS H 179 -15.72 29.92 8.91
N PRO H 180 -14.43 29.98 8.52
CA PRO H 180 -14.06 29.73 7.12
C PRO H 180 -14.25 28.28 6.72
N PRO H 181 -14.40 28.01 5.42
CA PRO H 181 -14.57 26.65 4.92
C PRO H 181 -13.47 25.71 5.39
N GLU H 182 -12.26 26.24 5.59
CA GLU H 182 -11.12 25.43 6.02
C GLU H 182 -11.32 24.86 7.42
N GLN H 183 -12.27 25.41 8.16
CA GLN H 183 -12.54 24.92 9.52
C GLN H 183 -13.88 24.20 9.62
N ALA H 184 -14.58 24.00 8.50
CA ALA H 184 -15.94 23.48 8.61
C ALA H 184 -16.46 22.65 7.42
N LEU H 185 -15.92 22.83 6.22
CA LEU H 185 -16.50 22.19 5.03
C LEU H 185 -15.61 21.13 4.40
N ALA H 186 -15.94 19.90 4.68
CA ALA H 186 -15.24 18.76 4.14
C ALA H 186 -13.76 18.75 4.55
N ILE H 187 -13.55 18.73 5.84
CA ILE H 187 -12.21 18.76 6.40
C ILE H 187 -11.98 17.71 7.50
N PRO H 188 -10.72 17.37 7.76
CA PRO H 188 -10.47 16.43 8.86
C PRO H 188 -10.77 17.05 10.23
N LYS H 189 -11.08 16.21 11.21
CA LYS H 189 -11.47 16.70 12.52
C LYS H 189 -10.40 17.58 13.16
N GLU H 190 -9.15 17.35 12.82
CA GLU H 190 -8.05 18.14 13.38
C GLU H 190 -8.13 19.62 12.98
N GLN H 191 -8.83 19.91 11.89
CA GLN H 191 -9.00 21.28 11.45
C GLN H 191 -10.40 21.82 11.76
N PHE H 192 -11.23 20.99 12.38
CA PHE H 192 -12.64 21.29 12.61
C PHE H 192 -12.86 22.29 13.73
N ALA H 193 -13.60 23.35 13.44
CA ALA H 193 -13.84 24.43 14.40
C ALA H 193 -14.41 23.92 15.72
N TYR H 194 -15.23 22.88 15.67
CA TYR H 194 -15.82 22.35 16.89
C TYR H 194 -15.27 20.98 17.22
N ASN H 195 -13.99 20.79 16.94
CA ASN H 195 -13.30 19.55 17.28
C ASN H 195 -13.41 19.27 18.78
N ARG H 196 -13.39 20.31 19.61
CA ARG H 196 -13.41 20.14 21.07
C ARG H 196 -14.73 19.60 21.62
N SER H 197 -15.76 19.57 20.79
CA SER H 197 -17.06 19.07 21.23
C SER H 197 -17.55 17.92 20.34
N LEU H 198 -16.67 17.43 19.48
CA LEU H 198 -17.02 16.44 18.47
C LEU H 198 -17.48 15.13 19.08
N PHE H 199 -16.62 14.55 19.90
CA PHE H 199 -16.92 13.28 20.57
C PHE H 199 -17.32 13.49 22.03
N PRO H 200 -18.22 12.65 22.55
CA PRO H 200 -18.90 11.53 21.89
C PRO H 200 -20.05 11.99 21.02
N ALA H 201 -20.36 11.21 19.99
CA ALA H 201 -21.45 11.51 19.09
C ALA H 201 -22.33 10.29 18.93
N THR H 202 -23.56 10.51 18.47
CA THR H 202 -24.47 9.41 18.13
C THR H 202 -24.78 9.49 16.65
N VAL H 203 -24.86 8.34 16.00
CA VAL H 203 -25.07 8.31 14.55
C VAL H 203 -26.54 8.10 14.22
N ASN H 204 -27.23 9.18 13.84
CA ASN H 204 -28.67 9.15 13.61
C ASN H 204 -29.07 8.76 12.20
N TYR H 205 -28.15 8.89 11.25
CA TYR H 205 -28.40 8.47 9.87
C TYR H 205 -27.13 8.00 9.19
N GLN H 206 -27.24 6.92 8.43
CA GLN H 206 -26.14 6.42 7.62
C GLN H 206 -26.67 6.05 6.24
N SER H 207 -26.14 6.66 5.19
CA SER H 207 -26.58 6.35 3.83
C SER H 207 -26.33 4.88 3.50
N ALA H 208 -25.37 4.28 4.19
CA ALA H 208 -25.01 2.88 3.97
C ALA H 208 -26.05 1.93 4.53
N LEU H 209 -26.85 2.42 5.47
CA LEU H 209 -27.94 1.62 6.05
C LEU H 209 -29.27 2.04 5.45
N ASP H 210 -29.23 3.02 4.56
CA ASP H 210 -30.44 3.55 3.94
C ASP H 210 -30.80 2.72 2.71
N GLU H 211 -31.82 1.89 2.85
CA GLU H 211 -32.25 1.00 1.78
C GLU H 211 -32.75 1.74 0.55
N SER H 212 -33.16 2.99 0.73
CA SER H 212 -33.74 3.78 -0.36
C SER H 212 -32.67 4.45 -1.21
N LEU H 213 -31.42 4.38 -0.75
CA LEU H 213 -30.32 5.12 -1.37
C LEU H 213 -30.10 4.79 -2.84
N THR H 214 -30.03 3.50 -3.16
CA THR H 214 -29.71 3.09 -4.52
CA THR H 214 -29.73 3.06 -4.51
C THR H 214 -30.81 3.50 -5.49
N SER H 215 -32.05 3.60 -5.00
CA SER H 215 -33.15 4.02 -5.86
C SER H 215 -33.30 5.54 -5.90
N THR H 216 -32.51 6.24 -5.08
CA THR H 216 -32.56 7.70 -5.04
C THR H 216 -31.64 8.29 -6.12
N ARG H 217 -32.24 8.86 -7.17
CA ARG H 217 -31.47 9.46 -8.26
C ARG H 217 -30.55 10.59 -7.80
N THR H 218 -29.36 10.66 -8.38
CA THR H 218 -28.44 11.77 -8.16
C THR H 218 -28.72 12.89 -9.15
N GLY H 219 -28.14 14.06 -8.92
CA GLY H 219 -28.28 15.17 -9.83
C GLY H 219 -29.58 15.94 -9.73
N GLN H 220 -30.29 15.76 -8.62
CA GLN H 220 -31.57 16.45 -8.41
C GLN H 220 -31.37 17.92 -8.04
N LEU H 221 -30.15 18.27 -7.64
CA LEU H 221 -29.91 19.61 -7.11
C LEU H 221 -29.07 20.47 -8.04
N THR H 222 -29.28 21.78 -7.98
CA THR H 222 -28.40 22.74 -8.62
C THR H 222 -27.60 23.51 -7.56
N PRO H 223 -26.30 23.71 -7.80
CA PRO H 223 -25.52 24.53 -6.87
C PRO H 223 -26.15 25.91 -6.73
N TYR H 224 -26.17 26.46 -5.52
CA TYR H 224 -26.82 27.75 -5.29
C TYR H 224 -26.20 28.86 -6.12
N THR H 225 -24.88 28.78 -6.28
CA THR H 225 -24.12 29.73 -7.10
C THR H 225 -23.06 28.98 -7.88
N GLY H 226 -22.40 29.69 -8.80
CA GLY H 226 -21.25 29.13 -9.49
C GLY H 226 -19.93 29.49 -8.81
N THR H 227 -18.87 28.74 -9.11
CA THR H 227 -17.54 28.97 -8.52
C THR H 227 -16.75 29.92 -9.38
N PRO H 228 -16.11 30.92 -8.77
CA PRO H 228 -15.34 31.94 -9.49
C PRO H 228 -13.93 31.48 -9.84
N SER H 229 -13.18 32.36 -10.49
CA SER H 229 -11.80 32.07 -10.86
C SER H 229 -10.88 33.23 -10.48
N GLY I 1 -23.29 14.01 -24.13
CA GLY I 1 -23.93 12.73 -23.91
C GLY I 1 -24.37 12.56 -22.48
N MET I 2 -23.73 11.63 -21.77
CA MET I 2 -24.04 11.38 -20.37
C MET I 2 -23.08 12.13 -19.44
N VAL I 3 -21.94 12.55 -19.97
CA VAL I 3 -20.94 13.22 -19.15
C VAL I 3 -20.75 14.68 -19.54
N LEU I 4 -20.54 14.92 -20.83
CA LEU I 4 -20.32 16.27 -21.36
C LEU I 4 -21.55 17.16 -21.17
N THR I 5 -21.35 18.36 -20.63
CA THR I 5 -22.45 19.30 -20.44
C THR I 5 -22.23 20.60 -21.22
N LEU I 6 -23.27 21.41 -21.34
CA LEU I 6 -23.11 22.71 -21.99
C LEU I 6 -22.21 23.60 -21.15
N SER I 7 -22.24 23.40 -19.84
N SER I 7 -22.25 23.40 -19.83
CA SER I 7 -21.39 24.16 -18.93
CA SER I 7 -21.39 24.15 -18.93
C SER I 7 -19.91 23.83 -19.16
C SER I 7 -19.91 23.84 -19.17
N ASP I 8 -19.63 22.56 -19.42
CA ASP I 8 -18.26 22.14 -19.76
C ASP I 8 -17.80 22.78 -21.05
N LEU I 9 -18.68 22.77 -22.05
CA LEU I 9 -18.36 23.28 -23.38
C LEU I 9 -18.10 24.79 -23.35
N GLU I 10 -18.93 25.51 -22.61
CA GLU I 10 -18.79 26.95 -22.50
CA GLU I 10 -18.79 26.95 -22.49
C GLU I 10 -17.49 27.33 -21.78
N LYS I 11 -17.20 26.61 -20.71
CA LYS I 11 -15.98 26.86 -19.93
C LYS I 11 -14.73 26.59 -20.75
N GLY I 12 -14.78 25.56 -21.60
CA GLY I 12 -13.63 25.15 -22.37
C GLY I 12 -13.45 25.93 -23.64
N TYR I 13 -14.42 26.80 -23.94
CA TYR I 13 -14.43 27.60 -25.17
C TYR I 13 -13.63 28.89 -25.02
N ASP I 14 -12.59 29.02 -25.83
CA ASP I 14 -11.81 30.26 -25.92
C ASP I 14 -12.01 30.87 -27.32
N LYS I 15 -12.88 31.87 -27.42
CA LYS I 15 -13.24 32.36 -28.75
C LYS I 15 -12.11 33.11 -29.46
N ASN I 16 -11.32 33.86 -28.70
CA ASN I 16 -10.22 34.64 -29.26
C ASN I 16 -9.01 33.79 -29.65
N LEU I 17 -8.92 32.59 -29.07
CA LEU I 17 -7.91 31.63 -29.49
C LEU I 17 -8.51 30.61 -30.45
N ASN I 18 -9.82 30.69 -30.67
CA ASN I 18 -10.54 29.74 -31.53
C ASN I 18 -10.30 28.30 -31.09
N GLN I 19 -10.39 28.07 -29.78
CA GLN I 19 -10.01 26.78 -29.23
C GLN I 19 -11.05 26.24 -28.25
N LEU I 20 -11.22 24.92 -28.25
CA LEU I 20 -12.09 24.24 -27.28
C LEU I 20 -11.25 23.24 -26.51
N SER I 21 -11.22 23.38 -25.18
CA SER I 21 -10.39 22.52 -24.34
C SER I 21 -11.25 21.71 -23.39
N LEU I 22 -11.13 20.38 -23.46
CA LEU I 22 -12.00 19.49 -22.69
C LEU I 22 -11.24 18.34 -22.05
N SER I 23 -10.02 18.61 -21.59
CA SER I 23 -9.18 17.55 -21.06
C SER I 23 -9.59 17.16 -19.65
N PHE I 24 -9.35 15.90 -19.31
CA PHE I 24 -9.57 15.39 -17.95
C PHE I 24 -11.03 15.49 -17.50
N LEU I 25 -11.96 15.16 -18.40
CA LEU I 25 -13.38 15.22 -18.05
C LEU I 25 -14.05 13.86 -18.09
N ASN I 26 -13.27 12.80 -18.22
CA ASN I 26 -13.79 11.43 -18.41
C ASN I 26 -14.80 11.33 -19.55
N LEU I 27 -14.56 12.05 -20.63
CA LEU I 27 -15.47 12.00 -21.78
C LEU I 27 -15.46 10.61 -22.40
N ARG I 28 -16.62 10.17 -22.87
CA ARG I 28 -16.75 8.87 -23.52
C ARG I 28 -17.23 9.04 -24.95
N ASP I 29 -17.29 7.93 -25.68
CA ASP I 29 -17.72 7.93 -27.07
C ASP I 29 -19.08 8.60 -27.23
N ASN I 30 -19.99 8.36 -26.28
CA ASN I 30 -21.36 8.90 -26.33
CA ASN I 30 -21.35 8.89 -26.38
C ASN I 30 -21.43 10.41 -26.18
N ASP I 31 -20.33 11.02 -25.74
CA ASP I 31 -20.30 12.47 -25.56
C ASP I 31 -19.90 13.18 -26.86
N ILE I 32 -19.37 12.42 -27.80
CA ILE I 32 -18.91 13.00 -29.06
C ILE I 32 -20.01 13.69 -29.89
N PRO I 33 -21.23 13.10 -29.97
CA PRO I 33 -22.24 13.82 -30.76
C PRO I 33 -22.57 15.22 -30.25
N LEU I 34 -22.71 15.38 -28.93
CA LEU I 34 -22.99 16.71 -28.38
C LEU I 34 -21.81 17.64 -28.68
N LEU I 35 -20.60 17.12 -28.56
CA LEU I 35 -19.40 17.89 -28.87
C LEU I 35 -19.42 18.45 -30.30
N CYS I 36 -19.74 17.59 -31.26
CA CYS I 36 -19.78 17.99 -32.67
C CYS I 36 -20.82 19.06 -32.94
N GLU I 37 -21.99 18.92 -32.32
CA GLU I 37 -23.03 19.92 -32.45
C GLU I 37 -22.56 21.29 -32.00
N PHE I 38 -21.92 21.33 -30.84
CA PHE I 38 -21.38 22.58 -30.32
C PHE I 38 -20.36 23.17 -31.28
N LEU I 39 -19.49 22.33 -31.82
CA LEU I 39 -18.47 22.79 -32.76
C LEU I 39 -19.10 23.31 -34.05
N GLN I 40 -20.17 22.64 -34.50
CA GLN I 40 -20.85 23.03 -35.73
C GLN I 40 -21.54 24.38 -35.55
N ASN I 41 -21.93 24.68 -34.32
CA ASN I 41 -22.50 25.97 -33.97
C ASN I 41 -21.43 27.04 -33.75
N HIS I 42 -20.17 26.63 -33.71
CA HIS I 42 -19.07 27.57 -33.57
C HIS I 42 -17.95 27.25 -34.55
N PRO I 43 -18.18 27.53 -35.85
CA PRO I 43 -17.26 27.15 -36.94
C PRO I 43 -15.89 27.80 -36.80
N ALA I 44 -15.83 28.86 -35.99
CA ALA I 44 -14.58 29.57 -35.75
C ALA I 44 -13.56 28.69 -35.03
N ILE I 45 -14.06 27.74 -34.25
CA ILE I 45 -13.17 26.84 -33.50
C ILE I 45 -12.42 25.89 -34.44
N THR I 46 -11.10 26.02 -34.47
CA THR I 46 -10.29 25.19 -35.34
C THR I 46 -9.41 24.23 -34.54
N SER I 47 -9.26 24.51 -33.25
CA SER I 47 -8.40 23.72 -32.39
C SER I 47 -9.19 23.06 -31.26
N LEU I 48 -9.05 21.74 -31.12
CA LEU I 48 -9.80 20.99 -30.14
C LEU I 48 -8.88 20.12 -29.28
N ASP I 49 -9.05 20.22 -27.97
CA ASP I 49 -8.27 19.42 -27.03
C ASP I 49 -9.17 18.44 -26.30
N LEU I 50 -9.09 17.17 -26.68
CA LEU I 50 -9.82 16.11 -26.02
C LEU I 50 -8.89 15.20 -25.21
N SER I 51 -7.69 15.69 -24.89
CA SER I 51 -6.69 14.82 -24.27
C SER I 51 -7.14 14.37 -22.89
N HIS I 52 -6.59 13.24 -22.46
CA HIS I 52 -6.83 12.70 -21.13
C HIS I 52 -8.32 12.44 -20.88
N ASN I 53 -8.92 11.62 -21.74
CA ASN I 53 -10.30 11.19 -21.57
C ASN I 53 -10.39 9.69 -21.83
N ASP I 54 -11.59 9.17 -22.03
CA ASP I 54 -11.78 7.74 -22.24
C ASP I 54 -12.37 7.43 -23.63
N ILE I 55 -11.99 8.22 -24.61
CA ILE I 55 -12.51 8.05 -25.96
C ILE I 55 -11.88 6.85 -26.66
N THR I 56 -12.70 6.04 -27.32
CA THR I 56 -12.19 4.88 -28.06
C THR I 56 -12.35 5.14 -29.54
N ALA I 57 -11.99 4.16 -30.36
CA ALA I 57 -12.15 4.26 -31.81
C ALA I 57 -13.60 4.57 -32.19
N ASN I 58 -14.55 4.01 -31.44
CA ASN I 58 -15.96 4.29 -31.70
C ASN I 58 -16.28 5.78 -31.59
N GLY I 59 -15.69 6.45 -30.60
CA GLY I 59 -15.88 7.88 -30.45
C GLY I 59 -15.28 8.66 -31.60
N VAL I 60 -14.06 8.30 -31.98
CA VAL I 60 -13.36 8.94 -33.10
C VAL I 60 -14.16 8.86 -34.41
N LYS I 61 -14.74 7.69 -34.68
CA LYS I 61 -15.59 7.49 -35.84
C LYS I 61 -16.76 8.49 -35.86
N LEU I 62 -17.30 8.77 -34.69
CA LEU I 62 -18.40 9.73 -34.56
C LEU I 62 -17.94 11.17 -34.74
N PHE I 63 -16.63 11.38 -34.65
CA PHE I 63 -16.09 12.73 -34.74
C PHE I 63 -15.63 13.08 -36.15
N VAL I 64 -15.00 12.13 -36.82
CA VAL I 64 -14.32 12.39 -38.08
C VAL I 64 -15.28 12.86 -39.17
N ASN I 65 -14.88 13.93 -39.85
CA ASN I 65 -15.67 14.53 -40.92
C ASN I 65 -17.05 14.99 -40.46
N LYS I 66 -17.10 15.59 -39.27
CA LYS I 66 -18.33 16.17 -38.75
C LYS I 66 -18.12 17.67 -38.49
N THR I 67 -16.86 18.07 -38.37
CA THR I 67 -16.50 19.45 -38.05
C THR I 67 -15.40 19.92 -38.98
N SER I 68 -15.02 21.19 -38.83
CA SER I 68 -13.95 21.76 -39.62
CA SER I 68 -13.95 21.76 -39.63
C SER I 68 -12.69 21.96 -38.78
N VAL I 69 -12.61 21.23 -37.67
CA VAL I 69 -11.44 21.28 -36.80
C VAL I 69 -10.18 20.81 -37.52
N SER I 70 -9.14 21.63 -37.50
CA SER I 70 -7.91 21.36 -38.24
C SER I 70 -6.76 20.96 -37.33
N SER I 71 -6.89 21.25 -36.04
CA SER I 71 -5.90 20.83 -35.06
C SER I 71 -6.57 20.04 -33.95
N LEU I 72 -6.16 18.78 -33.79
CA LEU I 72 -6.79 17.90 -32.81
C LEU I 72 -5.76 17.30 -31.86
N ASN I 73 -5.93 17.55 -30.58
CA ASN I 73 -5.19 16.83 -29.55
C ASN I 73 -6.11 15.81 -28.88
N ILE I 74 -5.88 14.54 -29.17
CA ILE I 74 -6.67 13.48 -28.55
C ILE I 74 -5.72 12.50 -27.83
N SER I 75 -4.58 13.04 -27.40
CA SER I 75 -3.58 12.25 -26.69
C SER I 75 -4.16 11.71 -25.39
N HIS I 76 -3.60 10.60 -24.89
CA HIS I 76 -4.02 10.01 -23.61
C HIS I 76 -5.49 9.65 -23.62
N ASN I 77 -5.90 8.93 -24.65
CA ASN I 77 -7.22 8.33 -24.68
C ASN I 77 -7.03 6.84 -24.95
N ASN I 78 -7.99 6.21 -25.60
CA ASN I 78 -7.90 4.78 -25.87
C ASN I 78 -8.34 4.46 -27.28
N ILE I 79 -7.86 5.23 -28.25
CA ILE I 79 -8.45 5.13 -29.58
C ILE I 79 -7.87 3.96 -30.38
N GLY I 80 -6.68 3.50 -30.01
CA GLY I 80 -6.08 2.32 -30.64
C GLY I 80 -5.77 2.51 -32.12
N PRO I 81 -5.36 1.41 -32.80
CA PRO I 81 -5.08 1.49 -34.24
C PRO I 81 -6.31 1.84 -35.08
N GLU I 82 -7.48 1.39 -34.65
CA GLU I 82 -8.71 1.68 -35.37
C GLU I 82 -9.07 3.17 -35.30
N GLY I 83 -8.81 3.80 -34.17
CA GLY I 83 -9.04 5.22 -34.02
C GLY I 83 -8.14 6.01 -34.96
N ALA I 84 -6.91 5.56 -35.11
CA ALA I 84 -5.97 6.19 -36.01
C ALA I 84 -6.40 5.96 -37.46
N GLN I 85 -7.01 4.82 -37.72
CA GLN I 85 -7.55 4.55 -39.05
C GLN I 85 -8.68 5.51 -39.38
N TRP I 86 -9.54 5.78 -38.41
CA TRP I 86 -10.64 6.73 -38.63
C TRP I 86 -10.12 8.14 -38.84
N LEU I 87 -9.13 8.54 -38.05
CA LEU I 87 -8.56 9.87 -38.18
C LEU I 87 -7.88 10.05 -39.53
N SER I 88 -7.34 8.95 -40.07
CA SER I 88 -6.61 9.01 -41.33
C SER I 88 -7.52 9.41 -42.50
N GLU I 89 -8.83 9.39 -42.26
CA GLU I 89 -9.79 9.68 -43.30
C GLU I 89 -10.41 11.07 -43.14
N ASP I 90 -9.99 11.79 -42.10
CA ASP I 90 -10.53 13.13 -41.87
C ASP I 90 -9.98 14.12 -42.88
N ASN I 91 -10.85 15.03 -43.32
CA ASN I 91 -10.50 15.96 -44.40
C ASN I 91 -10.08 17.34 -43.93
N HIS I 92 -10.08 17.59 -42.62
CA HIS I 92 -9.70 18.91 -42.13
C HIS I 92 -8.48 18.93 -41.22
N ILE I 93 -8.18 17.80 -40.57
CA ILE I 93 -7.08 17.76 -39.60
C ILE I 93 -5.72 17.80 -40.30
N THR I 94 -4.90 18.78 -39.94
CA THR I 94 -3.55 18.92 -40.48
C THR I 94 -2.50 18.87 -39.38
N THR I 95 -2.93 19.14 -38.15
CA THR I 95 -2.09 18.93 -36.97
C THR I 95 -2.79 17.95 -36.04
N LEU I 96 -2.13 16.85 -35.71
CA LEU I 96 -2.76 15.77 -34.96
C LEU I 96 -1.89 15.24 -33.84
N ASP I 97 -2.45 15.19 -32.64
CA ASP I 97 -1.78 14.57 -31.50
C ASP I 97 -2.52 13.32 -31.07
N VAL I 98 -1.90 12.16 -31.28
CA VAL I 98 -2.48 10.90 -30.86
C VAL I 98 -1.55 10.15 -29.89
N SER I 99 -0.69 10.91 -29.19
CA SER I 99 0.24 10.33 -28.23
C SER I 99 -0.50 9.52 -27.18
N PHE I 100 0.14 8.46 -26.68
CA PHE I 100 -0.41 7.65 -25.58
C PHE I 100 -1.81 7.12 -25.90
N ASN I 101 -1.95 6.45 -27.04
CA ASN I 101 -3.22 5.87 -27.43
C ASN I 101 -3.12 4.41 -27.88
N GLU I 102 -1.94 3.81 -27.72
CA GLU I 102 -1.69 2.44 -28.18
C GLU I 102 -2.08 2.22 -29.65
N ILE I 103 -1.72 3.17 -30.51
CA ILE I 103 -2.14 3.06 -31.91
C ILE I 103 -1.24 2.08 -32.67
N GLY I 104 -0.01 1.89 -32.22
CA GLY I 104 0.89 0.91 -32.80
C GLY I 104 1.27 1.16 -34.25
N ASP I 105 1.97 0.19 -34.84
CA ASP I 105 2.38 0.31 -36.23
C ASP I 105 1.16 0.34 -37.17
N GLU I 106 0.14 -0.44 -36.85
CA GLU I 106 -1.06 -0.46 -37.67
C GLU I 106 -1.75 0.89 -37.69
N GLY I 107 -1.74 1.58 -36.55
CA GLY I 107 -2.26 2.93 -36.48
C GLY I 107 -1.50 3.92 -37.36
N VAL I 108 -0.18 3.96 -37.25
CA VAL I 108 0.57 4.95 -38.01
C VAL I 108 0.63 4.58 -39.48
N LYS I 109 0.44 3.30 -39.78
CA LYS I 109 0.37 2.85 -41.17
C LYS I 109 -0.71 3.63 -41.91
N ALA I 110 -1.86 3.79 -41.25
CA ALA I 110 -2.97 4.56 -41.82
C ALA I 110 -2.67 6.06 -41.81
N LEU I 111 -2.15 6.56 -40.69
CA LEU I 111 -1.89 7.99 -40.58
C LEU I 111 -0.82 8.46 -41.55
N ALA I 112 0.16 7.59 -41.82
CA ALA I 112 1.22 7.90 -42.77
C ALA I 112 0.71 8.03 -44.21
N ALA I 113 -0.46 7.46 -44.48
CA ALA I 113 -1.05 7.52 -45.82
C ALA I 113 -1.97 8.73 -45.98
N ASN I 114 -2.13 9.49 -44.91
CA ASN I 114 -2.95 10.70 -44.93
C ASN I 114 -2.14 11.92 -45.36
N ALA I 115 -2.21 12.25 -46.65
CA ALA I 115 -1.42 13.35 -47.21
C ALA I 115 -1.79 14.71 -46.66
N LYS I 116 -2.93 14.79 -45.98
CA LYS I 116 -3.41 16.05 -45.40
C LYS I 116 -2.59 16.46 -44.16
N LEU I 117 -2.10 15.48 -43.42
CA LEU I 117 -1.35 15.73 -42.18
C LEU I 117 -0.02 16.44 -42.42
N ILE I 118 0.17 17.55 -41.72
CA ILE I 118 1.43 18.30 -41.74
C ILE I 118 2.28 17.96 -40.52
N THR I 119 1.63 17.94 -39.36
CA THR I 119 2.32 17.74 -38.09
C THR I 119 1.66 16.61 -37.30
N LEU I 120 2.47 15.65 -36.88
CA LEU I 120 1.96 14.51 -36.12
C LEU I 120 2.73 14.34 -34.82
N TYR I 121 2.00 14.40 -33.71
CA TYR I 121 2.55 14.01 -32.41
C TYR I 121 2.03 12.61 -32.09
N ALA I 122 2.94 11.67 -31.92
CA ALA I 122 2.56 10.28 -31.68
C ALA I 122 3.44 9.65 -30.61
N LEU I 123 3.69 10.37 -29.52
CA LEU I 123 4.57 9.87 -28.46
C LEU I 123 4.00 8.60 -27.84
N TYR I 124 4.88 7.73 -27.36
CA TYR I 124 4.50 6.50 -26.64
C TYR I 124 3.27 5.78 -27.23
N ASN I 125 3.48 5.04 -28.30
CA ASN I 125 2.38 4.40 -29.01
C ASN I 125 2.75 3.00 -29.51
N LYS I 126 3.83 2.45 -28.98
CA LYS I 126 4.38 1.17 -29.42
C LYS I 126 4.67 1.20 -30.92
N ILE I 127 5.14 2.34 -31.42
CA ILE I 127 5.59 2.44 -32.80
C ILE I 127 7.01 1.91 -32.90
N THR I 128 7.22 0.96 -33.81
CA THR I 128 8.53 0.32 -33.96
C THR I 128 9.19 0.74 -35.27
N LYS I 129 10.31 0.12 -35.60
CA LYS I 129 10.98 0.40 -36.87
C LYS I 129 10.05 0.14 -38.05
N VAL I 130 9.09 -0.76 -37.87
CA VAL I 130 8.09 -1.04 -38.90
C VAL I 130 7.20 0.19 -39.17
N GLY I 131 6.67 0.78 -38.10
CA GLY I 131 5.86 1.98 -38.22
C GLY I 131 6.67 3.16 -38.71
N ALA I 132 7.94 3.22 -38.32
CA ALA I 132 8.83 4.26 -38.80
C ALA I 132 9.02 4.13 -40.31
N GLY I 133 9.03 2.89 -40.78
CA GLY I 133 9.10 2.61 -42.21
C GLY I 133 7.92 3.19 -42.96
N TYR I 134 6.74 3.08 -42.37
CA TYR I 134 5.54 3.64 -42.98
C TYR I 134 5.64 5.16 -43.06
N LEU I 135 6.07 5.77 -41.96
CA LEU I 135 6.16 7.22 -41.87
C LEU I 135 7.26 7.76 -42.79
N ALA I 136 8.21 6.89 -43.14
CA ALA I 136 9.26 7.27 -44.08
C ALA I 136 8.68 7.60 -45.45
N GLN I 137 7.44 7.16 -45.71
CA GLN I 137 6.80 7.40 -47.01
C GLN I 137 5.72 8.49 -46.95
N SER I 138 5.56 9.12 -45.79
CA SER I 138 4.51 10.13 -45.63
C SER I 138 4.97 11.51 -46.08
N ASN I 139 4.02 12.45 -46.16
CA ASN I 139 4.35 13.83 -46.51
C ASN I 139 4.44 14.74 -45.29
N LEU I 140 4.50 14.14 -44.10
CA LEU I 140 4.63 14.89 -42.85
C LEU I 140 5.84 15.82 -42.82
N LYS I 141 5.64 17.04 -42.32
CA LYS I 141 6.74 17.98 -42.17
C LYS I 141 7.36 17.91 -40.78
N LYS I 142 6.57 17.51 -39.78
CA LYS I 142 7.05 17.40 -38.41
C LYS I 142 6.46 16.17 -37.74
N ILE I 143 7.31 15.37 -37.11
CA ILE I 143 6.85 14.20 -36.36
C ILE I 143 7.52 14.15 -35.00
N ASP I 144 6.73 13.90 -33.96
CA ASP I 144 7.25 13.67 -32.62
C ASP I 144 6.95 12.24 -32.23
N LEU I 145 8.01 11.45 -32.06
CA LEU I 145 7.88 10.03 -31.79
C LEU I 145 8.58 9.59 -30.49
N CYS I 146 8.71 10.51 -29.53
CA CYS I 146 9.38 10.19 -28.27
C CYS I 146 8.77 8.97 -27.60
N PHE I 147 9.60 8.20 -26.89
CA PHE I 147 9.16 7.01 -26.15
C PHE I 147 8.59 5.90 -27.04
N ASN I 148 8.99 5.87 -28.31
CA ASN I 148 8.71 4.73 -29.19
C ASN I 148 10.02 4.08 -29.56
N SER I 149 10.08 2.76 -29.55
CA SER I 149 11.33 2.09 -29.90
C SER I 149 11.52 2.04 -31.42
N LEU I 150 11.98 3.14 -31.99
CA LEU I 150 12.19 3.21 -33.44
C LEU I 150 13.42 2.43 -33.85
N GLU I 151 14.44 2.47 -33.01
CA GLU I 151 15.74 1.85 -33.26
C GLU I 151 16.44 2.46 -34.47
N ASP I 152 17.66 2.01 -34.73
CA ASP I 152 18.46 2.60 -35.79
C ASP I 152 17.79 2.41 -37.14
N GLU I 153 17.26 1.22 -37.38
CA GLU I 153 16.56 0.92 -38.63
C GLU I 153 15.40 1.89 -38.86
N GLY I 154 14.66 2.18 -37.80
CA GLY I 154 13.57 3.14 -37.86
C GLY I 154 13.95 4.54 -38.30
N VAL I 155 14.95 5.14 -37.65
CA VAL I 155 15.29 6.53 -37.94
C VAL I 155 16.09 6.61 -39.23
N ILE I 156 16.72 5.51 -39.63
CA ILE I 156 17.39 5.45 -40.92
C ILE I 156 16.34 5.59 -42.01
N ALA I 157 15.22 4.89 -41.83
CA ALA I 157 14.11 4.99 -42.75
C ALA I 157 13.56 6.41 -42.77
N LEU I 158 13.34 6.98 -41.59
CA LEU I 158 12.82 8.34 -41.48
C LEU I 158 13.77 9.33 -42.14
N ALA I 159 15.07 9.07 -41.99
CA ALA I 159 16.10 9.95 -42.55
C ALA I 159 15.99 10.10 -44.07
N SER I 160 15.42 9.10 -44.74
CA SER I 160 15.27 9.12 -46.18
C SER I 160 14.02 9.85 -46.66
N ASN I 161 13.17 10.28 -45.73
CA ASN I 161 11.98 11.05 -46.08
C ASN I 161 12.34 12.51 -46.25
N ILE I 162 12.34 12.99 -47.50
CA ILE I 162 12.75 14.35 -47.77
C ILE I 162 11.75 15.40 -47.30
N ASN I 163 10.54 14.97 -46.95
CA ASN I 163 9.50 15.89 -46.50
C ASN I 163 9.69 16.37 -45.07
N ILE I 164 10.25 15.53 -44.22
CA ILE I 164 10.39 15.83 -42.80
C ILE I 164 11.40 16.94 -42.56
N LYS I 165 10.97 17.99 -41.87
CA LYS I 165 11.83 19.13 -41.56
C LYS I 165 12.12 19.15 -40.06
N GLU I 166 11.22 18.58 -39.28
CA GLU I 166 11.40 18.56 -37.84
C GLU I 166 11.11 17.17 -37.28
N LEU I 167 12.13 16.55 -36.69
CA LEU I 167 11.98 15.22 -36.12
C LEU I 167 12.35 15.22 -34.64
N ILE I 168 11.42 14.79 -33.80
CA ILE I 168 11.67 14.69 -32.37
C ILE I 168 11.55 13.21 -32.00
N ALA I 169 12.65 12.62 -31.57
CA ALA I 169 12.70 11.19 -31.34
C ALA I 169 13.59 10.86 -30.15
N SER I 170 13.20 11.37 -28.97
CA SER I 170 13.94 11.12 -27.75
C SER I 170 13.46 9.84 -27.08
N ALA I 171 14.40 9.08 -26.51
CA ALA I 171 14.11 7.80 -25.88
C ALA I 171 13.51 6.85 -26.91
N CYS I 172 14.23 6.66 -28.01
CA CYS I 172 13.76 5.86 -29.12
C CYS I 172 14.73 4.76 -29.50
N ASP I 173 15.67 4.46 -28.59
CA ASP I 173 16.66 3.40 -28.80
C ASP I 173 17.51 3.62 -30.05
N VAL I 174 17.92 4.88 -30.25
CA VAL I 174 18.81 5.22 -31.35
C VAL I 174 20.27 5.19 -30.89
N SER I 175 21.14 4.63 -31.73
CA SER I 175 22.58 4.65 -31.47
C SER I 175 23.27 5.56 -32.49
N ASP I 176 24.60 5.53 -32.52
CA ASP I 176 25.39 6.28 -33.48
C ASP I 176 25.01 5.94 -34.91
N ILE I 177 24.64 4.69 -35.15
CA ILE I 177 24.32 4.25 -36.51
C ILE I 177 23.15 5.03 -37.09
N GLY I 178 22.06 5.13 -36.32
CA GLY I 178 20.92 5.91 -36.74
C GLY I 178 21.16 7.41 -36.74
N ALA I 179 21.85 7.91 -35.73
CA ALA I 179 22.10 9.35 -35.59
C ALA I 179 22.92 9.89 -36.75
N ILE I 180 23.94 9.12 -37.15
CA ILE I 180 24.81 9.53 -38.24
C ILE I 180 24.03 9.63 -39.57
N GLU I 181 23.13 8.70 -39.81
CA GLU I 181 22.29 8.78 -41.02
C GLU I 181 21.41 10.03 -40.97
N LEU I 182 20.88 10.33 -39.79
CA LEU I 182 20.10 11.55 -39.62
C LEU I 182 20.97 12.77 -39.85
N ALA I 183 22.22 12.70 -39.39
CA ALA I 183 23.15 13.82 -39.55
C ALA I 183 23.45 14.11 -41.03
N LYS I 184 23.51 13.04 -41.83
CA LYS I 184 23.78 13.17 -43.27
C LYS I 184 22.56 13.68 -44.05
N ASN I 185 21.38 13.58 -43.45
CA ASN I 185 20.17 14.16 -44.02
C ASN I 185 20.35 15.66 -44.31
N ASN I 186 19.84 16.12 -45.45
CA ASN I 186 20.00 17.53 -45.83
C ASN I 186 18.72 18.37 -45.76
N GLN I 187 17.68 17.86 -45.13
CA GLN I 187 16.42 18.59 -45.06
C GLN I 187 16.03 19.03 -43.66
N LEU I 188 16.35 18.22 -42.65
CA LEU I 188 15.94 18.52 -41.28
C LEU I 188 16.51 19.86 -40.81
N THR I 189 15.65 20.68 -40.25
CA THR I 189 16.08 21.95 -39.65
C THR I 189 16.07 21.85 -38.12
N LEU I 190 15.26 20.93 -37.60
CA LEU I 190 15.24 20.66 -36.16
C LEU I 190 15.32 19.14 -35.94
N LEU I 191 16.18 18.72 -35.02
CA LEU I 191 16.33 17.31 -34.68
C LEU I 191 16.53 17.16 -33.17
N ILE I 192 15.71 16.34 -32.54
CA ILE I 192 15.81 16.10 -31.10
C ILE I 192 15.97 14.61 -30.85
N LEU I 193 17.09 14.25 -30.23
CA LEU I 193 17.49 12.86 -30.05
C LEU I 193 17.97 12.59 -28.64
N GLY I 194 17.29 13.16 -27.66
CA GLY I 194 17.72 13.03 -26.28
C GLY I 194 17.48 11.62 -25.77
N LYS I 195 18.20 11.25 -24.70
CA LYS I 195 17.91 10.02 -23.97
C LYS I 195 18.00 8.80 -24.89
N ASN I 196 19.05 8.78 -25.71
CA ASN I 196 19.34 7.63 -26.56
C ASN I 196 20.71 7.07 -26.20
N ALA I 197 21.41 6.48 -27.17
CA ALA I 197 22.71 5.90 -26.89
C ALA I 197 23.78 6.47 -27.83
N ILE I 198 23.70 7.77 -28.07
CA ILE I 198 24.57 8.45 -29.04
C ILE I 198 25.89 8.87 -28.38
N THR I 199 26.99 8.76 -29.13
CA THR I 199 28.33 9.02 -28.60
C THR I 199 29.06 10.08 -29.41
N ASP I 200 30.31 10.34 -29.06
CA ASP I 200 31.13 11.31 -29.80
C ASP I 200 31.28 10.96 -31.26
N LYS I 201 31.11 9.69 -31.60
CA LYS I 201 31.26 9.22 -32.98
C LYS I 201 30.28 9.92 -33.95
N SER I 202 29.11 10.31 -33.46
CA SER I 202 28.13 11.00 -34.31
C SER I 202 28.44 12.48 -34.52
N THR I 203 29.22 13.07 -33.63
CA THR I 203 29.29 14.52 -33.56
C THR I 203 29.97 15.15 -34.78
N LEU I 204 30.95 14.48 -35.38
CA LEU I 204 31.61 15.04 -36.57
C LEU I 204 30.60 15.18 -37.70
N HIS I 205 29.68 14.24 -37.80
CA HIS I 205 28.68 14.26 -38.85
C HIS I 205 27.69 15.39 -38.63
N PHE I 206 27.32 15.62 -37.38
CA PHE I 206 26.46 16.76 -37.07
C PHE I 206 27.23 18.07 -37.27
N ALA I 207 28.52 18.08 -36.99
CA ALA I 207 29.30 19.31 -37.19
C ALA I 207 29.35 19.68 -38.67
N ASN I 208 29.33 18.68 -39.54
CA ASN I 208 29.40 18.92 -40.99
C ASN I 208 28.04 18.97 -41.65
N ASN I 209 27.00 18.71 -40.87
CA ASN I 209 25.62 18.89 -41.33
C ASN I 209 25.39 20.34 -41.77
N THR I 210 24.61 20.54 -42.82
CA THR I 210 24.40 21.89 -43.32
C THR I 210 22.95 22.36 -43.28
N SER I 211 22.04 21.56 -42.72
CA SER I 211 20.62 21.92 -42.71
CA SER I 211 20.63 21.94 -42.71
C SER I 211 20.10 22.28 -41.31
N LEU I 212 20.63 21.63 -40.28
CA LEU I 212 20.10 21.81 -38.92
C LEU I 212 20.36 23.19 -38.33
N SER I 213 19.36 23.75 -37.64
CA SER I 213 19.58 24.94 -36.82
C SER I 213 19.20 24.68 -35.36
N THR I 214 18.54 23.54 -35.12
CA THR I 214 18.24 23.09 -33.76
C THR I 214 18.65 21.62 -33.61
N LEU I 215 19.44 21.33 -32.59
CA LEU I 215 19.90 19.97 -32.36
C LEU I 215 19.97 19.68 -30.87
N HIS I 216 19.12 18.77 -30.41
CA HIS I 216 19.11 18.41 -29.00
C HIS I 216 19.64 16.99 -28.83
N LEU I 217 20.70 16.83 -28.04
CA LEU I 217 21.32 15.53 -27.85
C LEU I 217 21.55 15.26 -26.38
N GLY I 218 20.62 15.76 -25.57
CA GLY I 218 20.70 15.62 -24.13
C GLY I 218 20.68 14.18 -23.67
N SER I 219 21.33 13.93 -22.54
CA SER I 219 21.29 12.63 -21.87
CA SER I 219 21.29 12.65 -21.85
C SER I 219 21.67 11.49 -22.78
N ASN I 220 22.76 11.66 -23.51
CA ASN I 220 23.34 10.60 -24.30
C ASN I 220 24.70 10.24 -23.69
N GLN I 221 25.66 9.88 -24.53
CA GLN I 221 26.99 9.48 -24.03
C GLN I 221 28.08 10.41 -24.57
N ILE I 222 27.69 11.63 -24.93
CA ILE I 222 28.61 12.59 -25.53
C ILE I 222 29.54 13.22 -24.47
N THR I 223 30.81 13.38 -24.84
CA THR I 223 31.79 13.92 -23.89
C THR I 223 32.12 15.35 -24.27
N ALA I 224 33.04 15.94 -23.53
CA ALA I 224 33.47 17.30 -23.82
C ALA I 224 34.14 17.38 -25.19
N ALA I 225 34.71 16.26 -25.65
CA ALA I 225 35.30 16.21 -26.98
C ALA I 225 34.23 16.33 -28.06
N GLY I 226 33.14 15.60 -27.88
CA GLY I 226 32.01 15.68 -28.79
C GLY I 226 31.38 17.06 -28.77
N LYS I 227 31.28 17.64 -27.58
CA LYS I 227 30.73 18.99 -27.44
C LYS I 227 31.56 19.99 -28.22
N LYS I 228 32.88 19.87 -28.13
CA LYS I 228 33.79 20.77 -28.84
C LYS I 228 33.58 20.66 -30.35
N ILE I 229 33.40 19.43 -30.82
CA ILE I 229 33.13 19.19 -32.24
C ILE I 229 31.80 19.82 -32.66
N LEU I 230 30.75 19.55 -31.88
CA LEU I 230 29.43 20.10 -32.16
C LEU I 230 29.42 21.62 -32.24
N GLU I 231 30.18 22.26 -31.36
CA GLU I 231 30.13 23.71 -31.26
C GLU I 231 30.82 24.44 -32.42
N THR I 232 31.53 23.70 -33.27
CA THR I 232 32.15 24.31 -34.46
C THR I 232 31.09 24.66 -35.51
N ASN I 233 29.92 24.04 -35.39
CA ASN I 233 28.82 24.28 -36.32
C ASN I 233 27.98 25.49 -35.89
N THR I 234 28.22 26.64 -36.49
CA THR I 234 27.50 27.85 -36.10
C THR I 234 26.06 27.94 -36.63
N ARG I 235 25.70 27.06 -37.56
CA ARG I 235 24.33 27.01 -38.06
C ARG I 235 23.35 26.57 -36.97
N ILE I 236 23.86 25.81 -36.00
CA ILE I 236 23.02 25.36 -34.90
C ILE I 236 22.93 26.44 -33.86
N THR I 237 21.75 27.06 -33.75
CA THR I 237 21.57 28.19 -32.85
C THR I 237 20.85 27.75 -31.59
N ASP I 238 20.43 26.48 -31.57
CA ASP I 238 19.84 25.89 -30.38
C ASP I 238 20.41 24.50 -30.17
N LEU I 239 21.46 24.41 -29.36
CA LEU I 239 22.13 23.15 -29.08
C LEU I 239 21.92 22.74 -27.63
N ASP I 240 21.39 21.55 -27.39
CA ASP I 240 21.19 21.07 -26.02
C ASP I 240 22.00 19.81 -25.74
N LEU I 241 22.83 19.87 -24.70
CA LEU I 241 23.68 18.74 -24.34
C LEU I 241 23.57 18.39 -22.87
N ILE I 242 22.56 18.95 -22.20
CA ILE I 242 22.36 18.66 -20.79
C ILE I 242 22.22 17.17 -20.50
N GLY I 243 22.94 16.69 -19.50
CA GLY I 243 22.77 15.33 -19.06
C GLY I 243 23.81 14.39 -19.62
N ASN I 244 24.69 14.91 -20.49
CA ASN I 244 25.80 14.13 -21.03
C ASN I 244 27.00 14.13 -20.11
N PRO I 245 27.82 13.07 -20.16
CA PRO I 245 29.06 13.02 -19.37
C PRO I 245 30.14 13.96 -19.92
N ILE I 246 29.94 15.26 -19.71
CA ILE I 246 30.83 16.29 -20.21
C ILE I 246 31.68 16.88 -19.07
N GLU I 247 33.00 16.78 -19.20
CA GLU I 247 33.96 17.18 -18.18
C GLU I 247 33.81 16.36 -16.91
N MSE J 2 -1.65 5.39 14.71
CA MSE J 2 -2.79 6.06 14.14
C MSE J 2 -2.42 6.27 12.71
O MSE J 2 -1.32 5.86 12.31
CB MSE J 2 -3.17 7.32 14.92
CG MSE J 2 -2.10 8.39 14.75
SE MSE J 2 -0.49 7.85 15.72
CE MSE J 2 0.80 9.22 15.21
N ALA J 3 -3.26 6.87 11.90
CA ALA J 3 -2.96 7.01 10.51
C ALA J 3 -3.04 8.43 9.92
N ILE J 4 -2.53 8.62 8.68
CA ILE J 4 -2.56 9.87 7.92
C ILE J 4 -3.32 9.67 6.60
N ALA J 5 -4.08 10.68 6.20
CA ALA J 5 -4.90 10.58 5.00
C ALA J 5 -4.08 10.91 3.75
N PRO J 6 -4.48 10.36 2.59
CA PRO J 6 -3.78 10.66 1.34
C PRO J 6 -3.65 12.15 1.09
N GLN J 7 -4.67 12.93 1.47
CA GLN J 7 -4.63 14.38 1.28
C GLN J 7 -3.48 15.05 2.03
N GLN J 8 -3.17 14.58 3.23
CA GLN J 8 -2.07 15.18 3.99
CA GLN J 8 -2.07 15.18 3.99
C GLN J 8 -0.71 14.71 3.47
N ILE J 9 -0.68 13.55 2.83
CA ILE J 9 0.53 13.12 2.15
C ILE J 9 0.78 14.06 0.97
N GLN J 10 -0.28 14.37 0.24
CA GLN J 10 -0.17 15.27 -0.90
C GLN J 10 0.30 16.64 -0.45
N GLU J 11 -0.24 17.12 0.66
CA GLU J 11 0.17 18.41 1.21
C GLU J 11 1.66 18.43 1.57
N ARG J 12 2.16 17.33 2.14
CA ARG J 12 3.59 17.24 2.44
C ARG J 12 4.42 17.33 1.17
N LEU J 13 3.96 16.67 0.11
CA LEU J 13 4.69 16.69 -1.15
C LEU J 13 4.59 18.07 -1.82
N LYS J 14 3.44 18.73 -1.68
CA LYS J 14 3.31 20.09 -2.23
C LYS J 14 4.32 21.06 -1.60
N GLN J 15 4.71 20.79 -0.35
CA GLN J 15 5.69 21.64 0.34
C GLN J 15 7.06 21.62 -0.32
N GLU J 16 7.33 20.60 -1.12
CA GLU J 16 8.60 20.50 -1.82
C GLU J 16 8.67 21.39 -3.05
N GLN J 17 7.53 21.91 -3.47
CA GLN J 17 7.46 22.86 -4.60
C GLN J 17 8.15 22.29 -5.85
N TYR J 18 7.76 21.08 -6.22
CA TYR J 18 8.35 20.41 -7.39
C TYR J 18 8.19 21.23 -8.68
N GLN J 19 7.13 22.04 -8.75
CA GLN J 19 6.88 22.81 -9.97
C GLN J 19 7.92 23.93 -10.13
N LYS J 20 8.76 24.11 -9.11
CA LYS J 20 9.81 25.13 -9.13
C LYS J 20 11.17 24.59 -9.57
N PHE J 21 11.29 23.30 -9.72
CA PHE J 21 12.52 22.74 -10.15
C PHE J 21 12.85 23.10 -11.60
N VAL J 22 14.11 23.07 -11.93
CA VAL J 22 14.54 23.00 -13.31
C VAL J 22 14.37 21.56 -13.72
N VAL J 23 13.52 21.33 -14.72
CA VAL J 23 13.34 20.01 -15.28
C VAL J 23 14.32 19.87 -16.44
N ALA J 24 15.40 19.14 -16.18
CA ALA J 24 16.56 19.13 -17.07
C ALA J 24 16.27 18.51 -18.43
N ASP J 25 15.28 17.62 -18.52
CA ASP J 25 15.01 16.98 -19.80
C ASP J 25 13.85 17.59 -20.60
N ILE J 26 13.51 18.84 -20.31
CA ILE J 26 12.60 19.59 -21.18
C ILE J 26 13.15 19.63 -22.60
N GLY J 27 14.48 19.66 -22.72
CA GLY J 27 15.14 19.59 -24.01
C GLY J 27 14.91 18.31 -24.79
N ASN J 28 14.80 17.18 -24.08
CA ASN J 28 14.54 15.89 -24.71
C ASN J 28 13.07 15.74 -25.07
N PHE J 29 12.21 16.22 -24.17
CA PHE J 29 10.76 15.98 -24.30
C PHE J 29 9.93 17.25 -24.28
N PRO J 30 10.06 18.09 -25.31
CA PRO J 30 9.32 19.35 -25.31
C PRO J 30 7.81 19.14 -25.22
N HIS J 31 7.32 18.04 -25.78
CA HIS J 31 5.88 17.83 -25.82
C HIS J 31 5.32 17.39 -24.47
N CYS J 32 6.19 17.15 -23.49
CA CYS J 32 5.70 16.73 -22.17
C CYS J 32 5.52 17.90 -21.22
N LEU J 33 5.89 19.09 -21.67
CA LEU J 33 5.70 20.30 -20.85
C LEU J 33 4.22 20.67 -20.87
N ALA J 34 3.61 20.79 -19.69
CA ALA J 34 2.16 20.96 -19.62
C ALA J 34 1.74 22.33 -20.12
N GLN J 35 0.54 22.41 -20.70
CA GLN J 35 -0.03 23.69 -21.11
C GLN J 35 -0.79 24.28 -19.93
N THR J 36 -0.02 24.77 -18.96
CA THR J 36 -0.56 25.33 -17.73
C THR J 36 0.34 26.48 -17.36
N PRO J 37 -0.13 27.39 -16.48
CA PRO J 37 0.77 28.44 -16.00
C PRO J 37 2.07 27.88 -15.43
N GLU J 38 1.97 26.76 -14.71
CA GLU J 38 3.14 26.12 -14.10
C GLU J 38 4.09 25.57 -15.17
N GLY J 39 3.52 25.01 -16.23
CA GLY J 39 4.32 24.47 -17.32
C GLY J 39 5.04 25.58 -18.03
N ILE J 40 4.35 26.69 -18.24
CA ILE J 40 4.94 27.85 -18.90
C ILE J 40 6.13 28.38 -18.09
N ALA J 41 5.94 28.48 -16.78
CA ALA J 41 6.99 28.97 -15.89
C ALA J 41 8.20 28.04 -15.84
N SER J 42 7.96 26.72 -15.89
CA SER J 42 9.06 25.75 -15.91
C SER J 42 9.86 25.80 -17.21
N GLY J 43 9.15 26.07 -18.32
CA GLY J 43 9.82 26.28 -19.60
C GLY J 43 10.72 27.50 -19.55
N GLN J 44 10.20 28.58 -18.97
CA GLN J 44 10.97 29.81 -18.81
C GLN J 44 12.18 29.58 -17.92
N ARG J 45 11.97 28.92 -16.79
CA ARG J 45 13.04 28.62 -15.85
C ARG J 45 14.13 27.78 -16.53
N TYR J 46 13.70 26.78 -17.29
CA TYR J 46 14.62 25.90 -18.02
C TYR J 46 15.47 26.68 -19.03
N GLN J 47 14.85 27.59 -19.77
CA GLN J 47 15.57 28.39 -20.77
C GLN J 47 16.65 29.25 -20.11
N LYS J 48 16.33 29.82 -18.94
CA LYS J 48 17.30 30.62 -18.20
C LYS J 48 18.42 29.74 -17.67
N TYR J 49 18.04 28.56 -17.16
CA TYR J 49 19.01 27.58 -16.70
C TYR J 49 20.02 27.23 -17.80
N SER J 50 19.50 26.89 -18.98
CA SER J 50 20.31 26.42 -20.08
C SER J 50 21.29 27.47 -20.60
N THR J 51 20.90 28.74 -20.50
CA THR J 51 21.75 29.83 -20.99
C THR J 51 22.71 30.35 -19.92
N ASN J 52 22.54 29.89 -18.68
CA ASN J 52 23.43 30.32 -17.60
C ASN J 52 24.62 29.38 -17.46
N SER J 53 25.81 29.94 -17.50
CA SER J 53 27.05 29.15 -17.42
C SER J 53 27.16 28.30 -16.16
N LEU J 54 26.47 28.70 -15.09
CA LEU J 54 26.53 27.97 -13.82
C LEU J 54 25.88 26.59 -13.93
N SER J 55 25.00 26.41 -14.93
CA SER J 55 24.35 25.12 -15.13
C SER J 55 25.34 24.07 -15.62
N ARG J 56 26.50 24.51 -16.07
CA ARG J 56 27.53 23.59 -16.55
C ARG J 56 28.60 23.34 -15.49
N THR J 57 28.34 23.77 -14.27
CA THR J 57 29.26 23.54 -13.16
C THR J 57 28.66 22.53 -12.17
N PRO J 58 29.54 21.81 -11.44
CA PRO J 58 29.07 20.93 -10.37
C PRO J 58 28.31 21.68 -9.28
N PRO J 59 27.26 21.07 -8.71
CA PRO J 59 26.79 19.73 -9.07
C PRO J 59 25.69 19.74 -10.13
N PHE J 60 25.43 20.90 -10.73
CA PHE J 60 24.29 21.03 -11.63
C PHE J 60 24.42 20.20 -12.90
N SER J 61 25.61 20.17 -13.47
CA SER J 61 25.84 19.40 -14.69
C SER J 61 25.51 17.92 -14.52
N GLN J 62 25.80 17.37 -13.34
CA GLN J 62 25.53 15.95 -13.13
C GLN J 62 24.12 15.73 -12.56
N TRP J 63 23.54 16.76 -11.95
CA TRP J 63 22.16 16.68 -11.50
C TRP J 63 21.20 16.51 -12.67
N GLY J 64 21.62 17.00 -13.84
CA GLY J 64 20.82 16.89 -15.04
C GLY J 64 21.06 15.58 -15.76
N ALA J 65 22.03 14.82 -15.25
CA ALA J 65 22.36 13.51 -15.81
C ALA J 65 21.63 12.42 -15.05
N PRO J 66 21.11 11.43 -15.77
CA PRO J 66 20.37 10.31 -15.15
C PRO J 66 21.27 9.32 -14.40
N GLN J 67 20.80 8.87 -13.25
CA GLN J 67 21.31 7.65 -12.63
C GLN J 67 20.36 6.52 -13.01
N LEU J 68 20.95 5.44 -13.51
CA LEU J 68 20.26 4.20 -13.88
C LEU J 68 20.33 3.15 -12.78
N LEU J 69 21.35 3.25 -11.93
CA LEU J 69 21.52 2.40 -10.74
C LEU J 69 20.53 2.90 -9.68
N THR J 70 19.34 2.31 -9.68
CA THR J 70 18.29 2.66 -8.73
C THR J 70 18.74 2.32 -7.32
N PRO J 71 18.77 3.33 -6.43
CA PRO J 71 19.24 3.16 -5.04
C PRO J 71 18.52 2.02 -4.34
N LYS J 72 19.24 1.28 -3.49
CA LYS J 72 18.68 0.09 -2.88
C LYS J 72 18.43 0.22 -1.37
N SER J 73 18.81 1.36 -0.79
CA SER J 73 18.55 1.56 0.64
C SER J 73 17.86 2.89 0.90
N ALA J 74 17.01 2.90 1.93
CA ALA J 74 16.20 4.06 2.27
C ALA J 74 17.04 5.30 2.53
N GLN J 75 18.20 5.12 3.15
CA GLN J 75 19.06 6.25 3.47
C GLN J 75 19.55 6.96 2.20
N GLU J 76 19.80 6.19 1.15
CA GLU J 76 20.24 6.77 -0.12
C GLU J 76 19.18 7.68 -0.73
N TYR J 77 17.91 7.29 -0.62
CA TYR J 77 16.82 8.14 -1.09
C TYR J 77 16.68 9.40 -0.24
N ILE J 78 16.79 9.24 1.07
CA ILE J 78 16.72 10.39 1.97
C ILE J 78 17.87 11.35 1.64
N LYS J 79 19.06 10.80 1.45
CA LYS J 79 20.23 11.58 1.07
C LYS J 79 20.03 12.29 -0.26
N PHE J 80 19.34 11.62 -1.19
CA PHE J 80 19.07 12.19 -2.50
C PHE J 80 18.21 13.45 -2.38
N ALA J 81 17.13 13.33 -1.61
CA ALA J 81 16.22 14.47 -1.41
C ALA J 81 16.93 15.61 -0.67
N GLN J 82 17.72 15.24 0.32
CA GLN J 82 18.46 16.21 1.11
C GLN J 82 19.45 17.01 0.25
N GLN J 83 20.23 16.31 -0.57
CA GLN J 83 21.23 16.95 -1.41
C GLN J 83 20.60 17.79 -2.52
N ARG J 84 19.51 17.31 -3.11
CA ARG J 84 18.83 18.08 -4.14
C ARG J 84 18.20 19.35 -3.57
N ASN J 85 17.95 19.36 -2.26
CA ASN J 85 17.30 20.49 -1.61
C ASN J 85 18.27 21.52 -1.01
N LYS J 86 19.58 21.26 -1.10
CA LYS J 86 20.55 22.19 -0.55
C LYS J 86 20.49 23.52 -1.30
N LYS J 87 20.64 24.61 -0.56
CA LYS J 87 20.61 25.95 -1.14
C LYS J 87 21.92 26.23 -1.87
N SER J 88 21.82 26.51 -3.15
CA SER J 88 23.01 26.83 -3.92
C SER J 88 23.07 28.33 -4.14
N SER J 89 24.26 28.83 -4.45
CA SER J 89 24.43 30.24 -4.78
C SER J 89 23.82 30.55 -6.14
N PHE J 90 23.75 29.52 -6.99
CA PHE J 90 23.12 29.61 -8.30
C PHE J 90 21.62 29.83 -8.11
N LYS J 91 21.15 31.01 -8.52
CA LYS J 91 19.74 31.36 -8.38
C LYS J 91 19.14 31.84 -9.70
N ILE J 92 17.87 31.49 -9.92
CA ILE J 92 17.12 32.00 -11.05
C ILE J 92 15.88 32.74 -10.53
N ASP J 93 15.75 34.01 -10.92
CA ASP J 93 14.71 34.88 -10.39
C ASP J 93 14.69 34.90 -8.87
N GLY J 94 15.88 34.85 -8.28
CA GLY J 94 16.02 34.97 -6.84
C GLY J 94 15.83 33.69 -6.04
N GLU J 95 15.54 32.57 -6.71
CA GLU J 95 15.37 31.33 -5.96
C GLU J 95 16.43 30.31 -6.31
N ALA J 96 16.91 29.61 -5.29
CA ALA J 96 17.95 28.61 -5.44
C ALA J 96 17.55 27.56 -6.47
N VAL J 97 18.51 27.12 -7.27
CA VAL J 97 18.24 26.19 -8.34
C VAL J 97 18.29 24.74 -7.85
N ARG J 98 17.22 24.02 -8.15
CA ARG J 98 17.14 22.58 -7.95
C ARG J 98 16.85 21.93 -9.29
N VAL J 99 17.47 20.79 -9.55
CA VAL J 99 17.45 20.16 -10.87
C VAL J 99 17.13 18.68 -10.76
N SER J 100 16.26 18.20 -11.64
CA SER J 100 16.11 16.75 -11.83
C SER J 100 15.52 16.46 -13.20
N GLU J 101 15.29 15.18 -13.45
CA GLU J 101 14.81 14.65 -14.68
C GLU J 101 13.93 13.40 -14.56
N CYS J 102 13.45 12.87 -15.67
CA CYS J 102 12.41 11.85 -15.52
C CYS J 102 12.88 10.51 -14.95
N SER J 103 14.17 10.28 -14.87
CA SER J 103 14.58 9.00 -14.31
C SER J 103 14.84 9.08 -12.80
N ASN J 104 15.28 10.22 -12.30
CA ASN J 104 15.64 10.30 -10.88
C ASN J 104 14.74 11.16 -10.05
N PHE J 105 13.82 11.89 -10.63
CA PHE J 105 12.96 12.77 -9.88
C PHE J 105 12.18 11.96 -8.81
N ALA J 106 11.77 10.76 -9.17
CA ALA J 106 11.05 9.89 -8.25
C ALA J 106 11.83 9.61 -6.97
N TYR J 107 13.16 9.65 -7.07
CA TYR J 107 14.01 9.31 -5.92
C TYR J 107 13.85 10.35 -4.83
N HIS J 108 13.64 11.60 -5.24
CA HIS J 108 13.47 12.70 -4.30
C HIS J 108 12.24 12.45 -3.43
N SER J 109 11.11 12.18 -4.07
CA SER J 109 9.87 11.93 -3.34
CA SER J 109 9.87 11.93 -3.35
C SER J 109 9.97 10.69 -2.47
N ALA J 110 10.61 9.64 -2.98
CA ALA J 110 10.81 8.44 -2.17
C ALA J 110 11.51 8.82 -0.87
N GLY J 111 12.51 9.69 -0.98
CA GLY J 111 13.28 10.13 0.17
C GLY J 111 12.45 10.91 1.17
N VAL J 112 11.65 11.83 0.66
CA VAL J 112 10.73 12.60 1.49
C VAL J 112 9.74 11.70 2.23
N LEU J 113 9.25 10.69 1.52
CA LEU J 113 8.22 9.81 2.06
C LEU J 113 8.80 8.84 3.07
N LEU J 114 9.99 8.33 2.77
CA LEU J 114 10.67 7.41 3.67
C LEU J 114 11.10 8.12 4.96
N ASP J 115 11.33 9.43 4.86
CA ASP J 115 11.79 10.20 6.01
C ASP J 115 10.63 10.60 6.93
N ASP J 116 9.40 10.49 6.42
CA ASP J 116 8.24 10.89 7.20
C ASP J 116 7.80 9.79 8.16
N PRO J 117 7.75 10.11 9.46
CA PRO J 117 7.39 9.12 10.49
C PRO J 117 5.96 8.57 10.34
N GLN J 118 5.00 9.40 9.99
CA GLN J 118 3.62 8.94 9.81
C GLN J 118 3.52 7.97 8.64
N ILE J 119 4.19 8.31 7.55
CA ILE J 119 4.17 7.49 6.34
C ILE J 119 4.75 6.11 6.60
N ARG J 120 5.86 6.05 7.32
CA ARG J 120 6.59 4.79 7.45
C ARG J 120 5.83 3.72 8.23
N THR J 121 4.87 4.12 9.07
CA THR J 121 4.06 3.14 9.77
C THR J 121 2.86 2.66 8.94
N GLN J 122 2.41 3.47 7.99
CA GLN J 122 1.20 3.18 7.24
C GLN J 122 1.44 2.62 5.84
N TYR J 123 2.46 3.15 5.17
CA TYR J 123 2.72 2.76 3.80
C TYR J 123 4.11 2.18 3.64
N ASP J 124 4.22 1.21 2.73
CA ASP J 124 5.52 0.84 2.20
C ASP J 124 5.82 1.77 1.02
N VAL J 125 7.09 2.03 0.78
CA VAL J 125 7.48 2.88 -0.33
C VAL J 125 8.17 2.04 -1.40
N ALA J 126 7.81 2.27 -2.66
CA ALA J 126 8.41 1.54 -3.77
C ALA J 126 8.81 2.49 -4.89
N VAL J 127 9.88 2.15 -5.59
CA VAL J 127 10.25 2.90 -6.77
C VAL J 127 10.21 1.96 -7.95
N ILE J 128 9.51 2.38 -9.00
CA ILE J 128 9.25 1.51 -10.14
C ILE J 128 9.67 2.14 -11.45
N GLY J 129 10.06 1.31 -12.41
CA GLY J 129 10.26 1.77 -13.76
C GLY J 129 8.95 1.63 -14.50
N SER J 130 8.46 2.73 -15.06
CA SER J 130 7.20 2.70 -15.79
C SER J 130 7.42 3.14 -17.22
N MSE J 131 6.32 3.38 -17.95
CA MSE J 131 6.38 3.74 -19.37
C MSE J 131 7.27 2.77 -20.14
O MSE J 131 8.31 3.14 -20.69
CB MSE J 131 6.88 5.18 -19.54
CG MSE J 131 6.54 5.82 -20.87
SE MSE J 131 7.07 7.71 -20.95
CE MSE J 131 5.86 8.46 -19.63
N HIS J 132 6.83 1.52 -20.17
CA HIS J 132 7.58 0.43 -20.81
C HIS J 132 7.62 0.57 -22.32
N SER J 133 8.81 0.40 -22.88
CA SER J 133 9.00 0.44 -24.33
C SER J 133 10.12 -0.51 -24.76
N ASN J 134 9.75 -1.61 -25.41
CA ASN J 134 10.71 -2.58 -25.92
C ASN J 134 11.74 -3.03 -24.88
N GLY J 135 11.27 -3.44 -23.71
CA GLY J 135 12.15 -3.99 -22.70
C GLY J 135 12.79 -2.96 -21.79
N ARG J 136 12.58 -1.69 -22.10
CA ARG J 136 13.11 -0.60 -21.28
C ARG J 136 11.98 0.13 -20.57
N TYR J 137 12.28 0.66 -19.39
CA TYR J 137 11.30 1.43 -18.64
C TYR J 137 11.77 2.87 -18.53
N LEU J 138 11.06 3.76 -19.23
CA LEU J 138 11.56 5.10 -19.52
C LEU J 138 11.24 6.16 -18.47
N HIS J 139 10.36 5.84 -17.53
CA HIS J 139 9.90 6.83 -16.56
C HIS J 139 9.84 6.20 -15.18
N ASN J 140 10.55 6.78 -14.21
CA ASN J 140 10.55 6.23 -12.86
C ASN J 140 9.49 6.89 -11.99
N ILE J 141 8.76 6.08 -11.23
CA ILE J 141 7.66 6.55 -10.41
C ILE J 141 7.80 6.00 -8.99
N THR J 142 7.36 6.77 -8.00
CA THR J 142 7.33 6.31 -6.63
C THR J 142 5.90 5.86 -6.25
N LEU J 143 5.81 4.73 -5.56
CA LEU J 143 4.53 4.23 -5.07
C LEU J 143 4.44 4.29 -3.54
N LEU J 144 3.24 4.53 -3.06
CA LEU J 144 2.89 4.35 -1.66
C LEU J 144 1.92 3.18 -1.60
N VAL J 145 2.36 2.09 -0.98
CA VAL J 145 1.60 0.84 -0.95
C VAL J 145 1.18 0.52 0.48
N PRO J 146 -0.14 0.34 0.69
CA PRO J 146 -0.61 0.00 2.04
C PRO J 146 0.10 -1.22 2.57
N LYS J 147 0.43 -1.17 3.85
CA LYS J 147 1.19 -2.22 4.49
C LYS J 147 0.43 -3.50 4.41
N GLY J 148 1.18 -4.54 4.18
CA GLY J 148 0.64 -5.85 4.03
C GLY J 148 0.45 -6.31 2.62
N SER J 149 0.85 -5.50 1.65
CA SER J 149 0.74 -5.91 0.27
C SER J 149 2.11 -6.05 -0.34
N ARG J 150 2.37 -7.18 -0.98
CA ARG J 150 3.65 -7.42 -1.63
C ARG J 150 3.64 -6.98 -3.08
N LEU J 151 4.82 -6.71 -3.63
CA LEU J 151 4.95 -6.37 -5.04
C LEU J 151 5.88 -7.38 -5.72
N PRO J 152 5.61 -7.69 -6.98
CA PRO J 152 6.46 -8.64 -7.71
C PRO J 152 7.87 -8.10 -7.92
N GLN J 153 8.86 -8.98 -7.85
CA GLN J 153 10.25 -8.62 -8.08
C GLN J 153 10.65 -9.00 -9.49
N PRO J 154 11.58 -8.24 -10.09
CA PRO J 154 12.10 -8.56 -11.43
C PRO J 154 12.57 -10.00 -11.50
N PRO J 155 12.39 -10.66 -12.67
CA PRO J 155 11.86 -10.10 -13.91
C PRO J 155 10.34 -10.11 -14.03
N GLN J 156 9.62 -10.49 -12.97
CA GLN J 156 8.16 -10.38 -13.00
C GLN J 156 7.76 -8.91 -13.06
N GLN J 157 6.65 -8.63 -13.73
CA GLN J 157 6.20 -7.26 -13.94
C GLN J 157 5.08 -6.85 -13.00
N LEU J 158 5.06 -5.56 -12.68
CA LEU J 158 3.93 -4.98 -11.97
C LEU J 158 2.88 -4.62 -13.01
N THR J 159 1.68 -5.16 -12.83
CA THR J 159 0.57 -4.93 -13.75
C THR J 159 -0.68 -4.62 -12.94
N ALA J 160 -1.75 -4.23 -13.61
CA ALA J 160 -3.01 -3.96 -12.93
C ALA J 160 -3.52 -5.18 -12.16
N GLU J 161 -3.08 -6.37 -12.58
CA GLU J 161 -3.50 -7.62 -11.94
C GLU J 161 -2.91 -7.83 -10.55
N VAL J 162 -1.75 -7.22 -10.30
CA VAL J 162 -1.07 -7.39 -9.02
C VAL J 162 -0.82 -6.03 -8.37
N PHE J 163 -1.62 -5.06 -8.76
CA PHE J 163 -1.50 -3.70 -8.24
C PHE J 163 -2.42 -3.55 -7.04
N PRO J 164 -1.84 -3.39 -5.84
CA PRO J 164 -2.60 -3.34 -4.58
C PRO J 164 -3.61 -2.21 -4.53
N ILE J 165 -4.82 -2.51 -4.06
CA ILE J 165 -5.80 -1.49 -3.78
C ILE J 165 -5.27 -0.50 -2.75
N GLY J 166 -5.57 0.78 -2.93
CA GLY J 166 -5.15 1.79 -1.98
C GLY J 166 -3.80 2.38 -2.30
N THR J 167 -3.13 1.85 -3.32
CA THR J 167 -1.84 2.37 -3.74
C THR J 167 -1.95 3.81 -4.26
N LEU J 168 -0.99 4.65 -3.88
CA LEU J 168 -0.93 6.03 -4.35
C LEU J 168 0.25 6.24 -5.29
N ILE J 169 0.04 7.02 -6.34
CA ILE J 169 1.10 7.38 -7.29
C ILE J 169 1.77 8.69 -6.88
N VAL J 170 3.10 8.73 -6.94
CA VAL J 170 3.84 9.97 -6.71
C VAL J 170 4.84 10.20 -7.84
N ASP J 171 4.59 11.22 -8.65
CA ASP J 171 5.39 11.49 -9.85
C ASP J 171 5.74 12.95 -9.91
N PRO J 172 6.79 13.35 -9.17
CA PRO J 172 7.18 14.77 -9.12
C PRO J 172 7.60 15.33 -10.47
N TRP J 173 8.10 14.49 -11.37
CA TRP J 173 8.50 14.96 -12.70
C TRP J 173 7.29 15.57 -13.43
N ALA J 174 6.14 14.93 -13.31
CA ALA J 174 4.90 15.45 -13.89
C ALA J 174 4.56 16.84 -13.32
N VAL J 175 4.86 17.03 -12.03
CA VAL J 175 4.61 18.33 -11.39
C VAL J 175 5.62 19.38 -11.87
N GLY J 176 6.87 18.95 -12.02
CA GLY J 176 7.88 19.83 -12.58
C GLY J 176 7.52 20.28 -13.99
N MSE J 177 6.89 19.38 -14.75
CA MSE J 177 6.46 19.64 -16.11
C MSE J 177 5.18 20.51 -16.16
O MSE J 177 4.77 20.96 -17.23
CB MSE J 177 6.22 18.33 -16.86
CG MSE J 177 7.48 17.63 -17.37
SE MSE J 177 8.57 18.80 -18.49
CE MSE J 177 9.67 17.45 -19.38
N GLY J 178 4.54 20.71 -15.02
CA GLY J 178 3.42 21.63 -14.96
C GLY J 178 2.05 21.04 -14.69
N HIS J 179 1.98 19.74 -14.42
CA HIS J 179 0.72 19.09 -14.05
C HIS J 179 0.38 19.41 -12.58
N PRO J 180 -0.91 19.55 -12.26
CA PRO J 180 -1.30 19.84 -10.88
C PRO J 180 -1.07 18.66 -9.95
N PRO J 181 -0.91 18.93 -8.65
CA PRO J 181 -0.72 17.87 -7.64
C PRO J 181 -1.84 16.83 -7.65
N GLU J 182 -3.06 17.23 -7.98
CA GLU J 182 -4.18 16.30 -8.09
C GLU J 182 -3.97 15.23 -9.16
N GLN J 183 -3.08 15.49 -10.11
CA GLN J 183 -2.78 14.53 -11.18
C GLN J 183 -1.43 13.83 -11.02
N ALA J 184 -0.79 13.98 -9.86
CA ALA J 184 0.57 13.48 -9.73
C ALA J 184 1.08 13.16 -8.32
N LEU J 185 0.57 13.83 -7.28
CA LEU J 185 1.18 13.68 -5.95
C LEU J 185 0.29 12.93 -4.96
N ALA J 186 0.60 11.65 -4.74
CA ALA J 186 -0.11 10.81 -3.78
C ALA J 186 -1.58 10.63 -4.17
N ILE J 187 -1.81 10.11 -5.36
CA ILE J 187 -3.15 9.99 -5.91
C ILE J 187 -3.37 8.59 -6.51
N PRO J 188 -4.64 8.14 -6.60
CA PRO J 188 -4.94 6.86 -7.26
C PRO J 188 -4.59 6.92 -8.74
N LYS J 189 -4.30 5.78 -9.35
CA LYS J 189 -3.89 5.76 -10.75
C LYS J 189 -4.94 6.33 -11.69
N GLU J 190 -6.22 6.21 -11.34
CA GLU J 190 -7.29 6.74 -12.20
C GLU J 190 -7.19 8.26 -12.37
N GLN J 191 -6.56 8.95 -11.42
CA GLN J 191 -6.36 10.40 -11.47
C GLN J 191 -4.98 10.79 -11.98
N PHE J 192 -4.17 9.80 -12.32
CA PHE J 192 -2.77 10.03 -12.66
C PHE J 192 -2.57 10.48 -14.10
N ALA J 193 -1.87 11.59 -14.28
CA ALA J 193 -1.62 12.17 -15.59
C ALA J 193 -1.03 11.15 -16.57
N TYR J 194 -0.21 10.23 -16.07
CA TYR J 194 0.39 9.26 -16.96
C TYR J 194 -0.14 7.85 -16.71
N ASN J 195 -1.41 7.78 -16.38
CA ASN J 195 -2.06 6.49 -16.20
C ASN J 195 -1.96 5.60 -17.45
N ARG J 196 -1.99 6.22 -18.64
CA ARG J 196 -1.99 5.48 -19.90
C ARG J 196 -0.65 4.79 -20.21
N SER J 197 0.38 5.07 -19.42
CA SER J 197 1.66 4.43 -19.62
C SER J 197 2.16 3.75 -18.34
N LEU J 198 1.28 3.62 -17.35
CA LEU J 198 1.69 3.12 -16.04
C LEU J 198 2.17 1.68 -16.08
N PHE J 199 1.36 0.81 -16.69
CA PHE J 199 1.64 -0.62 -16.76
C PHE J 199 2.02 -1.03 -18.17
N PRO J 200 2.93 -2.01 -18.31
CA PRO J 200 3.62 -2.74 -17.25
C PRO J 200 4.75 -1.95 -16.62
N ALA J 201 5.09 -2.28 -15.39
CA ALA J 201 6.18 -1.63 -14.68
C ALA J 201 7.10 -2.66 -14.04
N THR J 202 8.32 -2.27 -13.74
CA THR J 202 9.26 -3.12 -13.02
C THR J 202 9.55 -2.48 -11.66
N VAL J 203 9.61 -3.29 -10.62
CA VAL J 203 9.80 -2.77 -9.27
C VAL J 203 11.28 -2.86 -8.88
N ASN J 204 11.95 -1.72 -8.85
CA ASN J 204 13.40 -1.69 -8.61
C ASN J 204 13.76 -1.48 -7.15
N TYR J 205 12.80 -1.05 -6.34
CA TYR J 205 13.05 -0.87 -4.92
C TYR J 205 11.76 -1.02 -4.12
N GLN J 206 11.86 -1.73 -3.00
CA GLN J 206 10.75 -1.88 -2.06
C GLN J 206 11.23 -1.67 -0.64
N SER J 207 10.69 -0.69 0.07
CA SER J 207 11.07 -0.46 1.46
C SER J 207 10.67 -1.65 2.34
N ALA J 208 9.64 -2.38 1.90
CA ALA J 208 9.15 -3.56 2.63
C ALA J 208 10.16 -4.70 2.56
N LEU J 209 11.09 -4.63 1.61
CA LEU J 209 12.11 -5.66 1.45
C LEU J 209 13.48 -5.10 1.82
N ASP J 210 13.48 -3.86 2.30
CA ASP J 210 14.69 -3.19 2.71
C ASP J 210 14.85 -3.33 4.23
N GLU J 211 15.83 -4.12 4.65
CA GLU J 211 15.99 -4.42 6.07
C GLU J 211 16.82 -3.37 6.79
N SER J 212 17.34 -2.40 6.03
CA SER J 212 18.05 -1.28 6.61
C SER J 212 17.08 -0.22 7.10
N LEU J 213 15.80 -0.42 6.79
CA LEU J 213 14.76 0.58 7.04
C LEU J 213 14.60 0.85 8.53
N THR J 214 14.59 -0.21 9.32
CA THR J 214 14.37 -0.08 10.75
C THR J 214 15.47 0.75 11.43
N SER J 215 16.68 0.71 10.88
CA SER J 215 17.80 1.48 11.44
C SER J 215 17.96 2.84 10.79
N THR J 216 17.04 3.19 9.89
CA THR J 216 17.06 4.48 9.21
C THR J 216 16.14 5.46 9.90
N ARG J 217 16.70 6.50 10.51
CA ARG J 217 15.87 7.39 11.30
C ARG J 217 14.99 8.28 10.42
N THR J 218 13.88 8.73 10.99
CA THR J 218 12.96 9.61 10.31
C THR J 218 13.24 11.05 10.71
N GLY J 219 12.64 12.00 10.01
CA GLY J 219 12.80 13.39 10.34
C GLY J 219 14.18 13.94 10.04
N GLN J 220 14.89 13.31 9.10
CA GLN J 220 16.18 13.84 8.66
C GLN J 220 15.99 15.04 7.76
N LEU J 221 14.82 15.13 7.14
CA LEU J 221 14.56 16.19 6.17
C LEU J 221 13.66 17.25 6.79
N THR J 222 13.80 18.47 6.31
CA THR J 222 12.81 19.49 6.64
C THR J 222 12.07 19.84 5.36
N PRO J 223 10.75 20.06 5.47
CA PRO J 223 9.95 20.47 4.32
C PRO J 223 10.60 21.66 3.63
N TYR J 224 10.70 21.60 2.30
CA TYR J 224 11.39 22.66 1.56
C TYR J 224 10.73 24.02 1.81
N THR J 225 9.40 24.06 1.88
CA THR J 225 8.71 25.28 2.29
C THR J 225 7.76 24.96 3.43
N GLY J 226 7.46 25.97 4.24
CA GLY J 226 6.56 25.79 5.37
C GLY J 226 5.13 25.60 4.92
N THR J 227 4.23 25.47 5.89
CA THR J 227 2.80 25.33 5.62
C THR J 227 2.25 26.53 4.85
N PRO J 228 1.42 26.27 3.83
CA PRO J 228 0.81 27.33 3.04
C PRO J 228 -0.30 28.06 3.81
N GLY K 1 7.31 -20.92 3.50
CA GLY K 1 7.36 -19.76 2.63
C GLY K 1 8.75 -19.17 2.60
N MET K 2 8.86 -17.89 2.96
CA MET K 2 10.15 -17.20 2.96
C MET K 2 10.88 -17.34 4.29
N VAL K 3 10.13 -17.57 5.36
CA VAL K 3 10.72 -17.58 6.69
C VAL K 3 10.70 -18.96 7.34
N LEU K 4 9.52 -19.61 7.35
CA LEU K 4 9.38 -20.92 7.98
C LEU K 4 10.28 -21.97 7.31
N THR K 5 11.04 -22.70 8.12
CA THR K 5 11.91 -23.75 7.58
C THR K 5 11.51 -25.12 8.10
N LEU K 6 12.06 -26.16 7.49
CA LEU K 6 11.80 -27.53 7.94
C LEU K 6 12.44 -27.75 9.29
N SER K 7 13.54 -27.03 9.54
N SER K 7 13.54 -27.03 9.54
CA SER K 7 14.23 -27.09 10.82
CA SER K 7 14.23 -27.09 10.82
C SER K 7 13.34 -26.54 11.94
C SER K 7 13.33 -26.55 11.93
N ASP K 8 12.63 -25.45 11.65
CA ASP K 8 11.70 -24.87 12.63
C ASP K 8 10.60 -25.86 12.95
N LEU K 9 10.05 -26.47 11.91
CA LEU K 9 8.96 -27.44 12.08
C LEU K 9 9.37 -28.63 12.93
N GLU K 10 10.52 -29.21 12.62
CA GLU K 10 10.98 -30.38 13.35
CA GLU K 10 11.00 -30.38 13.34
C GLU K 10 11.31 -30.04 14.80
N LYS K 11 11.93 -28.88 15.02
CA LYS K 11 12.24 -28.41 16.36
C LYS K 11 10.97 -28.13 17.16
N GLY K 12 9.93 -27.64 16.48
CA GLY K 12 8.70 -27.25 17.13
C GLY K 12 7.74 -28.39 17.39
N TYR K 13 8.01 -29.54 16.77
CA TYR K 13 7.16 -30.72 16.89
C TYR K 13 7.45 -31.51 18.16
N ASP K 14 6.53 -31.46 19.11
CA ASP K 14 6.59 -32.29 20.31
C ASP K 14 5.65 -33.47 20.13
N LYS K 15 6.18 -34.60 19.68
CA LYS K 15 5.36 -35.78 19.40
C LYS K 15 4.65 -36.28 20.65
N ASN K 16 5.28 -36.12 21.80
CA ASN K 16 4.72 -36.56 23.07
C ASN K 16 3.48 -35.76 23.48
N LEU K 17 3.40 -34.51 23.02
CA LEU K 17 2.29 -33.65 23.38
C LEU K 17 1.34 -33.39 22.22
N ASN K 18 1.62 -34.00 21.06
CA ASN K 18 0.86 -33.75 19.84
C ASN K 18 0.75 -32.26 19.56
N GLN K 19 1.86 -31.56 19.75
CA GLN K 19 1.87 -30.11 19.70
C GLN K 19 2.95 -29.58 18.76
N LEU K 20 2.61 -28.55 18.00
CA LEU K 20 3.58 -27.86 17.15
C LEU K 20 3.70 -26.43 17.61
N SER K 21 4.91 -26.04 18.02
CA SER K 21 5.13 -24.68 18.52
C SER K 21 6.06 -23.89 17.59
N LEU K 22 5.60 -22.72 17.16
CA LEU K 22 6.32 -21.91 16.19
C LEU K 22 6.25 -20.42 16.55
N SER K 23 6.24 -20.13 17.84
CA SER K 23 6.13 -18.75 18.28
C SER K 23 7.43 -17.97 18.09
N PHE K 24 7.33 -16.65 17.99
CA PHE K 24 8.48 -15.76 17.85
C PHE K 24 9.40 -16.09 16.68
N LEU K 25 8.83 -16.46 15.53
CA LEU K 25 9.65 -16.79 14.37
C LEU K 25 9.48 -15.82 13.20
N ASN K 26 8.79 -14.70 13.43
CA ASN K 26 8.54 -13.71 12.38
C ASN K 26 7.78 -14.29 11.18
N LEU K 27 6.88 -15.24 11.43
CA LEU K 27 6.15 -15.88 10.35
C LEU K 27 5.17 -14.93 9.68
N ARG K 28 5.00 -15.10 8.38
CA ARG K 28 4.04 -14.30 7.62
C ARG K 28 3.00 -15.18 6.95
N ASP K 29 2.04 -14.56 6.29
CA ASP K 29 0.98 -15.27 5.61
C ASP K 29 1.50 -16.31 4.61
N ASN K 30 2.55 -15.97 3.87
CA ASN K 30 3.08 -16.86 2.85
CA ASN K 30 3.04 -16.87 2.85
C ASN K 30 3.76 -18.09 3.42
N ASP K 31 3.94 -18.11 4.74
CA ASP K 31 4.50 -19.29 5.42
C ASP K 31 3.43 -20.32 5.79
N ILE K 32 2.17 -19.90 5.72
CA ILE K 32 1.08 -20.79 6.13
C ILE K 32 0.92 -22.05 5.27
N PRO K 33 1.06 -21.94 3.92
CA PRO K 33 0.94 -23.19 3.14
C PRO K 33 1.91 -24.29 3.54
N LEU K 34 3.18 -23.96 3.78
CA LEU K 34 4.14 -24.96 4.19
C LEU K 34 3.74 -25.57 5.53
N LEU K 35 3.29 -24.71 6.43
CA LEU K 35 2.83 -25.13 7.75
C LEU K 35 1.73 -26.19 7.65
N CYS K 36 0.77 -25.94 6.77
CA CYS K 36 -0.37 -26.85 6.63
C CYS K 36 0.07 -28.18 6.03
N GLU K 37 1.05 -28.14 5.14
CA GLU K 37 1.61 -29.36 4.55
C GLU K 37 2.23 -30.24 5.62
N PHE K 38 2.98 -29.63 6.53
CA PHE K 38 3.60 -30.37 7.62
C PHE K 38 2.52 -30.98 8.50
N LEU K 39 1.52 -30.17 8.85
CA LEU K 39 0.42 -30.64 9.69
C LEU K 39 -0.36 -31.76 9.01
N GLN K 40 -0.59 -31.62 7.71
CA GLN K 40 -1.30 -32.65 6.97
C GLN K 40 -0.47 -33.92 6.92
N ASN K 41 0.84 -33.77 6.95
CA ASN K 41 1.74 -34.92 7.01
C ASN K 41 1.82 -35.53 8.39
N HIS K 42 1.44 -34.76 9.40
CA HIS K 42 1.44 -35.24 10.78
C HIS K 42 0.09 -35.03 11.42
N PRO K 43 -0.91 -35.82 11.02
CA PRO K 43 -2.30 -35.64 11.46
C PRO K 43 -2.48 -35.85 12.96
N ALA K 44 -1.46 -36.34 13.64
CA ALA K 44 -1.54 -36.55 15.08
C ALA K 44 -1.49 -35.22 15.82
N ILE K 45 -0.87 -34.21 15.20
CA ILE K 45 -0.83 -32.88 15.80
C ILE K 45 -2.22 -32.25 15.85
N THR K 46 -2.68 -31.93 17.05
CA THR K 46 -3.98 -31.28 17.19
C THR K 46 -3.87 -29.92 17.89
N SER K 47 -2.67 -29.61 18.36
CA SER K 47 -2.43 -28.35 19.06
C SER K 47 -1.34 -27.53 18.36
N LEU K 48 -1.65 -26.28 18.05
CA LEU K 48 -0.73 -25.43 17.28
C LEU K 48 -0.54 -24.06 17.93
N ASP K 49 0.72 -23.70 18.15
CA ASP K 49 1.06 -22.39 18.70
C ASP K 49 1.74 -21.53 17.64
N LEU K 50 0.99 -20.58 17.08
CA LEU K 50 1.54 -19.62 16.14
C LEU K 50 1.68 -18.22 16.75
N SER K 51 1.68 -18.13 18.07
CA SER K 51 1.65 -16.84 18.75
C SER K 51 2.91 -16.03 18.47
N HIS K 52 2.80 -14.71 18.62
CA HIS K 52 3.94 -13.79 18.47
C HIS K 52 4.61 -13.92 17.11
N ASN K 53 3.83 -13.76 16.04
CA ASN K 53 4.39 -13.64 14.70
C ASN K 53 3.74 -12.47 13.97
N ASP K 54 3.81 -12.47 12.64
CA ASP K 54 3.24 -11.36 11.87
C ASP K 54 2.13 -11.82 10.93
N ILE K 55 1.28 -12.73 11.39
CA ILE K 55 0.21 -13.26 10.55
CA ILE K 55 0.21 -13.26 10.55
C ILE K 55 -0.98 -12.29 10.48
N THR K 56 -1.54 -12.13 9.29
CA THR K 56 -2.73 -11.32 9.10
C THR K 56 -3.93 -12.18 8.71
N ALA K 57 -5.06 -11.54 8.42
CA ALA K 57 -6.26 -12.25 8.02
C ALA K 57 -6.03 -13.12 6.79
N ASN K 58 -5.15 -12.68 5.90
CA ASN K 58 -4.87 -13.48 4.70
C ASN K 58 -4.23 -14.82 5.04
N GLY K 59 -3.33 -14.81 6.02
CA GLY K 59 -2.68 -16.03 6.47
C GLY K 59 -3.67 -16.95 7.15
N VAL K 60 -4.60 -16.37 7.89
CA VAL K 60 -5.62 -17.14 8.58
C VAL K 60 -6.52 -17.89 7.59
N LYS K 61 -6.92 -17.21 6.53
CA LYS K 61 -7.77 -17.81 5.51
C LYS K 61 -7.10 -19.02 4.88
N LEU K 62 -5.79 -18.96 4.74
CA LEU K 62 -5.00 -20.05 4.17
C LEU K 62 -4.95 -21.26 5.09
N PHE K 63 -5.17 -21.03 6.40
CA PHE K 63 -5.05 -22.10 7.39
C PHE K 63 -6.39 -22.77 7.67
N VAL K 64 -7.45 -21.98 7.66
CA VAL K 64 -8.75 -22.45 8.11
C VAL K 64 -9.26 -23.61 7.26
N ASN K 65 -9.65 -24.69 7.93
CA ASN K 65 -10.22 -25.88 7.30
C ASN K 65 -9.24 -26.54 6.36
N LYS K 66 -7.99 -26.58 6.78
CA LYS K 66 -6.94 -27.26 6.04
C LYS K 66 -6.35 -28.39 6.86
N THR K 67 -6.49 -28.29 8.19
CA THR K 67 -5.91 -29.28 9.11
C THR K 67 -6.96 -29.77 10.10
N SER K 68 -6.57 -30.69 10.97
CA SER K 68 -7.48 -31.17 12.01
C SER K 68 -7.06 -30.62 13.37
N VAL K 69 -6.26 -29.55 13.36
CA VAL K 69 -5.91 -28.85 14.58
C VAL K 69 -7.18 -28.40 15.32
N SER K 70 -7.26 -28.73 16.60
CA SER K 70 -8.44 -28.44 17.40
C SER K 70 -8.17 -27.37 18.46
N SER K 71 -6.90 -27.11 18.72
CA SER K 71 -6.51 -26.05 19.64
C SER K 71 -5.48 -25.13 18.98
N LEU K 72 -5.85 -23.87 18.79
CA LEU K 72 -4.98 -22.91 18.11
C LEU K 72 -4.68 -21.71 18.96
N ASN K 73 -3.40 -21.44 19.16
CA ASN K 73 -2.95 -20.18 19.74
C ASN K 73 -2.34 -19.32 18.65
N ILE K 74 -3.05 -18.25 18.29
CA ILE K 74 -2.54 -17.34 17.27
C ILE K 74 -2.49 -15.92 17.86
N SER K 75 -2.33 -15.86 19.18
CA SER K 75 -2.26 -14.60 19.89
C SER K 75 -1.04 -13.78 19.44
N HIS K 76 -1.11 -12.46 19.62
CA HIS K 76 0.01 -11.59 19.30
C HIS K 76 0.44 -11.70 17.84
N ASN K 77 -0.55 -11.65 16.96
CA ASN K 77 -0.31 -11.46 15.54
C ASN K 77 -1.06 -10.22 15.06
N ASN K 78 -1.48 -10.22 13.81
CA ASN K 78 -2.15 -9.04 13.25
C ASN K 78 -3.39 -9.45 12.45
N ILE K 79 -4.15 -10.42 12.95
CA ILE K 79 -5.20 -11.00 12.12
C ILE K 79 -6.44 -10.12 12.03
N GLY K 80 -6.61 -9.21 12.99
CA GLY K 80 -7.73 -8.29 12.97
C GLY K 80 -9.11 -8.92 12.94
N PRO K 81 -10.15 -8.11 12.70
CA PRO K 81 -11.54 -8.59 12.66
C PRO K 81 -11.76 -9.62 11.56
N GLU K 82 -11.09 -9.45 10.43
CA GLU K 82 -11.29 -10.37 9.32
C GLU K 82 -10.72 -11.75 9.62
N GLY K 83 -9.59 -11.77 10.33
CA GLY K 83 -8.97 -13.04 10.70
C GLY K 83 -9.87 -13.84 11.63
N ALA K 84 -10.52 -13.13 12.56
CA ALA K 84 -11.46 -13.77 13.47
C ALA K 84 -12.68 -14.31 12.70
N GLN K 85 -13.09 -13.60 11.66
CA GLN K 85 -14.20 -14.04 10.82
C GLN K 85 -13.88 -15.37 10.14
N TRP K 86 -12.69 -15.48 9.54
CA TRP K 86 -12.27 -16.73 8.91
C TRP K 86 -12.23 -17.88 9.92
N LEU K 87 -11.62 -17.62 11.08
CA LEU K 87 -11.54 -18.62 12.14
C LEU K 87 -12.92 -19.10 12.58
N SER K 88 -13.91 -18.25 12.45
CA SER K 88 -15.25 -18.57 12.94
C SER K 88 -15.91 -19.65 12.10
N GLU K 89 -15.29 -19.99 10.97
CA GLU K 89 -15.84 -20.98 10.06
C GLU K 89 -15.08 -22.31 10.13
N ASP K 90 -14.05 -22.37 10.96
CA ASP K 90 -13.25 -23.59 11.08
C ASP K 90 -14.09 -24.67 11.75
N ASN K 91 -13.90 -25.92 11.31
CA ASN K 91 -14.73 -27.01 11.78
C ASN K 91 -14.04 -27.91 12.79
N HIS K 92 -12.78 -27.61 13.11
CA HIS K 92 -12.04 -28.46 14.04
C HIS K 92 -11.62 -27.74 15.33
N ILE K 93 -11.41 -26.44 15.25
CA ILE K 93 -10.96 -25.66 16.40
C ILE K 93 -12.04 -25.57 17.46
N THR K 94 -11.72 -26.05 18.66
CA THR K 94 -12.63 -25.96 19.79
C THR K 94 -12.04 -25.08 20.89
N THR K 95 -10.72 -24.93 20.90
CA THR K 95 -10.06 -23.99 21.80
C THR K 95 -9.29 -22.98 20.95
N LEU K 96 -9.51 -21.71 21.19
CA LEU K 96 -8.91 -20.66 20.37
C LEU K 96 -8.37 -19.52 21.21
N ASP K 97 -7.14 -19.12 20.93
CA ASP K 97 -6.53 -17.95 21.55
C ASP K 97 -6.23 -16.93 20.47
N VAL K 98 -6.99 -15.84 20.45
CA VAL K 98 -6.75 -14.76 19.50
C VAL K 98 -6.41 -13.47 20.21
N SER K 99 -5.83 -13.59 21.40
CA SER K 99 -5.49 -12.42 22.21
C SER K 99 -4.52 -11.53 21.44
N PHE K 100 -4.58 -10.22 21.69
CA PHE K 100 -3.64 -9.26 21.11
C PHE K 100 -3.60 -9.35 19.59
N ASN K 101 -4.76 -9.21 18.97
CA ASN K 101 -4.87 -9.22 17.51
C ASN K 101 -5.75 -8.09 16.98
N GLU K 102 -6.16 -7.19 17.86
CA GLU K 102 -7.09 -6.13 17.50
C GLU K 102 -8.31 -6.65 16.73
N ILE K 103 -8.93 -7.75 17.19
CA ILE K 103 -10.05 -8.31 16.45
C ILE K 103 -11.33 -7.50 16.64
N GLY K 104 -11.35 -6.66 17.68
CA GLY K 104 -12.47 -5.77 17.91
C GLY K 104 -13.81 -6.45 18.12
N ASP K 105 -14.88 -5.65 18.22
CA ASP K 105 -16.23 -6.15 18.37
C ASP K 105 -16.68 -6.98 17.15
N GLU K 106 -16.30 -6.53 15.96
CA GLU K 106 -16.69 -7.23 14.74
C GLU K 106 -16.10 -8.62 14.70
N GLY K 107 -14.86 -8.73 15.17
CA GLY K 107 -14.18 -10.01 15.17
C GLY K 107 -14.89 -10.98 16.10
N VAL K 108 -15.14 -10.54 17.35
CA VAL K 108 -15.82 -11.42 18.31
C VAL K 108 -17.22 -11.71 17.90
N LYS K 109 -17.82 -10.81 17.18
CA LYS K 109 -19.18 -11.05 16.68
C LYS K 109 -19.26 -12.35 15.87
N ALA K 110 -18.26 -12.59 15.03
CA ALA K 110 -18.22 -13.80 14.21
C ALA K 110 -17.90 -15.04 15.06
N LEU K 111 -16.96 -14.89 15.99
CA LEU K 111 -16.52 -16.00 16.84
C LEU K 111 -17.64 -16.45 17.76
N ALA K 112 -18.45 -15.50 18.22
CA ALA K 112 -19.57 -15.79 19.11
C ALA K 112 -20.60 -16.66 18.42
N ALA K 113 -20.63 -16.62 17.10
CA ALA K 113 -21.59 -17.40 16.32
C ALA K 113 -21.09 -18.82 16.03
N ASN K 114 -19.80 -19.05 16.27
CA ASN K 114 -19.20 -20.36 16.06
C ASN K 114 -19.53 -21.32 17.20
N ALA K 115 -20.53 -22.16 16.99
CA ALA K 115 -21.01 -23.07 18.03
C ALA K 115 -20.02 -24.19 18.32
N LYS K 116 -18.98 -24.28 17.50
CA LYS K 116 -17.92 -25.27 17.71
C LYS K 116 -17.03 -24.91 18.90
N LEU K 117 -16.82 -23.61 19.12
CA LEU K 117 -15.90 -23.14 20.15
C LEU K 117 -16.34 -23.48 21.57
N ILE K 118 -15.43 -24.10 22.34
CA ILE K 118 -15.67 -24.34 23.75
C ILE K 118 -14.95 -23.31 24.62
N THR K 119 -13.68 -23.05 24.30
CA THR K 119 -12.88 -22.11 25.07
C THR K 119 -12.30 -21.01 24.19
N LEU K 120 -12.44 -19.78 24.64
CA LEU K 120 -11.93 -18.64 23.89
C LEU K 120 -11.09 -17.69 24.74
N TYR K 121 -9.84 -17.53 24.36
CA TYR K 121 -8.98 -16.52 24.95
C TYR K 121 -8.89 -15.36 23.97
N ALA K 122 -9.30 -14.19 24.41
CA ALA K 122 -9.33 -13.01 23.54
C ALA K 122 -8.93 -11.77 24.33
N LEU K 123 -7.85 -11.89 25.08
CA LEU K 123 -7.33 -10.78 25.88
C LEU K 123 -6.92 -9.63 24.97
N TYR K 124 -7.02 -8.41 25.50
CA TYR K 124 -6.58 -7.19 24.82
C TYR K 124 -6.88 -7.15 23.32
N ASN K 125 -8.15 -6.93 22.97
CA ASN K 125 -8.55 -6.94 21.58
C ASN K 125 -9.52 -5.83 21.23
N LYS K 126 -9.55 -4.77 22.05
CA LYS K 126 -10.48 -3.66 21.86
C LYS K 126 -11.93 -4.14 21.84
N ILE K 127 -12.22 -5.19 22.59
CA ILE K 127 -13.59 -5.67 22.70
C ILE K 127 -14.32 -4.80 23.71
N THR K 128 -15.49 -4.32 23.33
CA THR K 128 -16.24 -3.40 24.17
C THR K 128 -17.50 -4.08 24.68
N LYS K 129 -18.37 -3.32 25.34
CA LYS K 129 -19.63 -3.86 25.84
C LYS K 129 -20.48 -4.44 24.71
N VAL K 130 -20.27 -3.92 23.50
CA VAL K 130 -20.98 -4.41 22.33
C VAL K 130 -20.53 -5.83 21.98
N GLY K 131 -19.22 -6.07 21.98
CA GLY K 131 -18.69 -7.39 21.74
C GLY K 131 -19.08 -8.38 22.81
N ALA K 132 -19.06 -7.92 24.06
CA ALA K 132 -19.51 -8.73 25.18
C ALA K 132 -20.96 -9.15 24.98
N GLY K 133 -21.75 -8.27 24.37
CA GLY K 133 -23.13 -8.57 24.05
C GLY K 133 -23.25 -9.72 23.07
N TYR K 134 -22.39 -9.74 22.07
CA TYR K 134 -22.40 -10.84 21.09
C TYR K 134 -22.04 -12.16 21.78
N LEU K 135 -21.02 -12.12 22.63
CA LEU K 135 -20.56 -13.31 23.31
C LEU K 135 -21.62 -13.84 24.28
N ALA K 136 -22.55 -12.97 24.67
CA ALA K 136 -23.58 -13.31 25.64
C ALA K 136 -24.55 -14.37 25.14
N GLN K 137 -24.51 -14.67 23.84
CA GLN K 137 -25.36 -15.73 23.31
C GLN K 137 -24.58 -16.77 22.54
N SER K 138 -23.28 -16.85 22.81
CA SER K 138 -22.45 -17.93 22.27
C SER K 138 -22.64 -19.18 23.11
N ASN K 139 -22.05 -20.28 22.67
CA ASN K 139 -22.10 -21.52 23.44
C ASN K 139 -20.83 -21.78 24.24
N LEU K 140 -20.02 -20.74 24.42
CA LEU K 140 -18.72 -20.88 25.09
C LEU K 140 -18.86 -21.30 26.56
N LYS K 141 -17.99 -22.21 26.99
CA LYS K 141 -17.97 -22.61 28.39
C LYS K 141 -16.90 -21.85 29.18
N LYS K 142 -15.90 -21.34 28.47
CA LYS K 142 -14.85 -20.55 29.11
C LYS K 142 -14.43 -19.38 28.21
N ILE K 143 -14.40 -18.19 28.80
CA ILE K 143 -13.92 -17.00 28.09
C ILE K 143 -12.96 -16.20 28.95
N ASP K 144 -11.84 -15.81 28.36
CA ASP K 144 -10.89 -14.91 29.02
C ASP K 144 -10.85 -13.61 28.24
N LEU K 145 -11.26 -12.52 28.88
CA LEU K 145 -11.38 -11.22 28.20
C LEU K 145 -10.55 -10.12 28.85
N CYS K 146 -9.53 -10.51 29.61
CA CYS K 146 -8.67 -9.54 30.30
C CYS K 146 -8.21 -8.42 29.38
N PHE K 147 -8.14 -7.21 29.95
CA PHE K 147 -7.64 -6.02 29.26
C PHE K 147 -8.56 -5.55 28.15
N ASN K 148 -9.85 -5.87 28.25
CA ASN K 148 -10.86 -5.33 27.33
C ASN K 148 -11.85 -4.50 28.11
N SER K 149 -12.18 -3.32 27.61
CA SER K 149 -13.12 -2.46 28.32
C SER K 149 -14.55 -2.95 28.10
N LEU K 150 -14.94 -4.00 28.84
CA LEU K 150 -16.28 -4.57 28.72
C LEU K 150 -17.29 -3.68 29.44
N GLU K 151 -16.81 -3.05 30.52
CA GLU K 151 -17.64 -2.24 31.41
C GLU K 151 -18.79 -3.04 32.00
N ASP K 152 -19.63 -2.38 32.79
CA ASP K 152 -20.70 -3.06 33.50
C ASP K 152 -21.74 -3.66 32.55
N GLU K 153 -22.14 -2.88 31.55
CA GLU K 153 -23.08 -3.37 30.56
C GLU K 153 -22.59 -4.67 29.91
N GLY K 154 -21.30 -4.71 29.57
CA GLY K 154 -20.71 -5.91 29.00
C GLY K 154 -20.82 -7.16 29.86
N VAL K 155 -20.41 -7.08 31.12
CA VAL K 155 -20.40 -8.28 31.96
C VAL K 155 -21.81 -8.63 32.41
N ILE K 156 -22.70 -7.64 32.45
CA ILE K 156 -24.11 -7.90 32.74
C ILE K 156 -24.69 -8.78 31.64
N ALA K 157 -24.34 -8.48 30.39
CA ALA K 157 -24.76 -9.34 29.27
C ALA K 157 -24.16 -10.73 29.42
N LEU K 158 -22.85 -10.79 29.70
CA LEU K 158 -22.17 -12.06 29.86
C LEU K 158 -22.78 -12.91 30.97
N ALA K 159 -23.24 -12.24 32.03
CA ALA K 159 -23.82 -12.94 33.19
C ALA K 159 -25.09 -13.70 32.84
N SER K 160 -25.72 -13.32 31.72
CA SER K 160 -26.96 -13.95 31.27
C SER K 160 -26.74 -15.19 30.38
N ASN K 161 -25.49 -15.45 30.00
CA ASN K 161 -25.14 -16.62 29.22
C ASN K 161 -24.97 -17.85 30.11
N ILE K 162 -25.98 -18.70 30.17
CA ILE K 162 -25.97 -19.87 31.06
C ILE K 162 -24.91 -20.90 30.68
N ASN K 163 -24.36 -20.80 29.48
CA ASN K 163 -23.34 -21.75 29.04
C ASN K 163 -21.99 -21.53 29.71
N ILE K 164 -21.68 -20.29 30.05
CA ILE K 164 -20.36 -19.97 30.57
C ILE K 164 -20.15 -20.54 31.95
N LYS K 165 -19.10 -21.34 32.11
CA LYS K 165 -18.75 -21.91 33.40
C LYS K 165 -17.52 -21.21 34.00
N GLU K 166 -16.67 -20.68 33.13
CA GLU K 166 -15.48 -20.00 33.58
C GLU K 166 -15.32 -18.67 32.85
N LEU K 167 -15.30 -17.57 33.62
CA LEU K 167 -15.14 -16.25 33.04
C LEU K 167 -13.99 -15.48 33.70
N ILE K 168 -13.03 -15.05 32.89
CA ILE K 168 -11.89 -14.30 33.37
C ILE K 168 -11.95 -12.93 32.74
N ALA K 169 -12.16 -11.90 33.55
CA ALA K 169 -12.33 -10.55 33.03
C ALA K 169 -11.66 -9.52 33.94
N SER K 170 -10.35 -9.63 34.08
CA SER K 170 -9.60 -8.70 34.90
C SER K 170 -9.21 -7.49 34.07
N ALA K 171 -9.14 -6.32 34.71
CA ALA K 171 -8.84 -5.06 34.04
C ALA K 171 -9.81 -4.81 32.89
N CYS K 172 -11.09 -4.85 33.21
CA CYS K 172 -12.14 -4.75 32.21
C CYS K 172 -13.13 -3.61 32.48
N ASP K 173 -12.74 -2.69 33.37
CA ASP K 173 -13.56 -1.54 33.71
C ASP K 173 -14.91 -1.93 34.32
N VAL K 174 -14.88 -2.96 35.17
CA VAL K 174 -16.07 -3.43 35.87
C VAL K 174 -16.21 -2.77 37.25
N SER K 175 -17.43 -2.32 37.59
CA SER K 175 -17.71 -1.78 38.90
C SER K 175 -18.65 -2.73 39.66
N ASP K 176 -19.15 -2.28 40.81
CA ASP K 176 -20.05 -3.09 41.63
C ASP K 176 -21.29 -3.50 40.84
N ILE K 177 -21.81 -2.57 40.03
CA ILE K 177 -22.98 -2.84 39.22
C ILE K 177 -22.82 -4.12 38.41
N GLY K 178 -21.74 -4.20 37.65
CA GLY K 178 -21.47 -5.38 36.85
C GLY K 178 -21.17 -6.61 37.69
N ALA K 179 -20.33 -6.43 38.71
CA ALA K 179 -19.89 -7.55 39.55
C ALA K 179 -21.05 -8.22 40.26
N ILE K 180 -22.01 -7.41 40.71
CA ILE K 180 -23.16 -7.91 41.45
C ILE K 180 -24.06 -8.80 40.59
N GLU K 181 -24.22 -8.46 39.32
CA GLU K 181 -24.99 -9.30 38.42
C GLU K 181 -24.26 -10.62 38.14
N LEU K 182 -22.94 -10.57 38.05
CA LEU K 182 -22.15 -11.78 37.91
C LEU K 182 -22.30 -12.65 39.16
N ALA K 183 -22.41 -12.00 40.32
CA ALA K 183 -22.56 -12.72 41.58
C ALA K 183 -23.91 -13.44 41.65
N LYS K 184 -24.91 -12.87 41.00
CA LYS K 184 -26.25 -13.46 41.01
C LYS K 184 -26.37 -14.64 40.04
N ASN K 185 -25.42 -14.74 39.11
CA ASN K 185 -25.33 -15.88 38.19
C ASN K 185 -25.22 -17.21 38.94
N ASN K 186 -25.89 -18.24 38.45
CA ASN K 186 -25.89 -19.54 39.10
C ASN K 186 -25.19 -20.65 38.30
N GLN K 187 -24.42 -20.30 37.28
CA GLN K 187 -23.75 -21.31 36.47
C GLN K 187 -22.23 -21.25 36.56
N LEU K 188 -21.68 -20.04 36.71
CA LEU K 188 -20.24 -19.85 36.81
C LEU K 188 -19.67 -20.64 37.99
N THR K 189 -18.60 -21.39 37.74
CA THR K 189 -17.88 -22.06 38.82
C THR K 189 -16.54 -21.35 39.07
N LEU K 190 -16.06 -20.63 38.07
CA LEU K 190 -14.83 -19.84 38.20
C LEU K 190 -15.07 -18.44 37.69
N LEU K 191 -14.75 -17.46 38.51
CA LEU K 191 -14.88 -16.06 38.13
C LEU K 191 -13.66 -15.26 38.57
N ILE K 192 -13.02 -14.59 37.62
CA ILE K 192 -11.86 -13.76 37.90
C ILE K 192 -12.10 -12.33 37.45
N LEU K 193 -12.12 -11.41 38.41
CA LEU K 193 -12.43 -10.02 38.17
C LEU K 193 -11.40 -9.10 38.80
N GLY K 194 -10.12 -9.43 38.62
CA GLY K 194 -9.05 -8.66 39.23
C GLY K 194 -8.89 -7.29 38.59
N LYS K 195 -8.29 -6.37 39.34
CA LYS K 195 -7.92 -5.06 38.81
C LYS K 195 -9.08 -4.34 38.14
N ASN K 196 -10.21 -4.28 38.83
CA ASN K 196 -11.37 -3.54 38.36
C ASN K 196 -11.71 -2.46 39.38
N ALA K 197 -12.99 -2.07 39.48
CA ALA K 197 -13.38 -1.05 40.44
C ALA K 197 -14.42 -1.58 41.42
N ILE K 198 -14.23 -2.81 41.87
CA ILE K 198 -15.19 -3.47 42.72
C ILE K 198 -14.92 -3.13 44.18
N THR K 199 -15.99 -2.94 44.96
CA THR K 199 -15.86 -2.58 46.38
C THR K 199 -16.62 -3.56 47.29
N ASP K 200 -16.67 -3.24 48.58
CA ASP K 200 -17.38 -4.07 49.55
C ASP K 200 -18.85 -4.28 49.19
N LYS K 201 -19.37 -3.39 48.36
CA LYS K 201 -20.78 -3.42 47.99
C LYS K 201 -21.17 -4.70 47.26
N SER K 202 -20.21 -5.31 46.56
CA SER K 202 -20.49 -6.54 45.82
CA SER K 202 -20.51 -6.53 45.83
C SER K 202 -20.37 -7.78 46.68
N THR K 203 -19.70 -7.67 47.82
CA THR K 203 -19.27 -8.88 48.54
C THR K 203 -20.40 -9.69 49.12
N LEU K 204 -21.47 -9.04 49.55
CA LEU K 204 -22.61 -9.76 50.10
C LEU K 204 -23.20 -10.72 49.07
N HIS K 205 -23.28 -10.24 47.82
CA HIS K 205 -23.86 -11.05 46.75
CA HIS K 205 -23.85 -11.04 46.74
C HIS K 205 -22.97 -12.24 46.42
N PHE K 206 -21.66 -12.02 46.44
CA PHE K 206 -20.74 -13.15 46.26
C PHE K 206 -20.83 -14.09 47.47
N ALA K 207 -20.99 -13.53 48.67
CA ALA K 207 -21.16 -14.36 49.86
C ALA K 207 -22.36 -15.30 49.71
N ASN K 208 -23.42 -14.81 49.07
CA ASN K 208 -24.63 -15.61 48.91
C ASN K 208 -24.70 -16.39 47.60
N ASN K 209 -23.69 -16.22 46.76
CA ASN K 209 -23.57 -16.99 45.53
C ASN K 209 -23.47 -18.47 45.85
N THR K 210 -24.05 -19.31 45.00
CA THR K 210 -24.13 -20.73 45.31
C THR K 210 -23.53 -21.66 44.24
N SER K 211 -22.75 -21.10 43.32
CA SER K 211 -22.18 -21.90 42.25
C SER K 211 -20.65 -21.80 42.18
N LEU K 212 -20.10 -20.64 42.54
CA LEU K 212 -18.65 -20.42 42.45
C LEU K 212 -17.82 -21.27 43.39
N SER K 213 -16.76 -21.87 42.87
CA SER K 213 -15.75 -22.48 43.72
C SER K 213 -14.44 -21.70 43.61
N THR K 214 -14.31 -20.88 42.56
CA THR K 214 -13.14 -20.01 42.41
C THR K 214 -13.56 -18.57 42.19
N LEU K 215 -13.00 -17.67 42.99
CA LEU K 215 -13.33 -16.25 42.91
C LEU K 215 -12.09 -15.42 43.16
N HIS K 216 -11.64 -14.72 42.13
CA HIS K 216 -10.48 -13.85 42.24
C HIS K 216 -10.93 -12.39 42.13
N LEU K 217 -10.67 -11.62 43.17
CA LEU K 217 -11.04 -10.21 43.19
C LEU K 217 -9.85 -9.34 43.57
N GLY K 218 -8.66 -9.78 43.17
CA GLY K 218 -7.44 -9.07 43.50
C GLY K 218 -7.40 -7.65 42.95
N SER K 219 -6.67 -6.77 43.63
CA SER K 219 -6.45 -5.40 43.15
C SER K 219 -7.72 -4.65 42.84
N ASN K 220 -8.72 -4.79 43.68
CA ASN K 220 -9.89 -3.95 43.59
C ASN K 220 -9.88 -2.94 44.75
N GLN K 221 -11.06 -2.54 45.22
CA GLN K 221 -11.14 -1.56 46.32
C GLN K 221 -11.83 -2.19 47.53
N ILE K 222 -11.62 -3.49 47.71
CA ILE K 222 -12.28 -4.23 48.77
C ILE K 222 -11.50 -4.08 50.08
N THR K 223 -12.22 -3.90 51.19
CA THR K 223 -11.60 -3.72 52.50
C THR K 223 -11.66 -4.99 53.33
N ALA K 224 -11.20 -4.89 54.58
CA ALA K 224 -11.21 -6.02 55.50
C ALA K 224 -12.64 -6.45 55.79
N ALA K 225 -13.57 -5.50 55.72
CA ALA K 225 -14.99 -5.79 55.91
C ALA K 225 -15.53 -6.64 54.77
N GLY K 226 -15.16 -6.29 53.53
CA GLY K 226 -15.55 -7.06 52.37
C GLY K 226 -14.94 -8.45 52.41
N LYS K 227 -13.68 -8.53 52.82
CA LYS K 227 -13.01 -9.83 53.00
C LYS K 227 -13.76 -10.74 53.96
N LYS K 228 -14.16 -10.20 55.11
CA LYS K 228 -14.87 -10.99 56.10
C LYS K 228 -16.19 -11.52 55.55
N ILE K 229 -16.90 -10.69 54.78
CA ILE K 229 -18.13 -11.11 54.14
C ILE K 229 -17.89 -12.25 53.14
N LEU K 230 -16.89 -12.08 52.28
CA LEU K 230 -16.54 -13.09 51.28
C LEU K 230 -16.15 -14.41 51.92
N GLU K 231 -15.47 -14.35 53.07
CA GLU K 231 -15.03 -15.57 53.74
C GLU K 231 -16.16 -16.36 54.38
N THR K 232 -17.36 -15.78 54.48
CA THR K 232 -18.52 -16.53 54.97
C THR K 232 -19.01 -17.55 53.94
N ASN K 233 -18.66 -17.35 52.67
CA ASN K 233 -19.05 -18.30 51.64
C ASN K 233 -18.28 -19.60 51.84
N THR K 234 -19.00 -20.70 51.98
CA THR K 234 -18.38 -21.99 52.27
C THR K 234 -18.11 -22.83 51.02
N ARG K 235 -18.59 -22.37 49.87
CA ARG K 235 -18.37 -23.09 48.62
C ARG K 235 -17.06 -22.72 47.95
N ILE K 236 -16.59 -21.51 48.20
CA ILE K 236 -15.39 -21.03 47.51
C ILE K 236 -14.12 -21.61 48.14
N THR K 237 -13.33 -22.32 47.34
CA THR K 237 -12.12 -22.96 47.84
C THR K 237 -10.87 -22.28 47.31
N ASP K 238 -11.06 -21.36 46.37
CA ASP K 238 -9.97 -20.51 45.90
C ASP K 238 -10.46 -19.08 45.83
N LEU K 239 -10.14 -18.32 46.88
CA LEU K 239 -10.51 -16.92 47.01
C LEU K 239 -9.25 -16.06 46.98
N ASP K 240 -9.11 -15.21 45.96
CA ASP K 240 -7.94 -14.34 45.86
C ASP K 240 -8.31 -12.86 46.05
N LEU K 241 -7.70 -12.23 47.04
CA LEU K 241 -7.94 -10.82 47.33
C LEU K 241 -6.65 -10.02 47.40
N ILE K 242 -5.55 -10.61 46.91
CA ILE K 242 -4.26 -9.94 46.89
C ILE K 242 -4.33 -8.55 46.26
N GLY K 243 -3.74 -7.56 46.92
CA GLY K 243 -3.67 -6.24 46.33
C GLY K 243 -4.80 -5.30 46.69
N ASN K 244 -5.80 -5.80 47.42
CA ASN K 244 -6.87 -4.96 47.94
C ASN K 244 -6.42 -4.18 49.16
N PRO K 245 -7.10 -3.04 49.44
CA PRO K 245 -6.82 -2.27 50.67
C PRO K 245 -7.43 -2.92 51.91
N ILE K 246 -6.86 -4.05 52.31
CA ILE K 246 -7.38 -4.82 53.44
C ILE K 246 -6.67 -4.44 54.75
N GLU K 247 -7.47 -4.31 55.81
CA GLU K 247 -7.05 -3.82 57.13
C GLU K 247 -6.76 -2.33 57.10
N MSE L 2 35.62 1.82 28.30
CA MSE L 2 34.66 2.78 27.81
C MSE L 2 33.27 2.69 28.48
O MSE L 2 33.12 2.17 29.60
CB MSE L 2 34.61 2.79 26.26
CG MSE L 2 35.72 2.13 25.44
SE MSE L 2 35.19 1.71 23.56
CE MSE L 2 34.66 -0.19 23.88
N ALA L 3 32.28 3.20 27.78
CA ALA L 3 30.87 3.27 28.16
C ALA L 3 30.22 1.89 28.17
N ILE L 4 29.08 1.77 28.84
CA ILE L 4 28.39 0.50 28.97
C ILE L 4 27.59 0.18 27.71
N ALA L 5 27.61 -1.08 27.29
CA ALA L 5 26.91 -1.53 26.09
C ALA L 5 25.56 -2.13 26.46
N PRO L 6 24.61 -2.19 25.51
CA PRO L 6 23.30 -2.77 25.80
C PRO L 6 23.36 -4.19 26.36
N GLN L 7 24.31 -4.99 25.90
CA GLN L 7 24.46 -6.34 26.43
C GLN L 7 24.77 -6.31 27.93
N GLN L 8 25.63 -5.38 28.36
CA GLN L 8 26.00 -5.32 29.76
C GLN L 8 24.89 -4.69 30.60
N ILE L 9 24.07 -3.85 29.99
CA ILE L 9 22.88 -3.32 30.65
C ILE L 9 21.91 -4.46 30.97
N GLN L 10 21.77 -5.39 30.02
CA GLN L 10 20.92 -6.54 30.22
C GLN L 10 21.45 -7.48 31.31
N GLU L 11 22.77 -7.65 31.37
CA GLU L 11 23.40 -8.46 32.40
C GLU L 11 23.13 -7.91 33.80
N ARG L 12 23.17 -6.59 33.94
CA ARG L 12 22.83 -5.93 35.20
C ARG L 12 21.40 -6.24 35.59
N LEU L 13 20.49 -6.15 34.62
CA LEU L 13 19.08 -6.44 34.90
C LEU L 13 18.87 -7.94 35.21
N LYS L 14 19.64 -8.81 34.56
CA LYS L 14 19.53 -10.23 34.83
C LYS L 14 19.96 -10.59 36.26
N GLN L 15 20.92 -9.84 36.80
CA GLN L 15 21.35 -10.04 38.20
C GLN L 15 20.21 -9.87 39.21
N GLU L 16 19.17 -9.14 38.83
CA GLU L 16 18.03 -8.92 39.71
C GLU L 16 17.12 -10.14 39.79
N GLN L 17 17.27 -11.05 38.83
CA GLN L 17 16.56 -12.33 38.81
C GLN L 17 15.05 -12.12 38.92
N TYR L 18 14.52 -11.28 38.03
CA TYR L 18 13.10 -10.96 38.01
C TYR L 18 12.20 -12.19 37.83
N GLN L 19 12.71 -13.24 37.19
CA GLN L 19 11.90 -14.44 36.96
C GLN L 19 11.62 -15.18 38.26
N LYS L 20 12.33 -14.81 39.32
CA LYS L 20 12.18 -15.45 40.63
C LYS L 20 11.16 -14.75 41.54
N PHE L 21 10.66 -13.61 41.09
CA PHE L 21 9.64 -12.85 41.83
C PHE L 21 8.37 -13.66 41.96
N VAL L 22 7.66 -13.45 43.07
CA VAL L 22 6.25 -13.75 43.11
C VAL L 22 5.56 -12.68 42.31
N VAL L 23 4.88 -13.07 41.25
CA VAL L 23 4.12 -12.12 40.45
C VAL L 23 2.69 -12.10 40.97
N ALA L 24 2.39 -11.09 41.77
CA ALA L 24 1.17 -11.10 42.58
C ALA L 24 -0.10 -11.07 41.73
N ASP L 25 -0.04 -10.53 40.52
CA ASP L 25 -1.27 -10.48 39.72
C ASP L 25 -1.41 -11.67 38.76
N ILE L 26 -0.70 -12.76 39.02
CA ILE L 26 -0.98 -14.02 38.32
C ILE L 26 -2.42 -14.43 38.62
N GLY L 27 -2.89 -14.09 39.82
CA GLY L 27 -4.28 -14.32 40.18
C GLY L 27 -5.27 -13.56 39.31
N ASN L 28 -4.85 -12.41 38.82
CA ASN L 28 -5.68 -11.58 37.95
C ASN L 28 -5.56 -11.96 36.49
N PHE L 29 -4.36 -12.30 36.07
CA PHE L 29 -4.10 -12.55 34.67
C PHE L 29 -3.42 -13.90 34.42
N PRO L 30 -4.12 -15.01 34.72
CA PRO L 30 -3.49 -16.32 34.61
C PRO L 30 -2.96 -16.64 33.22
N HIS L 31 -3.58 -16.06 32.20
CA HIS L 31 -3.19 -16.40 30.85
C HIS L 31 -1.95 -15.65 30.38
N CYS L 32 -1.42 -14.78 31.23
CA CYS L 32 -0.20 -14.06 30.89
C CYS L 32 1.06 -14.83 31.27
N LEU L 33 0.90 -15.95 31.97
CA LEU L 33 2.04 -16.82 32.23
C LEU L 33 2.63 -17.32 30.92
N ALA L 34 3.94 -17.13 30.75
CA ALA L 34 4.62 -17.58 29.55
C ALA L 34 4.70 -19.11 29.51
N GLN L 35 4.67 -19.66 28.29
CA GLN L 35 4.79 -21.09 28.09
C GLN L 35 6.26 -21.47 28.04
N THR L 36 6.93 -21.31 29.18
CA THR L 36 8.35 -21.58 29.31
C THR L 36 8.56 -22.28 30.64
N PRO L 37 9.76 -22.87 30.85
CA PRO L 37 10.03 -23.41 32.18
C PRO L 37 9.92 -22.34 33.27
N GLU L 38 10.29 -21.11 32.93
CA GLU L 38 10.24 -20.01 33.90
C GLU L 38 8.80 -19.62 34.24
N GLY L 39 7.95 -19.63 33.22
CA GLY L 39 6.54 -19.31 33.41
C GLY L 39 5.86 -20.34 34.28
N ILE L 40 6.18 -21.60 34.03
CA ILE L 40 5.65 -22.70 34.83
C ILE L 40 6.09 -22.56 36.29
N ALA L 41 7.37 -22.27 36.49
CA ALA L 41 7.90 -22.09 37.84
C ALA L 41 7.28 -20.88 38.56
N SER L 42 7.04 -19.80 37.82
CA SER L 42 6.39 -18.62 38.41
C SER L 42 4.94 -18.89 38.80
N GLY L 43 4.26 -19.68 37.97
CA GLY L 43 2.90 -20.12 38.29
C GLY L 43 2.88 -20.94 39.57
N GLN L 44 3.77 -21.90 39.68
CA GLN L 44 3.86 -22.73 40.88
CA GLN L 44 3.86 -22.72 40.88
C GLN L 44 4.21 -21.89 42.11
N ARG L 45 5.10 -20.91 41.93
CA ARG L 45 5.54 -20.05 43.02
C ARG L 45 4.37 -19.23 43.56
N TYR L 46 3.53 -18.74 42.65
CA TYR L 46 2.37 -17.96 43.05
CA TYR L 46 2.35 -17.96 43.04
C TYR L 46 1.39 -18.80 43.86
N GLN L 47 1.23 -20.06 43.48
CA GLN L 47 0.29 -20.93 44.19
C GLN L 47 0.76 -21.17 45.62
N LYS L 48 2.06 -21.39 45.79
CA LYS L 48 2.66 -21.56 47.11
C LYS L 48 2.53 -20.27 47.93
N TYR L 49 2.86 -19.13 47.30
CA TYR L 49 2.71 -17.83 47.94
C TYR L 49 1.28 -17.59 48.41
N SER L 50 0.33 -17.84 47.51
CA SER L 50 -1.07 -17.54 47.76
C SER L 50 -1.68 -18.38 48.89
N THR L 51 -1.12 -19.57 49.13
CA THR L 51 -1.64 -20.43 50.19
C THR L 51 -0.76 -20.39 51.44
N ASN L 52 0.17 -19.44 51.49
CA ASN L 52 1.01 -19.25 52.66
C ASN L 52 0.54 -18.04 53.45
N SER L 53 0.27 -18.23 54.74
CA SER L 53 -0.30 -17.16 55.56
C SER L 53 0.61 -15.93 55.63
N LEU L 54 1.91 -16.16 55.46
CA LEU L 54 2.88 -15.07 55.48
C LEU L 54 2.62 -14.04 54.38
N SER L 55 2.00 -14.48 53.29
CA SER L 55 1.71 -13.59 52.17
C SER L 55 0.75 -12.48 52.57
N ARG L 56 0.03 -12.70 53.66
CA ARG L 56 -0.96 -11.73 54.13
C ARG L 56 -0.41 -10.88 55.27
N THR L 57 0.89 -10.95 55.48
CA THR L 57 1.56 -10.13 56.49
C THR L 57 2.42 -9.07 55.80
N PRO L 58 2.72 -7.95 56.49
CA PRO L 58 3.61 -6.94 55.91
C PRO L 58 5.05 -7.44 55.81
N PRO L 59 5.81 -7.00 54.79
CA PRO L 59 5.38 -6.03 53.78
C PRO L 59 4.69 -6.70 52.60
N PHE L 60 4.61 -8.02 52.63
CA PHE L 60 4.16 -8.80 51.48
C PHE L 60 2.77 -8.41 51.02
N SER L 61 1.87 -8.18 51.97
CA SER L 61 0.50 -7.80 51.65
CA SER L 61 0.50 -7.81 51.64
C SER L 61 0.47 -6.53 50.80
N GLN L 62 1.15 -5.48 51.27
CA GLN L 62 1.15 -4.22 50.55
C GLN L 62 1.99 -4.26 49.27
N TRP L 63 2.99 -5.14 49.22
CA TRP L 63 3.84 -5.28 48.03
C TRP L 63 3.03 -5.71 46.80
N GLY L 64 1.97 -6.47 47.02
CA GLY L 64 1.14 -6.96 45.94
C GLY L 64 0.05 -5.99 45.52
N ALA L 65 0.00 -4.83 46.16
CA ALA L 65 -1.02 -3.85 45.85
C ALA L 65 -0.48 -2.75 44.95
N PRO L 66 -1.20 -2.43 43.86
CA PRO L 66 -0.84 -1.41 42.87
C PRO L 66 -0.67 -0.03 43.48
N GLN L 67 0.39 0.66 43.09
CA GLN L 67 0.57 2.06 43.45
CA GLN L 67 0.56 2.06 43.44
C GLN L 67 0.24 2.90 42.22
N LEU L 68 -0.90 3.59 42.25
CA LEU L 68 -1.35 4.36 41.09
C LEU L 68 -0.56 5.65 40.88
N LEU L 69 0.02 6.17 41.96
CA LEU L 69 0.85 7.37 41.87
C LEU L 69 2.22 7.04 41.30
N THR L 70 2.58 7.70 40.20
CA THR L 70 3.88 7.54 39.60
C THR L 70 4.92 8.43 40.28
N PRO L 71 6.00 7.83 40.78
CA PRO L 71 7.07 8.61 41.44
C PRO L 71 7.65 9.68 40.51
N LYS L 72 7.89 10.86 41.05
CA LYS L 72 8.35 11.99 40.25
C LYS L 72 9.83 12.29 40.42
N SER L 73 10.51 11.57 41.29
CA SER L 73 11.95 11.78 41.46
C SER L 73 12.74 10.48 41.33
N ALA L 74 13.96 10.58 40.85
CA ALA L 74 14.80 9.42 40.61
C ALA L 74 15.10 8.70 41.92
N GLN L 75 15.26 9.45 43.01
CA GLN L 75 15.58 8.85 44.30
C GLN L 75 14.51 7.85 44.74
N GLU L 76 13.25 8.17 44.45
CA GLU L 76 12.14 7.29 44.82
C GLU L 76 12.17 5.96 44.08
N TYR L 77 12.62 5.97 42.83
CA TYR L 77 12.73 4.73 42.07
C TYR L 77 13.86 3.89 42.65
N ILE L 78 14.97 4.53 42.99
CA ILE L 78 16.09 3.82 43.59
C ILE L 78 15.69 3.22 44.94
N LYS L 79 14.91 3.96 45.73
CA LYS L 79 14.41 3.48 47.02
C LYS L 79 13.44 2.31 46.84
N PHE L 80 12.66 2.36 45.77
CA PHE L 80 11.72 1.28 45.45
C PHE L 80 12.47 -0.03 45.19
N ALA L 81 13.51 0.02 44.36
CA ALA L 81 14.29 -1.17 44.05
C ALA L 81 14.98 -1.74 45.30
N GLN L 82 15.49 -0.86 46.14
CA GLN L 82 16.15 -1.28 47.38
C GLN L 82 15.17 -2.00 48.30
N GLN L 83 14.00 -1.39 48.49
CA GLN L 83 12.98 -1.93 49.38
C GLN L 83 12.46 -3.29 48.94
N ARG L 84 12.28 -3.44 47.62
CA ARG L 84 11.75 -4.68 47.07
C ARG L 84 12.76 -5.81 47.09
N ASN L 85 14.02 -5.50 47.36
CA ASN L 85 15.06 -6.53 47.42
C ASN L 85 15.37 -6.95 48.85
N LYS L 86 14.58 -6.47 49.80
CA LYS L 86 14.79 -6.81 51.22
C LYS L 86 14.50 -8.29 51.51
N LYS L 87 15.54 -9.05 51.81
CA LYS L 87 15.36 -10.47 52.12
C LYS L 87 14.75 -10.68 53.50
N SER L 88 13.90 -11.70 53.61
CA SER L 88 13.23 -12.02 54.86
C SER L 88 13.26 -13.52 55.12
N SER L 89 12.60 -13.94 56.20
CA SER L 89 12.49 -15.35 56.55
C SER L 89 11.41 -16.05 55.74
N PHE L 90 10.55 -15.29 55.08
CA PHE L 90 9.54 -15.85 54.20
C PHE L 90 10.24 -16.35 52.94
N LYS L 91 10.38 -17.66 52.81
CA LYS L 91 11.06 -18.24 51.65
C LYS L 91 10.16 -19.26 50.95
N ILE L 92 10.41 -19.44 49.66
CA ILE L 92 9.74 -20.45 48.85
C ILE L 92 10.83 -21.12 48.02
N ASP L 93 10.97 -22.44 48.14
CA ASP L 93 12.11 -23.16 47.56
C ASP L 93 13.40 -22.62 48.19
N GLY L 94 13.30 -22.20 49.45
CA GLY L 94 14.44 -21.65 50.15
C GLY L 94 14.97 -20.35 49.58
N GLU L 95 14.15 -19.66 48.79
CA GLU L 95 14.51 -18.35 48.27
C GLU L 95 13.62 -17.27 48.89
N ALA L 96 14.25 -16.21 49.39
CA ALA L 96 13.50 -15.11 49.98
C ALA L 96 12.46 -14.59 49.00
N VAL L 97 11.26 -14.32 49.51
CA VAL L 97 10.16 -13.89 48.67
C VAL L 97 10.24 -12.40 48.35
N ARG L 98 10.21 -12.09 47.05
CA ARG L 98 10.06 -10.73 46.59
C ARG L 98 8.78 -10.67 45.77
N VAL L 99 8.10 -9.52 45.77
CA VAL L 99 6.75 -9.45 45.20
C VAL L 99 6.55 -8.18 44.38
N SER L 100 5.99 -8.31 43.19
CA SER L 100 5.50 -7.13 42.48
C SER L 100 4.38 -7.53 41.52
N GLU L 101 3.94 -6.57 40.73
CA GLU L 101 2.83 -6.72 39.79
C GLU L 101 2.93 -5.78 38.59
N CYS L 102 2.02 -5.89 37.65
CA CYS L 102 2.23 -5.21 36.37
C CYS L 102 2.20 -3.67 36.45
N SER L 103 1.69 -3.12 37.56
CA SER L 103 1.64 -1.66 37.71
C SER L 103 2.94 -1.04 38.22
N ASN L 104 3.62 -1.73 39.13
CA ASN L 104 4.82 -1.15 39.74
C ASN L 104 6.12 -1.90 39.47
N PHE L 105 6.09 -3.04 38.82
CA PHE L 105 7.28 -3.81 38.59
C PHE L 105 8.31 -2.96 37.84
N ALA L 106 7.86 -2.16 36.92
CA ALA L 106 8.76 -1.31 36.13
C ALA L 106 9.54 -0.32 36.97
N TYR L 107 8.98 0.06 38.11
CA TYR L 107 9.64 1.02 39.00
C TYR L 107 10.95 0.44 39.53
N HIS L 108 10.96 -0.86 39.79
CA HIS L 108 12.16 -1.54 40.28
C HIS L 108 13.31 -1.37 39.29
N SER L 109 13.07 -1.67 38.03
CA SER L 109 14.10 -1.57 36.99
CA SER L 109 14.08 -1.57 36.98
C SER L 109 14.52 -0.12 36.75
N ALA L 110 13.59 0.81 36.86
CA ALA L 110 13.94 2.22 36.73
C ALA L 110 14.92 2.60 37.84
N GLY L 111 14.64 2.15 39.05
CA GLY L 111 15.56 2.38 40.16
C GLY L 111 16.94 1.80 39.93
N VAL L 112 16.98 0.54 39.51
CA VAL L 112 18.24 -0.13 39.21
C VAL L 112 19.05 0.64 38.17
N LEU L 113 18.39 1.01 37.07
CA LEU L 113 19.03 1.74 35.98
C LEU L 113 19.48 3.14 36.39
N LEU L 114 18.61 3.85 37.09
CA LEU L 114 18.91 5.21 37.56
C LEU L 114 20.08 5.22 38.53
N ASP L 115 20.26 4.13 39.27
CA ASP L 115 21.33 4.05 40.25
C ASP L 115 22.69 3.78 39.61
N ASP L 116 22.71 3.45 38.32
CA ASP L 116 23.94 3.01 37.67
C ASP L 116 24.71 4.16 37.04
N PRO L 117 25.97 4.36 37.48
CA PRO L 117 26.78 5.49 36.98
C PRO L 117 27.08 5.42 35.49
N GLN L 118 27.18 4.23 34.93
CA GLN L 118 27.46 4.07 33.50
C GLN L 118 26.25 4.42 32.64
N ILE L 119 25.06 4.05 33.13
CA ILE L 119 23.81 4.37 32.45
C ILE L 119 23.58 5.87 32.38
N ARG L 120 23.93 6.58 33.45
CA ARG L 120 23.74 8.02 33.56
C ARG L 120 24.29 8.82 32.36
N THR L 121 25.36 8.33 31.76
CA THR L 121 26.06 9.09 30.73
C THR L 121 25.57 8.76 29.32
N GLN L 122 24.90 7.62 29.16
CA GLN L 122 24.49 7.21 27.84
C GLN L 122 22.98 7.21 27.64
N TYR L 123 22.21 6.87 28.67
CA TYR L 123 20.77 6.81 28.51
C TYR L 123 20.02 7.66 29.52
N ASP L 124 18.93 8.27 29.07
CA ASP L 124 17.90 8.80 29.97
C ASP L 124 16.97 7.65 30.35
N VAL L 125 16.34 7.75 31.51
CA VAL L 125 15.39 6.72 31.94
C VAL L 125 13.96 7.26 31.96
N ALA L 126 13.03 6.51 31.35
CA ALA L 126 11.64 6.89 31.39
C ALA L 126 10.75 5.75 31.85
N VAL L 127 9.61 6.11 32.45
CA VAL L 127 8.61 5.14 32.82
C VAL L 127 7.31 5.52 32.11
N ILE L 128 6.71 4.54 31.43
CA ILE L 128 5.56 4.81 30.62
C ILE L 128 4.40 3.91 31.01
N GLY L 129 3.19 4.38 30.74
CA GLY L 129 2.02 3.55 30.85
C GLY L 129 1.73 3.01 29.46
N SER L 130 1.58 1.70 29.37
CA SER L 130 1.35 1.06 28.07
C SER L 130 0.09 0.22 28.15
N MSE L 131 -0.14 -0.59 27.12
CA MSE L 131 -1.34 -1.43 27.02
C MSE L 131 -2.60 -0.59 27.27
O MSE L 131 -3.37 -0.84 28.21
CB MSE L 131 -1.26 -2.61 27.99
CG MSE L 131 -2.17 -3.78 27.61
SE MSE L 131 -2.00 -5.31 28.83
CE MSE L 131 -0.19 -5.89 28.40
N HIS L 132 -2.78 0.41 26.42
CA HIS L 132 -3.91 1.33 26.50
C HIS L 132 -5.26 0.65 26.20
N SER L 133 -6.25 0.94 27.02
CA SER L 133 -7.58 0.38 26.88
C SER L 133 -8.62 1.39 27.36
N ASN L 134 -9.35 2.00 26.42
CA ASN L 134 -10.40 2.95 26.73
C ASN L 134 -9.94 4.05 27.70
N GLY L 135 -8.76 4.61 27.44
CA GLY L 135 -8.26 5.74 28.22
C GLY L 135 -7.39 5.39 29.42
N ARG L 136 -7.33 4.11 29.76
CA ARG L 136 -6.47 3.64 30.85
C ARG L 136 -5.25 2.93 30.29
N TYR L 137 -4.10 3.10 30.94
CA TYR L 137 -2.91 2.36 30.53
C TYR L 137 -2.66 1.26 31.56
N LEU L 138 -2.87 0.02 31.14
CA LEU L 138 -2.95 -1.11 32.06
C LEU L 138 -1.60 -1.72 32.45
N HIS L 139 -0.53 -1.33 31.76
CA HIS L 139 0.77 -1.98 31.95
C HIS L 139 1.90 -0.95 31.93
N ASN L 140 2.64 -0.86 33.03
CA ASN L 140 3.73 0.09 33.08
C ASN L 140 5.06 -0.54 32.62
N ILE L 141 5.84 0.25 31.89
CA ILE L 141 7.09 -0.20 31.27
C ILE L 141 8.18 0.85 31.44
N THR L 142 9.43 0.41 31.63
CA THR L 142 10.55 1.35 31.72
C THR L 142 11.28 1.45 30.38
N LEU L 143 11.73 2.67 30.05
CA LEU L 143 12.47 2.89 28.81
C LEU L 143 13.88 3.40 29.09
N LEU L 144 14.83 2.96 28.26
CA LEU L 144 16.15 3.56 28.18
C LEU L 144 16.19 4.36 26.89
N VAL L 145 16.35 5.67 27.01
CA VAL L 145 16.29 6.56 25.85
C VAL L 145 17.66 7.18 25.59
N PRO L 146 18.20 6.99 24.37
CA PRO L 146 19.53 7.56 24.13
C PRO L 146 19.55 9.09 24.28
N LYS L 147 20.64 9.56 24.81
CA LYS L 147 20.81 10.94 25.16
C LYS L 147 20.67 11.73 23.91
N GLY L 148 19.95 12.80 24.05
CA GLY L 148 19.64 13.64 22.93
C GLY L 148 18.27 13.47 22.33
N SER L 149 17.58 12.37 22.63
CA SER L 149 16.25 12.11 22.04
C SER L 149 15.16 12.44 23.02
N ARG L 150 14.13 13.19 22.63
CA ARG L 150 13.05 13.63 23.52
CA ARG L 150 13.05 13.64 23.52
C ARG L 150 11.85 12.70 23.48
N LEU L 151 11.01 12.79 24.49
CA LEU L 151 9.77 12.02 24.58
C LEU L 151 8.59 12.95 24.84
N PRO L 152 7.43 12.65 24.24
CA PRO L 152 6.22 13.48 24.42
C PRO L 152 5.75 13.50 25.87
N GLN L 153 5.30 14.65 26.34
CA GLN L 153 4.71 14.73 27.67
C GLN L 153 3.19 14.65 27.56
N PRO L 154 2.52 14.11 28.58
CA PRO L 154 1.06 14.09 28.61
C PRO L 154 0.49 15.50 28.45
N PRO L 155 -0.67 15.63 27.79
CA PRO L 155 -1.52 14.55 27.29
C PRO L 155 -1.13 14.02 25.91
N GLN L 156 0.01 14.46 25.38
CA GLN L 156 0.53 13.88 24.13
C GLN L 156 0.89 12.41 24.37
N GLN L 157 0.67 11.56 23.37
CA GLN L 157 0.95 10.14 23.51
C GLN L 157 2.26 9.73 22.87
N LEU L 158 2.88 8.69 23.43
CA LEU L 158 4.04 8.08 22.81
C LEU L 158 3.58 7.02 21.82
N THR L 159 3.94 7.21 20.55
CA THR L 159 3.54 6.30 19.48
C THR L 159 4.77 5.93 18.67
N ALA L 160 4.63 4.95 17.77
CA ALA L 160 5.77 4.52 16.96
C ALA L 160 6.34 5.68 16.14
N GLU L 161 5.50 6.65 15.81
CA GLU L 161 5.91 7.78 15.01
C GLU L 161 6.91 8.69 15.74
N VAL L 162 6.79 8.76 17.07
CA VAL L 162 7.67 9.61 17.87
C VAL L 162 8.53 8.79 18.82
N PHE L 163 8.66 7.51 18.53
CA PHE L 163 9.51 6.61 19.31
C PHE L 163 10.95 6.65 18.80
N PRO L 164 11.88 7.15 19.61
CA PRO L 164 13.26 7.32 19.15
C PRO L 164 13.97 5.99 18.87
N ILE L 165 14.72 5.90 17.78
CA ILE L 165 15.48 4.68 17.51
C ILE L 165 16.58 4.53 18.56
N GLY L 166 16.90 3.30 18.92
CA GLY L 166 17.89 3.06 19.95
C GLY L 166 17.31 3.02 21.35
N THR L 167 16.03 3.38 21.48
CA THR L 167 15.32 3.23 22.76
C THR L 167 15.18 1.75 23.10
N LEU L 168 15.41 1.42 24.35
CA LEU L 168 15.37 0.04 24.81
C LEU L 168 14.22 -0.19 25.78
N ILE L 169 13.51 -1.31 25.61
CA ILE L 169 12.41 -1.68 26.48
C ILE L 169 12.91 -2.48 27.68
N VAL L 170 12.44 -2.12 28.87
CA VAL L 170 12.74 -2.88 30.07
C VAL L 170 11.43 -3.23 30.78
N ASP L 171 11.04 -4.50 30.73
CA ASP L 171 9.75 -4.94 31.26
C ASP L 171 9.92 -6.15 32.16
N PRO L 172 10.27 -5.92 33.42
CA PRO L 172 10.54 -7.01 34.35
C PRO L 172 9.30 -7.85 34.69
N TRP L 173 8.10 -7.29 34.56
CA TRP L 173 6.88 -8.05 34.77
C TRP L 173 6.84 -9.21 33.75
N ALA L 174 7.20 -8.92 32.50
CA ALA L 174 7.29 -9.93 31.46
C ALA L 174 8.26 -11.05 31.84
N VAL L 175 9.38 -10.68 32.44
CA VAL L 175 10.34 -11.69 32.92
C VAL L 175 9.78 -12.48 34.09
N GLY L 176 9.11 -11.79 35.01
CA GLY L 176 8.45 -12.47 36.12
C GLY L 176 7.45 -13.49 35.60
N MSE L 177 6.75 -13.14 34.54
CA MSE L 177 5.75 -14.03 33.94
C MSE L 177 6.39 -15.18 33.15
O MSE L 177 5.70 -16.10 32.72
CB MSE L 177 4.80 -13.25 33.05
CG MSE L 177 3.73 -12.41 33.77
SE MSE L 177 2.60 -13.52 34.92
CE MSE L 177 1.10 -12.30 35.20
N GLY L 178 7.70 -15.11 32.92
CA GLY L 178 8.41 -16.23 32.30
C GLY L 178 9.01 -16.00 30.91
N HIS L 179 8.93 -14.78 30.41
CA HIS L 179 9.58 -14.46 29.13
C HIS L 179 11.08 -14.29 29.37
N PRO L 180 11.90 -14.69 28.37
CA PRO L 180 13.37 -14.57 28.46
C PRO L 180 13.86 -13.12 28.38
N PRO L 181 15.02 -12.83 29.00
CA PRO L 181 15.59 -11.48 28.95
C PRO L 181 15.70 -10.93 27.54
N GLU L 182 15.91 -11.80 26.56
CA GLU L 182 15.99 -11.39 25.16
C GLU L 182 14.69 -10.78 24.67
N GLN L 183 13.60 -11.01 25.39
CA GLN L 183 12.29 -10.48 24.98
C GLN L 183 11.77 -9.40 25.93
N ALA L 184 12.61 -8.95 26.86
CA ALA L 184 12.08 -8.06 27.89
C ALA L 184 13.08 -7.13 28.56
N LEU L 185 14.36 -7.49 28.58
CA LEU L 185 15.31 -6.67 29.34
C LEU L 185 16.33 -5.93 28.45
N ALA L 186 16.12 -4.63 28.30
CA ALA L 186 17.00 -3.74 27.53
C ALA L 186 17.11 -4.14 26.08
N ILE L 187 15.95 -4.32 25.44
CA ILE L 187 15.92 -4.78 24.06
C ILE L 187 15.11 -3.84 23.17
N PRO L 188 15.37 -3.85 21.85
CA PRO L 188 14.58 -3.08 20.89
C PRO L 188 13.12 -3.55 20.88
N LYS L 189 12.20 -2.66 20.49
CA LYS L 189 10.78 -2.98 20.58
C LYS L 189 10.39 -4.15 19.66
N GLU L 190 11.15 -4.34 18.59
CA GLU L 190 10.90 -5.45 17.68
C GLU L 190 11.10 -6.82 18.36
N GLN L 191 11.87 -6.87 19.44
CA GLN L 191 12.13 -8.11 20.15
C GLN L 191 11.27 -8.26 21.41
N PHE L 192 10.47 -7.24 21.69
CA PHE L 192 9.71 -7.15 22.93
C PHE L 192 8.45 -8.03 22.93
N ALA L 193 8.32 -8.87 23.95
CA ALA L 193 7.20 -9.80 24.06
C ALA L 193 5.83 -9.12 23.98
N TYR L 194 5.71 -7.89 24.47
CA TYR L 194 4.43 -7.20 24.43
C TYR L 194 4.45 -6.03 23.46
N ASN L 195 5.19 -6.20 22.37
CA ASN L 195 5.23 -5.18 21.34
C ASN L 195 3.85 -4.85 20.77
N ARG L 196 2.96 -5.85 20.74
CA ARG L 196 1.63 -5.66 20.13
C ARG L 196 0.71 -4.76 20.98
N SER L 197 1.09 -4.51 22.23
CA SER L 197 0.28 -3.62 23.06
C SER L 197 1.11 -2.40 23.51
N LEU L 198 2.27 -2.21 22.91
CA LEU L 198 3.20 -1.16 23.35
C LEU L 198 2.63 0.24 23.16
N PHE L 199 2.14 0.51 21.96
CA PHE L 199 1.60 1.84 21.61
C PHE L 199 0.08 1.76 21.48
N PRO L 200 -0.62 2.86 21.80
CA PRO L 200 -0.10 4.12 22.34
C PRO L 200 0.28 4.04 23.82
N ALA L 201 1.19 4.91 24.24
CA ALA L 201 1.64 4.95 25.62
C ALA L 201 1.62 6.37 26.15
N THR L 202 1.69 6.51 27.48
CA THR L 202 1.77 7.81 28.11
C THR L 202 3.04 7.86 28.96
N VAL L 203 3.79 8.94 28.82
CA VAL L 203 5.07 9.04 29.53
C VAL L 203 4.88 9.74 30.88
N ASN L 204 4.93 8.96 31.95
CA ASN L 204 4.62 9.47 33.27
C ASN L 204 5.83 9.97 34.06
N TYR L 205 7.03 9.53 33.67
CA TYR L 205 8.27 10.02 34.29
C TYR L 205 9.41 10.03 33.28
N GLN L 206 10.17 11.12 33.27
CA GLN L 206 11.37 11.22 32.44
C GLN L 206 12.52 11.76 33.27
N SER L 207 13.59 10.97 33.40
CA SER L 207 14.76 11.42 34.17
C SER L 207 15.38 12.65 33.51
N ALA L 208 15.22 12.76 32.19
CA ALA L 208 15.75 13.90 31.46
C ALA L 208 15.06 15.21 31.86
N LEU L 209 13.86 15.10 32.42
CA LEU L 209 13.12 16.28 32.85
C LEU L 209 13.04 16.38 34.37
N ASP L 210 13.59 15.37 35.04
CA ASP L 210 13.68 15.36 36.50
C ASP L 210 14.90 16.20 36.95
N GLU L 211 14.65 17.35 37.56
CA GLU L 211 15.75 18.27 37.91
C GLU L 211 16.66 17.66 38.97
N SER L 212 16.05 17.00 39.96
CA SER L 212 16.78 16.34 41.06
C SER L 212 17.79 15.27 40.62
N LEU L 213 17.84 14.97 39.32
CA LEU L 213 18.65 13.85 38.86
C LEU L 213 20.15 14.02 39.08
N THR L 214 20.72 15.16 38.70
CA THR L 214 22.17 15.36 38.81
C THR L 214 22.68 15.25 40.26
N SER L 215 21.84 15.59 41.24
CA SER L 215 22.21 15.44 42.64
C SER L 215 21.73 14.10 43.24
N THR L 216 21.23 13.20 42.41
CA THR L 216 20.84 11.88 42.89
C THR L 216 22.04 10.95 42.83
N ARG L 217 22.41 10.38 43.98
CA ARG L 217 23.60 9.53 44.04
C ARG L 217 23.45 8.27 43.19
N THR L 218 24.59 7.75 42.74
CA THR L 218 24.63 6.47 42.04
C THR L 218 25.34 5.45 42.94
N GLY L 219 25.17 4.17 42.62
CA GLY L 219 25.77 3.12 43.41
C GLY L 219 25.19 3.03 44.82
N GLN L 220 23.93 3.39 44.96
CA GLN L 220 23.24 3.24 46.24
C GLN L 220 22.81 1.81 46.48
N LEU L 221 22.65 1.08 45.39
CA LEU L 221 22.11 -0.26 45.44
C LEU L 221 23.19 -1.31 45.31
N THR L 222 22.79 -2.55 45.54
CA THR L 222 23.69 -3.65 45.25
CA THR L 222 23.67 -3.70 45.31
C THR L 222 22.90 -4.70 44.46
N PRO L 223 23.55 -5.27 43.43
CA PRO L 223 22.87 -6.26 42.58
C PRO L 223 22.34 -7.41 43.40
N TYR L 224 21.11 -7.84 43.14
CA TYR L 224 20.49 -8.88 43.95
C TYR L 224 21.34 -10.15 43.99
N THR L 225 21.96 -10.47 42.86
CA THR L 225 22.88 -11.60 42.76
C THR L 225 24.13 -11.13 42.01
N GLY L 226 25.25 -11.81 42.22
CA GLY L 226 26.49 -11.40 41.60
C GLY L 226 27.03 -12.41 40.62
N THR L 227 27.34 -11.94 39.41
CA THR L 227 27.97 -12.76 38.39
C THR L 227 27.23 -14.10 38.20
N GLY M 1 -27.60 -36.21 -44.21
CA GLY M 1 -27.61 -35.15 -45.20
C GLY M 1 -26.29 -34.42 -45.28
N MET M 2 -26.31 -33.14 -44.92
CA MET M 2 -25.10 -32.31 -44.90
C MET M 2 -24.29 -32.49 -43.61
N VAL M 3 -25.00 -32.74 -42.50
CA VAL M 3 -24.35 -32.82 -41.19
C VAL M 3 -24.43 -34.20 -40.52
N LEU M 4 -25.62 -34.80 -40.52
CA LEU M 4 -25.82 -36.07 -39.84
C LEU M 4 -25.00 -37.17 -40.51
N THR M 5 -24.32 -37.98 -39.70
CA THR M 5 -23.53 -39.07 -40.26
C THR M 5 -24.00 -40.42 -39.71
N LEU M 6 -23.53 -41.51 -40.32
CA LEU M 6 -23.86 -42.85 -39.83
C LEU M 6 -23.28 -43.06 -38.44
N SER M 7 -22.14 -42.42 -38.17
CA SER M 7 -21.48 -42.51 -36.88
C SER M 7 -22.36 -41.91 -35.78
N ASP M 8 -22.93 -40.73 -36.06
CA ASP M 8 -23.83 -40.07 -35.11
C ASP M 8 -25.02 -40.96 -34.77
N LEU M 9 -25.62 -41.55 -35.81
CA LEU M 9 -26.78 -42.40 -35.64
C LEU M 9 -26.50 -43.60 -34.74
N GLU M 10 -25.41 -44.30 -35.03
CA GLU M 10 -25.03 -45.47 -34.25
CA GLU M 10 -25.05 -45.48 -34.24
C GLU M 10 -24.70 -45.11 -32.80
N LYS M 11 -23.93 -44.05 -32.63
CA LYS M 11 -23.51 -43.60 -31.29
C LYS M 11 -24.69 -43.06 -30.48
N GLY M 12 -25.74 -42.62 -31.16
CA GLY M 12 -26.88 -42.07 -30.47
C GLY M 12 -27.97 -43.09 -30.23
N TYR M 13 -27.76 -44.30 -30.71
CA TYR M 13 -28.79 -45.33 -30.70
C TYR M 13 -28.66 -46.31 -29.54
N ASP M 14 -29.53 -46.17 -28.54
CA ASP M 14 -29.60 -47.12 -27.43
C ASP M 14 -30.65 -48.18 -27.75
N LYS M 15 -30.20 -49.36 -28.18
CA LYS M 15 -31.08 -50.37 -28.74
C LYS M 15 -32.00 -51.04 -27.75
N ASN M 16 -31.64 -51.03 -26.46
CA ASN M 16 -32.48 -51.68 -25.47
C ASN M 16 -33.41 -50.70 -24.77
N LEU M 17 -33.19 -49.40 -24.99
CA LEU M 17 -34.13 -48.39 -24.53
C LEU M 17 -35.08 -48.07 -25.68
N ASN M 18 -34.76 -48.62 -26.84
CA ASN M 18 -35.49 -48.33 -28.07
C ASN M 18 -35.52 -46.84 -28.35
N GLN M 19 -34.41 -46.18 -28.05
CA GLN M 19 -34.32 -44.73 -28.14
C GLN M 19 -33.16 -44.28 -29.03
N LEU M 20 -33.40 -43.24 -29.83
CA LEU M 20 -32.35 -42.60 -30.61
C LEU M 20 -32.17 -41.15 -30.15
N SER M 21 -30.93 -40.80 -29.80
CA SER M 21 -30.64 -39.46 -29.31
CA SER M 21 -30.63 -39.45 -29.31
C SER M 21 -29.63 -38.74 -30.19
N LEU M 22 -30.02 -37.55 -30.66
CA LEU M 22 -29.20 -36.78 -31.60
C LEU M 22 -29.19 -35.30 -31.25
N SER M 23 -29.17 -34.96 -29.97
CA SER M 23 -29.22 -33.56 -29.57
C SER M 23 -27.87 -32.87 -29.75
N PHE M 24 -27.91 -31.56 -29.95
CA PHE M 24 -26.71 -30.73 -30.06
C PHE M 24 -25.78 -31.13 -31.20
N LEU M 25 -26.34 -31.33 -32.39
CA LEU M 25 -25.56 -31.73 -33.57
C LEU M 25 -25.70 -30.76 -34.74
N ASN M 26 -26.41 -29.65 -34.50
CA ASN M 26 -26.68 -28.64 -35.53
C ASN M 26 -27.36 -29.22 -36.77
N LEU M 27 -28.25 -30.18 -36.54
CA LEU M 27 -28.99 -30.82 -37.62
C LEU M 27 -29.95 -29.85 -38.31
N ARG M 28 -30.09 -30.01 -39.62
CA ARG M 28 -31.01 -29.20 -40.41
C ARG M 28 -32.05 -30.09 -41.07
N ASP M 29 -32.97 -29.45 -41.79
CA ASP M 29 -34.04 -30.15 -42.48
C ASP M 29 -33.57 -31.22 -43.44
N ASN M 30 -32.45 -30.97 -44.12
CA ASN M 30 -31.99 -31.93 -45.12
C ASN M 30 -31.32 -33.16 -44.50
N ASP M 31 -31.16 -33.18 -43.18
CA ASP M 31 -30.63 -34.36 -42.50
C ASP M 31 -31.74 -35.35 -42.11
N ILE M 32 -32.99 -34.93 -42.26
CA ILE M 32 -34.12 -35.74 -41.83
C ILE M 32 -34.34 -37.03 -42.66
N PRO M 33 -34.14 -36.98 -44.01
CA PRO M 33 -34.32 -38.24 -44.74
C PRO M 33 -33.36 -39.36 -44.34
N LEU M 34 -32.10 -39.04 -44.06
CA LEU M 34 -31.17 -40.07 -43.60
C LEU M 34 -31.65 -40.62 -42.26
N LEU M 35 -32.10 -39.71 -41.40
CA LEU M 35 -32.64 -40.08 -40.10
C LEU M 35 -33.82 -41.05 -40.23
N CYS M 36 -34.78 -40.70 -41.07
CA CYS M 36 -35.95 -41.56 -41.25
C CYS M 36 -35.57 -42.93 -41.80
N GLU M 37 -34.56 -42.96 -42.67
CA GLU M 37 -34.11 -44.22 -43.25
C GLU M 37 -33.53 -45.13 -42.18
N PHE M 38 -32.71 -44.55 -41.29
CA PHE M 38 -32.16 -45.30 -40.17
C PHE M 38 -33.27 -45.83 -39.24
N LEU M 39 -34.28 -45.00 -38.97
CA LEU M 39 -35.40 -45.41 -38.13
C LEU M 39 -36.26 -46.49 -38.79
N GLN M 40 -36.37 -46.44 -40.12
CA GLN M 40 -37.14 -47.46 -40.83
C GLN M 40 -36.40 -48.79 -40.83
N ASN M 41 -35.07 -48.73 -40.78
CA ASN M 41 -34.26 -49.94 -40.69
C ASN M 41 -34.19 -50.47 -39.26
N HIS M 42 -34.62 -49.66 -38.31
CA HIS M 42 -34.68 -50.07 -36.91
C HIS M 42 -36.04 -49.76 -36.32
N PRO M 43 -37.08 -50.50 -36.75
CA PRO M 43 -38.46 -50.18 -36.40
C PRO M 43 -38.78 -50.39 -34.92
N ALA M 44 -37.82 -50.90 -34.15
CA ALA M 44 -37.99 -51.07 -32.71
C ALA M 44 -37.83 -49.74 -31.97
N ILE M 45 -37.18 -48.77 -32.62
CA ILE M 45 -37.00 -47.45 -32.03
C ILE M 45 -38.34 -46.73 -31.96
N THR M 46 -38.74 -46.38 -30.74
CA THR M 46 -40.02 -45.71 -30.54
C THR M 46 -39.83 -44.32 -29.92
N SER M 47 -38.63 -44.05 -29.42
CA SER M 47 -38.33 -42.77 -28.79
C SER M 47 -37.21 -42.03 -29.53
N LEU M 48 -37.46 -40.78 -29.90
CA LEU M 48 -36.51 -39.99 -30.67
C LEU M 48 -36.24 -38.63 -30.04
N ASP M 49 -34.96 -38.31 -29.85
CA ASP M 49 -34.52 -37.04 -29.26
C ASP M 49 -33.79 -36.18 -30.29
N LEU M 50 -34.47 -35.17 -30.83
CA LEU M 50 -33.87 -34.24 -31.78
C LEU M 50 -33.69 -32.86 -31.19
N SER M 51 -33.79 -32.76 -29.88
CA SER M 51 -33.77 -31.46 -29.23
C SER M 51 -32.45 -30.73 -29.47
N HIS M 52 -32.48 -29.41 -29.39
CA HIS M 52 -31.30 -28.57 -29.55
C HIS M 52 -30.63 -28.77 -30.91
N ASN M 53 -31.38 -28.43 -31.96
CA ASN M 53 -30.86 -28.42 -33.32
C ASN M 53 -31.44 -27.26 -34.11
N ASP M 54 -31.36 -27.32 -35.44
CA ASP M 54 -31.79 -26.22 -36.30
C ASP M 54 -32.91 -26.63 -37.26
N ILE M 55 -33.76 -27.55 -36.82
CA ILE M 55 -34.83 -28.04 -37.68
C ILE M 55 -35.98 -27.02 -37.80
N THR M 56 -36.50 -26.86 -39.01
CA THR M 56 -37.66 -26.00 -39.25
C THR M 56 -38.87 -26.84 -39.63
N ALA M 57 -39.98 -26.17 -39.92
CA ALA M 57 -41.19 -26.86 -40.36
C ALA M 57 -40.94 -27.74 -41.57
N ASN M 58 -40.04 -27.29 -42.46
CA ASN M 58 -39.68 -28.08 -43.64
C ASN M 58 -39.06 -29.42 -43.32
N GLY M 59 -38.35 -29.49 -42.19
CA GLY M 59 -37.78 -30.75 -41.76
C GLY M 59 -38.83 -31.64 -41.13
N VAL M 60 -39.71 -31.05 -40.35
CA VAL M 60 -40.80 -31.76 -39.70
C VAL M 60 -41.70 -32.42 -40.75
N LYS M 61 -42.01 -31.67 -41.80
CA LYS M 61 -42.75 -32.20 -42.95
C LYS M 61 -42.16 -33.52 -43.47
N LEU M 62 -40.84 -33.60 -43.51
CA LEU M 62 -40.15 -34.78 -44.02
C LEU M 62 -40.15 -35.94 -43.02
N PHE M 63 -40.45 -35.62 -41.76
CA PHE M 63 -40.41 -36.64 -40.71
C PHE M 63 -41.77 -37.29 -40.45
N VAL M 64 -42.83 -36.48 -40.41
CA VAL M 64 -44.12 -36.96 -39.95
C VAL M 64 -44.68 -38.07 -40.84
N ASN M 65 -45.20 -39.11 -40.18
CA ASN M 65 -45.80 -40.26 -40.86
C ASN M 65 -44.81 -41.00 -41.75
N LYS M 66 -43.54 -40.97 -41.36
CA LYS M 66 -42.49 -41.73 -42.05
C LYS M 66 -41.96 -42.86 -41.16
N THR M 67 -42.19 -42.72 -39.85
CA THR M 67 -41.66 -43.69 -38.89
C THR M 67 -42.75 -44.12 -37.90
N SER M 68 -42.40 -45.06 -37.03
CA SER M 68 -43.31 -45.53 -35.99
C SER M 68 -42.96 -44.95 -34.61
N VAL M 69 -42.07 -43.95 -34.60
CA VAL M 69 -41.75 -43.21 -33.38
C VAL M 69 -43.01 -42.70 -32.69
N SER M 70 -43.13 -42.96 -31.39
CA SER M 70 -44.33 -42.55 -30.65
C SER M 70 -44.02 -41.49 -29.61
N SER M 71 -42.73 -41.33 -29.28
CA SER M 71 -42.30 -40.26 -28.39
C SER M 71 -41.23 -39.41 -29.06
N LEU M 72 -41.54 -38.15 -29.32
CA LEU M 72 -40.60 -37.26 -29.99
C LEU M 72 -40.26 -36.04 -29.14
N ASN M 73 -38.97 -35.84 -28.91
CA ASN M 73 -38.49 -34.62 -28.31
C ASN M 73 -37.81 -33.76 -29.37
N ILE M 74 -38.47 -32.68 -29.78
CA ILE M 74 -37.90 -31.80 -30.80
C ILE M 74 -37.83 -30.37 -30.25
N SER M 75 -37.71 -30.28 -28.93
CA SER M 75 -37.60 -28.98 -28.29
C SER M 75 -36.32 -28.26 -28.69
N HIS M 76 -36.31 -26.95 -28.54
CA HIS M 76 -35.12 -26.14 -28.85
C HIS M 76 -34.70 -26.30 -30.30
N ASN M 77 -35.67 -26.18 -31.19
CA ASN M 77 -35.41 -26.08 -32.61
C ASN M 77 -36.03 -24.81 -33.15
N ASN M 78 -36.38 -24.80 -34.43
CA ASN M 78 -37.02 -23.63 -35.04
C ASN M 78 -38.23 -24.01 -35.88
N ILE M 79 -39.07 -24.92 -35.37
CA ILE M 79 -40.13 -25.46 -36.22
C ILE M 79 -41.31 -24.51 -36.37
N GLY M 80 -41.54 -23.65 -35.38
CA GLY M 80 -42.60 -22.65 -35.48
C GLY M 80 -44.02 -23.20 -35.55
N PRO M 81 -44.98 -22.33 -35.88
CA PRO M 81 -46.41 -22.71 -35.98
C PRO M 81 -46.63 -23.80 -37.03
N GLU M 82 -45.97 -23.67 -38.18
CA GLU M 82 -46.19 -24.63 -39.26
C GLU M 82 -45.58 -25.99 -38.93
N GLY M 83 -44.52 -26.00 -38.12
CA GLY M 83 -43.94 -27.26 -37.66
C GLY M 83 -44.90 -28.00 -36.75
N ALA M 84 -45.54 -27.26 -35.85
CA ALA M 84 -46.55 -27.83 -34.96
C ALA M 84 -47.73 -28.37 -35.77
N GLN M 85 -48.12 -27.63 -36.79
CA GLN M 85 -49.19 -28.06 -37.68
C GLN M 85 -48.87 -29.39 -38.38
N TRP M 86 -47.65 -29.54 -38.88
CA TRP M 86 -47.25 -30.83 -39.46
C TRP M 86 -47.30 -31.94 -38.43
N LEU M 87 -46.78 -31.66 -37.24
CA LEU M 87 -46.74 -32.66 -36.17
C LEU M 87 -48.14 -33.09 -35.75
N SER M 88 -49.12 -32.20 -35.90
CA SER M 88 -50.49 -32.51 -35.50
C SER M 88 -51.08 -33.59 -36.41
N GLU M 89 -50.44 -33.82 -37.56
CA GLU M 89 -50.89 -34.83 -38.50
C GLU M 89 -50.29 -36.22 -38.23
N ASP M 90 -49.30 -36.32 -37.35
CA ASP M 90 -48.60 -37.60 -37.19
C ASP M 90 -49.47 -38.67 -36.54
N ASN M 91 -49.42 -39.86 -37.11
CA ASN M 91 -50.31 -40.94 -36.67
CA ASN M 91 -50.26 -41.00 -36.72
C ASN M 91 -49.73 -41.80 -35.55
N HIS M 92 -48.47 -41.57 -35.19
CA HIS M 92 -47.87 -42.43 -34.17
C HIS M 92 -47.48 -41.72 -32.87
N ILE M 93 -47.21 -40.42 -32.92
CA ILE M 93 -46.71 -39.72 -31.75
C ILE M 93 -47.79 -39.54 -30.67
N THR M 94 -47.49 -40.04 -29.47
CA THR M 94 -48.42 -39.92 -28.35
C THR M 94 -47.80 -39.06 -27.24
N THR M 95 -46.48 -38.94 -27.25
CA THR M 95 -45.79 -38.03 -26.34
C THR M 95 -44.90 -37.08 -27.15
N LEU M 96 -45.13 -35.78 -26.98
CA LEU M 96 -44.48 -34.79 -27.82
C LEU M 96 -43.87 -33.67 -27.00
N ASP M 97 -42.63 -33.31 -27.32
CA ASP M 97 -42.01 -32.12 -26.71
C ASP M 97 -41.66 -31.12 -27.81
N VAL M 98 -42.34 -29.97 -27.79
CA VAL M 98 -42.07 -28.92 -28.75
C VAL M 98 -41.71 -27.62 -28.06
N SER M 99 -41.18 -27.75 -26.84
CA SER M 99 -40.76 -26.58 -26.05
C SER M 99 -39.71 -25.77 -26.81
N PHE M 100 -39.74 -24.44 -26.65
CA PHE M 100 -38.72 -23.56 -27.22
C PHE M 100 -38.64 -23.68 -28.74
N ASN M 101 -39.78 -23.49 -29.41
CA ASN M 101 -39.81 -23.56 -30.87
C ASN M 101 -40.61 -22.43 -31.50
N GLU M 102 -41.02 -21.46 -30.69
CA GLU M 102 -41.87 -20.35 -31.11
C GLU M 102 -43.12 -20.79 -31.85
N ILE M 103 -43.78 -21.85 -31.38
CA ILE M 103 -44.93 -22.38 -32.14
C ILE M 103 -46.15 -21.48 -31.97
N GLY M 104 -46.19 -20.71 -30.89
CA GLY M 104 -47.27 -19.75 -30.69
C GLY M 104 -48.65 -20.34 -30.51
N ASP M 105 -49.66 -19.47 -30.46
CA ASP M 105 -51.05 -19.89 -30.34
C ASP M 105 -51.54 -20.69 -31.54
N GLU M 106 -51.08 -20.30 -32.72
CA GLU M 106 -51.50 -20.99 -33.93
C GLU M 106 -50.91 -22.39 -33.99
N GLY M 107 -49.71 -22.54 -33.43
CA GLY M 107 -49.09 -23.85 -33.32
C GLY M 107 -49.86 -24.80 -32.42
N VAL M 108 -50.23 -24.33 -31.23
CA VAL M 108 -50.92 -25.22 -30.30
C VAL M 108 -52.36 -25.45 -30.69
N LYS M 109 -52.93 -24.54 -31.48
CA LYS M 109 -54.27 -24.75 -31.99
C LYS M 109 -54.34 -26.07 -32.75
N ALA M 110 -53.33 -26.32 -33.58
CA ALA M 110 -53.28 -27.54 -34.38
C ALA M 110 -53.01 -28.75 -33.50
N LEU M 111 -52.05 -28.63 -32.59
CA LEU M 111 -51.70 -29.73 -31.70
C LEU M 111 -52.87 -30.12 -30.78
N ALA M 112 -53.61 -29.13 -30.30
CA ALA M 112 -54.76 -29.38 -29.43
C ALA M 112 -55.84 -30.24 -30.12
N ALA M 113 -55.87 -30.22 -31.44
CA ALA M 113 -56.88 -30.94 -32.22
C ALA M 113 -56.40 -32.34 -32.59
N ASN M 114 -55.18 -32.67 -32.19
CA ASN M 114 -54.64 -34.00 -32.40
C ASN M 114 -55.04 -34.95 -31.27
N ALA M 115 -56.09 -35.74 -31.50
CA ALA M 115 -56.66 -36.60 -30.46
C ALA M 115 -55.73 -37.72 -30.04
N LYS M 116 -54.68 -37.95 -30.82
CA LYS M 116 -53.71 -39.01 -30.54
C LYS M 116 -52.81 -38.63 -29.36
N LEU M 117 -52.55 -37.33 -29.20
CA LEU M 117 -51.64 -36.84 -28.18
C LEU M 117 -52.14 -37.09 -26.76
N ILE M 118 -51.30 -37.73 -25.96
CA ILE M 118 -51.59 -37.95 -24.55
C ILE M 118 -50.85 -36.96 -23.67
N THR M 119 -49.58 -36.74 -24.01
CA THR M 119 -48.69 -35.89 -23.23
C THR M 119 -48.01 -34.86 -24.13
N LEU M 120 -48.06 -33.59 -23.72
CA LEU M 120 -47.49 -32.50 -24.48
C LEU M 120 -46.63 -31.59 -23.61
N TYR M 121 -45.35 -31.47 -23.97
CA TYR M 121 -44.46 -30.48 -23.37
C TYR M 121 -44.30 -29.35 -24.35
N ALA M 122 -44.63 -28.14 -23.92
CA ALA M 122 -44.60 -26.99 -24.82
C ALA M 122 -44.16 -25.74 -24.07
N LEU M 123 -43.11 -25.89 -23.27
CA LEU M 123 -42.54 -24.78 -22.51
C LEU M 123 -42.07 -23.67 -23.42
N TYR M 124 -42.18 -22.44 -22.95
CA TYR M 124 -41.66 -21.26 -23.64
C TYR M 124 -41.92 -21.25 -25.16
N ASN M 125 -43.17 -20.98 -25.53
CA ASN M 125 -43.57 -20.97 -26.93
C ASN M 125 -44.45 -19.77 -27.25
N LYS M 126 -44.48 -18.81 -26.34
CA LYS M 126 -45.36 -17.66 -26.45
C LYS M 126 -46.81 -18.11 -26.60
N ILE M 127 -47.17 -19.14 -25.85
CA ILE M 127 -48.56 -19.56 -25.78
C ILE M 127 -49.30 -18.62 -24.83
N THR M 128 -50.45 -18.10 -25.27
CA THR M 128 -51.20 -17.19 -24.43
C THR M 128 -52.51 -17.80 -23.95
N LYS M 129 -53.35 -16.98 -23.32
CA LYS M 129 -54.67 -17.41 -22.88
C LYS M 129 -55.49 -17.92 -24.06
N VAL M 130 -55.21 -17.39 -25.25
CA VAL M 130 -55.87 -17.83 -26.47
C VAL M 130 -55.50 -19.28 -26.81
N GLY M 131 -54.21 -19.57 -26.82
CA GLY M 131 -53.74 -20.94 -27.05
C GLY M 131 -54.21 -21.89 -25.97
N ALA M 132 -54.23 -21.42 -24.72
CA ALA M 132 -54.75 -22.23 -23.61
C ALA M 132 -56.22 -22.58 -23.86
N GLY M 133 -56.97 -21.65 -24.44
CA GLY M 133 -58.35 -21.91 -24.83
C GLY M 133 -58.46 -23.11 -25.76
N TYR M 134 -57.58 -23.16 -26.75
CA TYR M 134 -57.53 -24.29 -27.66
C TYR M 134 -57.23 -25.60 -26.92
N LEU M 135 -56.21 -25.57 -26.06
CA LEU M 135 -55.78 -26.76 -25.31
C LEU M 135 -56.86 -27.26 -24.36
N ALA M 136 -57.74 -26.36 -23.94
CA ALA M 136 -58.83 -26.71 -23.05
C ALA M 136 -59.83 -27.66 -23.73
N GLN M 137 -59.75 -27.75 -25.06
CA GLN M 137 -60.64 -28.61 -25.83
C GLN M 137 -59.98 -29.91 -26.25
N SER M 138 -58.73 -30.11 -25.84
CA SER M 138 -57.95 -31.27 -26.25
C SER M 138 -58.21 -32.51 -25.38
N ASN M 139 -57.68 -33.65 -25.83
CA ASN M 139 -57.79 -34.90 -25.08
C ASN M 139 -56.53 -35.20 -24.26
N LEU M 140 -55.65 -34.21 -24.14
CA LEU M 140 -54.39 -34.35 -23.42
C LEU M 140 -54.61 -34.76 -21.97
N LYS M 141 -53.76 -35.68 -21.50
CA LYS M 141 -53.77 -36.09 -20.10
C LYS M 141 -52.73 -35.33 -19.28
N LYS M 142 -51.65 -34.93 -19.93
CA LYS M 142 -50.59 -34.15 -19.28
C LYS M 142 -50.13 -33.02 -20.19
N ILE M 143 -50.04 -31.82 -19.61
CA ILE M 143 -49.54 -30.67 -20.36
C ILE M 143 -48.55 -29.89 -19.50
N ASP M 144 -47.37 -29.63 -20.05
CA ASP M 144 -46.41 -28.74 -19.41
C ASP M 144 -46.29 -27.47 -20.25
N LEU M 145 -46.58 -26.34 -19.62
CA LEU M 145 -46.65 -25.06 -20.31
C LEU M 145 -45.82 -23.96 -19.64
N CYS M 146 -44.83 -24.35 -18.85
CA CYS M 146 -43.99 -23.38 -18.14
C CYS M 146 -43.44 -22.31 -19.06
N PHE M 147 -43.30 -21.10 -18.52
CA PHE M 147 -42.70 -19.95 -19.22
C PHE M 147 -43.56 -19.45 -20.38
N ASN M 148 -44.85 -19.77 -20.34
CA ASN M 148 -45.83 -19.19 -21.26
C ASN M 148 -46.77 -18.28 -20.48
N SER M 149 -47.01 -17.07 -20.98
CA SER M 149 -47.89 -16.18 -20.25
C SER M 149 -49.36 -16.56 -20.45
N LEU M 150 -49.79 -17.62 -19.77
CA LEU M 150 -51.16 -18.12 -19.90
C LEU M 150 -52.16 -17.18 -19.22
N GLU M 151 -51.72 -16.57 -18.13
CA GLU M 151 -52.56 -15.70 -17.30
C GLU M 151 -53.73 -16.46 -16.67
N ASP M 152 -54.51 -15.75 -15.87
CA ASP M 152 -55.63 -16.37 -15.17
C ASP M 152 -56.67 -16.95 -16.12
N GLU M 153 -57.01 -16.23 -17.18
CA GLU M 153 -58.03 -16.71 -18.12
C GLU M 153 -57.57 -17.98 -18.84
N GLY M 154 -56.27 -18.07 -19.08
CA GLY M 154 -55.69 -19.26 -19.66
C GLY M 154 -55.84 -20.52 -18.83
N VAL M 155 -55.45 -20.48 -17.56
CA VAL M 155 -55.53 -21.69 -16.73
C VAL M 155 -56.97 -21.94 -16.31
N ILE M 156 -57.79 -20.89 -16.31
CA ILE M 156 -59.22 -21.07 -16.04
C ILE M 156 -59.83 -21.92 -17.15
N ALA M 157 -59.44 -21.64 -18.39
CA ALA M 157 -59.85 -22.47 -19.52
C ALA M 157 -59.39 -23.91 -19.34
N LEU M 158 -58.10 -24.07 -19.03
CA LEU M 158 -57.51 -25.39 -18.83
C LEU M 158 -58.18 -26.19 -17.71
N ALA M 159 -58.64 -25.47 -16.68
CA ALA M 159 -59.24 -26.14 -15.53
C ALA M 159 -60.54 -26.85 -15.90
N SER M 160 -61.16 -26.40 -16.99
CA SER M 160 -62.43 -26.98 -17.44
C SER M 160 -62.22 -28.22 -18.32
N ASN M 161 -60.98 -28.50 -18.71
CA ASN M 161 -60.68 -29.68 -19.50
C ASN M 161 -60.61 -30.94 -18.61
N ILE M 162 -61.67 -31.75 -18.66
CA ILE M 162 -61.79 -32.91 -17.77
C ILE M 162 -60.72 -33.99 -18.03
N ASN M 163 -60.10 -33.96 -19.20
CA ASN M 163 -59.11 -34.97 -19.56
C ASN M 163 -57.78 -34.79 -18.84
N ILE M 164 -57.47 -33.56 -18.45
CA ILE M 164 -56.15 -33.29 -17.92
C ILE M 164 -55.98 -33.84 -16.50
N LYS M 165 -54.97 -34.68 -16.32
CA LYS M 165 -54.65 -35.22 -15.01
C LYS M 165 -53.42 -34.55 -14.41
N GLU M 166 -52.51 -34.10 -15.28
CA GLU M 166 -51.29 -33.49 -14.78
C GLU M 166 -51.05 -32.19 -15.50
N LEU M 167 -50.93 -31.10 -14.75
CA LEU M 167 -50.73 -29.79 -15.35
C LEU M 167 -49.57 -29.07 -14.68
N ILE M 168 -48.63 -28.66 -15.52
CA ILE M 168 -47.44 -27.95 -15.07
C ILE M 168 -47.42 -26.59 -15.76
N ALA M 169 -47.52 -25.55 -14.95
CA ALA M 169 -47.67 -24.20 -15.48
C ALA M 169 -46.98 -23.19 -14.58
N SER M 170 -45.69 -23.40 -14.36
CA SER M 170 -44.89 -22.46 -13.57
C SER M 170 -44.45 -21.28 -14.42
N ALA M 171 -44.34 -20.10 -13.80
CA ALA M 171 -43.99 -18.86 -14.48
C ALA M 171 -44.93 -18.61 -15.65
N CYS M 172 -46.23 -18.59 -15.35
CA CYS M 172 -47.26 -18.43 -16.37
C CYS M 172 -48.20 -17.27 -16.08
N ASP M 173 -47.75 -16.37 -15.19
CA ASP M 173 -48.50 -15.19 -14.80
C ASP M 173 -49.88 -15.52 -14.21
N VAL M 174 -49.92 -16.57 -13.39
CA VAL M 174 -51.16 -16.99 -12.73
C VAL M 174 -51.26 -16.33 -11.36
N SER M 175 -52.46 -15.85 -11.02
CA SER M 175 -52.69 -15.30 -9.69
C SER M 175 -53.73 -16.15 -8.99
N ASP M 176 -54.24 -15.67 -7.85
CA ASP M 176 -55.23 -16.40 -7.07
C ASP M 176 -56.49 -16.76 -7.87
N ILE M 177 -56.89 -15.86 -8.76
CA ILE M 177 -58.09 -16.09 -9.57
C ILE M 177 -57.99 -17.39 -10.36
N GLY M 178 -56.89 -17.56 -11.09
CA GLY M 178 -56.67 -18.77 -11.86
C GLY M 178 -56.40 -19.99 -10.98
N ALA M 179 -55.58 -19.80 -9.94
CA ALA M 179 -55.21 -20.91 -9.07
C ALA M 179 -56.42 -21.50 -8.34
N ILE M 180 -57.33 -20.63 -7.92
CA ILE M 180 -58.52 -21.07 -7.21
C ILE M 180 -59.40 -21.94 -8.11
N GLU M 181 -59.51 -21.58 -9.39
CA GLU M 181 -60.31 -22.38 -10.30
C GLU M 181 -59.67 -23.75 -10.56
N LEU M 182 -58.34 -23.80 -10.56
CA LEU M 182 -57.63 -25.07 -10.70
C LEU M 182 -57.83 -25.91 -9.43
N ALA M 183 -57.85 -25.25 -8.29
CA ALA M 183 -58.06 -25.95 -7.02
C ALA M 183 -59.44 -26.61 -6.97
N LYS M 184 -60.41 -25.97 -7.62
CA LYS M 184 -61.78 -26.49 -7.65
C LYS M 184 -61.95 -27.62 -8.66
N ASN M 185 -60.96 -27.80 -9.53
CA ASN M 185 -60.93 -28.89 -10.50
C ASN M 185 -60.93 -30.24 -9.78
N ASN M 186 -61.69 -31.19 -10.31
CA ASN M 186 -61.87 -32.48 -9.66
C ASN M 186 -61.08 -33.63 -10.30
N GLN M 187 -60.29 -33.34 -11.33
CA GLN M 187 -59.61 -34.42 -12.05
C GLN M 187 -58.10 -34.41 -11.89
N LEU M 188 -57.52 -33.22 -11.71
CA LEU M 188 -56.06 -33.10 -11.61
C LEU M 188 -55.50 -33.89 -10.44
N THR M 189 -54.47 -34.70 -10.69
CA THR M 189 -53.78 -35.39 -9.61
C THR M 189 -52.45 -34.72 -9.31
N LEU M 190 -51.92 -34.00 -10.29
CA LEU M 190 -50.65 -33.29 -10.13
C LEU M 190 -50.78 -31.89 -10.70
N LEU M 191 -50.46 -30.90 -9.88
CA LEU M 191 -50.52 -29.50 -10.31
C LEU M 191 -49.26 -28.76 -9.86
N ILE M 192 -48.59 -28.14 -10.81
CA ILE M 192 -47.38 -27.38 -10.53
C ILE M 192 -47.60 -25.95 -10.99
N LEU M 193 -47.52 -25.02 -10.04
CA LEU M 193 -47.75 -23.61 -10.30
C LEU M 193 -46.67 -22.72 -9.67
N GLY M 194 -45.41 -23.12 -9.77
CA GLY M 194 -44.33 -22.32 -9.22
C GLY M 194 -44.18 -20.98 -9.92
N LYS M 195 -43.48 -20.05 -9.25
CA LYS M 195 -43.08 -18.78 -9.87
C LYS M 195 -44.25 -18.03 -10.48
N ASN M 196 -45.36 -17.96 -9.75
CA ASN M 196 -46.50 -17.19 -10.19
C ASN M 196 -46.80 -16.11 -9.13
N ALA M 197 -48.05 -15.68 -9.04
CA ALA M 197 -48.41 -14.62 -8.08
C ALA M 197 -49.45 -15.11 -7.08
N ILE M 198 -49.34 -16.37 -6.68
CA ILE M 198 -50.35 -16.99 -5.84
C ILE M 198 -50.12 -16.66 -4.36
N THR M 199 -51.20 -16.36 -3.66
CA THR M 199 -51.13 -15.93 -2.26
C THR M 199 -51.87 -16.88 -1.33
N ASP M 200 -51.95 -16.54 -0.05
CA ASP M 200 -52.68 -17.35 0.93
C ASP M 200 -54.16 -17.52 0.57
N LYS M 201 -54.69 -16.55 -0.18
CA LYS M 201 -56.08 -16.58 -0.68
C LYS M 201 -56.46 -17.89 -1.37
N SER M 202 -55.51 -18.54 -2.01
CA SER M 202 -55.79 -19.77 -2.76
C SER M 202 -55.75 -21.04 -1.90
N THR M 203 -55.13 -20.95 -0.72
CA THR M 203 -54.74 -22.17 -0.03
C THR M 203 -55.92 -22.97 0.55
N LEU M 204 -56.97 -22.29 0.97
CA LEU M 204 -58.16 -22.97 1.49
C LEU M 204 -58.78 -23.87 0.43
N HIS M 205 -58.85 -23.38 -0.81
CA HIS M 205 -59.43 -24.16 -1.90
CA HIS M 205 -59.42 -24.16 -1.91
C HIS M 205 -58.58 -25.38 -2.21
N PHE M 206 -57.26 -25.24 -2.13
CA PHE M 206 -56.38 -26.39 -2.29
C PHE M 206 -56.49 -27.34 -1.10
N ALA M 207 -56.65 -26.79 0.11
CA ALA M 207 -56.86 -27.62 1.29
C ALA M 207 -58.09 -28.51 1.15
N ASN M 208 -59.12 -28.00 0.46
CA ASN M 208 -60.37 -28.74 0.33
C ASN M 208 -60.48 -29.50 -0.99
N ASN M 209 -59.49 -29.29 -1.86
CA ASN M 209 -59.34 -30.11 -3.06
C ASN M 209 -59.27 -31.57 -2.65
N THR M 210 -59.91 -32.44 -3.44
CA THR M 210 -59.95 -33.85 -3.10
C THR M 210 -59.26 -34.75 -4.12
N SER M 211 -58.79 -34.17 -5.18
CA SER M 211 -58.16 -34.89 -6.24
C SER M 211 -56.63 -34.91 -6.28
N LEU M 212 -56.03 -33.81 -5.91
CA LEU M 212 -54.57 -33.66 -5.99
C LEU M 212 -53.81 -34.58 -5.03
N SER M 213 -52.71 -35.17 -5.51
CA SER M 213 -51.76 -35.86 -4.65
C SER M 213 -50.39 -35.19 -4.70
N THR M 214 -50.17 -34.39 -5.74
CA THR M 214 -48.96 -33.57 -5.89
C THR M 214 -49.32 -32.11 -6.14
N LEU M 215 -48.79 -31.22 -5.31
CA LEU M 215 -49.03 -29.78 -5.48
C LEU M 215 -47.76 -28.99 -5.23
N HIS M 216 -47.26 -28.34 -6.27
CA HIS M 216 -46.06 -27.53 -6.16
C HIS M 216 -46.41 -26.07 -6.30
N LEU M 217 -46.14 -25.31 -5.26
CA LEU M 217 -46.48 -23.89 -5.27
C LEU M 217 -45.27 -23.03 -4.89
N GLY M 218 -44.07 -23.52 -5.23
CA GLY M 218 -42.84 -22.83 -4.93
C GLY M 218 -42.74 -21.42 -5.49
N SER M 219 -42.00 -20.57 -4.79
CA SER M 219 -41.73 -19.20 -5.22
C SER M 219 -42.98 -18.40 -5.60
N ASN M 220 -44.01 -18.48 -4.77
CA ASN M 220 -45.14 -17.59 -4.91
C ASN M 220 -45.14 -16.58 -3.73
N GLN M 221 -46.32 -16.18 -3.27
CA GLN M 221 -46.39 -15.22 -2.16
C GLN M 221 -47.08 -15.83 -0.94
N ILE M 222 -47.02 -17.15 -0.83
CA ILE M 222 -47.66 -17.87 0.27
C ILE M 222 -46.87 -17.72 1.58
N THR M 223 -47.59 -17.45 2.67
CA THR M 223 -46.97 -17.25 3.98
C THR M 223 -47.11 -18.50 4.84
N ALA M 224 -46.61 -18.43 6.08
CA ALA M 224 -46.71 -19.57 6.98
C ALA M 224 -48.17 -19.92 7.29
N ALA M 225 -49.05 -18.94 7.21
CA ALA M 225 -50.47 -19.18 7.42
C ALA M 225 -51.03 -20.04 6.27
N GLY M 226 -50.69 -19.68 5.05
CA GLY M 226 -51.07 -20.45 3.89
C GLY M 226 -50.49 -21.86 3.94
N LYS M 227 -49.24 -21.97 4.39
CA LYS M 227 -48.61 -23.28 4.52
C LYS M 227 -49.37 -24.19 5.51
N LYS M 228 -49.77 -23.62 6.65
CA LYS M 228 -50.57 -24.35 7.63
C LYS M 228 -51.86 -24.89 7.03
N ILE M 229 -52.52 -24.07 6.22
CA ILE M 229 -53.75 -24.48 5.56
C ILE M 229 -53.54 -25.61 4.57
N LEU M 230 -52.53 -25.45 3.72
CA LEU M 230 -52.18 -26.47 2.74
C LEU M 230 -51.83 -27.80 3.37
N GLU M 231 -51.12 -27.75 4.49
CA GLU M 231 -50.70 -28.97 5.18
C GLU M 231 -51.85 -29.74 5.84
N THR M 232 -53.04 -29.16 5.91
CA THR M 232 -54.20 -29.89 6.40
C THR M 232 -54.74 -30.87 5.36
N ASN M 233 -54.33 -30.71 4.11
CA ASN M 233 -54.74 -31.64 3.07
C ASN M 233 -53.87 -32.89 3.10
N THR M 234 -54.43 -33.95 3.67
CA THR M 234 -53.72 -35.21 3.85
C THR M 234 -53.51 -36.01 2.54
N ARG M 235 -54.31 -35.71 1.51
CA ARG M 235 -54.20 -36.41 0.22
C ARG M 235 -52.95 -36.00 -0.56
N ILE M 236 -52.46 -34.79 -0.31
CA ILE M 236 -51.28 -34.31 -1.00
C ILE M 236 -50.03 -34.89 -0.32
N THR M 237 -49.34 -35.76 -1.03
CA THR M 237 -48.18 -36.43 -0.45
C THR M 237 -46.89 -35.78 -0.94
N ASP M 238 -46.99 -34.97 -1.98
CA ASP M 238 -45.88 -34.16 -2.43
C ASP M 238 -46.30 -32.69 -2.52
N LEU M 239 -45.97 -31.94 -1.47
CA LEU M 239 -46.25 -30.51 -1.39
C LEU M 239 -44.94 -29.74 -1.42
N ASP M 240 -44.79 -28.85 -2.39
CA ASP M 240 -43.57 -28.04 -2.50
C ASP M 240 -43.90 -26.56 -2.35
N LEU M 241 -43.24 -25.90 -1.39
CA LEU M 241 -43.46 -24.48 -1.09
C LEU M 241 -42.15 -23.69 -1.02
N ILE M 242 -41.05 -24.32 -1.41
CA ILE M 242 -39.74 -23.68 -1.43
C ILE M 242 -39.79 -22.31 -2.10
N GLY M 243 -39.21 -21.30 -1.46
CA GLY M 243 -39.09 -20.00 -2.07
C GLY M 243 -40.17 -19.01 -1.67
N ASN M 244 -41.25 -19.51 -1.07
CA ASN M 244 -42.29 -18.63 -0.54
C ASN M 244 -41.81 -17.89 0.70
N PRO M 245 -42.38 -16.70 0.95
CA PRO M 245 -42.09 -15.91 2.16
C PRO M 245 -42.69 -16.53 3.41
N ILE M 246 -42.15 -17.68 3.81
CA ILE M 246 -42.68 -18.43 4.94
C ILE M 246 -41.84 -18.26 6.21
N GLU M 247 -42.37 -17.52 7.17
CA GLU M 247 -41.69 -17.33 8.46
C GLU M 247 -41.71 -18.61 9.29
N VAL M 248 -40.55 -19.00 9.81
CA VAL M 248 -40.45 -20.18 10.66
C VAL M 248 -40.37 -19.78 12.13
N MSE N 2 0.54 -13.69 -18.03
CA MSE N 2 -0.03 -14.48 -19.11
C MSE N 2 -1.52 -14.22 -19.28
O MSE N 2 -2.23 -13.97 -18.32
CB MSE N 2 0.21 -15.98 -18.86
CG MSE N 2 1.05 -16.65 -19.92
SE MSE N 2 0.69 -18.56 -20.05
CE MSE N 2 -1.09 -18.45 -20.81
N ALA N 3 -1.99 -14.24 -20.54
CA ALA N 3 -3.39 -14.02 -20.84
C ALA N 3 -4.22 -15.27 -20.56
N ILE N 4 -5.42 -15.09 -20.03
CA ILE N 4 -6.29 -16.22 -19.69
C ILE N 4 -7.21 -16.57 -20.88
N ALA N 5 -7.32 -17.86 -21.17
CA ALA N 5 -8.10 -18.32 -22.32
C ALA N 5 -9.48 -18.81 -21.90
N PRO N 6 -10.50 -18.60 -22.78
CA PRO N 6 -11.88 -19.03 -22.53
C PRO N 6 -11.99 -20.48 -22.03
N GLN N 7 -11.09 -21.34 -22.49
CA GLN N 7 -11.06 -22.71 -22.03
C GLN N 7 -10.69 -22.80 -20.54
N GLN N 8 -9.74 -21.98 -20.11
CA GLN N 8 -9.32 -21.99 -18.70
C GLN N 8 -10.36 -21.32 -17.80
N ILE N 9 -11.11 -20.38 -18.37
CA ILE N 9 -12.24 -19.80 -17.67
C ILE N 9 -13.28 -20.88 -17.44
N GLN N 10 -13.48 -21.73 -18.44
CA GLN N 10 -14.43 -22.82 -18.32
C GLN N 10 -13.97 -23.80 -17.24
N GLU N 11 -12.68 -24.13 -17.23
CA GLU N 11 -12.13 -25.03 -16.23
C GLU N 11 -12.24 -24.47 -14.82
N ARG N 12 -12.13 -23.15 -14.69
CA ARG N 12 -12.30 -22.51 -13.38
C ARG N 12 -13.72 -22.69 -12.88
N LEU N 13 -14.68 -22.53 -13.79
CA LEU N 13 -16.08 -22.63 -13.45
C LEU N 13 -16.46 -24.09 -13.17
N LYS N 14 -15.85 -25.01 -13.90
CA LYS N 14 -16.05 -26.44 -13.65
C LYS N 14 -15.62 -26.83 -12.24
N GLN N 15 -14.61 -26.13 -11.71
CA GLN N 15 -14.12 -26.40 -10.36
C GLN N 15 -15.18 -26.15 -9.28
N GLU N 16 -16.20 -25.36 -9.62
CA GLU N 16 -17.27 -25.04 -8.69
C GLU N 16 -18.31 -26.15 -8.59
N GLN N 17 -18.25 -27.12 -9.50
CA GLN N 17 -19.11 -28.29 -9.48
C GLN N 17 -20.59 -27.93 -9.36
N TYR N 18 -21.02 -27.05 -10.25
CA TYR N 18 -22.39 -26.56 -10.28
C TYR N 18 -23.42 -27.68 -10.44
N GLN N 19 -23.03 -28.79 -11.05
CA GLN N 19 -23.95 -29.91 -11.26
C GLN N 19 -24.27 -30.63 -9.95
N LYS N 20 -23.53 -30.31 -8.89
CA LYS N 20 -23.75 -30.93 -7.59
C LYS N 20 -24.70 -30.12 -6.71
N PHE N 21 -25.04 -28.91 -7.14
CA PHE N 21 -25.95 -28.04 -6.40
C PHE N 21 -27.31 -28.69 -6.23
N VAL N 22 -27.99 -28.35 -5.14
CA VAL N 22 -29.43 -28.53 -5.10
C VAL N 22 -30.04 -27.38 -5.91
N VAL N 23 -30.71 -27.72 -7.01
CA VAL N 23 -31.41 -26.71 -7.79
C VAL N 23 -32.83 -26.60 -7.27
N ALA N 24 -33.07 -25.56 -6.47
CA ALA N 24 -34.29 -25.48 -5.68
C ALA N 24 -35.53 -25.40 -6.55
N ASP N 25 -35.42 -24.87 -7.77
CA ASP N 25 -36.63 -24.75 -8.58
C ASP N 25 -36.85 -25.90 -9.57
N ILE N 26 -36.23 -27.03 -9.29
CA ILE N 26 -36.61 -28.27 -9.97
C ILE N 26 -38.09 -28.56 -9.64
N GLY N 27 -38.52 -28.15 -8.46
CA GLY N 27 -39.92 -28.26 -8.09
C GLY N 27 -40.86 -27.46 -8.99
N ASN N 28 -40.40 -26.31 -9.46
CA ASN N 28 -41.19 -25.47 -10.37
C ASN N 28 -41.05 -25.90 -11.84
N PHE N 29 -39.85 -26.31 -12.22
CA PHE N 29 -39.58 -26.62 -13.62
C PHE N 29 -38.97 -28.00 -13.81
N PRO N 30 -39.72 -29.06 -13.45
CA PRO N 30 -39.19 -30.42 -13.56
C PRO N 30 -38.70 -30.77 -14.97
N HIS N 31 -39.32 -30.20 -16.00
CA HIS N 31 -38.97 -30.59 -17.37
C HIS N 31 -37.72 -29.89 -17.87
N CYS N 32 -37.12 -29.03 -17.05
CA CYS N 32 -35.89 -28.37 -17.45
C CYS N 32 -34.68 -29.22 -17.11
N LEU N 33 -34.90 -30.38 -16.52
CA LEU N 33 -33.79 -31.28 -16.26
C LEU N 33 -33.23 -31.76 -17.59
N ALA N 34 -31.93 -31.66 -17.76
CA ALA N 34 -31.28 -32.15 -18.97
C ALA N 34 -31.42 -33.66 -19.08
N GLN N 35 -31.43 -34.16 -20.31
CA GLN N 35 -31.49 -35.60 -20.56
C GLN N 35 -30.10 -36.21 -20.49
N THR N 36 -29.50 -36.13 -19.30
CA THR N 36 -28.14 -36.57 -19.08
C THR N 36 -28.09 -37.28 -17.74
N PRO N 37 -27.00 -38.03 -17.47
CA PRO N 37 -26.86 -38.64 -16.14
C PRO N 37 -26.83 -37.60 -15.02
N GLU N 38 -26.29 -36.42 -15.31
CA GLU N 38 -26.22 -35.33 -14.36
C GLU N 38 -27.59 -34.72 -14.08
N GLY N 39 -28.41 -34.60 -15.12
CA GLY N 39 -29.76 -34.13 -14.98
C GLY N 39 -30.60 -35.05 -14.11
N ILE N 40 -30.50 -36.36 -14.35
CA ILE N 40 -31.22 -37.33 -13.55
C ILE N 40 -30.78 -37.26 -12.09
N ALA N 41 -29.47 -37.15 -11.87
CA ALA N 41 -28.91 -37.08 -10.52
C ALA N 41 -29.36 -35.82 -9.76
N SER N 42 -29.45 -34.70 -10.47
CA SER N 42 -29.91 -33.46 -9.87
C SER N 42 -31.38 -33.55 -9.47
N GLY N 43 -32.17 -34.22 -10.31
CA GLY N 43 -33.58 -34.42 -10.02
C GLY N 43 -33.75 -35.16 -8.71
N GLN N 44 -32.99 -36.24 -8.55
CA GLN N 44 -33.03 -37.06 -7.35
C GLN N 44 -32.49 -36.28 -6.15
N ARG N 45 -31.48 -35.44 -6.36
CA ARG N 45 -30.89 -34.67 -5.27
C ARG N 45 -31.91 -33.67 -4.74
N TYR N 46 -32.69 -33.07 -5.65
CA TYR N 46 -33.75 -32.17 -5.24
C TYR N 46 -34.78 -32.88 -4.36
N GLN N 47 -35.14 -34.10 -4.75
CA GLN N 47 -36.13 -34.87 -4.01
C GLN N 47 -35.61 -35.25 -2.62
N LYS N 48 -34.33 -35.59 -2.53
CA LYS N 48 -33.71 -35.87 -1.24
C LYS N 48 -33.71 -34.63 -0.34
N TYR N 49 -33.40 -33.49 -0.94
CA TYR N 49 -33.36 -32.21 -0.25
C TYR N 49 -34.73 -31.82 0.30
N SER N 50 -35.73 -31.87 -0.58
CA SER N 50 -37.07 -31.41 -0.23
C SER N 50 -37.71 -32.24 0.88
N THR N 51 -37.35 -33.51 0.99
CA THR N 51 -37.92 -34.38 2.03
C THR N 51 -37.05 -34.40 3.28
N ASN N 52 -36.00 -33.58 3.29
CA ASN N 52 -35.15 -33.44 4.46
C ASN N 52 -35.50 -32.16 5.21
N SER N 53 -35.80 -32.29 6.50
CA SER N 53 -36.26 -31.17 7.31
C SER N 53 -35.24 -30.02 7.38
N LEU N 54 -33.96 -30.35 7.23
CA LEU N 54 -32.91 -29.34 7.31
C LEU N 54 -33.04 -28.33 6.16
N SER N 55 -33.70 -28.74 5.08
CA SER N 55 -33.88 -27.87 3.92
C SER N 55 -34.77 -26.68 4.26
N ARG N 56 -35.51 -26.81 5.35
CA ARG N 56 -36.40 -25.74 5.77
C ARG N 56 -35.82 -24.93 6.92
N THR N 57 -34.51 -25.05 7.12
CA THR N 57 -33.80 -24.24 8.11
C THR N 57 -32.83 -23.27 7.41
N PRO N 58 -32.50 -22.15 8.07
CA PRO N 58 -31.51 -21.22 7.51
C PRO N 58 -30.11 -21.85 7.43
N PRO N 59 -29.30 -21.46 6.43
CA PRO N 59 -29.66 -20.48 5.40
C PRO N 59 -30.37 -21.12 4.22
N PHE N 60 -30.55 -22.42 4.26
CA PHE N 60 -31.03 -23.17 3.10
C PHE N 60 -32.39 -22.68 2.63
N SER N 61 -33.29 -22.42 3.57
CA SER N 61 -34.64 -21.98 3.22
C SER N 61 -34.60 -20.68 2.43
N GLN N 62 -33.75 -19.76 2.86
CA GLN N 62 -33.58 -18.49 2.17
C GLN N 62 -32.84 -18.68 0.85
N TRP N 63 -31.93 -19.65 0.80
CA TRP N 63 -31.13 -19.91 -0.40
C TRP N 63 -31.98 -20.33 -1.60
N GLY N 64 -33.13 -20.93 -1.33
CA GLY N 64 -34.03 -21.37 -2.39
C GLY N 64 -35.04 -20.31 -2.77
N ALA N 65 -34.96 -19.15 -2.12
CA ALA N 65 -35.90 -18.07 -2.40
C ALA N 65 -35.30 -17.10 -3.41
N PRO N 66 -36.09 -16.73 -4.42
CA PRO N 66 -35.65 -15.80 -5.46
C PRO N 66 -35.28 -14.44 -4.88
N GLN N 67 -34.19 -13.84 -5.33
CA GLN N 67 -33.89 -12.47 -4.96
C GLN N 67 -34.19 -11.56 -6.13
N LEU N 68 -35.25 -10.77 -5.98
CA LEU N 68 -35.75 -9.88 -7.02
C LEU N 68 -34.69 -8.92 -7.55
N LEU N 69 -34.05 -8.19 -6.64
CA LEU N 69 -33.16 -7.11 -7.00
C LEU N 69 -31.76 -7.61 -7.35
N THR N 70 -31.31 -7.25 -8.55
CA THR N 70 -29.95 -7.55 -8.99
C THR N 70 -28.93 -6.70 -8.22
N PRO N 71 -27.91 -7.35 -7.64
CA PRO N 71 -26.82 -6.64 -6.93
C PRO N 71 -26.12 -5.65 -7.83
N LYS N 72 -25.77 -4.48 -7.30
CA LYS N 72 -25.21 -3.42 -8.14
C LYS N 72 -23.71 -3.20 -7.91
N SER N 73 -23.11 -3.97 -7.00
CA SER N 73 -21.69 -3.83 -6.75
C SER N 73 -20.96 -5.16 -6.86
N ALA N 74 -19.74 -5.12 -7.39
CA ALA N 74 -18.94 -6.32 -7.61
C ALA N 74 -18.74 -7.13 -6.33
N GLN N 75 -18.55 -6.46 -5.21
CA GLN N 75 -18.28 -7.14 -3.94
C GLN N 75 -19.46 -8.02 -3.50
N GLU N 76 -20.68 -7.61 -3.86
CA GLU N 76 -21.85 -8.40 -3.50
C GLU N 76 -21.88 -9.73 -4.23
N TYR N 77 -21.38 -9.75 -5.48
CA TYR N 77 -21.34 -10.99 -6.23
C TYR N 77 -20.27 -11.91 -5.67
N ILE N 78 -19.13 -11.35 -5.30
CA ILE N 78 -18.05 -12.11 -4.71
C ILE N 78 -18.49 -12.69 -3.38
N LYS N 79 -19.24 -11.88 -2.61
CA LYS N 79 -19.73 -12.34 -1.32
CA LYS N 79 -19.76 -12.31 -1.32
C LYS N 79 -20.79 -13.41 -1.51
N PHE N 80 -21.62 -13.27 -2.55
CA PHE N 80 -22.63 -14.28 -2.88
C PHE N 80 -21.98 -15.65 -3.13
N ALA N 81 -20.93 -15.68 -3.94
CA ALA N 81 -20.22 -16.93 -4.25
C ALA N 81 -19.55 -17.53 -3.01
N GLN N 82 -19.01 -16.67 -2.15
CA GLN N 82 -18.34 -17.14 -0.95
C GLN N 82 -19.33 -17.78 0.03
N GLN N 83 -20.48 -17.14 0.22
CA GLN N 83 -21.48 -17.63 1.16
CA GLN N 83 -21.49 -17.61 1.15
C GLN N 83 -22.14 -18.92 0.69
N ARG N 84 -22.43 -19.01 -0.61
CA ARG N 84 -23.08 -20.19 -1.16
C ARG N 84 -22.14 -21.40 -1.12
N ASN N 85 -20.84 -21.13 -1.00
CA ASN N 85 -19.83 -22.19 -0.93
C ASN N 85 -19.45 -22.61 0.49
N LYS N 86 -20.09 -22.01 1.49
CA LYS N 86 -19.85 -22.41 2.86
C LYS N 86 -20.36 -23.83 3.10
N LYS N 87 -19.49 -24.68 3.63
CA LYS N 87 -19.86 -26.06 3.92
C LYS N 87 -20.36 -26.20 5.34
N SER N 88 -21.48 -26.89 5.51
CA SER N 88 -22.08 -27.08 6.82
C SER N 88 -22.31 -28.56 7.11
N SER N 89 -23.11 -28.83 8.14
CA SER N 89 -23.40 -30.22 8.53
C SER N 89 -24.44 -30.88 7.63
N PHE N 90 -25.31 -30.08 7.01
CA PHE N 90 -26.33 -30.62 6.12
C PHE N 90 -25.67 -31.22 4.88
N LYS N 91 -25.63 -32.54 4.82
CA LYS N 91 -25.00 -33.21 3.70
C LYS N 91 -25.96 -34.12 2.97
N ILE N 92 -25.77 -34.23 1.66
CA ILE N 92 -26.49 -35.17 0.83
C ILE N 92 -25.47 -36.01 0.08
N ASP N 93 -25.53 -37.33 0.31
CA ASP N 93 -24.57 -38.28 -0.25
C ASP N 93 -23.13 -37.90 0.09
N GLY N 94 -22.91 -37.46 1.33
CA GLY N 94 -21.58 -37.16 1.82
C GLY N 94 -21.04 -35.81 1.42
N GLU N 95 -21.84 -35.03 0.70
CA GLU N 95 -21.40 -33.72 0.22
C GLU N 95 -22.23 -32.61 0.85
N ALA N 96 -21.57 -31.56 1.33
CA ALA N 96 -22.27 -30.40 1.89
C ALA N 96 -23.25 -29.85 0.87
N VAL N 97 -24.41 -29.42 1.36
CA VAL N 97 -25.49 -28.94 0.50
C VAL N 97 -25.32 -27.47 0.10
N ARG N 98 -25.34 -27.23 -1.20
CA ARG N 98 -25.39 -25.88 -1.73
C ARG N 98 -26.68 -25.75 -2.52
N VAL N 99 -27.28 -24.55 -2.48
CA VAL N 99 -28.61 -24.35 -3.02
C VAL N 99 -28.68 -23.08 -3.85
N SER N 100 -29.28 -23.16 -5.04
CA SER N 100 -29.67 -21.96 -5.76
C SER N 100 -30.77 -22.25 -6.75
N GLU N 101 -31.18 -21.21 -7.47
CA GLU N 101 -32.25 -21.24 -8.42
C GLU N 101 -32.08 -20.41 -9.67
N CYS N 102 -33.04 -20.47 -10.56
CA CYS N 102 -32.79 -19.86 -11.86
C CYS N 102 -32.61 -18.32 -11.86
N SER N 103 -33.02 -17.63 -10.79
CA SER N 103 -32.88 -16.17 -10.79
CA SER N 103 -32.89 -16.18 -10.77
C SER N 103 -31.55 -15.73 -10.19
N ASN N 104 -31.03 -16.48 -9.24
CA ASN N 104 -29.81 -16.02 -8.58
C ASN N 104 -28.55 -16.85 -8.86
N PHE N 105 -28.68 -17.99 -9.49
CA PHE N 105 -27.51 -18.83 -9.72
C PHE N 105 -26.44 -18.07 -10.50
N ALA N 106 -26.85 -17.24 -11.42
CA ALA N 106 -25.91 -16.44 -12.20
C ALA N 106 -25.00 -15.57 -11.33
N TYR N 107 -25.48 -15.18 -10.15
CA TYR N 107 -24.72 -14.28 -9.29
C TYR N 107 -23.46 -14.97 -8.77
N HIS N 108 -23.54 -16.29 -8.62
CA HIS N 108 -22.42 -17.06 -8.11
C HIS N 108 -21.25 -17.00 -9.09
N SER N 109 -21.54 -17.26 -10.35
CA SER N 109 -20.51 -17.23 -11.38
CA SER N 109 -20.54 -17.22 -11.41
C SER N 109 -19.98 -15.82 -11.61
N ALA N 110 -20.84 -14.82 -11.46
CA ALA N 110 -20.40 -13.43 -11.57
C ALA N 110 -19.33 -13.15 -10.52
N GLY N 111 -19.57 -13.61 -9.30
CA GLY N 111 -18.60 -13.50 -8.22
C GLY N 111 -17.30 -14.23 -8.52
N VAL N 112 -17.40 -15.49 -8.94
CA VAL N 112 -16.22 -16.27 -9.33
C VAL N 112 -15.35 -15.57 -10.38
N LEU N 113 -16.01 -15.01 -11.41
CA LEU N 113 -15.31 -14.32 -12.49
C LEU N 113 -14.71 -12.98 -12.07
N LEU N 114 -15.47 -12.21 -11.30
CA LEU N 114 -15.03 -10.89 -10.85
C LEU N 114 -13.86 -11.01 -9.87
N ASP N 115 -13.74 -12.15 -9.21
CA ASP N 115 -12.70 -12.34 -8.22
C ASP N 115 -11.35 -12.72 -8.86
N ASP N 116 -11.38 -12.93 -10.17
CA ASP N 116 -10.18 -13.34 -10.90
C ASP N 116 -9.52 -12.15 -11.59
N PRO N 117 -8.27 -11.85 -11.21
CA PRO N 117 -7.54 -10.71 -11.73
C PRO N 117 -7.27 -10.79 -13.23
N GLN N 118 -6.99 -11.99 -13.75
CA GLN N 118 -6.75 -12.20 -15.17
C GLN N 118 -8.02 -11.99 -15.99
N ILE N 119 -9.17 -12.37 -15.42
CA ILE N 119 -10.45 -12.21 -16.09
C ILE N 119 -10.84 -10.73 -16.18
N ARG N 120 -10.57 -9.98 -15.12
CA ARG N 120 -10.86 -8.55 -15.10
C ARG N 120 -10.17 -7.75 -16.19
N THR N 121 -8.93 -8.09 -16.49
CA THR N 121 -8.18 -7.35 -17.50
C THR N 121 -8.59 -7.75 -18.92
N GLN N 122 -9.21 -8.91 -19.07
CA GLN N 122 -9.63 -9.36 -20.40
C GLN N 122 -11.10 -9.11 -20.68
N TYR N 123 -11.94 -9.26 -19.66
CA TYR N 123 -13.38 -9.16 -19.86
C TYR N 123 -14.08 -8.21 -18.90
N ASP N 124 -15.14 -7.59 -19.38
CA ASP N 124 -16.12 -6.99 -18.50
C ASP N 124 -17.12 -8.09 -18.13
N VAL N 125 -17.71 -7.99 -16.94
CA VAL N 125 -18.69 -8.96 -16.49
C VAL N 125 -20.06 -8.31 -16.44
N ALA N 126 -21.08 -9.02 -16.90
CA ALA N 126 -22.44 -8.50 -16.85
C ALA N 126 -23.41 -9.58 -16.38
N VAL N 127 -24.52 -9.15 -15.78
CA VAL N 127 -25.59 -10.07 -15.41
C VAL N 127 -26.85 -9.60 -16.09
N ILE N 128 -27.48 -10.51 -16.83
CA ILE N 128 -28.63 -10.14 -17.64
C ILE N 128 -29.86 -10.96 -17.28
N GLY N 129 -31.03 -10.38 -17.51
CA GLY N 129 -32.27 -11.12 -17.40
C GLY N 129 -32.61 -11.61 -18.79
N SER N 130 -32.86 -12.91 -18.92
CA SER N 130 -33.14 -13.53 -20.21
C SER N 130 -34.45 -14.32 -20.13
N MSE N 131 -34.72 -15.13 -21.16
CA MSE N 131 -35.98 -15.88 -21.24
C MSE N 131 -37.19 -14.97 -20.99
O MSE N 131 -38.00 -15.19 -20.08
CB MSE N 131 -35.99 -17.07 -20.29
CG MSE N 131 -37.01 -18.13 -20.67
SE MSE N 131 -36.96 -19.67 -19.50
CE MSE N 131 -35.18 -20.34 -19.91
N HIS N 132 -37.29 -13.93 -21.80
CA HIS N 132 -38.32 -12.92 -21.70
C HIS N 132 -39.71 -13.50 -21.95
N SER N 133 -40.65 -13.14 -21.09
CA SER N 133 -42.05 -13.52 -21.26
C SER N 133 -42.94 -12.45 -20.65
N ASN N 134 -43.71 -11.76 -21.48
CA ASN N 134 -44.67 -10.76 -21.01
C ASN N 134 -44.04 -9.73 -20.08
N GLY N 135 -42.91 -9.17 -20.50
CA GLY N 135 -42.26 -8.11 -19.74
C GLY N 135 -41.42 -8.60 -18.57
N ARG N 136 -41.46 -9.90 -18.31
CA ARG N 136 -40.61 -10.48 -17.28
C ARG N 136 -39.45 -11.24 -17.91
N TYR N 137 -38.32 -11.26 -17.22
CA TYR N 137 -37.17 -12.04 -17.67
C TYR N 137 -36.92 -13.15 -16.65
N LEU N 138 -37.29 -14.36 -17.02
CA LEU N 138 -37.42 -15.46 -16.06
C LEU N 138 -36.11 -16.18 -15.74
N HIS N 139 -35.03 -15.82 -16.42
CA HIS N 139 -33.77 -16.57 -16.30
C HIS N 139 -32.57 -15.64 -16.34
N ASN N 140 -31.83 -15.59 -15.24
CA ASN N 140 -30.66 -14.71 -15.17
C ASN N 140 -29.39 -15.43 -15.60
N ILE N 141 -28.57 -14.71 -16.38
CA ILE N 141 -27.38 -15.26 -16.98
C ILE N 141 -26.21 -14.30 -16.83
N THR N 142 -25.01 -14.83 -16.68
CA THR N 142 -23.83 -13.99 -16.60
C THR N 142 -23.10 -13.93 -17.94
N LEU N 143 -22.67 -12.72 -18.31
CA LEU N 143 -21.93 -12.52 -19.56
C LEU N 143 -20.48 -12.12 -19.31
N LEU N 144 -19.59 -12.62 -20.15
CA LEU N 144 -18.22 -12.15 -20.24
C LEU N 144 -18.09 -11.38 -21.55
N VAL N 145 -17.91 -10.07 -21.44
CA VAL N 145 -17.86 -9.22 -22.63
C VAL N 145 -16.45 -8.66 -22.82
N PRO N 146 -15.88 -8.83 -24.03
CA PRO N 146 -14.53 -8.32 -24.26
C PRO N 146 -14.48 -6.82 -24.09
N LYS N 147 -13.36 -6.42 -23.51
CA LYS N 147 -13.16 -5.05 -23.15
C LYS N 147 -13.27 -4.25 -24.38
N GLY N 148 -13.85 -3.10 -24.14
CA GLY N 148 -14.27 -2.16 -25.12
C GLY N 148 -15.75 -2.24 -25.40
N SER N 149 -16.26 -3.42 -25.64
CA SER N 149 -17.60 -3.57 -26.16
C SER N 149 -18.68 -3.16 -25.16
N ARG N 150 -19.64 -2.39 -25.59
CA ARG N 150 -20.67 -1.88 -24.69
C ARG N 150 -21.96 -2.69 -24.74
N LEU N 151 -22.76 -2.54 -23.69
CA LEU N 151 -24.06 -3.20 -23.60
C LEU N 151 -25.13 -2.17 -23.28
N PRO N 152 -26.32 -2.33 -23.86
CA PRO N 152 -27.46 -1.43 -23.64
C PRO N 152 -27.93 -1.43 -22.18
N GLN N 153 -28.32 -0.27 -21.67
CA GLN N 153 -28.90 -0.18 -20.34
C GLN N 153 -30.43 -0.15 -20.47
N PRO N 154 -31.14 -0.71 -19.47
CA PRO N 154 -32.61 -0.67 -19.45
C PRO N 154 -33.15 0.76 -19.53
N PRO N 155 -34.35 0.94 -20.10
CA PRO N 155 -35.23 -0.10 -20.63
C PRO N 155 -34.88 -0.61 -22.03
N GLN N 156 -33.73 -0.23 -22.56
CA GLN N 156 -33.27 -0.78 -23.83
C GLN N 156 -32.91 -2.25 -23.69
N GLN N 157 -33.15 -3.04 -24.74
CA GLN N 157 -32.96 -4.48 -24.66
C GLN N 157 -31.67 -4.94 -25.32
N LEU N 158 -31.11 -6.03 -24.80
CA LEU N 158 -29.98 -6.69 -25.44
C LEU N 158 -30.52 -7.68 -26.46
N THR N 159 -30.12 -7.50 -27.71
CA THR N 159 -30.56 -8.36 -28.79
C THR N 159 -29.35 -8.86 -29.59
N ALA N 160 -29.59 -9.79 -30.49
CA ALA N 160 -28.53 -10.33 -31.35
C ALA N 160 -27.84 -9.23 -32.14
N GLU N 161 -28.59 -8.20 -32.53
CA GLU N 161 -28.05 -7.11 -33.34
C GLU N 161 -27.00 -6.31 -32.59
N VAL N 162 -27.13 -6.25 -31.27
CA VAL N 162 -26.21 -5.46 -30.46
C VAL N 162 -25.37 -6.35 -29.56
N PHE N 163 -25.35 -7.65 -29.86
CA PHE N 163 -24.59 -8.60 -29.06
C PHE N 163 -23.13 -8.60 -29.52
N PRO N 164 -22.21 -8.23 -28.62
CA PRO N 164 -20.80 -8.10 -29.00
C PRO N 164 -20.15 -9.42 -29.38
N ILE N 165 -19.40 -9.43 -30.48
CA ILE N 165 -18.65 -10.61 -30.88
C ILE N 165 -17.64 -10.99 -29.78
N GLY N 166 -17.50 -12.29 -29.54
CA GLY N 166 -16.56 -12.75 -28.53
C GLY N 166 -17.15 -12.81 -27.13
N THR N 167 -18.40 -12.40 -26.98
CA THR N 167 -19.09 -12.50 -25.69
C THR N 167 -19.28 -13.96 -25.32
N LEU N 168 -19.01 -14.27 -24.06
CA LEU N 168 -19.19 -15.63 -23.55
C LEU N 168 -20.39 -15.72 -22.61
N ILE N 169 -21.12 -16.82 -22.71
CA ILE N 169 -22.26 -17.08 -21.84
C ILE N 169 -21.86 -17.93 -20.64
N VAL N 170 -22.29 -17.54 -19.45
CA VAL N 170 -22.07 -18.37 -18.27
C VAL N 170 -23.40 -18.62 -17.55
N ASP N 171 -23.85 -19.87 -17.60
CA ASP N 171 -25.16 -20.23 -17.04
C ASP N 171 -25.07 -21.46 -16.14
N PRO N 172 -24.72 -21.24 -14.86
CA PRO N 172 -24.54 -22.33 -13.90
C PRO N 172 -25.85 -23.06 -13.60
N TRP N 173 -27.00 -22.39 -13.73
CA TRP N 173 -28.28 -23.05 -13.53
C TRP N 173 -28.45 -24.19 -14.53
N ALA N 174 -28.05 -23.95 -15.77
CA ALA N 174 -28.09 -24.96 -16.81
C ALA N 174 -27.25 -26.17 -16.40
N VAL N 175 -26.08 -25.89 -15.80
CA VAL N 175 -25.19 -26.95 -15.33
C VAL N 175 -25.81 -27.69 -14.15
N GLY N 176 -26.42 -26.94 -13.23
CA GLY N 176 -27.16 -27.54 -12.13
C GLY N 176 -28.23 -28.49 -12.65
N MSE N 177 -28.89 -28.11 -13.74
CA MSE N 177 -29.97 -28.90 -14.33
C MSE N 177 -29.44 -30.10 -15.15
O MSE N 177 -30.21 -30.92 -15.62
CB MSE N 177 -30.83 -28.01 -15.24
CG MSE N 177 -31.74 -27.03 -14.51
SE MSE N 177 -33.04 -28.01 -13.38
CE MSE N 177 -34.34 -26.60 -13.02
N GLY N 178 -28.12 -30.16 -15.35
CA GLY N 178 -27.51 -31.32 -15.96
C GLY N 178 -26.83 -31.15 -17.31
N HIS N 179 -26.85 -29.94 -17.87
CA HIS N 179 -26.16 -29.67 -19.12
C HIS N 179 -24.66 -29.64 -18.87
N PRO N 180 -23.87 -30.14 -19.84
CA PRO N 180 -22.41 -30.14 -19.69
C PRO N 180 -21.82 -28.74 -19.86
N PRO N 181 -20.62 -28.50 -19.30
CA PRO N 181 -19.91 -27.23 -19.40
C PRO N 181 -19.83 -26.69 -20.83
N GLU N 182 -19.69 -27.57 -21.81
CA GLU N 182 -19.58 -27.14 -23.20
C GLU N 182 -20.85 -26.46 -23.69
N GLN N 183 -21.95 -26.62 -22.96
CA GLN N 183 -23.22 -26.01 -23.35
C GLN N 183 -23.66 -24.89 -22.43
N ALA N 184 -22.81 -24.49 -21.49
CA ALA N 184 -23.27 -23.57 -20.44
C ALA N 184 -22.21 -22.68 -19.78
N LEU N 185 -20.94 -23.11 -19.75
CA LEU N 185 -19.91 -22.38 -19.00
C LEU N 185 -18.86 -21.74 -19.92
N ALA N 186 -18.96 -20.41 -20.07
CA ALA N 186 -18.00 -19.61 -20.82
C ALA N 186 -17.93 -20.01 -22.29
N ILE N 187 -19.09 -19.99 -22.96
CA ILE N 187 -19.19 -20.43 -24.35
C ILE N 187 -19.97 -19.41 -25.18
N PRO N 188 -19.74 -19.40 -26.50
CA PRO N 188 -20.51 -18.51 -27.38
C PRO N 188 -21.98 -18.94 -27.44
N LYS N 189 -22.84 -18.00 -27.81
CA LYS N 189 -24.27 -18.25 -27.84
C LYS N 189 -24.65 -19.44 -28.73
N GLU N 190 -23.89 -19.67 -29.79
CA GLU N 190 -24.16 -20.79 -30.70
C GLU N 190 -24.10 -22.14 -30.00
N GLN N 191 -23.29 -22.26 -28.97
CA GLN N 191 -23.18 -23.48 -28.26
C GLN N 191 -24.06 -23.51 -26.99
N PHE N 192 -24.74 -22.43 -26.70
CA PHE N 192 -25.49 -22.28 -25.46
C PHE N 192 -26.80 -23.08 -25.41
N ALA N 193 -26.96 -23.87 -24.35
CA ALA N 193 -28.16 -24.69 -24.14
C ALA N 193 -29.46 -23.89 -24.26
N TYR N 194 -29.46 -22.65 -23.80
CA TYR N 194 -30.68 -21.86 -23.86
C TYR N 194 -30.57 -20.72 -24.87
N ASN N 195 -29.91 -20.99 -25.99
CA ASN N 195 -29.76 -20.01 -27.05
C ASN N 195 -31.12 -19.59 -27.59
N ARG N 196 -32.06 -20.53 -27.65
CA ARG N 196 -33.38 -20.28 -28.22
C ARG N 196 -34.23 -19.34 -27.37
N SER N 197 -33.79 -19.04 -26.16
CA SER N 197 -34.50 -18.08 -25.31
C SER N 197 -33.60 -16.93 -24.87
N LEU N 198 -32.44 -16.81 -25.50
CA LEU N 198 -31.44 -15.86 -25.05
C LEU N 198 -31.90 -14.41 -25.22
N PHE N 199 -32.42 -14.09 -26.41
CA PHE N 199 -32.88 -12.74 -26.72
C PHE N 199 -34.40 -12.70 -26.85
N PRO N 200 -35.02 -11.59 -26.44
CA PRO N 200 -34.41 -10.36 -25.92
C PRO N 200 -34.01 -10.47 -24.45
N ALA N 201 -33.03 -9.68 -24.03
CA ALA N 201 -32.56 -9.68 -22.65
C ALA N 201 -32.43 -8.27 -22.10
N THR N 202 -32.34 -8.17 -20.78
CA THR N 202 -32.12 -6.88 -20.15
C THR N 202 -30.84 -6.95 -19.32
N VAL N 203 -30.03 -5.89 -19.36
CA VAL N 203 -28.76 -5.91 -18.65
C VAL N 203 -28.92 -5.25 -17.29
N ASN N 204 -28.92 -6.04 -16.23
CA ASN N 204 -29.17 -5.52 -14.90
C ASN N 204 -27.92 -5.13 -14.14
N TYR N 205 -26.77 -5.59 -14.60
CA TYR N 205 -25.49 -5.20 -14.00
C TYR N 205 -24.37 -5.25 -15.01
N GLN N 206 -23.52 -4.22 -14.99
CA GLN N 206 -22.30 -4.20 -15.79
C GLN N 206 -21.12 -3.77 -14.93
N SER N 207 -20.09 -4.61 -14.86
CA SER N 207 -18.89 -4.25 -14.09
C SER N 207 -18.21 -3.06 -14.75
N ALA N 208 -18.41 -2.93 -16.06
CA ALA N 208 -17.86 -1.83 -16.82
C ALA N 208 -18.41 -0.49 -16.35
N LEU N 209 -19.59 -0.52 -15.72
CA LEU N 209 -20.21 0.69 -15.23
C LEU N 209 -20.20 0.76 -13.70
N ASP N 210 -19.57 -0.22 -13.07
CA ASP N 210 -19.50 -0.32 -11.62
C ASP N 210 -18.27 0.38 -11.08
N GLU N 211 -18.46 1.55 -10.48
CA GLU N 211 -17.35 2.38 -10.02
C GLU N 211 -16.65 1.83 -8.78
N SER N 212 -17.26 0.82 -8.14
CA SER N 212 -16.66 0.19 -6.97
C SER N 212 -15.70 -0.92 -7.38
N LEU N 213 -15.61 -1.20 -8.67
CA LEU N 213 -14.81 -2.32 -9.13
C LEU N 213 -13.34 -2.15 -8.75
N THR N 214 -12.82 -0.95 -8.93
CA THR N 214 -11.41 -0.70 -8.69
C THR N 214 -11.01 -0.86 -7.22
N SER N 215 -11.99 -0.75 -6.31
CA SER N 215 -11.70 -0.93 -4.90
C SER N 215 -12.12 -2.32 -4.42
N THR N 216 -12.44 -3.21 -5.35
CA THR N 216 -12.86 -4.55 -4.97
C THR N 216 -11.72 -5.55 -5.12
N ARG N 217 -11.34 -6.16 -4.01
CA ARG N 217 -10.22 -7.11 -3.98
C ARG N 217 -10.46 -8.32 -4.88
N THR N 218 -9.38 -8.85 -5.45
CA THR N 218 -9.44 -10.12 -6.16
C THR N 218 -8.83 -11.22 -5.31
N GLY N 219 -9.11 -12.47 -5.65
CA GLY N 219 -8.52 -13.58 -4.95
C GLY N 219 -9.15 -13.82 -3.60
N GLN N 220 -10.36 -13.28 -3.40
CA GLN N 220 -11.11 -13.49 -2.17
C GLN N 220 -11.68 -14.91 -2.11
N LEU N 221 -11.75 -15.56 -3.26
CA LEU N 221 -12.40 -16.86 -3.37
C LEU N 221 -11.41 -17.97 -3.61
N THR N 222 -11.75 -19.17 -3.16
CA THR N 222 -10.97 -20.34 -3.52
C THR N 222 -11.86 -21.30 -4.29
N PRO N 223 -11.29 -21.98 -5.30
CA PRO N 223 -12.04 -22.96 -6.08
C PRO N 223 -12.64 -24.03 -5.17
N TYR N 224 -13.92 -24.31 -5.37
CA TYR N 224 -14.64 -25.24 -4.49
C TYR N 224 -13.98 -26.61 -4.47
N THR N 225 -13.48 -27.04 -5.63
CA THR N 225 -12.72 -28.27 -5.72
C THR N 225 -11.44 -28.02 -6.51
N GLY N 226 -10.49 -28.96 -6.44
CA GLY N 226 -9.24 -28.81 -7.14
C GLY N 226 -9.38 -29.00 -8.64
N GLY O 1 42.47 -8.34 46.88
CA GLY O 1 42.30 -6.90 46.77
C GLY O 1 40.86 -6.51 46.47
N MET O 2 40.66 -5.89 45.31
CA MET O 2 39.33 -5.50 44.86
C MET O 2 38.64 -6.59 44.04
N VAL O 3 39.44 -7.43 43.38
CA VAL O 3 38.87 -8.43 42.50
C VAL O 3 39.24 -9.86 42.93
N LEU O 4 40.49 -10.07 43.32
CA LEU O 4 40.95 -11.42 43.65
C LEU O 4 40.30 -11.95 44.92
N THR O 5 39.66 -13.12 44.82
CA THR O 5 39.00 -13.71 45.97
C THR O 5 39.69 -14.99 46.41
N LEU O 6 39.32 -15.49 47.58
CA LEU O 6 39.83 -16.76 48.07
C LEU O 6 39.38 -17.90 47.16
N SER O 7 38.19 -17.77 46.59
N SER O 7 38.19 -17.76 46.60
CA SER O 7 37.66 -18.80 45.71
CA SER O 7 37.63 -18.77 45.70
C SER O 7 38.43 -18.86 44.39
C SER O 7 38.43 -18.85 44.41
N ASP O 8 38.84 -17.70 43.90
CA ASP O 8 39.69 -17.63 42.70
C ASP O 8 40.98 -18.42 42.91
N LEU O 9 41.58 -18.22 44.08
CA LEU O 9 42.86 -18.82 44.40
C LEU O 9 42.76 -20.35 44.52
N GLU O 10 41.75 -20.83 45.24
CA GLU O 10 41.54 -22.27 45.37
C GLU O 10 41.27 -22.93 44.03
N LYS O 11 40.53 -22.24 43.18
CA LYS O 11 40.19 -22.73 41.85
C LYS O 11 41.39 -22.73 40.90
N GLY O 12 42.30 -21.78 41.09
CA GLY O 12 43.45 -21.67 40.21
C GLY O 12 44.62 -22.54 40.65
N TYR O 13 44.49 -23.12 41.84
CA TYR O 13 45.55 -23.91 42.44
C TYR O 13 45.51 -25.36 41.97
N ASP O 14 46.43 -25.71 41.07
CA ASP O 14 46.60 -27.09 40.63
C ASP O 14 47.56 -27.81 41.57
N LYS O 15 47.02 -28.65 42.46
CA LYS O 15 47.83 -29.31 43.46
C LYS O 15 48.71 -30.40 42.87
N ASN O 16 48.29 -30.96 41.73
CA ASN O 16 49.09 -32.00 41.08
CA ASN O 16 49.08 -31.99 41.06
C ASN O 16 50.37 -31.43 40.47
N LEU O 17 50.28 -30.23 39.90
CA LEU O 17 51.43 -29.61 39.27
C LEU O 17 52.07 -28.53 40.16
N ASN O 18 51.45 -28.28 41.32
CA ASN O 18 51.86 -27.17 42.18
C ASN O 18 51.98 -25.87 41.39
N GLN O 19 50.92 -25.55 40.66
CA GLN O 19 50.91 -24.34 39.84
C GLN O 19 49.66 -23.53 40.15
N LEU O 20 49.78 -22.22 40.07
CA LEU O 20 48.63 -21.35 40.29
C LEU O 20 48.35 -20.55 39.03
N SER O 21 47.15 -20.71 38.47
CA SER O 21 46.77 -19.98 37.27
C SER O 21 45.63 -19.01 37.55
N LEU O 22 45.82 -17.74 37.20
CA LEU O 22 44.85 -16.70 37.53
C LEU O 22 44.58 -15.77 36.35
N SER O 23 44.65 -16.32 35.14
CA SER O 23 44.52 -15.50 33.94
C SER O 23 43.09 -15.02 33.71
N PHE O 24 42.96 -13.89 33.01
CA PHE O 24 41.67 -13.34 32.62
C PHE O 24 40.75 -13.07 33.80
N LEU O 25 41.30 -12.58 34.90
CA LEU O 25 40.48 -12.25 36.07
C LEU O 25 40.40 -10.74 36.29
N ASN O 26 41.00 -9.98 35.38
CA ASN O 26 41.12 -8.52 35.49
C ASN O 26 41.79 -8.09 36.79
N LEU O 27 42.80 -8.85 37.22
CA LEU O 27 43.53 -8.53 38.43
C LEU O 27 44.25 -7.20 38.27
N ARG O 28 44.31 -6.43 39.34
CA ARG O 28 45.06 -5.18 39.33
C ARG O 28 46.14 -5.22 40.40
N ASP O 29 46.89 -4.14 40.50
CA ASP O 29 48.02 -4.05 41.42
C ASP O 29 47.61 -4.31 42.87
N ASN O 30 46.42 -3.85 43.25
CA ASN O 30 45.98 -3.98 44.63
CA ASN O 30 45.98 -3.98 44.63
C ASN O 30 45.59 -5.41 45.01
N ASP O 31 45.51 -6.29 44.02
CA ASP O 31 45.22 -7.69 44.30
C ASP O 31 46.49 -8.48 44.61
N ILE O 32 47.65 -7.91 44.31
CA ILE O 32 48.91 -8.63 44.45
C ILE O 32 49.29 -9.01 45.88
N PRO O 33 49.08 -8.11 46.88
CA PRO O 33 49.41 -8.56 48.24
C PRO O 33 48.66 -9.82 48.70
N LEU O 34 47.39 -9.95 48.33
CA LEU O 34 46.63 -11.14 48.73
C LEU O 34 47.20 -12.36 48.04
N LEU O 35 47.61 -12.18 46.79
CA LEU O 35 48.26 -13.23 46.04
C LEU O 35 49.51 -13.72 46.75
N CYS O 36 50.40 -12.80 47.11
CA CYS O 36 51.67 -13.14 47.74
C CYS O 36 51.44 -13.82 49.08
N GLU O 37 50.40 -13.39 49.77
CA GLU O 37 50.04 -14.01 51.04
C GLU O 37 49.63 -15.46 50.82
N PHE O 38 48.87 -15.71 49.76
CA PHE O 38 48.46 -17.07 49.44
C PHE O 38 49.66 -17.93 49.06
N LEU O 39 50.53 -17.40 48.20
CA LEU O 39 51.71 -18.13 47.76
C LEU O 39 52.61 -18.46 48.95
N GLN O 40 52.75 -17.52 49.88
CA GLN O 40 53.58 -17.72 51.06
C GLN O 40 53.02 -18.84 51.94
N ASN O 41 51.71 -19.04 51.89
CA ASN O 41 51.08 -20.15 52.61
C ASN O 41 51.26 -21.46 51.88
N HIS O 42 51.64 -21.39 50.61
CA HIS O 42 51.81 -22.59 49.78
C HIS O 42 53.14 -22.56 49.02
N PRO O 43 54.26 -22.70 49.76
CA PRO O 43 55.60 -22.55 49.20
C PRO O 43 55.91 -23.55 48.09
N ALA O 44 55.18 -24.66 48.05
CA ALA O 44 55.38 -25.65 46.99
C ALA O 44 55.00 -25.07 45.62
N ILE O 45 54.19 -24.02 45.62
CA ILE O 45 53.82 -23.37 44.37
C ILE O 45 54.98 -22.53 43.84
N THR O 46 55.72 -23.07 42.88
CA THR O 46 56.89 -22.38 42.34
C THR O 46 56.64 -21.94 40.89
N SER O 47 55.42 -22.16 40.41
CA SER O 47 55.06 -21.80 39.05
C SER O 47 53.77 -20.99 39.06
N LEU O 48 53.78 -19.81 38.44
CA LEU O 48 52.66 -18.87 38.51
C LEU O 48 52.26 -18.30 37.16
N ASP O 49 50.96 -18.29 36.88
CA ASP O 49 50.40 -17.73 35.66
C ASP O 49 49.47 -16.57 35.99
N LEU O 50 49.92 -15.35 35.69
CA LEU O 50 49.12 -14.15 35.90
C LEU O 50 48.81 -13.45 34.56
N SER O 51 48.92 -14.20 33.47
CA SER O 51 48.77 -13.62 32.14
C SER O 51 47.35 -13.08 31.91
N HIS O 52 47.24 -12.09 31.01
CA HIS O 52 45.95 -11.50 30.63
C HIS O 52 45.22 -10.88 31.81
N ASN O 53 45.87 -9.91 32.46
CA ASN O 53 45.25 -9.13 33.52
C ASN O 53 45.59 -7.66 33.34
N ASP O 54 45.41 -6.86 34.40
CA ASP O 54 45.67 -5.42 34.32
C ASP O 54 46.77 -4.98 35.28
N ILE O 55 47.79 -5.81 35.45
CA ILE O 55 48.86 -5.51 36.40
C ILE O 55 49.84 -4.50 35.80
N THR O 56 50.21 -3.49 36.58
CA THR O 56 51.23 -2.53 36.14
C THR O 56 52.52 -2.74 36.91
N ALA O 57 53.52 -1.91 36.65
CA ALA O 57 54.79 -1.96 37.37
C ALA O 57 54.60 -1.80 38.86
N ASN O 58 53.53 -1.10 39.27
CA ASN O 58 53.22 -0.93 40.68
C ASN O 58 52.64 -2.18 41.33
N GLY O 59 52.27 -3.16 40.52
CA GLY O 59 51.84 -4.45 41.03
C GLY O 59 53.03 -5.38 41.09
N VAL O 60 53.88 -5.30 40.08
CA VAL O 60 55.10 -6.09 40.02
C VAL O 60 56.00 -5.80 41.23
N LYS O 61 56.08 -4.53 41.62
CA LYS O 61 56.87 -4.16 42.79
C LYS O 61 56.39 -4.88 44.06
N LEU O 62 55.08 -5.09 44.14
CA LEU O 62 54.47 -5.74 45.30
C LEU O 62 54.65 -7.27 45.25
N PHE O 63 55.20 -7.77 44.14
CA PHE O 63 55.38 -9.21 43.97
C PHE O 63 56.83 -9.63 44.11
N VAL O 64 57.73 -8.84 43.53
CA VAL O 64 59.13 -9.21 43.41
C VAL O 64 59.78 -9.48 44.76
N ASN O 65 60.42 -10.64 44.86
CA ASN O 65 61.13 -11.08 46.06
C ASN O 65 60.22 -11.22 47.27
N LYS O 66 59.01 -11.71 47.04
CA LYS O 66 58.07 -11.98 48.11
C LYS O 66 57.76 -13.47 48.21
N THR O 67 58.00 -14.21 47.12
CA THR O 67 57.66 -15.63 47.06
C THR O 67 58.81 -16.48 46.53
N SER O 68 58.58 -17.78 46.44
CA SER O 68 59.58 -18.70 45.90
C SER O 68 59.30 -19.08 44.44
N VAL O 69 58.37 -18.38 43.80
CA VAL O 69 58.04 -18.64 42.42
C VAL O 69 59.28 -18.48 41.54
N SER O 70 59.62 -19.52 40.77
CA SER O 70 60.78 -19.45 39.88
C SER O 70 60.34 -19.44 38.41
N SER O 71 59.06 -19.72 38.18
CA SER O 71 58.53 -19.67 36.83
C SER O 71 57.29 -18.78 36.82
N LEU O 72 57.41 -17.64 36.14
CA LEU O 72 56.35 -16.64 36.14
C LEU O 72 55.89 -16.29 34.73
N ASN O 73 54.58 -16.39 34.50
CA ASN O 73 53.98 -15.90 33.28
C ASN O 73 53.12 -14.68 33.60
N ILE O 74 53.60 -13.52 33.19
CA ILE O 74 52.87 -12.27 33.45
C ILE O 74 52.64 -11.56 32.12
N SER O 75 52.57 -12.34 31.05
CA SER O 75 52.29 -11.80 29.73
C SER O 75 50.90 -11.14 29.65
N HIS O 76 50.74 -10.24 28.68
CA HIS O 76 49.45 -9.59 28.45
C HIS O 76 48.97 -8.87 29.70
N ASN O 77 49.87 -8.08 30.28
CA ASN O 77 49.53 -7.15 31.33
C ASN O 77 50.01 -5.78 30.88
N ASN O 78 50.34 -4.91 31.82
CA ASN O 78 50.75 -3.55 31.50
C ASN O 78 51.95 -3.08 32.33
N ILE O 79 52.95 -3.93 32.49
CA ILE O 79 54.00 -3.65 33.47
C ILE O 79 55.05 -2.68 32.92
N GLY O 80 55.15 -2.58 31.61
CA GLY O 80 56.05 -1.63 30.99
C GLY O 80 57.52 -1.81 31.31
N PRO O 81 58.35 -0.81 30.94
CA PRO O 81 59.79 -0.85 31.16
C PRO O 81 60.12 -0.98 32.64
N GLU O 82 59.37 -0.28 33.48
CA GLU O 82 59.61 -0.29 34.92
C GLU O 82 59.32 -1.65 35.53
N GLY O 83 58.25 -2.30 35.07
CA GLY O 83 57.90 -3.61 35.57
C GLY O 83 59.01 -4.59 35.28
N ALA O 84 59.59 -4.48 34.09
CA ALA O 84 60.68 -5.35 33.67
C ALA O 84 61.90 -5.06 34.52
N GLN O 85 62.20 -3.77 34.71
CA GLN O 85 63.28 -3.36 35.58
C GLN O 85 63.09 -3.98 36.97
N TRP O 86 61.87 -3.92 37.52
CA TRP O 86 61.66 -4.47 38.87
C TRP O 86 61.88 -5.98 38.86
N LEU O 87 61.38 -6.67 37.84
CA LEU O 87 61.50 -8.12 37.77
C LEU O 87 62.96 -8.58 37.64
N SER O 88 63.77 -7.75 36.99
CA SER O 88 65.18 -8.09 36.75
C SER O 88 65.95 -8.31 38.05
N GLU O 89 65.38 -7.87 39.17
CA GLU O 89 66.06 -8.01 40.45
C GLU O 89 65.50 -9.16 41.31
N ASP O 90 64.58 -9.93 40.76
CA ASP O 90 64.00 -11.03 41.53
C ASP O 90 64.97 -12.18 41.65
N ASN O 91 65.14 -12.69 42.87
CA ASN O 91 66.18 -13.67 43.14
C ASN O 91 65.74 -15.13 42.98
N HIS O 92 64.50 -15.35 42.54
CA HIS O 92 64.04 -16.73 42.32
C HIS O 92 63.69 -17.05 40.86
N ILE O 93 63.21 -16.06 40.12
CA ILE O 93 62.71 -16.33 38.77
C ILE O 93 63.83 -16.72 37.80
N THR O 94 63.64 -17.84 37.12
CA THR O 94 64.61 -18.35 36.14
C THR O 94 63.95 -18.54 34.77
N THR O 95 62.61 -18.69 34.78
CA THR O 95 61.82 -18.71 33.56
C THR O 95 60.76 -17.61 33.62
N LEU O 96 60.77 -16.73 32.63
CA LEU O 96 59.94 -15.55 32.66
C LEU O 96 59.25 -15.26 31.33
N ASP O 97 57.95 -15.00 31.40
CA ASP O 97 57.18 -14.55 30.24
C ASP O 97 56.65 -13.15 30.51
N VAL O 98 57.19 -12.17 29.80
CA VAL O 98 56.72 -10.79 29.88
C VAL O 98 56.22 -10.29 28.52
N SER O 99 55.77 -11.23 27.70
CA SER O 99 55.24 -10.91 26.37
C SER O 99 54.06 -9.94 26.45
N PHE O 100 53.96 -9.03 25.49
CA PHE O 100 52.82 -8.12 25.42
C PHE O 100 52.67 -7.28 26.67
N ASN O 101 53.72 -6.53 27.00
CA ASN O 101 53.72 -5.66 28.17
C ASN O 101 54.35 -4.30 27.89
N GLU O 102 54.66 -4.05 26.61
CA GLU O 102 55.35 -2.83 26.19
C GLU O 102 56.62 -2.54 26.98
N ILE O 103 57.43 -3.56 27.24
CA ILE O 103 58.60 -3.33 28.09
C ILE O 103 59.72 -2.59 27.37
N GLY O 104 59.66 -2.58 26.05
CA GLY O 104 60.63 -1.85 25.24
C GLY O 104 62.10 -2.23 25.41
N ASP O 105 62.99 -1.47 24.76
CA ASP O 105 64.43 -1.71 24.84
C ASP O 105 64.96 -1.51 26.27
N GLU O 106 64.38 -0.55 26.99
CA GLU O 106 64.82 -0.27 28.36
C GLU O 106 64.48 -1.42 29.30
N GLY O 107 63.33 -2.05 29.07
CA GLY O 107 62.92 -3.19 29.86
C GLY O 107 63.81 -4.40 29.70
N VAL O 108 64.16 -4.74 28.46
CA VAL O 108 65.01 -5.91 28.26
C VAL O 108 66.45 -5.60 28.63
N LYS O 109 66.83 -4.32 28.62
CA LYS O 109 68.15 -3.94 29.07
C LYS O 109 68.35 -4.42 30.51
N ALA O 110 67.33 -4.21 31.34
CA ALA O 110 67.38 -4.70 32.72
C ALA O 110 67.37 -6.23 32.78
N LEU O 111 66.41 -6.86 32.10
CA LEU O 111 66.29 -8.31 32.12
C LEU O 111 67.52 -9.02 31.57
N ALA O 112 68.17 -8.43 30.57
CA ALA O 112 69.38 -9.01 29.99
C ALA O 112 70.51 -9.08 31.00
N ALA O 113 70.50 -8.15 31.96
CA ALA O 113 71.55 -8.07 32.97
C ALA O 113 71.32 -9.03 34.13
N ASN O 114 70.15 -9.67 34.15
CA ASN O 114 69.80 -10.61 35.20
C ASN O 114 70.36 -12.00 34.90
N ALA O 115 71.49 -12.33 35.52
CA ALA O 115 72.18 -13.58 35.26
C ALA O 115 71.41 -14.79 35.78
N LYS O 116 70.35 -14.53 36.56
CA LYS O 116 69.53 -15.60 37.08
C LYS O 116 68.64 -16.21 35.98
N LEU O 117 68.31 -15.40 34.99
CA LEU O 117 67.37 -15.80 33.94
C LEU O 117 67.94 -16.81 32.97
N ILE O 118 67.18 -17.88 32.75
CA ILE O 118 67.55 -18.92 31.80
C ILE O 118 66.68 -18.84 30.54
N THR O 119 65.39 -18.60 30.76
CA THR O 119 64.41 -18.59 29.68
C THR O 119 63.57 -17.33 29.75
N LEU O 120 63.51 -16.60 28.64
CA LEU O 120 62.76 -15.37 28.55
C LEU O 120 61.82 -15.37 27.35
N TYR O 121 60.53 -15.24 27.61
CA TYR O 121 59.55 -15.02 26.56
C TYR O 121 59.18 -13.55 26.56
N ALA O 122 59.42 -12.85 25.46
CA ALA O 122 59.14 -11.41 25.41
C ALA O 122 58.56 -10.99 24.07
N LEU O 123 57.61 -11.76 23.57
CA LEU O 123 56.91 -11.44 22.32
C LEU O 123 56.25 -10.07 22.38
N TYR O 124 56.24 -9.37 21.24
CA TYR O 124 55.54 -8.09 21.08
C TYR O 124 55.76 -7.13 22.25
N ASN O 125 56.93 -6.53 22.29
CA ASN O 125 57.27 -5.63 23.38
C ASN O 125 57.97 -4.36 22.90
N LYS O 126 57.89 -4.09 21.60
CA LYS O 126 58.55 -2.95 20.98
C LYS O 126 60.06 -3.03 21.19
N ILE O 127 60.58 -4.25 21.25
CA ILE O 127 62.02 -4.44 21.31
C ILE O 127 62.63 -4.28 19.92
N THR O 128 63.71 -3.51 19.85
CA THR O 128 64.37 -3.26 18.58
C THR O 128 65.75 -3.90 18.58
N LYS O 129 66.53 -3.54 17.56
CA LYS O 129 67.92 -3.99 17.44
C LYS O 129 68.75 -3.60 18.67
N VAL O 130 68.40 -2.48 19.30
CA VAL O 130 69.11 -2.01 20.48
C VAL O 130 68.90 -2.97 21.65
N GLY O 131 67.65 -3.37 21.87
CA GLY O 131 67.34 -4.33 22.91
C GLY O 131 67.91 -5.70 22.59
N ALA O 132 67.98 -6.04 21.31
CA ALA O 132 68.58 -7.30 20.91
C ALA O 132 70.07 -7.29 21.26
N GLY O 133 70.71 -6.13 21.07
CA GLY O 133 72.10 -5.97 21.48
C GLY O 133 72.32 -6.21 22.97
N TYR O 134 71.40 -5.72 23.80
CA TYR O 134 71.47 -5.98 25.23
C TYR O 134 71.39 -7.48 25.50
N LEU O 135 70.40 -8.13 24.90
CA LEU O 135 70.18 -9.57 25.09
C LEU O 135 71.37 -10.40 24.60
N ALA O 136 72.15 -9.84 23.68
CA ALA O 136 73.30 -10.54 23.14
C ALA O 136 74.39 -10.72 24.18
N GLN O 137 74.30 -9.95 25.26
CA GLN O 137 75.30 -10.00 26.32
C GLN O 137 74.77 -10.74 27.55
N SER O 138 73.57 -11.30 27.43
CA SER O 138 72.93 -12.01 28.53
C SER O 138 73.41 -13.45 28.61
N ASN O 139 73.01 -14.15 29.67
CA ASN O 139 73.32 -15.57 29.80
C ASN O 139 72.11 -16.45 29.50
N LEU O 140 71.13 -15.88 28.81
CA LEU O 140 69.91 -16.61 28.43
C LEU O 140 70.22 -17.83 27.56
N LYS O 141 69.51 -18.93 27.81
CA LYS O 141 69.62 -20.16 27.05
C LYS O 141 68.51 -20.24 26.00
N LYS O 142 67.40 -19.57 26.29
CA LYS O 142 66.26 -19.54 25.37
C LYS O 142 65.62 -18.16 25.37
N ILE O 143 65.38 -17.62 24.17
CA ILE O 143 64.69 -16.35 24.05
C ILE O 143 63.63 -16.48 22.97
N ASP O 144 62.43 -15.97 23.25
CA ASP O 144 61.39 -15.84 22.24
C ASP O 144 61.07 -14.37 22.07
N LEU O 145 61.31 -13.86 20.86
CA LEU O 145 61.16 -12.43 20.57
C LEU O 145 60.23 -12.15 19.40
N CYS O 146 59.30 -13.07 19.10
CA CYS O 146 58.35 -12.88 18.01
C CYS O 146 57.64 -11.53 18.07
N PHE O 147 57.32 -10.97 16.92
CA PHE O 147 56.58 -9.72 16.80
C PHE O 147 57.36 -8.53 17.37
N ASN O 148 58.68 -8.66 17.43
CA ASN O 148 59.55 -7.52 17.72
C ASN O 148 60.39 -7.21 16.50
N SER O 149 60.46 -5.93 16.12
CA SER O 149 61.25 -5.54 14.97
C SER O 149 62.73 -5.51 15.32
N LEU O 150 63.35 -6.69 15.33
CA LEU O 150 64.76 -6.82 15.69
C LEU O 150 65.67 -6.47 14.52
N GLU O 151 65.17 -6.70 13.30
CA GLU O 151 65.94 -6.48 12.07
C GLU O 151 67.21 -7.33 12.02
N ASP O 152 67.99 -7.16 10.96
CA ASP O 152 69.19 -7.98 10.77
C ASP O 152 70.24 -7.72 11.84
N GLU O 153 70.47 -6.43 12.13
CA GLU O 153 71.44 -6.02 13.14
C GLU O 153 71.14 -6.67 14.49
N GLY O 154 69.87 -6.76 14.83
CA GLY O 154 69.45 -7.40 16.07
C GLY O 154 69.82 -8.87 16.16
N VAL O 155 69.47 -9.64 15.13
CA VAL O 155 69.66 -11.09 15.21
C VAL O 155 71.13 -11.44 14.99
N ILE O 156 71.88 -10.57 14.33
CA ILE O 156 73.32 -10.78 14.17
C ILE O 156 74.01 -10.66 15.53
N ALA O 157 73.60 -9.68 16.32
CA ALA O 157 74.09 -9.53 17.69
C ALA O 157 73.75 -10.78 18.50
N LEU O 158 72.48 -11.17 18.47
CA LEU O 158 72.02 -12.37 19.18
C LEU O 158 72.80 -13.62 18.79
N ALA O 159 73.15 -13.72 17.52
CA ALA O 159 73.87 -14.87 16.99
C ALA O 159 75.25 -15.04 17.62
N SER O 160 75.79 -13.96 18.18
CA SER O 160 77.11 -13.97 18.81
C SER O 160 77.05 -14.43 20.27
N ASN O 161 75.85 -14.46 20.84
CA ASN O 161 75.64 -14.95 22.19
C ASN O 161 75.73 -16.47 22.29
N ILE O 162 76.88 -16.97 22.72
CA ILE O 162 77.12 -18.42 22.74
C ILE O 162 76.24 -19.19 23.74
N ASN O 163 75.57 -18.50 24.63
CA ASN O 163 74.74 -19.16 25.62
C ASN O 163 73.39 -19.62 25.05
N ILE O 164 72.90 -18.92 24.06
CA ILE O 164 71.58 -19.20 23.52
C ILE O 164 71.56 -20.54 22.82
N LYS O 165 70.65 -21.41 23.27
CA LYS O 165 70.47 -22.71 22.65
C LYS O 165 69.22 -22.72 21.80
N GLU O 166 68.25 -21.90 22.19
CA GLU O 166 66.97 -21.87 21.49
C GLU O 166 66.55 -20.43 21.22
N LEU O 167 66.37 -20.09 19.95
CA LEU O 167 65.97 -18.75 19.57
C LEU O 167 64.72 -18.79 18.70
N ILE O 168 63.72 -18.04 19.12
CA ILE O 168 62.46 -17.92 18.38
C ILE O 168 62.29 -16.44 18.03
N ALA O 169 62.29 -16.14 16.73
CA ALA O 169 62.21 -14.77 16.26
C ALA O 169 61.43 -14.67 14.95
N SER O 170 60.16 -15.05 15.00
CA SER O 170 59.29 -14.94 13.84
C SER O 170 58.68 -13.54 13.78
N ALA O 171 58.50 -13.05 12.56
CA ALA O 171 57.99 -11.70 12.33
C ALA O 171 58.85 -10.68 13.06
N CYS O 172 60.14 -10.69 12.71
CA CYS O 172 61.12 -9.83 13.37
C CYS O 172 61.92 -9.00 12.36
N ASP O 173 61.37 -8.85 11.16
CA ASP O 173 61.99 -8.05 10.08
C ASP O 173 63.41 -8.51 9.75
N VAL O 174 63.60 -9.83 9.76
CA VAL O 174 64.88 -10.44 9.46
C VAL O 174 65.00 -10.79 7.97
N SER O 175 66.14 -10.47 7.37
CA SER O 175 66.39 -10.86 5.98
C SER O 175 67.46 -11.95 5.93
N ASP O 176 67.94 -12.25 4.73
CA ASP O 176 69.00 -13.24 4.54
C ASP O 176 70.26 -12.89 5.33
N ILE O 177 70.58 -11.60 5.39
CA ILE O 177 71.74 -11.10 6.11
C ILE O 177 71.79 -11.62 7.54
N GLY O 178 70.71 -11.42 8.27
CA GLY O 178 70.61 -11.87 9.64
C GLY O 178 70.54 -13.38 9.75
N ALA O 179 69.73 -14.00 8.89
CA ALA O 179 69.51 -15.45 8.93
C ALA O 179 70.81 -16.21 8.67
N ILE O 180 71.59 -15.76 7.68
CA ILE O 180 72.87 -16.39 7.38
C ILE O 180 73.80 -16.39 8.62
N GLU O 181 73.87 -15.28 9.33
CA GLU O 181 74.75 -15.23 10.52
C GLU O 181 74.24 -16.18 11.61
N LEU O 182 72.92 -16.30 11.75
CA LEU O 182 72.37 -17.28 12.68
C LEU O 182 72.69 -18.71 12.22
N ALA O 183 72.70 -18.94 10.91
CA ALA O 183 73.04 -20.26 10.37
C ALA O 183 74.47 -20.65 10.72
N LYS O 184 75.37 -19.67 10.74
CA LYS O 184 76.77 -19.89 11.08
C LYS O 184 76.98 -20.17 12.56
N ASN O 185 75.98 -19.86 13.38
CA ASN O 185 76.04 -20.12 14.82
C ASN O 185 76.18 -21.62 15.11
N ASN O 186 77.10 -21.98 15.99
CA ASN O 186 77.32 -23.39 16.28
C ASN O 186 76.83 -23.84 17.66
N GLN O 187 75.96 -23.05 18.27
CA GLN O 187 75.38 -23.43 19.57
C GLN O 187 73.88 -23.71 19.50
N LEU O 188 73.14 -22.93 18.71
CA LEU O 188 71.69 -23.10 18.58
C LEU O 188 71.31 -24.52 18.18
N THR O 189 70.38 -25.11 18.93
CA THR O 189 69.83 -26.41 18.55
C THR O 189 68.41 -26.25 18.01
N LEU O 190 67.78 -25.12 18.33
CA LEU O 190 66.45 -24.81 17.81
C LEU O 190 66.42 -23.38 17.29
N LEU O 191 65.98 -23.20 16.05
CA LEU O 191 65.87 -21.87 15.48
C LEU O 191 64.56 -21.70 14.75
N ILE O 192 63.80 -20.67 15.12
CA ILE O 192 62.52 -20.42 14.49
C ILE O 192 62.50 -19.00 13.93
N LEU O 193 62.36 -18.89 12.61
CA LEU O 193 62.46 -17.60 11.93
C LEU O 193 61.37 -17.42 10.88
N GLY O 194 60.13 -17.73 11.24
CA GLY O 194 59.03 -17.62 10.31
C GLY O 194 58.57 -16.19 10.07
N LYS O 195 57.78 -15.97 9.02
CA LYS O 195 57.13 -14.68 8.80
C LYS O 195 58.16 -13.55 8.73
N ASN O 196 59.28 -13.84 8.08
CA ASN O 196 60.35 -12.87 7.85
C ASN O 196 60.58 -12.69 6.34
N ALA O 197 61.77 -12.25 5.95
CA ALA O 197 62.08 -12.02 4.52
C ALA O 197 63.25 -12.86 4.03
N ILE O 198 63.32 -14.10 4.50
CA ILE O 198 64.42 -14.99 4.19
C ILE O 198 64.17 -15.71 2.86
N THR O 199 65.23 -15.85 2.05
CA THR O 199 65.08 -16.45 0.73
C THR O 199 65.96 -17.70 0.57
N ASP O 200 66.04 -18.21 -0.65
CA ASP O 200 66.93 -19.33 -0.98
C ASP O 200 68.39 -19.07 -0.67
N LYS O 201 68.76 -17.80 -0.61
CA LYS O 201 70.15 -17.41 -0.35
C LYS O 201 70.67 -17.93 1.00
N SER O 202 69.79 -18.02 1.99
CA SER O 202 70.20 -18.46 3.31
C SER O 202 70.33 -19.97 3.43
N THR O 203 69.72 -20.71 2.51
CA THR O 203 69.47 -22.14 2.76
C THR O 203 70.73 -22.98 2.75
N LEU O 204 71.73 -22.58 1.96
CA LEU O 204 72.98 -23.34 1.90
C LEU O 204 73.68 -23.34 3.25
N HIS O 205 73.67 -22.20 3.92
CA HIS O 205 74.34 -22.08 5.21
C HIS O 205 73.64 -22.92 6.26
N PHE O 206 72.31 -22.98 6.21
CA PHE O 206 71.58 -23.86 7.13
C PHE O 206 71.84 -25.32 6.80
N ALA O 207 72.03 -25.61 5.51
CA ALA O 207 72.29 -26.98 5.10
C ALA O 207 73.61 -27.46 5.66
N ASN O 208 74.57 -26.55 5.78
CA ASN O 208 75.89 -26.89 6.31
C ASN O 208 76.02 -26.64 7.81
N ASN O 209 74.96 -26.11 8.43
CA ASN O 209 74.92 -25.97 9.89
C ASN O 209 75.07 -27.33 10.57
N THR O 210 75.72 -27.36 11.73
CA THR O 210 76.00 -28.64 12.38
C THR O 210 75.45 -28.78 13.79
N SER O 211 74.67 -27.80 14.25
CA SER O 211 74.15 -27.83 15.60
CA SER O 211 74.15 -27.84 15.61
C SER O 211 72.63 -27.91 15.66
N LEU O 212 71.97 -27.36 14.65
CA LEU O 212 70.51 -27.31 14.65
C LEU O 212 69.88 -28.70 14.52
N SER O 213 68.85 -28.95 15.34
CA SER O 213 68.00 -30.13 15.14
C SER O 213 66.56 -29.70 14.79
N THR O 214 66.22 -28.45 15.10
CA THR O 214 64.91 -27.90 14.74
C THR O 214 65.07 -26.57 14.02
N LEU O 215 64.50 -26.48 12.82
CA LEU O 215 64.57 -25.25 12.03
C LEU O 215 63.22 -24.93 11.42
N HIS O 216 62.63 -23.80 11.82
CA HIS O 216 61.34 -23.40 11.27
C HIS O 216 61.51 -22.13 10.47
N LEU O 217 61.12 -22.20 9.19
CA LEU O 217 61.31 -21.10 8.27
C LEU O 217 60.04 -20.84 7.47
N GLY O 218 58.90 -21.08 8.10
CA GLY O 218 57.62 -20.90 7.44
C GLY O 218 57.35 -19.47 7.04
N SER O 219 56.53 -19.29 5.99
CA SER O 219 56.08 -17.98 5.56
C SER O 219 57.22 -17.02 5.26
N ASN O 220 58.24 -17.50 4.57
CA ASN O 220 59.29 -16.64 4.05
C ASN O 220 59.22 -16.66 2.52
N GLN O 221 60.35 -16.47 1.85
CA GLN O 221 60.36 -16.42 0.39
C GLN O 221 61.17 -17.58 -0.21
N ILE O 222 61.22 -18.70 0.50
CA ILE O 222 62.00 -19.86 0.08
C ILE O 222 61.26 -20.67 -0.98
N THR O 223 61.97 -21.08 -2.03
CA THR O 223 61.36 -21.82 -3.11
C THR O 223 61.66 -23.31 -2.98
N ALA O 224 61.18 -24.09 -3.94
CA ALA O 224 61.47 -25.52 -3.98
C ALA O 224 62.97 -25.78 -4.05
N ALA O 225 63.73 -24.87 -4.65
CA ALA O 225 65.18 -25.05 -4.71
C ALA O 225 65.79 -24.94 -3.32
N GLY O 226 65.39 -23.93 -2.57
CA GLY O 226 65.85 -23.76 -1.20
C GLY O 226 65.41 -24.92 -0.32
N LYS O 227 64.21 -25.43 -0.55
CA LYS O 227 63.73 -26.58 0.19
C LYS O 227 64.61 -27.80 -0.06
N LYS O 228 64.95 -28.02 -1.33
CA LYS O 228 65.81 -29.13 -1.70
C LYS O 228 67.15 -29.05 -0.97
N ILE O 229 67.70 -27.84 -0.89
CA ILE O 229 68.96 -27.61 -0.18
C ILE O 229 68.82 -27.90 1.32
N LEU O 230 67.80 -27.32 1.94
CA LEU O 230 67.56 -27.50 3.37
C LEU O 230 67.38 -28.97 3.74
N GLU O 231 66.75 -29.75 2.86
CA GLU O 231 66.47 -31.14 3.19
C GLU O 231 67.72 -32.02 3.13
N THR O 232 68.83 -31.49 2.63
CA THR O 232 70.08 -32.25 2.62
C THR O 232 70.66 -32.37 4.03
N ASN O 233 70.16 -31.56 4.95
CA ASN O 233 70.62 -31.58 6.33
C ASN O 233 69.80 -32.54 7.17
N THR O 234 70.34 -33.74 7.38
CA THR O 234 69.62 -34.82 8.07
C THR O 234 69.62 -34.65 9.58
N ARG O 235 70.47 -33.75 10.08
CA ARG O 235 70.50 -33.47 11.52
C ARG O 235 69.23 -32.75 11.96
N ILE O 236 68.68 -31.97 11.04
CA ILE O 236 67.42 -31.27 11.30
C ILE O 236 66.27 -32.27 11.22
N THR O 237 65.75 -32.65 12.38
CA THR O 237 64.65 -33.60 12.46
C THR O 237 63.29 -32.92 12.43
N ASP O 238 63.29 -31.61 12.63
CA ASP O 238 62.05 -30.82 12.56
C ASP O 238 62.27 -29.58 11.69
N LEU O 239 61.97 -29.73 10.40
CA LEU O 239 62.09 -28.64 9.45
C LEU O 239 60.70 -28.19 9.05
N ASP O 240 60.40 -26.91 9.23
CA ASP O 240 59.09 -26.39 8.86
C ASP O 240 59.20 -25.30 7.79
N LEU O 241 58.51 -25.50 6.66
CA LEU O 241 58.53 -24.55 5.55
C LEU O 241 57.14 -24.09 5.09
N ILE O 242 56.13 -24.42 5.88
CA ILE O 242 54.74 -24.04 5.56
C ILE O 242 54.58 -22.56 5.22
N GLY O 243 53.92 -22.27 4.10
CA GLY O 243 53.62 -20.89 3.75
C GLY O 243 54.63 -20.26 2.81
N ASN O 244 55.70 -21.00 2.53
CA ASN O 244 56.68 -20.57 1.54
C ASN O 244 56.19 -20.86 0.12
N PRO O 245 56.58 -19.99 -0.85
CA PRO O 245 56.23 -20.20 -2.26
C PRO O 245 57.01 -21.35 -2.87
N ILE O 246 56.66 -22.57 -2.50
CA ILE O 246 57.36 -23.75 -2.96
C ILE O 246 56.66 -24.39 -4.16
N GLU O 247 57.42 -24.53 -5.25
CA GLU O 247 56.96 -25.07 -6.54
C GLU O 247 55.90 -24.19 -7.18
N GLY P 1 11.75 -8.73 14.66
CA GLY P 1 12.37 -9.85 15.30
C GLY P 1 13.67 -10.16 14.58
N MSE P 2 14.37 -9.13 14.13
CA MSE P 2 15.63 -9.31 13.44
C MSE P 2 16.81 -8.80 14.21
O MSE P 2 17.90 -8.74 13.60
CB MSE P 2 15.64 -8.52 12.16
CG MSE P 2 14.38 -8.73 11.33
SE MSE P 2 14.63 -10.47 10.51
CE MSE P 2 16.11 -9.98 9.32
N ALA P 3 16.65 -8.47 15.50
CA ALA P 3 17.75 -7.94 16.29
C ALA P 3 18.43 -9.07 17.04
N ILE P 4 19.40 -9.68 16.37
CA ILE P 4 20.19 -10.76 16.95
C ILE P 4 21.09 -10.22 18.07
N ALA P 5 21.23 -10.98 19.14
CA ALA P 5 21.99 -10.55 20.33
C ALA P 5 23.42 -11.07 20.26
N PRO P 6 24.37 -10.39 20.97
CA PRO P 6 25.77 -10.82 20.97
C PRO P 6 26.00 -12.27 21.40
N GLN P 7 25.20 -12.80 22.31
CA GLN P 7 25.36 -14.19 22.72
C GLN P 7 24.94 -15.16 21.59
N GLN P 8 23.91 -14.78 20.84
CA GLN P 8 23.49 -15.55 19.68
C GLN P 8 24.55 -15.51 18.58
N ILE P 9 25.21 -14.37 18.44
CA ILE P 9 26.26 -14.22 17.43
C ILE P 9 27.45 -15.09 17.80
N GLN P 10 27.78 -15.12 19.08
CA GLN P 10 28.87 -15.95 19.59
C GLN P 10 28.56 -17.42 19.34
N GLU P 11 27.29 -17.79 19.50
CA GLU P 11 26.89 -19.18 19.29
C GLU P 11 27.01 -19.57 17.82
N ARG P 12 26.69 -18.65 16.92
CA ARG P 12 26.88 -18.89 15.48
C ARG P 12 28.35 -19.11 15.13
N LEU P 13 29.23 -18.32 15.74
CA LEU P 13 30.68 -18.44 15.48
C LEU P 13 31.24 -19.72 16.10
N LYS P 14 30.70 -20.14 17.23
CA LYS P 14 31.13 -21.37 17.87
C LYS P 14 30.83 -22.59 17.00
N GLN P 15 29.77 -22.50 16.20
CA GLN P 15 29.39 -23.60 15.29
C GLN P 15 30.48 -23.87 14.27
N GLU P 16 31.36 -22.90 14.02
CA GLU P 16 32.42 -23.09 13.02
C GLU P 16 33.56 -23.93 13.58
N GLN P 17 33.55 -24.15 14.89
CA GLN P 17 34.57 -24.94 15.59
C GLN P 17 35.98 -24.49 15.21
N TYR P 18 36.27 -23.22 15.42
CA TYR P 18 37.56 -22.66 15.03
C TYR P 18 38.72 -23.33 15.79
N GLN P 19 38.42 -23.86 16.97
CA GLN P 19 39.46 -24.53 17.75
C GLN P 19 39.90 -25.86 17.14
N LYS P 20 39.17 -26.36 16.15
CA LYS P 20 39.54 -27.61 15.49
C LYS P 20 40.40 -27.41 14.25
N PHE P 21 40.60 -26.15 13.85
CA PHE P 21 41.45 -25.83 12.71
C PHE P 21 42.90 -26.26 12.93
N VAL P 22 43.57 -26.66 11.85
CA VAL P 22 45.01 -26.63 11.83
C VAL P 22 45.42 -25.16 11.74
N VAL P 23 46.13 -24.67 12.76
CA VAL P 23 46.63 -23.30 12.75
C VAL P 23 48.05 -23.35 12.18
N ALA P 24 48.19 -22.97 10.91
CA ALA P 24 49.43 -23.22 10.18
C ALA P 24 50.65 -22.54 10.78
N ASP P 25 50.47 -21.38 11.41
CA ASP P 25 51.63 -20.62 11.91
C ASP P 25 51.93 -20.91 13.38
N ILE P 26 51.46 -22.04 13.89
CA ILE P 26 51.94 -22.56 15.18
C ILE P 26 53.43 -22.85 15.05
N GLY P 27 53.86 -23.19 13.84
CA GLY P 27 55.27 -23.36 13.54
C GLY P 27 56.06 -22.08 13.71
N ASN P 28 55.45 -20.94 13.39
CA ASN P 28 56.10 -19.64 13.50
C ASN P 28 56.02 -19.06 14.92
N PHE P 29 54.86 -19.26 15.54
CA PHE P 29 54.58 -18.66 16.84
C PHE P 29 54.13 -19.67 17.87
N PRO P 30 55.01 -20.62 18.22
CA PRO P 30 54.58 -21.70 19.12
C PRO P 30 54.07 -21.19 20.47
N HIS P 31 54.63 -20.07 20.93
CA HIS P 31 54.29 -19.58 22.26
C HIS P 31 52.95 -18.86 22.28
N CYS P 32 52.28 -18.78 21.14
CA CYS P 32 50.96 -18.18 21.11
C CYS P 32 49.86 -19.19 21.44
N LEU P 33 50.23 -20.46 21.60
CA LEU P 33 49.27 -21.47 22.05
C LEU P 33 48.78 -21.16 23.46
N ALA P 34 47.46 -21.17 23.65
CA ALA P 34 46.91 -20.88 24.97
C ALA P 34 47.16 -22.03 25.93
N GLN P 35 47.25 -21.71 27.21
CA GLN P 35 47.45 -22.70 28.26
C GLN P 35 46.11 -23.34 28.60
N THR P 36 45.54 -24.04 27.62
CA THR P 36 44.21 -24.62 27.73
C THR P 36 44.23 -26.01 27.09
N PRO P 37 43.23 -26.85 27.38
CA PRO P 37 43.09 -28.11 26.66
C PRO P 37 42.99 -27.92 25.15
N GLU P 38 42.30 -26.86 24.73
CA GLU P 38 42.18 -26.55 23.31
C GLU P 38 43.53 -26.16 22.72
N GLY P 39 44.36 -25.48 23.50
CA GLY P 39 45.68 -25.08 23.04
C GLY P 39 46.55 -26.29 22.88
N ILE P 40 46.51 -27.17 23.87
CA ILE P 40 47.25 -28.42 23.82
C ILE P 40 46.84 -29.24 22.61
N ALA P 41 45.53 -29.33 22.38
CA ALA P 41 45.03 -30.07 21.22
C ALA P 41 45.51 -29.46 19.90
N SER P 42 45.50 -28.13 19.81
CA SER P 42 45.87 -27.49 18.56
C SER P 42 47.36 -27.66 18.24
N GLY P 43 48.19 -27.64 19.28
CA GLY P 43 49.61 -27.87 19.10
C GLY P 43 49.88 -29.26 18.56
N GLN P 44 49.16 -30.25 19.09
CA GLN P 44 49.29 -31.63 18.63
C GLN P 44 48.79 -31.79 17.20
N ARG P 45 47.68 -31.13 16.89
CA ARG P 45 47.10 -31.21 15.55
C ARG P 45 48.09 -30.64 14.54
N TYR P 46 48.72 -29.53 14.90
CA TYR P 46 49.71 -28.92 14.02
C TYR P 46 50.89 -29.87 13.80
N GLN P 47 51.27 -30.58 14.86
CA GLN P 47 52.40 -31.48 14.76
C GLN P 47 52.12 -32.60 13.77
N LYS P 48 50.92 -33.17 13.82
CA LYS P 48 50.55 -34.21 12.88
C LYS P 48 50.46 -33.68 11.45
N TYR P 49 49.84 -32.52 11.29
CA TYR P 49 49.72 -31.85 10.00
C TYR P 49 51.08 -31.62 9.38
N SER P 50 51.97 -31.04 10.17
CA SER P 50 53.31 -30.70 9.72
C SER P 50 54.11 -31.90 9.23
N THR P 51 53.84 -33.06 9.82
CA THR P 51 54.61 -34.26 9.50
C THR P 51 53.87 -35.15 8.49
N ASN P 52 52.68 -34.73 8.10
CA ASN P 52 51.90 -35.46 7.11
C ASN P 52 52.19 -34.93 5.69
N SER P 53 52.52 -35.82 4.77
CA SER P 53 52.92 -35.41 3.44
C SER P 53 51.79 -34.67 2.70
N LEU P 54 50.54 -34.94 3.09
CA LEU P 54 49.40 -34.35 2.39
C LEU P 54 49.29 -32.85 2.66
N SER P 55 49.95 -32.37 3.71
CA SER P 55 49.95 -30.95 4.02
C SER P 55 50.72 -30.16 2.96
N ARG P 56 51.51 -30.88 2.16
CA ARG P 56 52.29 -30.24 1.10
C ARG P 56 51.64 -30.40 -0.27
N THR P 57 50.35 -30.72 -0.27
CA THR P 57 49.56 -30.81 -1.50
C THR P 57 48.42 -29.79 -1.48
N PRO P 58 47.93 -29.39 -2.67
CA PRO P 58 46.79 -28.49 -2.75
C PRO P 58 45.49 -29.13 -2.28
N PRO P 59 44.57 -28.32 -1.73
CA PRO P 59 44.63 -26.88 -1.45
C PRO P 59 45.36 -26.49 -0.15
N PHE P 60 46.03 -27.45 0.49
CA PHE P 60 46.54 -27.26 1.84
C PHE P 60 47.80 -26.42 1.87
N SER P 61 48.67 -26.61 0.89
CA SER P 61 49.93 -25.89 0.87
C SER P 61 49.72 -24.36 0.84
N GLN P 62 48.83 -23.94 -0.03
CA GLN P 62 48.44 -22.55 -0.21
C GLN P 62 47.56 -22.03 0.93
N TRP P 63 46.77 -22.90 1.50
CA TRP P 63 45.97 -22.54 2.66
C TRP P 63 46.87 -22.09 3.81
N GLY P 64 48.07 -22.66 3.88
CA GLY P 64 49.03 -22.29 4.90
C GLY P 64 49.76 -20.99 4.60
N ALA P 65 49.55 -20.46 3.41
CA ALA P 65 50.22 -19.24 2.97
C ALA P 65 49.40 -17.98 3.25
N PRO P 66 50.04 -17.00 3.91
CA PRO P 66 49.40 -15.73 4.27
C PRO P 66 49.10 -14.88 3.05
N GLN P 67 47.84 -14.47 2.89
CA GLN P 67 47.46 -13.51 1.86
C GLN P 67 47.56 -12.11 2.41
N LEU P 68 48.45 -11.29 1.84
CA LEU P 68 48.69 -9.95 2.36
C LEU P 68 47.51 -9.00 2.08
N LEU P 69 46.76 -9.30 1.03
CA LEU P 69 45.70 -8.40 0.58
C LEU P 69 44.34 -8.71 1.24
N THR P 70 43.78 -7.72 1.92
CA THR P 70 42.47 -7.85 2.56
C THR P 70 41.35 -7.62 1.54
N PRO P 71 40.42 -8.58 1.43
CA PRO P 71 39.36 -8.49 0.41
C PRO P 71 38.52 -7.22 0.56
N LYS P 72 38.04 -6.69 -0.55
CA LYS P 72 37.28 -5.43 -0.53
C LYS P 72 35.80 -5.61 -0.86
N SER P 73 35.37 -6.86 -1.06
CA SER P 73 33.95 -7.12 -1.30
C SER P 73 33.42 -8.23 -0.39
N ALA P 74 32.17 -8.09 0.03
CA ALA P 74 31.56 -9.06 0.93
C ALA P 74 31.62 -10.48 0.36
N GLN P 75 31.34 -10.61 -0.93
CA GLN P 75 31.27 -11.93 -1.54
C GLN P 75 32.58 -12.71 -1.44
N GLU P 76 33.72 -12.00 -1.46
CA GLU P 76 35.02 -12.65 -1.30
C GLU P 76 35.18 -13.28 0.08
N TYR P 77 34.59 -12.66 1.10
CA TYR P 77 34.64 -13.20 2.45
C TYR P 77 33.76 -14.43 2.57
N ILE P 78 32.61 -14.40 1.90
CA ILE P 78 31.72 -15.54 1.90
C ILE P 78 32.40 -16.72 1.20
N LYS P 79 33.08 -16.42 0.09
CA LYS P 79 33.82 -17.45 -0.64
C LYS P 79 34.93 -18.04 0.23
N PHE P 80 35.62 -17.19 0.99
CA PHE P 80 36.69 -17.64 1.88
C PHE P 80 36.14 -18.63 2.92
N ALA P 81 35.05 -18.24 3.57
CA ALA P 81 34.45 -19.09 4.59
C ALA P 81 34.00 -20.42 3.98
N GLN P 82 33.38 -20.33 2.80
CA GLN P 82 32.87 -21.52 2.14
C GLN P 82 34.00 -22.49 1.77
N GLN P 83 35.06 -21.96 1.17
CA GLN P 83 36.13 -22.82 0.66
C GLN P 83 36.97 -23.44 1.77
N ARG P 84 37.19 -22.70 2.85
CA ARG P 84 37.98 -23.21 3.97
C ARG P 84 37.23 -24.32 4.73
N ASN P 85 35.92 -24.38 4.56
CA ASN P 85 35.13 -25.41 5.23
C ASN P 85 34.98 -26.69 4.39
N LYS P 86 35.48 -26.65 3.16
CA LYS P 86 35.27 -27.76 2.23
C LYS P 86 35.83 -29.07 2.79
N LYS P 87 35.16 -30.17 2.48
CA LYS P 87 35.63 -31.48 2.87
C LYS P 87 36.76 -31.94 1.94
N SER P 88 37.66 -32.75 2.47
CA SER P 88 38.73 -33.32 1.65
C SER P 88 39.11 -34.70 2.16
N SER P 89 39.86 -35.45 1.36
CA SER P 89 40.27 -36.79 1.73
C SER P 89 41.33 -36.75 2.84
N PHE P 90 42.13 -35.68 2.85
CA PHE P 90 43.14 -35.48 3.88
C PHE P 90 42.45 -35.30 5.22
N LYS P 91 42.61 -36.31 6.08
CA LYS P 91 42.14 -36.23 7.44
C LYS P 91 43.29 -36.53 8.43
N ILE P 92 43.23 -35.93 9.62
CA ILE P 92 44.22 -36.21 10.67
C ILE P 92 43.58 -36.99 11.79
N ASP P 93 43.98 -38.24 12.00
CA ASP P 93 43.28 -39.11 12.96
C ASP P 93 41.78 -39.18 12.63
N GLY P 94 41.47 -39.39 11.36
CA GLY P 94 40.09 -39.46 10.92
C GLY P 94 39.42 -38.12 10.95
N GLU P 95 40.11 -37.02 11.22
CA GLU P 95 39.45 -35.70 11.39
C GLU P 95 39.72 -34.70 10.26
N ALA P 96 38.72 -33.93 9.95
CA ALA P 96 38.65 -32.92 8.92
C ALA P 96 39.83 -32.00 9.09
N VAL P 97 40.45 -31.65 7.96
CA VAL P 97 41.57 -30.73 7.97
C VAL P 97 41.16 -29.40 7.34
N ARG P 98 41.07 -28.37 8.18
CA ARG P 98 40.82 -27.02 7.72
C ARG P 98 42.02 -26.21 8.22
N VAL P 99 42.46 -25.24 7.42
CA VAL P 99 43.73 -24.58 7.66
C VAL P 99 43.63 -23.06 7.55
N SER P 100 44.20 -22.35 8.53
CA SER P 100 44.37 -20.90 8.40
C SER P 100 45.51 -20.40 9.29
N GLU P 101 45.73 -19.11 9.28
CA GLU P 101 46.79 -18.44 10.01
C GLU P 101 46.43 -17.03 10.45
N CYS P 102 47.34 -16.33 11.10
CA CYS P 102 46.98 -15.08 11.76
C CYS P 102 46.61 -13.93 10.82
N SER P 103 46.91 -14.06 9.53
CA SER P 103 46.59 -12.98 8.60
CA SER P 103 46.60 -13.00 8.57
C SER P 103 45.21 -13.14 7.96
N ASN P 104 44.80 -14.36 7.67
CA ASN P 104 43.56 -14.55 6.94
C ASN P 104 42.44 -15.21 7.73
N PHE P 105 42.70 -15.69 8.93
CA PHE P 105 41.70 -16.37 9.68
C PHE P 105 40.48 -15.49 9.90
N ALA P 106 40.71 -14.22 10.16
CA ALA P 106 39.61 -13.26 10.35
C ALA P 106 38.66 -13.16 9.15
N TYR P 107 39.15 -13.49 7.95
CA TYR P 107 38.31 -13.43 6.75
C TYR P 107 37.16 -14.43 6.84
N HIS P 108 37.44 -15.56 7.48
CA HIS P 108 36.45 -16.61 7.64
C HIS P 108 35.24 -16.09 8.43
N SER P 109 35.54 -15.53 9.59
CA SER P 109 34.49 -15.03 10.45
CA SER P 109 34.50 -15.02 10.46
C SER P 109 33.75 -13.85 9.81
N ALA P 110 34.46 -13.04 9.04
CA ALA P 110 33.85 -11.93 8.33
C ALA P 110 32.77 -12.45 7.39
N GLY P 111 33.08 -13.51 6.66
CA GLY P 111 32.13 -14.11 5.74
C GLY P 111 30.93 -14.67 6.48
N VAL P 112 31.19 -15.41 7.56
CA VAL P 112 30.13 -15.97 8.40
C VAL P 112 29.15 -14.89 8.87
N LEU P 113 29.69 -13.77 9.34
CA LEU P 113 28.88 -12.68 9.88
C LEU P 113 28.12 -11.92 8.80
N LEU P 114 28.79 -11.67 7.67
CA LEU P 114 28.17 -10.98 6.55
C LEU P 114 27.01 -11.78 5.95
N ASP P 115 27.07 -13.10 6.10
CA ASP P 115 26.08 -13.97 5.47
C ASP P 115 24.75 -14.05 6.22
N ASP P 116 24.71 -13.49 7.43
CA ASP P 116 23.48 -13.55 8.23
C ASP P 116 22.65 -12.29 8.07
N PRO P 117 21.36 -12.45 7.71
CA PRO P 117 20.48 -11.29 7.48
C PRO P 117 20.24 -10.48 8.74
N GLN P 118 20.03 -11.16 9.86
CA GLN P 118 19.79 -10.48 11.13
C GLN P 118 20.98 -9.66 11.56
N ILE P 119 22.18 -10.22 11.39
CA ILE P 119 23.40 -9.52 11.79
C ILE P 119 23.55 -8.23 10.97
N ARG P 120 23.21 -8.29 9.68
CA ARG P 120 23.30 -7.10 8.84
C ARG P 120 22.42 -5.94 9.32
N THR P 121 21.32 -6.24 10.00
CA THR P 121 20.41 -5.18 10.45
C THR P 121 20.93 -4.53 11.74
N GLN P 122 21.75 -5.27 12.49
CA GLN P 122 22.21 -4.81 13.80
C GLN P 122 23.65 -4.29 13.78
N TYR P 123 24.46 -4.80 12.86
CA TYR P 123 25.88 -4.47 12.84
C TYR P 123 26.43 -4.24 11.44
N ASP P 124 27.42 -3.35 11.34
CA ASP P 124 28.30 -3.30 10.18
C ASP P 124 29.49 -4.20 10.46
N VAL P 125 30.09 -4.76 9.42
CA VAL P 125 31.22 -5.67 9.58
C VAL P 125 32.48 -4.97 9.11
N ALA P 126 33.59 -5.18 9.83
CA ALA P 126 34.85 -4.62 9.40
C ALA P 126 36.00 -5.60 9.67
N VAL P 127 37.06 -5.45 8.90
CA VAL P 127 38.24 -6.26 9.08
C VAL P 127 39.42 -5.32 9.23
N ILE P 128 40.13 -5.43 10.35
CA ILE P 128 41.22 -4.51 10.63
C ILE P 128 42.56 -5.23 10.69
N GLY P 129 43.64 -4.49 10.44
CA GLY P 129 44.98 -4.97 10.71
C GLY P 129 45.37 -4.48 12.09
N SER P 130 45.84 -5.37 12.95
CA SER P 130 46.15 -5.06 14.34
C SER P 130 47.55 -5.57 14.65
N MSE P 131 47.92 -5.60 15.93
CA MSE P 131 49.27 -6.00 16.35
C MSE P 131 50.33 -5.23 15.56
O MSE P 131 51.17 -5.81 14.86
CB MSE P 131 49.47 -7.51 16.21
CG MSE P 131 50.66 -8.07 17.02
SE MSE P 131 50.78 -10.03 17.07
CE MSE P 131 49.11 -10.45 17.97
N HIS P 132 50.26 -3.91 15.65
CA HIS P 132 51.16 -3.02 14.92
C HIS P 132 52.62 -3.19 15.37
N SER P 133 53.54 -3.29 14.42
CA SER P 133 54.97 -3.37 14.73
C SER P 133 55.81 -2.77 13.61
N ASN P 134 56.38 -1.59 13.87
CA ASN P 134 57.24 -0.92 12.90
C ASN P 134 56.60 -0.78 11.53
N GLY P 135 55.40 -0.19 11.48
CA GLY P 135 54.72 0.07 10.23
C GLY P 135 53.89 -1.08 9.69
N ARG P 136 54.09 -2.29 10.23
CA ARG P 136 53.35 -3.45 9.76
C ARG P 136 52.31 -3.91 10.80
N TYR P 137 51.17 -4.39 10.30
CA TYR P 137 50.10 -4.90 11.16
C TYR P 137 50.06 -6.43 11.06
N LEU P 138 50.56 -7.10 12.09
CA LEU P 138 50.88 -8.53 12.00
C LEU P 138 49.69 -9.45 12.21
N HIS P 139 48.52 -8.89 12.49
CA HIS P 139 47.38 -9.70 12.89
C HIS P 139 46.06 -9.06 12.45
N ASN P 140 45.26 -9.81 11.69
CA ASN P 140 43.98 -9.30 11.25
C ASN P 140 42.85 -9.78 12.15
N ILE P 141 41.86 -8.91 12.35
CA ILE P 141 40.77 -9.12 13.28
C ILE P 141 39.49 -8.65 12.63
N THR P 142 38.37 -9.31 12.92
CA THR P 142 37.07 -8.86 12.45
C THR P 142 36.34 -8.09 13.54
N LEU P 143 35.66 -7.03 13.14
CA LEU P 143 34.86 -6.21 14.05
C LEU P 143 33.36 -6.27 13.71
N LEU P 144 32.53 -6.20 14.73
CA LEU P 144 31.10 -5.96 14.55
C LEU P 144 30.82 -4.61 15.20
N VAL P 145 30.40 -3.63 14.43
CA VAL P 145 30.10 -2.32 15.02
C VAL P 145 28.61 -2.02 14.90
N PRO P 146 28.01 -1.43 15.95
CA PRO P 146 26.59 -1.11 15.94
C PRO P 146 26.21 -0.27 14.73
N LYS P 147 25.03 -0.52 14.17
CA LYS P 147 24.55 0.25 13.04
C LYS P 147 24.60 1.74 13.33
N GLY P 148 25.22 2.50 12.43
CA GLY P 148 25.33 3.94 12.63
C GLY P 148 26.72 4.38 13.03
N SER P 149 27.54 3.44 13.50
CA SER P 149 28.90 3.74 13.89
C SER P 149 29.74 4.19 12.70
N ARG P 150 30.80 4.94 12.98
CA ARG P 150 31.79 5.26 11.96
C ARG P 150 33.15 4.69 12.37
N LEU P 151 33.93 4.29 11.37
CA LEU P 151 35.28 3.80 11.59
C LEU P 151 36.22 4.57 10.69
N PRO P 152 37.41 4.92 11.20
CA PRO P 152 38.38 5.71 10.44
C PRO P 152 38.88 4.97 9.20
N GLN P 153 38.89 5.62 8.05
CA GLN P 153 39.47 5.02 6.85
C GLN P 153 40.96 5.34 6.78
N PRO P 154 41.77 4.36 6.33
CA PRO P 154 43.20 4.59 6.15
C PRO P 154 43.44 5.83 5.28
N PRO P 155 44.52 6.58 5.51
CA PRO P 155 45.62 6.29 6.43
C PRO P 155 45.38 6.72 7.88
N GLN P 156 44.16 7.12 8.23
CA GLN P 156 43.82 7.32 9.64
C GLN P 156 43.92 5.97 10.34
N GLN P 157 44.12 6.00 11.65
CA GLN P 157 44.21 4.79 12.43
C GLN P 157 43.03 4.68 13.39
N LEU P 158 42.66 3.44 13.71
CA LEU P 158 41.65 3.19 14.72
C LEU P 158 42.34 3.10 16.08
N THR P 159 41.86 3.87 17.06
CA THR P 159 42.44 3.88 18.40
C THR P 159 41.36 3.67 19.44
N ALA P 160 41.75 3.55 20.70
CA ALA P 160 40.81 3.27 21.79
C ALA P 160 39.73 4.34 21.94
N GLU P 161 40.11 5.60 21.78
CA GLU P 161 39.16 6.69 22.05
C GLU P 161 38.14 6.90 20.92
N VAL P 162 38.37 6.26 19.77
CA VAL P 162 37.41 6.33 18.68
C VAL P 162 36.77 4.95 18.43
N PHE P 163 37.08 4.01 19.32
CA PHE P 163 36.50 2.68 19.25
C PHE P 163 35.02 2.76 19.58
N PRO P 164 34.15 2.41 18.62
CA PRO P 164 32.71 2.60 18.82
C PRO P 164 32.17 1.78 20.00
N ILE P 165 31.31 2.39 20.80
CA ILE P 165 30.67 1.69 21.91
C ILE P 165 29.88 0.51 21.39
N GLY P 166 29.97 -0.63 22.07
CA GLY P 166 29.18 -1.80 21.70
C GLY P 166 29.82 -2.65 20.61
N THR P 167 31.02 -2.24 20.19
CA THR P 167 31.81 -3.02 19.25
C THR P 167 32.12 -4.41 19.79
N LEU P 168 31.97 -5.43 18.95
CA LEU P 168 32.32 -6.79 19.33
C LEU P 168 33.54 -7.26 18.52
N ILE P 169 34.53 -7.80 19.23
CA ILE P 169 35.74 -8.36 18.60
C ILE P 169 35.52 -9.82 18.18
N VAL P 170 35.93 -10.17 16.97
CA VAL P 170 35.91 -11.55 16.52
C VAL P 170 37.29 -11.98 15.99
N ASP P 171 37.94 -12.90 16.70
CA ASP P 171 39.29 -13.32 16.36
C ASP P 171 39.42 -14.85 16.40
N PRO P 172 39.00 -15.52 15.32
CA PRO P 172 39.03 -16.99 15.27
C PRO P 172 40.45 -17.57 15.40
N TRP P 173 41.48 -16.80 15.07
CA TRP P 173 42.85 -17.28 15.23
C TRP P 173 43.14 -17.53 16.71
N ALA P 174 42.65 -16.63 17.56
CA ALA P 174 42.85 -16.78 18.99
C ALA P 174 42.16 -18.06 19.47
N VAL P 175 41.02 -18.38 18.86
CA VAL P 175 40.30 -19.60 19.20
C VAL P 175 41.06 -20.83 18.68
N GLY P 176 41.61 -20.73 17.47
CA GLY P 176 42.46 -21.77 16.93
C GLY P 176 43.62 -22.04 17.85
N MSE P 177 44.19 -20.97 18.42
CA MSE P 177 45.31 -21.07 19.33
C MSE P 177 44.91 -21.59 20.71
O MSE P 177 45.75 -21.94 21.52
CB MSE P 177 46.00 -19.71 19.47
CG MSE P 177 46.89 -19.33 18.30
SE MSE P 177 48.32 -20.65 18.00
CE MSE P 177 49.41 -19.68 16.70
N GLY P 178 43.60 -21.64 21.00
CA GLY P 178 43.14 -22.27 22.21
C GLY P 178 42.41 -21.39 23.23
N HIS P 179 42.19 -20.13 22.88
CA HIS P 179 41.46 -19.23 23.77
C HIS P 179 39.96 -19.53 23.70
N PRO P 180 39.25 -19.36 24.83
CA PRO P 180 37.81 -19.64 24.82
C PRO P 180 37.04 -18.60 24.01
N PRO P 181 35.82 -18.94 23.57
CA PRO P 181 35.00 -17.98 22.80
C PRO P 181 34.74 -16.70 23.59
N GLU P 182 34.68 -16.82 24.91
CA GLU P 182 34.42 -15.68 25.79
C GLU P 182 35.55 -14.66 25.74
N GLN P 183 36.71 -15.04 25.26
CA GLN P 183 37.79 -14.11 25.13
C GLN P 183 38.15 -13.81 23.67
N ALA P 184 37.34 -14.25 22.72
CA ALA P 184 37.69 -14.06 21.31
C ALA P 184 36.53 -13.97 20.31
N LEU P 185 35.34 -14.48 20.63
CA LEU P 185 34.25 -14.51 19.63
C LEU P 185 33.07 -13.60 19.99
N ALA P 186 32.99 -12.44 19.34
CA ALA P 186 31.91 -11.47 19.53
C ALA P 186 31.84 -10.96 20.96
N ILE P 187 32.93 -10.35 21.41
CA ILE P 187 33.06 -9.87 22.78
C ILE P 187 33.66 -8.46 22.83
N PRO P 188 33.42 -7.71 23.91
CA PRO P 188 34.01 -6.37 24.01
C PRO P 188 35.53 -6.42 24.20
N LYS P 189 36.23 -5.35 23.84
CA LYS P 189 37.70 -5.38 23.84
C LYS P 189 38.30 -5.63 25.23
N GLU P 190 37.56 -5.32 26.28
CA GLU P 190 38.06 -5.55 27.65
C GLU P 190 38.17 -7.04 27.94
N GLN P 191 37.48 -7.84 27.12
CA GLN P 191 37.43 -9.28 27.26
C GLN P 191 38.38 -9.97 26.27
N PHE P 192 38.90 -9.18 25.33
CA PHE P 192 39.63 -9.72 24.19
C PHE P 192 41.01 -10.27 24.58
N ALA P 193 41.30 -11.50 24.16
CA ALA P 193 42.59 -12.13 24.40
C ALA P 193 43.78 -11.29 23.94
N TYR P 194 43.65 -10.57 22.83
CA TYR P 194 44.77 -9.77 22.36
C TYR P 194 44.49 -8.28 22.45
N ASN P 195 43.83 -7.89 23.54
CA ASN P 195 43.53 -6.51 23.79
C ASN P 195 44.80 -5.66 23.88
N ARG P 196 45.87 -6.25 24.40
CA ARG P 196 47.11 -5.50 24.64
C ARG P 196 47.88 -5.15 23.36
N SER P 197 47.42 -5.68 22.24
CA SER P 197 48.05 -5.36 20.96
C SER P 197 47.00 -4.85 19.98
N LEU P 198 45.82 -4.50 20.48
CA LEU P 198 44.70 -4.15 19.61
C LEU P 198 44.97 -2.85 18.86
N PHE P 199 45.39 -1.81 19.59
CA PHE P 199 45.65 -0.50 19.00
C PHE P 199 47.15 -0.20 18.96
N PRO P 200 47.61 0.56 17.95
CA PRO P 200 46.80 1.14 16.87
C PRO P 200 46.43 0.09 15.81
N ALA P 201 45.34 0.32 15.10
CA ALA P 201 44.90 -0.59 14.04
C ALA P 201 44.54 0.18 12.78
N THR P 202 44.49 -0.52 11.66
CA THR P 202 44.07 0.10 10.40
C THR P 202 42.85 -0.64 9.86
N VAL P 203 41.85 0.10 9.40
CA VAL P 203 40.60 -0.52 8.99
C VAL P 203 40.58 -0.80 7.49
N ASN P 204 40.89 -2.05 7.13
CA ASN P 204 41.08 -2.41 5.73
C ASN P 204 39.80 -2.77 4.97
N TYR P 205 38.73 -3.09 5.68
CA TYR P 205 37.44 -3.33 5.03
C TYR P 205 36.30 -2.90 5.93
N GLN P 206 35.29 -2.24 5.35
CA GLN P 206 34.07 -1.88 6.05
C GLN P 206 32.88 -2.21 5.16
N SER P 207 32.00 -3.10 5.64
CA SER P 207 30.81 -3.46 4.87
C SER P 207 29.93 -2.22 4.63
N ALA P 208 29.99 -1.27 5.57
CA ALA P 208 29.24 -0.02 5.44
C ALA P 208 29.73 0.85 4.28
N LEU P 209 30.93 0.58 3.80
CA LEU P 209 31.50 1.31 2.66
C LEU P 209 31.57 0.42 1.43
N ASP P 210 31.09 -0.81 1.55
CA ASP P 210 31.12 -1.77 0.46
C ASP P 210 29.86 -1.66 -0.39
N GLU P 211 30.01 -1.11 -1.59
CA GLU P 211 28.89 -0.86 -2.50
C GLU P 211 28.16 -2.13 -2.90
N SER P 212 28.88 -3.26 -2.91
CA SER P 212 28.33 -4.53 -3.37
C SER P 212 27.55 -5.28 -2.29
N LEU P 213 27.58 -4.77 -1.07
CA LEU P 213 26.99 -5.48 0.06
C LEU P 213 25.49 -5.78 -0.14
N THR P 214 24.71 -4.77 -0.52
CA THR P 214 23.27 -4.94 -0.60
C THR P 214 22.86 -5.90 -1.72
N SER P 215 23.69 -6.04 -2.75
CA SER P 215 23.42 -7.03 -3.81
C SER P 215 24.00 -8.41 -3.49
N THR P 216 24.74 -8.50 -2.38
CA THR P 216 25.32 -9.77 -1.94
C THR P 216 24.31 -10.53 -1.09
N ARG P 217 23.73 -11.58 -1.64
CA ARG P 217 22.67 -12.31 -0.95
C ARG P 217 23.14 -12.96 0.35
N THR P 218 22.25 -12.97 1.34
CA THR P 218 22.51 -13.65 2.59
C THR P 218 22.12 -15.11 2.50
N GLY P 219 22.57 -15.90 3.47
CA GLY P 219 22.22 -17.30 3.53
C GLY P 219 22.95 -18.17 2.51
N GLN P 220 24.14 -17.74 2.08
CA GLN P 220 24.96 -18.57 1.20
C GLN P 220 25.74 -19.64 1.98
N LEU P 221 25.84 -19.48 3.29
CA LEU P 221 26.69 -20.37 4.09
C LEU P 221 25.91 -21.37 4.93
N THR P 222 26.47 -22.56 5.07
CA THR P 222 25.95 -23.54 6.00
C THR P 222 26.83 -23.52 7.24
N PRO P 223 26.22 -23.46 8.43
CA PRO P 223 27.02 -23.61 9.65
C PRO P 223 27.80 -24.91 9.61
N TYR P 224 29.06 -24.88 10.03
CA TYR P 224 29.91 -26.05 9.94
C TYR P 224 29.36 -27.20 10.79
N THR P 225 28.77 -26.85 11.92
CA THR P 225 28.11 -27.80 12.82
C THR P 225 26.82 -27.21 13.37
N GLY P 226 25.98 -28.06 13.95
CA GLY P 226 24.77 -27.58 14.61
C GLY P 226 25.09 -27.09 16.01
N THR P 227 24.09 -26.58 16.72
CA THR P 227 24.30 -26.15 18.09
C THR P 227 23.81 -27.22 19.08
N PRO P 228 24.66 -27.55 20.07
CA PRO P 228 24.39 -28.62 21.05
C PRO P 228 23.22 -28.32 21.98
N SER P 229 22.57 -29.36 22.49
CA SER P 229 21.47 -29.18 23.42
C SER P 229 21.78 -29.79 24.79
#